data_5LV2
#
_entry.id   5LV2
#
_cell.length_a   98.684
_cell.length_b   74.832
_cell.length_c   206.639
_cell.angle_alpha   90.00
_cell.angle_beta   90.53
_cell.angle_gamma   90.00
#
_symmetry.space_group_name_H-M   'P 1 21 1'
#
loop_
_entity.id
_entity.type
_entity.pdbx_description
1 polymer 'Histone-arginine methyltransferase CARM1'
2 non-polymer "5'-S-[(3S)-3-azaniumyl-3-carboxypropyl]-5'-thioadenosine"
3 non-polymer 1,2-ETHANEDIOL
4 non-polymer 5-[[[(2~{R},3~{S},4~{R},5~{R})-5-(6-aminopurin-9-yl)-3,4-bis(oxidanyl)oxolan-2-yl]methylamino]methyl]-4-azanyl-1-(methoxymethyl)pyrimidin-2-one
5 non-polymer 'TETRAETHYLENE GLYCOL'
6 non-polymer 1-METHOXY-2-(2-METHOXYETHOXY)ETHANE
7 non-polymer 1,2-DIMETHOXYETHANE
8 non-polymer DI(HYDROXYETHYL)ETHER
9 non-polymer 'SODIUM ION'
10 water water
#
_entity_poly.entity_id   1
_entity_poly.type   'polypeptide(L)'
_entity_poly.pdbx_seq_one_letter_code
;GHMGHTLERSVFSERTEESSAVQYFQFYGYLSQQQNMMQDYVRTGTYQRAILQNHTDFKDKIVLDVGCGSGILSFFAAQA
GARKIYAVEASTMAQHAEVLVKSNNLTDRIVVIPGKVEEVSLPEQVDIIISEPMGYMLFNERMLESYLHAKKYLKPSGNM
FPTIGDVHLAPFTDEQLYMEQFTKANFWYQPSFHGVDLSALRGAAVDEYFRQPVVDTFDIRILMAKSVKYTVNFLEAKEG
DLHRIEIPFKFHMLHSGLVHGLAFWFDVAFIGSIMTVWLSTAPTEPLTHWYQVRCLFQSPLFAKAGDTLSGTCLLIANKR
QSYDISIVAQVDQTGSKSSNLLDLKNPFFRYTGTTPSPPPG
;
_entity_poly.pdbx_strand_id   A,B,C,D,E,F,G,H
#
loop_
_chem_comp.id
_chem_comp.type
_chem_comp.name
_chem_comp.formula
DXE non-polymer 1,2-DIMETHOXYETHANE 'C4 H10 O2'
EDO non-polymer 1,2-ETHANEDIOL 'C2 H6 O2'
LHB non-polymer 5-[[[(2~{R},3~{S},4~{R},5~{R})-5-(6-aminopurin-9-yl)-3,4-bis(oxidanyl)oxolan-2-yl]methylamino]methyl]-4-azanyl-1-(methoxymethyl)pyrimidin-2-one 'C17 H23 N9 O5'
M2M non-polymer 1-METHOXY-2-(2-METHOXYETHOXY)ETHANE 'C6 H14 O3'
NA non-polymer 'SODIUM ION' 'Na 1'
PEG non-polymer DI(HYDROXYETHYL)ETHER 'C4 H10 O3'
PG4 non-polymer 'TETRAETHYLENE GLYCOL' 'C8 H18 O5'
SAO non-polymer 5'-S-[(3S)-3-azaniumyl-3-carboxypropyl]-5'-thioadenosine 'C14 H21 N6 O5 S 1'
#
# COMPACT_ATOMS: atom_id res chain seq x y z
N SER A 10 -25.63 28.35 -50.80
CA SER A 10 -24.24 27.94 -50.99
C SER A 10 -24.16 26.42 -51.10
N VAL A 11 -22.99 25.92 -51.50
CA VAL A 11 -22.79 24.49 -51.68
C VAL A 11 -22.88 23.75 -50.35
N PHE A 12 -22.40 24.35 -49.26
CA PHE A 12 -22.42 23.69 -47.97
C PHE A 12 -23.86 23.51 -47.48
N SER A 13 -24.61 24.60 -47.42
CA SER A 13 -25.95 24.58 -46.88
C SER A 13 -26.90 23.63 -47.63
N GLU A 14 -26.75 23.55 -48.95
CA GLU A 14 -27.62 22.66 -49.74
C GLU A 14 -27.38 21.19 -49.46
N ARG A 15 -26.15 20.80 -49.15
CA ARG A 15 -25.85 19.40 -48.92
C ARG A 15 -25.88 19.04 -47.43
N THR A 16 -26.22 20.02 -46.59
CA THR A 16 -26.16 19.82 -45.14
C THR A 16 -27.48 20.24 -44.46
N GLU A 17 -28.02 19.34 -43.66
CA GLU A 17 -29.18 19.65 -42.82
C GLU A 17 -28.78 20.72 -41.80
N GLU A 18 -29.65 21.69 -41.56
CA GLU A 18 -29.31 22.80 -40.67
C GLU A 18 -29.00 22.30 -39.24
N SER A 19 -29.79 21.34 -38.80
CA SER A 19 -29.66 20.76 -37.48
C SER A 19 -28.28 20.12 -37.29
N SER A 20 -27.77 19.46 -38.32
CA SER A 20 -26.47 18.80 -38.27
C SER A 20 -25.33 19.81 -38.22
N ALA A 21 -25.46 20.85 -39.03
CA ALA A 21 -24.44 21.88 -39.14
C ALA A 21 -24.28 22.60 -37.80
N VAL A 22 -25.39 22.90 -37.15
CA VAL A 22 -25.29 23.55 -35.85
C VAL A 22 -24.41 22.75 -34.88
N GLN A 23 -24.76 21.50 -34.63
CA GLN A 23 -24.00 20.68 -33.68
C GLN A 23 -22.58 20.54 -34.20
N TYR A 24 -22.40 20.37 -35.50
CA TYR A 24 -21.06 20.17 -36.05
C TYR A 24 -20.14 21.34 -35.68
N PHE A 25 -20.59 22.56 -35.93
CA PHE A 25 -19.71 23.70 -35.64
C PHE A 25 -19.69 24.05 -34.16
N GLN A 26 -20.72 23.65 -33.41
CA GLN A 26 -20.67 23.78 -31.96
C GLN A 26 -19.58 22.89 -31.37
N PHE A 27 -19.49 21.67 -31.89
CA PHE A 27 -18.49 20.70 -31.47
C PHE A 27 -17.09 21.26 -31.60
N TYR A 28 -16.80 21.88 -32.76
CA TYR A 28 -15.46 22.41 -33.02
C TYR A 28 -15.27 23.82 -32.43
N GLY A 29 -16.31 24.34 -31.79
CA GLY A 29 -16.21 25.63 -31.12
C GLY A 29 -15.54 25.50 -29.76
N TYR A 30 -15.32 24.27 -29.32
CA TYR A 30 -14.74 24.01 -28.01
C TYR A 30 -13.22 23.94 -28.09
N LEU A 31 -12.54 24.67 -27.22
CA LEU A 31 -11.09 24.64 -27.18
C LEU A 31 -10.60 23.24 -26.83
N SER A 32 -11.39 22.52 -26.04
CA SER A 32 -11.02 21.17 -25.61
C SER A 32 -10.95 20.20 -26.79
N GLN A 33 -11.81 20.39 -27.78
CA GLN A 33 -11.86 19.49 -28.92
C GLN A 33 -10.66 19.79 -29.84
N GLN A 34 -10.37 21.09 -29.99
CA GLN A 34 -9.20 21.53 -30.75
C GLN A 34 -7.97 20.94 -30.07
N GLN A 35 -7.93 21.09 -28.76
CA GLN A 35 -6.86 20.53 -27.94
C GLN A 35 -6.74 19.03 -28.15
N ASN A 36 -7.88 18.33 -28.15
CA ASN A 36 -7.87 16.89 -28.36
C ASN A 36 -7.17 16.57 -29.67
N MET A 37 -7.50 17.32 -30.72
CA MET A 37 -6.82 17.09 -32.01
C MET A 37 -5.34 17.48 -31.94
N MET A 38 -5.05 18.58 -31.26
CA MET A 38 -3.67 19.07 -31.17
C MET A 38 -2.76 18.14 -30.37
N GLN A 39 -3.32 17.43 -29.39
CA GLN A 39 -2.54 16.56 -28.53
C GLN A 39 -2.27 15.20 -29.20
N ASP A 40 -2.87 14.99 -30.35
CA ASP A 40 -2.53 13.84 -31.19
C ASP A 40 -1.17 14.10 -31.83
N TYR A 41 -0.12 13.63 -31.17
CA TYR A 41 1.24 13.99 -31.58
C TYR A 41 1.58 13.48 -32.98
N VAL A 42 1.10 12.28 -33.31
CA VAL A 42 1.34 11.74 -34.63
C VAL A 42 0.79 12.71 -35.68
N ARG A 43 -0.48 13.06 -35.53
CA ARG A 43 -1.19 13.91 -36.47
C ARG A 43 -0.48 15.27 -36.60
N THR A 44 -0.40 15.99 -35.49
CA THR A 44 0.14 17.34 -35.47
C THR A 44 1.61 17.37 -35.86
N GLY A 45 2.38 16.45 -35.30
CA GLY A 45 3.80 16.36 -35.58
C GLY A 45 4.04 16.08 -37.04
N THR A 46 3.27 15.15 -37.60
CA THR A 46 3.42 14.79 -39.00
C THR A 46 3.05 15.98 -39.89
N TYR A 47 1.98 16.69 -39.55
CA TYR A 47 1.63 17.87 -40.33
C TYR A 47 2.77 18.90 -40.32
N GLN A 48 3.27 19.21 -39.13
CA GLN A 48 4.37 20.17 -39.00
C GLN A 48 5.60 19.73 -39.78
N ARG A 49 5.90 18.45 -39.66
CA ARG A 49 7.06 17.85 -40.30
C ARG A 49 6.94 17.92 -41.82
N ALA A 50 5.76 17.58 -42.33
CA ALA A 50 5.52 17.58 -43.77
C ALA A 50 5.61 18.99 -44.33
N ILE A 51 5.16 19.97 -43.55
CA ILE A 51 5.21 21.36 -44.03
C ILE A 51 6.65 21.90 -43.98
N LEU A 52 7.33 21.66 -42.86
CA LEU A 52 8.67 22.20 -42.65
C LEU A 52 9.73 21.58 -43.57
N GLN A 53 9.62 20.28 -43.81
CA GLN A 53 10.58 19.57 -44.65
C GLN A 53 10.36 19.85 -46.15
N ASN A 54 9.21 20.45 -46.45
CA ASN A 54 8.92 20.91 -47.81
C ASN A 54 8.79 22.43 -47.82
N HIS A 55 9.74 23.07 -47.16
CA HIS A 55 9.74 24.52 -46.97
C HIS A 55 9.72 25.32 -48.27
N THR A 56 10.30 24.77 -49.33
CA THR A 56 10.31 25.45 -50.62
C THR A 56 8.89 25.55 -51.18
N ASP A 57 8.00 24.67 -50.72
CA ASP A 57 6.61 24.70 -51.14
C ASP A 57 5.82 25.80 -50.42
N PHE A 58 6.45 26.42 -49.42
CA PHE A 58 5.77 27.45 -48.63
C PHE A 58 6.50 28.78 -48.65
N LYS A 59 7.81 28.76 -48.92
CA LYS A 59 8.60 29.98 -48.86
C LYS A 59 8.04 31.08 -49.77
N ASP A 60 7.63 32.18 -49.14
CA ASP A 60 7.09 33.32 -49.87
C ASP A 60 5.91 32.95 -50.78
N LYS A 61 5.15 31.94 -50.37
CA LYS A 61 3.98 31.47 -51.10
C LYS A 61 2.69 32.01 -50.49
N ILE A 62 1.59 31.92 -51.23
CA ILE A 62 0.28 32.22 -50.69
C ILE A 62 -0.37 30.91 -50.26
N VAL A 63 -0.81 30.85 -49.02
CA VAL A 63 -1.32 29.61 -48.45
C VAL A 63 -2.79 29.75 -48.07
N LEU A 64 -3.55 28.68 -48.31
CA LEU A 64 -4.93 28.62 -47.81
C LEU A 64 -5.09 27.49 -46.80
N ASP A 65 -5.54 27.83 -45.59
CA ASP A 65 -5.79 26.84 -44.56
C ASP A 65 -7.28 26.60 -44.39
N VAL A 66 -7.76 25.44 -44.84
CA VAL A 66 -9.20 25.17 -44.77
C VAL A 66 -9.58 24.59 -43.41
N GLY A 67 -10.40 25.33 -42.66
CA GLY A 67 -10.79 24.90 -41.34
C GLY A 67 -9.65 24.96 -40.36
N CYS A 68 -9.14 26.16 -40.13
CA CYS A 68 -7.88 26.34 -39.41
C CYS A 68 -7.99 25.98 -37.95
N GLY A 69 -9.22 25.94 -37.42
CA GLY A 69 -9.41 25.66 -36.01
C GLY A 69 -8.67 26.69 -35.18
N SER A 70 -7.74 26.21 -34.35
CA SER A 70 -6.92 27.10 -33.54
C SER A 70 -5.94 27.89 -34.41
N GLY A 71 -5.67 27.38 -35.61
CA GLY A 71 -4.78 28.04 -36.54
C GLY A 71 -3.41 27.38 -36.60
N ILE A 72 -3.31 26.21 -35.98
CA ILE A 72 -2.03 25.53 -35.78
C ILE A 72 -1.29 25.28 -37.11
N LEU A 73 -2.04 24.87 -38.13
CA LEU A 73 -1.44 24.54 -39.42
C LEU A 73 -0.95 25.81 -40.12
N SER A 74 -1.67 26.91 -39.90
CA SER A 74 -1.25 28.20 -40.45
C SER A 74 0.05 28.66 -39.81
N PHE A 75 0.20 28.42 -38.51
CA PHE A 75 1.44 28.76 -37.82
C PHE A 75 2.56 27.89 -38.37
N PHE A 76 2.26 26.62 -38.60
CA PHE A 76 3.25 25.76 -39.26
C PHE A 76 3.62 26.31 -40.64
N ALA A 77 2.63 26.76 -41.40
CA ALA A 77 2.92 27.37 -42.69
C ALA A 77 3.78 28.63 -42.51
N ALA A 78 3.52 29.38 -41.45
CA ALA A 78 4.31 30.57 -41.14
C ALA A 78 5.74 30.19 -40.78
N GLN A 79 5.91 29.09 -40.06
CA GLN A 79 7.23 28.60 -39.70
C GLN A 79 8.02 28.22 -40.96
N ALA A 80 7.30 27.84 -42.01
CA ALA A 80 7.93 27.40 -43.25
C ALA A 80 8.20 28.57 -44.21
N GLY A 81 7.87 29.79 -43.79
CA GLY A 81 8.24 30.97 -44.55
C GLY A 81 7.20 31.49 -45.51
N ALA A 82 5.93 31.15 -45.28
CA ALA A 82 4.85 31.60 -46.15
C ALA A 82 4.71 33.12 -46.10
N ARG A 83 4.36 33.70 -47.24
CA ARG A 83 4.19 35.14 -47.39
C ARG A 83 2.83 35.59 -46.88
N LYS A 84 1.78 34.88 -47.28
CA LYS A 84 0.44 35.16 -46.81
C LYS A 84 -0.35 33.88 -46.58
N ILE A 85 -1.03 33.80 -45.44
CA ILE A 85 -1.81 32.63 -45.10
C ILE A 85 -3.26 33.05 -44.76
N TYR A 86 -4.20 32.55 -45.56
CA TYR A 86 -5.63 32.74 -45.30
C TYR A 86 -6.17 31.58 -44.50
N ALA A 87 -6.55 31.84 -43.26
CA ALA A 87 -7.06 30.80 -42.39
C ALA A 87 -8.58 30.91 -42.27
N VAL A 88 -9.30 30.02 -42.95
CA VAL A 88 -10.75 30.09 -42.98
C VAL A 88 -11.34 29.18 -41.91
N GLU A 89 -12.23 29.72 -41.08
CA GLU A 89 -12.86 28.90 -40.04
C GLU A 89 -14.31 29.31 -39.81
N ALA A 90 -15.19 28.30 -39.80
CA ALA A 90 -16.63 28.55 -39.76
C ALA A 90 -17.22 28.57 -38.34
N SER A 91 -16.54 27.90 -37.41
CA SER A 91 -17.00 27.87 -36.02
C SER A 91 -16.54 29.11 -35.27
N THR A 92 -16.94 29.22 -34.00
CA THR A 92 -16.59 30.38 -33.18
C THR A 92 -15.10 30.36 -32.86
N MET A 93 -14.47 29.21 -33.14
CA MET A 93 -13.04 29.03 -32.88
C MET A 93 -12.28 30.12 -33.63
N ALA A 94 -12.87 30.62 -34.70
CA ALA A 94 -12.27 31.64 -35.53
C ALA A 94 -11.78 32.82 -34.71
N GLN A 95 -12.51 33.19 -33.65
CA GLN A 95 -12.08 34.35 -32.89
C GLN A 95 -10.86 33.99 -32.05
N HIS A 96 -10.75 32.73 -31.65
CA HIS A 96 -9.65 32.30 -30.79
C HIS A 96 -8.40 32.23 -31.63
N ALA A 97 -8.57 31.84 -32.90
CA ALA A 97 -7.48 31.84 -33.84
C ALA A 97 -6.97 33.26 -34.04
N GLU A 98 -7.89 34.21 -34.11
CA GLU A 98 -7.51 35.61 -34.28
C GLU A 98 -6.63 36.03 -33.10
N VAL A 99 -7.01 35.59 -31.91
CA VAL A 99 -6.28 35.91 -30.70
C VAL A 99 -4.85 35.36 -30.78
N LEU A 100 -4.71 34.14 -31.28
CA LEU A 100 -3.39 33.52 -31.36
C LEU A 100 -2.52 34.19 -32.42
N VAL A 101 -3.12 34.59 -33.53
CA VAL A 101 -2.38 35.25 -34.60
C VAL A 101 -1.78 36.54 -34.09
N LYS A 102 -2.58 37.30 -33.35
CA LYS A 102 -2.16 38.58 -32.79
C LYS A 102 -1.06 38.37 -31.74
N SER A 103 -1.28 37.39 -30.86
CA SER A 103 -0.36 37.16 -29.74
C SER A 103 0.98 36.59 -30.21
N ASN A 104 1.02 36.03 -31.42
CA ASN A 104 2.27 35.53 -32.00
C ASN A 104 2.87 36.50 -33.03
N ASN A 105 2.33 37.71 -33.08
CA ASN A 105 2.87 38.76 -33.97
C ASN A 105 2.95 38.32 -35.43
N LEU A 106 1.88 37.71 -35.92
CA LEU A 106 1.82 37.25 -37.30
C LEU A 106 0.63 37.88 -38.00
N THR A 107 0.25 39.06 -37.53
CA THR A 107 -0.92 39.76 -38.06
C THR A 107 -0.74 40.15 -39.53
N ASP A 108 0.50 40.35 -39.97
CA ASP A 108 0.75 40.76 -41.34
C ASP A 108 0.83 39.58 -42.30
N ARG A 109 0.80 38.35 -41.77
CA ARG A 109 1.01 37.17 -42.59
C ARG A 109 -0.15 36.18 -42.51
N ILE A 110 -0.81 36.10 -41.36
CA ILE A 110 -1.96 35.21 -41.21
C ILE A 110 -3.24 36.03 -41.06
N VAL A 111 -4.18 35.82 -41.98
CA VAL A 111 -5.49 36.49 -41.90
C VAL A 111 -6.60 35.46 -41.63
N VAL A 112 -7.22 35.59 -40.47
CA VAL A 112 -8.34 34.74 -40.09
C VAL A 112 -9.63 35.23 -40.74
N ILE A 113 -10.29 34.33 -41.46
CA ILE A 113 -11.57 34.64 -42.10
C ILE A 113 -12.69 33.80 -41.48
N PRO A 114 -13.58 34.44 -40.71
CA PRO A 114 -14.70 33.70 -40.13
C PRO A 114 -15.72 33.34 -41.20
N GLY A 115 -16.20 32.10 -41.18
CA GLY A 115 -17.20 31.66 -42.13
C GLY A 115 -16.84 30.35 -42.80
N LYS A 116 -17.78 29.81 -43.56
CA LYS A 116 -17.56 28.59 -44.33
C LYS A 116 -16.80 28.88 -45.62
N VAL A 117 -15.88 27.99 -45.99
CA VAL A 117 -15.04 28.20 -47.16
C VAL A 117 -15.89 28.22 -48.44
N GLU A 118 -17.08 27.61 -48.38
CA GLU A 118 -17.99 27.60 -49.51
C GLU A 118 -18.71 28.94 -49.67
N GLU A 119 -18.57 29.82 -48.68
CA GLU A 119 -19.37 31.04 -48.63
C GLU A 119 -18.53 32.31 -48.55
N VAL A 120 -17.32 32.21 -47.99
CA VAL A 120 -16.45 33.37 -47.84
C VAL A 120 -15.89 33.82 -49.18
N SER A 121 -15.28 35.00 -49.17
CA SER A 121 -14.60 35.52 -50.34
C SER A 121 -13.11 35.67 -50.06
N LEU A 122 -12.28 35.04 -50.88
CA LEU A 122 -10.84 35.25 -50.79
C LEU A 122 -10.41 36.28 -51.82
N PRO A 123 -9.54 37.20 -51.42
CA PRO A 123 -9.07 38.26 -52.32
C PRO A 123 -8.19 37.76 -53.46
N GLU A 124 -7.45 36.68 -53.23
CA GLU A 124 -6.51 36.19 -54.23
C GLU A 124 -6.37 34.68 -54.24
N GLN A 125 -5.84 34.18 -55.35
CA GLN A 125 -5.58 32.76 -55.53
C GLN A 125 -4.34 32.37 -54.73
N VAL A 126 -4.29 31.13 -54.29
CA VAL A 126 -3.21 30.65 -53.43
C VAL A 126 -2.35 29.66 -54.18
N ASP A 127 -1.12 29.48 -53.71
CA ASP A 127 -0.20 28.52 -54.32
C ASP A 127 -0.43 27.12 -53.77
N ILE A 128 -0.84 27.05 -52.51
CA ILE A 128 -1.01 25.75 -51.87
C ILE A 128 -2.12 25.79 -50.81
N ILE A 129 -2.91 24.72 -50.78
CA ILE A 129 -3.96 24.60 -49.76
C ILE A 129 -3.55 23.56 -48.74
N ILE A 130 -3.60 23.93 -47.46
CA ILE A 130 -3.38 22.98 -46.39
C ILE A 130 -4.68 22.77 -45.63
N SER A 131 -4.87 21.55 -45.15
CA SER A 131 -6.05 21.26 -44.35
C SER A 131 -5.97 19.93 -43.62
N GLU A 132 -6.82 19.81 -42.61
CA GLU A 132 -7.02 18.55 -41.90
C GLU A 132 -8.50 18.20 -41.86
N PRO A 133 -9.04 17.73 -43.00
CA PRO A 133 -10.46 17.47 -43.19
C PRO A 133 -10.86 16.00 -42.97
N MET A 134 -9.95 15.17 -42.47
CA MET A 134 -10.22 13.74 -42.32
C MET A 134 -11.05 13.39 -41.09
N GLY A 135 -12.06 12.55 -41.30
CA GLY A 135 -12.86 11.96 -40.24
C GLY A 135 -12.66 10.46 -40.14
N TYR A 136 -13.53 9.77 -39.40
CA TYR A 136 -13.45 8.31 -39.32
C TYR A 136 -13.51 7.68 -40.70
N MET A 137 -12.70 6.65 -40.90
CA MET A 137 -12.55 5.98 -42.20
C MET A 137 -12.44 7.03 -43.31
N LEU A 138 -11.69 8.08 -43.01
CA LEU A 138 -11.40 9.20 -43.91
C LEU A 138 -12.57 10.12 -44.23
N PHE A 139 -13.70 9.57 -44.65
CA PHE A 139 -14.74 10.37 -45.28
C PHE A 139 -15.77 10.99 -44.32
N ASN A 140 -15.83 10.51 -43.08
CA ASN A 140 -16.84 11.02 -42.15
C ASN A 140 -16.69 12.53 -41.98
N GLU A 141 -17.83 13.20 -41.74
CA GLU A 141 -17.92 14.65 -41.57
C GLU A 141 -17.97 15.37 -42.92
N ARG A 142 -17.63 14.67 -44.00
CA ARG A 142 -17.77 15.20 -45.35
C ARG A 142 -16.99 16.50 -45.57
N MET A 143 -15.91 16.71 -44.82
CA MET A 143 -15.15 17.95 -44.95
C MET A 143 -14.16 17.92 -46.12
N LEU A 144 -13.82 16.74 -46.62
CA LEU A 144 -12.97 16.67 -47.79
C LEU A 144 -13.64 17.38 -48.96
N GLU A 145 -14.97 17.38 -48.99
CA GLU A 145 -15.68 18.08 -50.06
C GLU A 145 -15.44 19.59 -49.92
N SER A 146 -15.34 20.06 -48.68
CA SER A 146 -15.01 21.46 -48.42
C SER A 146 -13.58 21.71 -48.89
N TYR A 147 -12.72 20.73 -48.63
CA TYR A 147 -11.32 20.79 -49.02
C TYR A 147 -11.15 20.89 -50.53
N LEU A 148 -11.88 20.04 -51.26
CA LEU A 148 -11.83 20.02 -52.72
C LEU A 148 -12.51 21.25 -53.31
N HIS A 149 -13.59 21.69 -52.68
CA HIS A 149 -14.29 22.89 -53.12
C HIS A 149 -13.33 24.08 -53.14
N ALA A 150 -12.41 24.10 -52.18
CA ALA A 150 -11.47 25.21 -52.04
C ALA A 150 -10.51 25.35 -53.21
N LYS A 151 -10.43 24.34 -54.09
CA LYS A 151 -9.52 24.44 -55.22
C LYS A 151 -9.93 25.52 -56.21
N LYS A 152 -11.12 26.09 -56.03
CA LYS A 152 -11.54 27.22 -56.86
C LYS A 152 -10.65 28.42 -56.57
N TYR A 153 -9.98 28.40 -55.42
CA TYR A 153 -9.04 29.46 -55.04
C TYR A 153 -7.60 29.05 -55.33
N LEU A 154 -7.40 27.86 -55.88
CA LEU A 154 -6.06 27.34 -56.12
C LEU A 154 -5.56 27.70 -57.52
N LYS A 155 -4.32 28.19 -57.59
CA LYS A 155 -3.67 28.44 -58.87
C LYS A 155 -3.58 27.10 -59.62
N PRO A 156 -3.56 27.16 -60.96
CA PRO A 156 -3.43 25.91 -61.75
C PRO A 156 -2.20 25.09 -61.38
N SER A 157 -1.12 25.78 -61.05
CA SER A 157 0.13 25.12 -60.67
C SER A 157 0.16 24.78 -59.17
N GLY A 158 -1.00 24.90 -58.53
CA GLY A 158 -1.11 24.72 -57.09
C GLY A 158 -0.98 23.32 -56.52
N ASN A 159 -0.72 23.26 -55.22
CA ASN A 159 -0.58 21.99 -54.49
C ASN A 159 -1.60 21.85 -53.36
N MET A 160 -1.77 20.60 -52.92
CA MET A 160 -2.70 20.26 -51.85
C MET A 160 -1.97 19.48 -50.76
N PHE A 161 -2.16 19.92 -49.52
CA PHE A 161 -1.55 19.27 -48.35
C PHE A 161 -2.65 18.91 -47.34
N PRO A 162 -3.01 17.62 -47.27
CA PRO A 162 -2.45 16.47 -47.99
C PRO A 162 -2.78 16.42 -49.49
N THR A 163 -2.01 15.62 -50.22
CA THR A 163 -2.16 15.53 -51.68
C THR A 163 -3.08 14.38 -52.05
N ILE A 164 -2.92 13.25 -51.37
CA ILE A 164 -3.76 12.09 -51.63
C ILE A 164 -4.23 11.48 -50.31
N GLY A 165 -5.34 10.75 -50.40
CA GLY A 165 -5.89 10.00 -49.28
C GLY A 165 -6.19 8.57 -49.67
N ASP A 166 -5.71 7.63 -48.85
CA ASP A 166 -5.95 6.21 -49.06
C ASP A 166 -6.85 5.62 -48.00
N VAL A 167 -7.95 4.99 -48.41
CA VAL A 167 -8.76 4.22 -47.49
C VAL A 167 -8.40 2.76 -47.64
N HIS A 168 -8.10 2.13 -46.50
CA HIS A 168 -7.80 0.71 -46.49
C HIS A 168 -8.95 -0.05 -45.85
N LEU A 169 -9.29 -1.16 -46.50
CA LEU A 169 -10.32 -2.08 -46.05
C LEU A 169 -9.74 -3.48 -45.89
N ALA A 170 -10.07 -4.16 -44.81
CA ALA A 170 -9.58 -5.53 -44.64
C ALA A 170 -10.55 -6.40 -43.84
N PRO A 171 -10.69 -7.67 -44.21
CA PRO A 171 -11.59 -8.54 -43.44
C PRO A 171 -10.99 -8.88 -42.08
N PHE A 172 -11.84 -9.00 -41.05
CA PHE A 172 -11.32 -9.33 -39.72
C PHE A 172 -12.13 -10.43 -39.06
N THR A 173 -11.50 -11.09 -38.09
CA THR A 173 -12.20 -12.06 -37.25
C THR A 173 -12.12 -11.57 -35.82
N ASP A 174 -13.27 -11.50 -35.16
CA ASP A 174 -13.34 -11.06 -33.77
C ASP A 174 -14.61 -11.62 -33.17
N GLU A 175 -14.48 -12.85 -32.65
CA GLU A 175 -15.63 -13.60 -32.15
C GLU A 175 -16.31 -12.85 -30.99
N GLN A 176 -15.50 -12.25 -30.14
CA GLN A 176 -15.99 -11.53 -28.98
C GLN A 176 -16.87 -10.35 -29.39
N LEU A 177 -16.37 -9.57 -30.33
CA LEU A 177 -17.07 -8.40 -30.81
C LEU A 177 -18.41 -8.79 -31.41
N TYR A 178 -18.41 -9.86 -32.20
CA TYR A 178 -19.63 -10.30 -32.86
C TYR A 178 -20.65 -10.77 -31.79
N MET A 179 -20.19 -11.60 -30.86
CA MET A 179 -21.08 -12.14 -29.82
C MET A 179 -21.59 -11.04 -28.85
N GLU A 180 -20.76 -10.03 -28.65
CA GLU A 180 -21.09 -8.90 -27.79
C GLU A 180 -22.44 -8.25 -28.15
N GLN A 181 -22.74 -8.20 -29.43
CA GLN A 181 -23.93 -7.51 -29.90
C GLN A 181 -25.17 -8.23 -29.35
N PHE A 182 -25.14 -9.55 -29.45
CA PHE A 182 -26.24 -10.38 -28.98
C PHE A 182 -26.29 -10.41 -27.47
N THR A 183 -25.13 -10.40 -26.82
CA THR A 183 -25.14 -10.33 -25.36
C THR A 183 -25.83 -9.06 -24.89
N LYS A 184 -25.53 -7.93 -25.53
CA LYS A 184 -26.19 -6.69 -25.15
C LYS A 184 -27.68 -6.69 -25.52
N ALA A 185 -28.00 -7.23 -26.69
CA ALA A 185 -29.40 -7.29 -27.12
C ALA A 185 -30.25 -8.26 -26.30
N ASN A 186 -29.63 -9.32 -25.77
CA ASN A 186 -30.36 -10.31 -24.99
C ASN A 186 -30.86 -9.79 -23.64
N PHE A 187 -30.56 -8.53 -23.33
CA PHE A 187 -31.18 -7.88 -22.19
C PHE A 187 -32.68 -7.92 -22.38
N TRP A 188 -33.10 -7.72 -23.62
CA TRP A 188 -34.52 -7.65 -23.93
C TRP A 188 -35.14 -9.02 -24.05
N TYR A 189 -34.33 -10.07 -23.99
CA TYR A 189 -34.88 -11.41 -24.18
C TYR A 189 -35.13 -12.07 -22.83
N GLN A 190 -36.15 -11.56 -22.14
CA GLN A 190 -36.52 -12.10 -20.84
C GLN A 190 -38.02 -11.85 -20.66
N PRO A 191 -38.75 -12.86 -20.17
CA PRO A 191 -40.22 -12.84 -20.13
C PRO A 191 -40.86 -12.03 -19.00
N SER A 192 -40.08 -11.58 -18.02
CA SER A 192 -40.66 -10.86 -16.89
C SER A 192 -39.67 -9.87 -16.30
N PHE A 193 -39.28 -8.87 -17.08
CA PHE A 193 -38.48 -7.78 -16.55
C PHE A 193 -39.39 -6.91 -15.71
N HIS A 194 -39.29 -7.08 -14.39
CA HIS A 194 -40.19 -6.39 -13.46
C HIS A 194 -41.63 -6.66 -13.87
N GLY A 195 -41.88 -7.87 -14.36
CA GLY A 195 -43.21 -8.30 -14.76
C GLY A 195 -43.53 -8.05 -16.22
N VAL A 196 -42.56 -7.53 -16.97
CA VAL A 196 -42.77 -7.19 -18.37
C VAL A 196 -42.00 -8.13 -19.29
N ASP A 197 -42.68 -8.63 -20.31
CA ASP A 197 -42.05 -9.45 -21.33
C ASP A 197 -41.42 -8.51 -22.35
N LEU A 198 -40.10 -8.45 -22.38
CA LEU A 198 -39.40 -7.52 -23.26
C LEU A 198 -39.00 -8.19 -24.58
N SER A 199 -39.20 -9.49 -24.68
CA SER A 199 -38.61 -10.28 -25.75
C SER A 199 -38.95 -9.77 -27.16
N ALA A 200 -40.11 -9.15 -27.32
CA ALA A 200 -40.59 -8.74 -28.64
C ALA A 200 -39.69 -7.67 -29.26
N LEU A 201 -38.84 -7.05 -28.45
CA LEU A 201 -37.95 -6.01 -28.95
C LEU A 201 -36.52 -6.53 -29.18
N ARG A 202 -36.27 -7.81 -28.92
CA ARG A 202 -34.91 -8.32 -29.03
C ARG A 202 -34.35 -8.15 -30.44
N GLY A 203 -35.17 -8.42 -31.44
CA GLY A 203 -34.76 -8.28 -32.83
C GLY A 203 -34.38 -6.86 -33.19
N ALA A 204 -35.21 -5.90 -32.76
CA ALA A 204 -34.96 -4.50 -33.03
C ALA A 204 -33.66 -4.04 -32.37
N ALA A 205 -33.36 -4.61 -31.21
CA ALA A 205 -32.15 -4.27 -30.48
C ALA A 205 -30.91 -4.70 -31.26
N VAL A 206 -30.95 -5.95 -31.75
CA VAL A 206 -29.85 -6.48 -32.54
C VAL A 206 -29.63 -5.62 -33.78
N ASP A 207 -30.72 -5.28 -34.46
CA ASP A 207 -30.65 -4.45 -35.67
C ASP A 207 -29.92 -3.16 -35.38
N GLU A 208 -30.26 -2.55 -34.24
CA GLU A 208 -29.70 -1.25 -33.86
C GLU A 208 -28.19 -1.30 -33.67
N TYR A 209 -27.71 -2.34 -32.99
CA TYR A 209 -26.29 -2.46 -32.70
C TYR A 209 -25.47 -2.65 -33.98
N PHE A 210 -26.00 -3.43 -34.91
CA PHE A 210 -25.26 -3.76 -36.13
C PHE A 210 -25.19 -2.62 -37.13
N ARG A 211 -26.06 -1.61 -36.98
CA ARG A 211 -25.99 -0.43 -37.84
C ARG A 211 -24.86 0.50 -37.45
N GLN A 212 -24.34 0.32 -36.24
CA GLN A 212 -23.29 1.20 -35.74
C GLN A 212 -21.90 0.66 -36.08
N PRO A 213 -21.14 1.41 -36.89
CA PRO A 213 -19.73 1.05 -37.05
C PRO A 213 -19.02 1.18 -35.71
N VAL A 214 -18.09 0.27 -35.42
CA VAL A 214 -17.41 0.26 -34.14
C VAL A 214 -16.08 1.00 -34.25
N VAL A 215 -15.95 2.08 -33.47
CA VAL A 215 -14.71 2.84 -33.46
C VAL A 215 -13.83 2.37 -32.30
N ASP A 216 -12.70 1.79 -32.64
CA ASP A 216 -11.67 1.49 -31.64
C ASP A 216 -10.51 0.85 -32.36
N THR A 217 -9.57 0.31 -31.59
CA THR A 217 -8.40 -0.33 -32.15
C THR A 217 -8.43 -1.82 -31.85
N PHE A 218 -7.49 -2.54 -32.43
CA PHE A 218 -7.44 -3.98 -32.31
C PHE A 218 -6.05 -4.49 -32.62
N ASP A 219 -5.82 -5.76 -32.30
CA ASP A 219 -4.56 -6.40 -32.60
C ASP A 219 -4.54 -6.74 -34.10
N ILE A 220 -3.40 -6.52 -34.75
CA ILE A 220 -3.31 -6.75 -36.19
C ILE A 220 -3.46 -8.24 -36.49
N ARG A 221 -3.47 -9.06 -35.44
CA ARG A 221 -3.57 -10.50 -35.62
C ARG A 221 -4.97 -10.95 -36.02
N ILE A 222 -5.96 -10.07 -35.93
CA ILE A 222 -7.32 -10.41 -36.34
C ILE A 222 -7.54 -10.21 -37.84
N LEU A 223 -6.61 -9.51 -38.49
CA LEU A 223 -6.72 -9.24 -39.92
C LEU A 223 -6.37 -10.50 -40.71
N MET A 224 -7.23 -10.83 -41.67
CA MET A 224 -7.15 -12.11 -42.37
C MET A 224 -6.71 -11.99 -43.82
N ALA A 225 -6.47 -10.76 -44.27
CA ALA A 225 -6.00 -10.54 -45.63
C ALA A 225 -5.38 -9.15 -45.73
N LYS A 226 -4.50 -8.98 -46.71
CA LYS A 226 -3.92 -7.68 -46.97
C LYS A 226 -5.08 -6.78 -47.38
N SER A 227 -5.03 -5.53 -46.92
CA SER A 227 -6.10 -4.57 -47.17
C SER A 227 -6.24 -4.23 -48.65
N VAL A 228 -7.46 -3.85 -49.04
CA VAL A 228 -7.71 -3.29 -50.36
C VAL A 228 -7.75 -1.79 -50.16
N LYS A 229 -7.12 -1.08 -51.09
CA LYS A 229 -6.93 0.36 -50.98
C LYS A 229 -7.75 1.14 -52.02
N TYR A 230 -8.41 2.20 -51.56
CA TYR A 230 -9.12 3.11 -52.45
C TYR A 230 -8.52 4.50 -52.30
N THR A 231 -8.07 5.07 -53.42
CA THR A 231 -7.30 6.31 -53.38
C THR A 231 -8.07 7.51 -53.95
N VAL A 232 -8.02 8.61 -53.21
CA VAL A 232 -8.54 9.89 -53.68
C VAL A 232 -7.36 10.83 -53.86
N ASN A 233 -7.16 11.28 -55.09
CA ASN A 233 -6.13 12.26 -55.40
C ASN A 233 -6.74 13.65 -55.31
N PHE A 234 -6.43 14.36 -54.24
CA PHE A 234 -7.06 15.64 -53.96
C PHE A 234 -6.69 16.69 -55.02
N LEU A 235 -5.59 16.47 -55.72
CA LEU A 235 -5.21 17.36 -56.82
C LEU A 235 -6.10 17.16 -58.04
N GLU A 236 -6.70 15.98 -58.18
CA GLU A 236 -7.43 15.63 -59.39
C GLU A 236 -8.95 15.56 -59.18
N ALA A 237 -9.36 15.22 -57.96
CA ALA A 237 -10.76 14.91 -57.63
C ALA A 237 -11.75 16.09 -57.64
N LYS A 238 -13.02 15.76 -57.88
CA LYS A 238 -14.15 16.70 -57.75
C LYS A 238 -14.94 16.47 -56.47
N GLU A 239 -15.68 17.49 -56.03
CA GLU A 239 -16.52 17.34 -54.85
C GLU A 239 -17.42 16.14 -55.08
N GLY A 240 -18.00 16.10 -56.28
CA GLY A 240 -18.97 15.09 -56.65
C GLY A 240 -18.38 13.71 -56.60
N ASP A 241 -17.05 13.60 -56.68
CA ASP A 241 -16.40 12.31 -56.63
C ASP A 241 -16.64 11.65 -55.27
N LEU A 242 -17.00 12.45 -54.27
CA LEU A 242 -17.20 11.93 -52.92
C LEU A 242 -18.67 11.77 -52.52
N HIS A 243 -19.59 12.10 -53.42
CA HIS A 243 -21.02 11.94 -53.15
C HIS A 243 -21.43 10.48 -53.14
N ARG A 244 -20.80 9.71 -54.02
CA ARG A 244 -21.02 8.27 -54.12
C ARG A 244 -19.68 7.58 -54.24
N ILE A 245 -19.25 6.90 -53.18
CA ILE A 245 -17.94 6.28 -53.18
C ILE A 245 -18.12 4.76 -53.26
N GLU A 246 -17.77 4.19 -54.41
CA GLU A 246 -17.89 2.75 -54.58
C GLU A 246 -16.51 2.12 -54.45
N ILE A 247 -16.36 1.29 -53.43
CA ILE A 247 -15.09 0.63 -53.18
C ILE A 247 -15.27 -0.87 -53.41
N PRO A 248 -14.94 -1.34 -54.62
CA PRO A 248 -14.96 -2.78 -54.84
C PRO A 248 -13.78 -3.43 -54.13
N PHE A 249 -13.95 -4.66 -53.65
CA PHE A 249 -12.85 -5.35 -53.01
C PHE A 249 -12.86 -6.83 -53.37
N LYS A 250 -11.65 -7.39 -53.44
CA LYS A 250 -11.49 -8.82 -53.65
C LYS A 250 -10.27 -9.24 -52.84
N PHE A 251 -10.50 -9.78 -51.65
CA PHE A 251 -9.42 -10.16 -50.74
C PHE A 251 -8.89 -11.55 -50.99
N HIS A 252 -7.56 -11.67 -50.97
CA HIS A 252 -6.92 -12.97 -51.05
C HIS A 252 -6.64 -13.40 -49.62
N MET A 253 -7.44 -14.34 -49.13
CA MET A 253 -7.40 -14.72 -47.72
C MET A 253 -6.07 -15.33 -47.33
N LEU A 254 -5.44 -14.73 -46.34
CA LEU A 254 -4.14 -15.18 -45.85
C LEU A 254 -4.32 -16.20 -44.72
N HIS A 255 -5.47 -16.17 -44.07
CA HIS A 255 -5.77 -17.12 -43.00
C HIS A 255 -7.14 -17.74 -43.18
N SER A 256 -7.31 -18.95 -42.64
CA SER A 256 -8.59 -19.62 -42.64
C SER A 256 -9.38 -19.19 -41.41
N GLY A 257 -10.71 -19.12 -41.54
CA GLY A 257 -11.54 -18.76 -40.41
C GLY A 257 -12.83 -18.04 -40.75
N LEU A 258 -13.48 -17.54 -39.69
CA LEU A 258 -14.74 -16.83 -39.81
C LEU A 258 -14.50 -15.32 -39.92
N VAL A 259 -14.95 -14.73 -41.02
CA VAL A 259 -14.90 -13.29 -41.25
C VAL A 259 -16.16 -12.64 -40.70
N HIS A 260 -15.99 -11.81 -39.67
CA HIS A 260 -17.11 -11.16 -39.00
C HIS A 260 -17.40 -9.78 -39.58
N GLY A 261 -16.48 -9.27 -40.40
CA GLY A 261 -16.71 -7.98 -41.03
C GLY A 261 -15.46 -7.34 -41.59
N LEU A 262 -15.57 -6.06 -41.88
CA LEU A 262 -14.48 -5.30 -42.47
C LEU A 262 -13.97 -4.21 -41.55
N ALA A 263 -12.64 -4.14 -41.46
CA ALA A 263 -11.95 -3.11 -40.72
C ALA A 263 -11.51 -2.04 -41.70
N PHE A 264 -11.59 -0.80 -41.24
CA PHE A 264 -11.30 0.38 -42.03
C PHE A 264 -10.26 1.26 -41.34
N TRP A 265 -9.34 1.76 -42.16
CA TRP A 265 -8.45 2.83 -41.70
C TRP A 265 -8.00 3.67 -42.89
N PHE A 266 -7.21 4.72 -42.66
CA PHE A 266 -6.80 5.56 -43.79
C PHE A 266 -5.41 6.20 -43.63
N ASP A 267 -4.80 6.50 -44.77
CA ASP A 267 -3.55 7.24 -44.85
C ASP A 267 -3.73 8.53 -45.65
N VAL A 268 -2.92 9.54 -45.35
CA VAL A 268 -2.82 10.68 -46.26
C VAL A 268 -1.36 10.91 -46.58
N ALA A 269 -1.09 11.38 -47.80
CA ALA A 269 0.28 11.68 -48.18
C ALA A 269 0.43 13.15 -48.56
N PHE A 270 1.46 13.77 -48.02
CA PHE A 270 1.86 15.13 -48.38
C PHE A 270 3.00 15.04 -49.36
N ILE A 271 2.65 15.12 -50.65
CA ILE A 271 3.61 15.03 -51.75
C ILE A 271 4.16 16.41 -52.07
N GLY A 272 5.29 16.75 -51.45
CA GLY A 272 5.92 18.04 -51.67
C GLY A 272 7.06 17.96 -52.65
N SER A 273 7.64 19.12 -52.98
CA SER A 273 8.71 19.19 -53.96
C SER A 273 10.00 18.54 -53.44
N ILE A 274 10.23 18.61 -52.14
CA ILE A 274 11.44 18.06 -51.55
C ILE A 274 11.23 16.60 -51.17
N MET A 275 10.08 16.30 -50.57
CA MET A 275 9.81 14.92 -50.17
C MET A 275 8.32 14.64 -49.92
N THR A 276 7.98 13.35 -49.90
CA THR A 276 6.62 12.90 -49.60
C THR A 276 6.52 12.40 -48.16
N VAL A 277 5.64 12.99 -47.37
CA VAL A 277 5.46 12.57 -45.99
C VAL A 277 4.11 11.88 -45.80
N TRP A 278 4.12 10.75 -45.12
CA TRP A 278 2.89 9.99 -44.90
C TRP A 278 2.35 10.13 -43.48
N LEU A 279 1.04 10.32 -43.37
CA LEU A 279 0.34 10.23 -42.09
C LEU A 279 -0.58 9.03 -42.13
N SER A 280 -0.33 8.06 -41.26
CA SER A 280 -1.07 6.80 -41.26
C SER A 280 -1.84 6.56 -39.96
N THR A 281 -3.05 6.04 -40.11
CA THR A 281 -3.87 5.64 -38.97
C THR A 281 -4.04 4.12 -38.93
N ALA A 282 -3.13 3.42 -39.59
CA ALA A 282 -3.18 1.96 -39.66
C ALA A 282 -2.97 1.34 -38.29
N PRO A 283 -3.53 0.13 -38.08
CA PRO A 283 -3.37 -0.56 -36.79
C PRO A 283 -1.94 -1.05 -36.58
N THR A 284 -1.12 -0.99 -37.63
CA THR A 284 0.30 -1.31 -37.52
C THR A 284 1.08 -0.10 -37.04
N GLU A 285 0.42 1.05 -37.01
CA GLU A 285 1.07 2.30 -36.61
C GLU A 285 0.57 2.73 -35.23
N PRO A 286 1.31 3.64 -34.57
CA PRO A 286 0.86 4.20 -33.29
C PRO A 286 -0.55 4.77 -33.34
N LEU A 287 -1.30 4.61 -32.25
CA LEU A 287 -2.70 5.01 -32.22
C LEU A 287 -2.89 6.52 -32.37
N THR A 288 -3.87 6.90 -33.16
CA THR A 288 -4.26 8.31 -33.31
C THR A 288 -5.69 8.48 -32.78
N HIS A 289 -6.19 9.71 -32.80
CA HIS A 289 -7.54 9.96 -32.26
C HIS A 289 -8.61 9.51 -33.24
N TRP A 290 -8.19 9.03 -34.42
CA TRP A 290 -9.11 8.44 -35.38
C TRP A 290 -9.34 6.95 -35.09
N TYR A 291 -8.41 6.35 -34.36
CA TYR A 291 -8.46 4.91 -34.06
C TYR A 291 -8.62 4.11 -35.34
N GLN A 292 -9.41 3.02 -35.30
CA GLN A 292 -9.85 2.36 -36.52
C GLN A 292 -11.35 2.09 -36.44
N VAL A 293 -11.94 1.78 -37.59
CA VAL A 293 -13.39 1.55 -37.63
C VAL A 293 -13.72 0.17 -38.16
N ARG A 294 -14.62 -0.54 -37.50
CA ARG A 294 -15.04 -1.85 -38.00
C ARG A 294 -16.54 -1.95 -38.27
N CYS A 295 -16.87 -2.47 -39.45
CA CYS A 295 -18.25 -2.73 -39.83
C CYS A 295 -18.51 -4.23 -39.86
N LEU A 296 -19.44 -4.69 -39.04
CA LEU A 296 -19.77 -6.11 -38.94
C LEU A 296 -20.65 -6.58 -40.08
N PHE A 297 -20.45 -7.84 -40.47
CA PHE A 297 -21.40 -8.54 -41.34
C PHE A 297 -22.50 -9.06 -40.43
N GLN A 298 -23.72 -9.12 -40.95
CA GLN A 298 -24.83 -9.62 -40.14
C GLN A 298 -24.59 -11.08 -39.79
N SER A 299 -24.08 -11.84 -40.74
CA SER A 299 -23.70 -13.23 -40.51
C SER A 299 -22.26 -13.44 -40.95
N PRO A 300 -21.42 -14.02 -40.09
CA PRO A 300 -20.01 -14.21 -40.48
C PRO A 300 -19.84 -15.16 -41.67
N LEU A 301 -18.75 -14.98 -42.42
CA LEU A 301 -18.47 -15.85 -43.57
C LEU A 301 -17.25 -16.75 -43.35
N PHE A 302 -17.37 -18.04 -43.59
CA PHE A 302 -16.20 -18.91 -43.47
C PHE A 302 -15.37 -18.87 -44.75
N ALA A 303 -14.08 -18.66 -44.60
CA ALA A 303 -13.18 -18.70 -45.75
C ALA A 303 -11.89 -19.41 -45.39
N LYS A 304 -11.36 -20.18 -46.34
CA LYS A 304 -10.06 -20.84 -46.17
C LYS A 304 -8.97 -19.95 -46.74
N ALA A 305 -7.75 -20.14 -46.26
CA ALA A 305 -6.63 -19.40 -46.80
C ALA A 305 -6.52 -19.77 -48.27
N GLY A 306 -6.47 -18.76 -49.13
CA GLY A 306 -6.42 -18.96 -50.57
C GLY A 306 -7.75 -18.68 -51.26
N ASP A 307 -8.85 -18.75 -50.50
CA ASP A 307 -10.15 -18.37 -51.05
C ASP A 307 -10.12 -16.88 -51.32
N THR A 308 -11.07 -16.39 -52.12
CA THR A 308 -11.13 -14.97 -52.39
C THR A 308 -12.44 -14.43 -51.80
N LEU A 309 -12.35 -13.32 -51.07
CA LEU A 309 -13.53 -12.67 -50.52
C LEU A 309 -13.84 -11.42 -51.32
N SER A 310 -14.92 -11.45 -52.11
CA SER A 310 -15.18 -10.34 -53.02
C SER A 310 -16.46 -9.61 -52.68
N GLY A 311 -16.55 -8.37 -53.15
CA GLY A 311 -17.76 -7.60 -52.98
C GLY A 311 -17.57 -6.11 -53.07
N THR A 312 -18.52 -5.38 -52.50
CA THR A 312 -18.51 -3.93 -52.59
C THR A 312 -18.85 -3.25 -51.28
N CYS A 313 -18.07 -2.21 -50.99
CA CYS A 313 -18.39 -1.26 -49.94
C CYS A 313 -18.83 0.02 -50.62
N LEU A 314 -20.12 0.34 -50.52
CA LEU A 314 -20.67 1.51 -51.16
C LEU A 314 -21.01 2.55 -50.10
N LEU A 315 -20.38 3.72 -50.22
CA LEU A 315 -20.60 4.79 -49.28
C LEU A 315 -21.44 5.84 -49.96
N ILE A 316 -22.64 6.08 -49.40
CA ILE A 316 -23.56 7.05 -49.98
C ILE A 316 -23.68 8.24 -49.04
N ALA A 317 -23.27 9.41 -49.52
CA ALA A 317 -23.28 10.61 -48.71
C ALA A 317 -24.71 11.03 -48.37
N ASN A 318 -24.90 11.46 -47.13
CA ASN A 318 -26.19 11.97 -46.69
C ASN A 318 -26.03 13.40 -46.19
N LYS A 319 -27.14 14.07 -45.90
CA LYS A 319 -27.10 15.47 -45.51
C LYS A 319 -26.82 15.66 -44.02
N ARG A 320 -26.56 14.57 -43.31
CA ARG A 320 -26.18 14.66 -41.90
C ARG A 320 -24.65 14.66 -41.81
N GLN A 321 -24.01 15.15 -42.87
CA GLN A 321 -22.56 15.26 -42.93
C GLN A 321 -21.88 13.93 -42.68
N SER A 322 -22.47 12.86 -43.20
CA SER A 322 -21.88 11.54 -43.06
C SER A 322 -22.27 10.65 -44.22
N TYR A 323 -22.14 9.35 -44.02
CA TYR A 323 -22.38 8.39 -45.08
C TYR A 323 -23.22 7.21 -44.59
N ASP A 324 -24.10 6.74 -45.45
CA ASP A 324 -24.71 5.43 -45.28
C ASP A 324 -23.81 4.40 -45.94
N ILE A 325 -23.37 3.42 -45.14
CA ILE A 325 -22.42 2.41 -45.58
C ILE A 325 -23.18 1.16 -45.98
N SER A 326 -22.99 0.74 -47.22
CA SER A 326 -23.58 -0.51 -47.70
C SER A 326 -22.46 -1.50 -47.99
N ILE A 327 -22.50 -2.65 -47.33
CA ILE A 327 -21.46 -3.66 -47.57
C ILE A 327 -22.07 -4.97 -48.04
N VAL A 328 -21.63 -5.42 -49.21
CA VAL A 328 -21.96 -6.76 -49.70
C VAL A 328 -20.67 -7.54 -49.90
N ALA A 329 -20.59 -8.72 -49.28
CA ALA A 329 -19.40 -9.57 -49.39
C ALA A 329 -19.77 -11.03 -49.64
N GLN A 330 -18.90 -11.74 -50.36
CA GLN A 330 -19.16 -13.15 -50.67
C GLN A 330 -17.85 -13.92 -50.85
N VAL A 331 -17.84 -15.13 -50.30
CA VAL A 331 -16.77 -16.09 -50.56
C VAL A 331 -17.03 -16.75 -51.91
N ASP A 332 -16.20 -16.42 -52.88
CA ASP A 332 -16.41 -16.84 -54.26
C ASP A 332 -16.43 -18.36 -54.41
N GLN A 333 -15.58 -19.05 -53.66
CA GLN A 333 -15.42 -20.48 -53.80
C GLN A 333 -16.62 -21.26 -53.26
N THR A 334 -17.38 -20.63 -52.36
CA THR A 334 -18.51 -21.31 -51.73
C THR A 334 -19.84 -20.61 -52.03
N GLY A 335 -19.76 -19.34 -52.45
CA GLY A 335 -20.96 -18.57 -52.74
C GLY A 335 -21.65 -18.05 -51.50
N SER A 336 -21.01 -18.25 -50.35
CA SER A 336 -21.54 -17.78 -49.07
C SER A 336 -21.51 -16.26 -49.00
N LYS A 337 -22.66 -15.64 -48.76
CA LYS A 337 -22.81 -14.19 -48.86
C LYS A 337 -23.35 -13.53 -47.60
N SER A 338 -22.87 -12.32 -47.33
CA SER A 338 -23.38 -11.53 -46.21
C SER A 338 -23.39 -10.03 -46.55
N SER A 339 -24.34 -9.33 -45.96
CA SER A 339 -24.51 -7.89 -46.16
C SER A 339 -24.67 -7.11 -44.87
N ASN A 340 -24.40 -5.80 -44.92
CA ASN A 340 -24.77 -4.94 -43.80
C ASN A 340 -25.00 -3.51 -44.26
N LEU A 341 -25.92 -2.83 -43.60
CA LEU A 341 -26.19 -1.42 -43.85
C LEU A 341 -25.90 -0.68 -42.55
N LEU A 342 -24.99 0.29 -42.61
CA LEU A 342 -24.56 0.98 -41.40
C LEU A 342 -24.68 2.49 -41.50
N ASP A 343 -24.89 3.11 -40.34
CA ASP A 343 -25.01 4.56 -40.24
C ASP A 343 -23.75 5.15 -39.59
N LEU A 344 -22.87 5.67 -40.43
CA LEU A 344 -21.57 6.18 -40.01
C LEU A 344 -21.67 7.40 -39.09
N LYS A 345 -22.78 8.13 -39.20
CA LYS A 345 -22.96 9.32 -38.37
C LYS A 345 -23.00 8.97 -36.89
N ASN A 346 -23.54 7.80 -36.55
CA ASN A 346 -23.69 7.39 -35.16
C ASN A 346 -22.91 6.10 -34.86
N PRO A 347 -21.57 6.22 -34.76
CA PRO A 347 -20.77 5.04 -34.45
C PRO A 347 -20.78 4.72 -32.96
N PHE A 348 -20.41 3.50 -32.60
CA PHE A 348 -20.31 3.10 -31.21
C PHE A 348 -18.85 3.19 -30.77
N PHE A 349 -18.58 4.07 -29.81
CA PHE A 349 -17.23 4.19 -29.27
C PHE A 349 -16.96 3.10 -28.23
N ARG A 350 -16.17 2.11 -28.65
CA ARG A 350 -15.93 0.91 -27.87
C ARG A 350 -14.59 0.97 -27.14
N TYR A 351 -13.69 1.82 -27.62
CA TYR A 351 -12.33 1.92 -27.08
C TYR A 351 -12.28 2.20 -25.58
N THR A 352 -11.40 1.48 -24.88
CA THR A 352 -11.25 1.60 -23.44
C THR A 352 -9.80 1.86 -23.08
N ARG B 9 -47.34 27.52 -32.86
CA ARG B 9 -46.44 26.67 -32.09
C ARG B 9 -46.91 26.40 -30.67
N SER B 10 -46.57 25.22 -30.18
CA SER B 10 -46.85 24.80 -28.81
C SER B 10 -45.82 25.39 -27.84
N VAL B 11 -46.08 25.23 -26.55
CA VAL B 11 -45.21 25.81 -25.53
C VAL B 11 -43.84 25.17 -25.62
N PHE B 12 -43.78 23.91 -26.04
CA PHE B 12 -42.51 23.21 -26.16
C PHE B 12 -41.60 23.80 -27.25
N SER B 13 -42.10 23.89 -28.48
CA SER B 13 -41.29 24.35 -29.59
C SER B 13 -40.78 25.78 -29.38
N GLU B 14 -41.59 26.64 -28.77
CA GLU B 14 -41.16 28.02 -28.55
C GLU B 14 -40.03 28.15 -27.56
N ARG B 15 -39.94 27.25 -26.59
CA ARG B 15 -38.87 27.33 -25.61
C ARG B 15 -37.70 26.44 -26.01
N THR B 16 -37.81 25.78 -27.16
CA THR B 16 -36.80 24.82 -27.57
C THR B 16 -36.30 25.09 -28.99
N GLU B 17 -34.99 25.20 -29.12
CA GLU B 17 -34.36 25.27 -30.43
C GLU B 17 -34.58 23.94 -31.15
N GLU B 18 -34.93 24.00 -32.43
CA GLU B 18 -35.25 22.79 -33.18
C GLU B 18 -34.02 21.87 -33.22
N SER B 19 -32.84 22.49 -33.38
CA SER B 19 -31.59 21.77 -33.47
C SER B 19 -31.37 20.92 -32.20
N SER B 20 -31.76 21.48 -31.06
CA SER B 20 -31.64 20.76 -29.79
C SER B 20 -32.68 19.64 -29.68
N ALA B 21 -33.90 19.94 -30.09
CA ALA B 21 -35.01 19.00 -29.98
C ALA B 21 -34.77 17.75 -30.83
N VAL B 22 -34.27 17.98 -32.04
CA VAL B 22 -33.96 16.87 -32.94
C VAL B 22 -33.01 15.91 -32.23
N GLN B 23 -31.87 16.43 -31.80
CA GLN B 23 -30.85 15.63 -31.14
C GLN B 23 -31.45 14.94 -29.92
N TYR B 24 -32.23 15.71 -29.17
CA TYR B 24 -32.79 15.22 -27.90
C TYR B 24 -33.66 14.00 -28.12
N PHE B 25 -34.65 14.10 -29.01
CA PHE B 25 -35.58 12.98 -29.18
C PHE B 25 -34.96 11.87 -30.01
N GLN B 26 -33.98 12.23 -30.82
CA GLN B 26 -33.20 11.24 -31.54
C GLN B 26 -32.40 10.37 -30.56
N PHE B 27 -31.80 11.00 -29.56
CA PHE B 27 -31.08 10.27 -28.51
C PHE B 27 -31.96 9.22 -27.82
N TYR B 28 -33.18 9.59 -27.46
CA TYR B 28 -34.06 8.69 -26.72
C TYR B 28 -34.80 7.69 -27.63
N GLY B 29 -34.51 7.74 -28.92
CA GLY B 29 -35.07 6.77 -29.86
C GLY B 29 -34.30 5.46 -29.86
N TYR B 30 -33.18 5.43 -29.16
CA TYR B 30 -32.30 4.26 -29.13
C TYR B 30 -32.66 3.30 -28.00
N LEU B 31 -32.82 2.03 -28.35
CA LEU B 31 -33.14 0.99 -27.39
C LEU B 31 -32.02 0.82 -26.36
N SER B 32 -30.78 1.11 -26.75
CA SER B 32 -29.67 0.98 -25.83
C SER B 32 -29.79 1.97 -24.68
N GLN B 33 -30.36 3.14 -24.96
CA GLN B 33 -30.50 4.16 -23.94
C GLN B 33 -31.61 3.76 -22.98
N GLN B 34 -32.68 3.19 -23.54
CA GLN B 34 -33.76 2.64 -22.74
C GLN B 34 -33.21 1.53 -21.85
N GLN B 35 -32.41 0.65 -22.45
CA GLN B 35 -31.78 -0.42 -21.69
C GLN B 35 -30.94 0.19 -20.57
N ASN B 36 -30.16 1.20 -20.91
CA ASN B 36 -29.31 1.87 -19.92
C ASN B 36 -30.14 2.39 -18.75
N MET B 37 -31.26 3.05 -19.04
CA MET B 37 -32.12 3.56 -17.98
C MET B 37 -32.80 2.43 -17.19
N MET B 38 -33.25 1.41 -17.90
CA MET B 38 -33.95 0.29 -17.29
C MET B 38 -33.03 -0.55 -16.40
N GLN B 39 -31.74 -0.56 -16.72
CA GLN B 39 -30.78 -1.36 -15.97
C GLN B 39 -30.37 -0.66 -14.67
N ASP B 40 -30.82 0.58 -14.47
CA ASP B 40 -30.68 1.26 -13.20
C ASP B 40 -31.67 0.65 -12.21
N TYR B 41 -31.22 -0.36 -11.46
CA TYR B 41 -32.14 -1.13 -10.63
C TYR B 41 -32.78 -0.31 -9.52
N VAL B 42 -31.99 0.58 -8.92
CA VAL B 42 -32.50 1.43 -7.85
C VAL B 42 -33.71 2.22 -8.39
N ARG B 43 -33.49 2.85 -9.54
CA ARG B 43 -34.50 3.68 -10.21
C ARG B 43 -35.77 2.89 -10.48
N THR B 44 -35.61 1.83 -11.29
CA THR B 44 -36.73 1.05 -11.77
C THR B 44 -37.45 0.37 -10.61
N GLY B 45 -36.66 -0.21 -9.71
CA GLY B 45 -37.21 -0.88 -8.55
C GLY B 45 -37.99 0.08 -7.65
N THR B 46 -37.42 1.25 -7.40
CA THR B 46 -38.08 2.21 -6.54
C THR B 46 -39.37 2.71 -7.19
N TYR B 47 -39.34 2.97 -8.49
CA TYR B 47 -40.56 3.37 -9.18
C TYR B 47 -41.63 2.28 -9.04
N GLN B 48 -41.24 1.05 -9.34
CA GLN B 48 -42.19 -0.06 -9.23
C GLN B 48 -42.74 -0.20 -7.80
N ARG B 49 -41.89 -0.06 -6.79
CA ARG B 49 -42.41 -0.14 -5.41
C ARG B 49 -43.36 1.01 -5.14
N ALA B 50 -42.99 2.21 -5.56
CA ALA B 50 -43.83 3.37 -5.30
C ALA B 50 -45.20 3.19 -5.94
N ILE B 51 -45.23 2.59 -7.12
CA ILE B 51 -46.51 2.38 -7.77
C ILE B 51 -47.29 1.21 -7.18
N LEU B 52 -46.62 0.08 -6.98
CA LEU B 52 -47.30 -1.14 -6.51
C LEU B 52 -47.75 -1.06 -5.04
N GLN B 53 -46.93 -0.45 -4.18
CA GLN B 53 -47.29 -0.35 -2.77
C GLN B 53 -48.37 0.70 -2.53
N ASN B 54 -48.61 1.53 -3.55
CA ASN B 54 -49.71 2.50 -3.52
C ASN B 54 -50.72 2.14 -4.61
N HIS B 55 -51.02 0.87 -4.70
CA HIS B 55 -51.88 0.34 -5.76
C HIS B 55 -53.26 1.00 -5.74
N THR B 56 -53.70 1.43 -4.56
CA THR B 56 -55.02 2.05 -4.42
C THR B 56 -55.09 3.38 -5.15
N ASP B 57 -53.94 3.99 -5.38
CA ASP B 57 -53.86 5.25 -6.12
C ASP B 57 -53.97 5.02 -7.62
N PHE B 58 -53.96 3.74 -8.02
CA PHE B 58 -54.02 3.37 -9.42
C PHE B 58 -55.22 2.48 -9.74
N LYS B 59 -55.76 1.81 -8.74
CA LYS B 59 -56.82 0.83 -8.97
C LYS B 59 -58.03 1.45 -9.68
N ASP B 60 -58.30 0.94 -10.89
CA ASP B 60 -59.41 1.42 -11.71
C ASP B 60 -59.33 2.92 -11.99
N LYS B 61 -58.11 3.46 -12.04
CA LYS B 61 -57.92 4.88 -12.29
C LYS B 61 -57.49 5.15 -13.71
N ILE B 62 -57.57 6.41 -14.11
CA ILE B 62 -57.02 6.86 -15.40
C ILE B 62 -55.66 7.49 -15.18
N VAL B 63 -54.68 6.99 -15.92
CA VAL B 63 -53.30 7.36 -15.72
C VAL B 63 -52.72 8.05 -16.94
N LEU B 64 -51.88 9.06 -16.69
CA LEU B 64 -51.08 9.64 -17.78
C LEU B 64 -49.60 9.42 -17.51
N ASP B 65 -48.91 8.81 -18.48
CA ASP B 65 -47.46 8.58 -18.38
C ASP B 65 -46.74 9.55 -19.29
N VAL B 66 -46.09 10.57 -18.71
CA VAL B 66 -45.44 11.58 -19.53
C VAL B 66 -44.02 11.15 -19.87
N GLY B 67 -43.75 10.95 -21.17
CA GLY B 67 -42.45 10.49 -21.63
C GLY B 67 -42.21 9.05 -21.26
N CYS B 68 -43.08 8.17 -21.75
CA CYS B 68 -43.14 6.79 -21.30
C CYS B 68 -41.96 5.93 -21.75
N GLY B 69 -41.26 6.37 -22.81
CA GLY B 69 -40.17 5.58 -23.36
C GLY B 69 -40.60 4.20 -23.79
N SER B 70 -39.99 3.18 -23.21
CA SER B 70 -40.34 1.79 -23.50
C SER B 70 -41.73 1.45 -22.96
N GLY B 71 -42.20 2.24 -22.00
CA GLY B 71 -43.53 2.07 -21.43
C GLY B 71 -43.55 1.40 -20.07
N ILE B 72 -42.37 1.27 -19.46
CA ILE B 72 -42.20 0.47 -18.25
C ILE B 72 -43.11 0.94 -17.09
N LEU B 73 -43.24 2.24 -16.92
CA LEU B 73 -44.05 2.77 -15.84
C LEU B 73 -45.54 2.52 -16.10
N SER B 74 -45.94 2.54 -17.36
CA SER B 74 -47.32 2.23 -17.72
C SER B 74 -47.63 0.77 -17.37
N PHE B 75 -46.66 -0.11 -17.58
CA PHE B 75 -46.84 -1.51 -17.22
C PHE B 75 -46.94 -1.60 -15.69
N PHE B 76 -46.10 -0.85 -14.99
CA PHE B 76 -46.25 -0.80 -13.53
C PHE B 76 -47.62 -0.30 -13.10
N ALA B 77 -48.13 0.74 -13.77
CA ALA B 77 -49.47 1.25 -13.45
C ALA B 77 -50.53 0.19 -13.77
N ALA B 78 -50.33 -0.56 -14.85
CA ALA B 78 -51.25 -1.63 -15.21
C ALA B 78 -51.22 -2.76 -14.19
N GLN B 79 -50.03 -3.07 -13.67
CA GLN B 79 -49.88 -4.09 -12.64
C GLN B 79 -50.63 -3.72 -11.36
N ALA B 80 -50.75 -2.43 -11.11
CA ALA B 80 -51.41 -1.92 -9.90
C ALA B 80 -52.92 -1.76 -10.12
N GLY B 81 -53.40 -2.15 -11.30
CA GLY B 81 -54.84 -2.21 -11.56
C GLY B 81 -55.48 -1.01 -12.23
N ALA B 82 -54.68 -0.20 -12.93
CA ALA B 82 -55.21 0.96 -13.63
C ALA B 82 -56.20 0.51 -14.70
N ARG B 83 -57.21 1.33 -14.94
CA ARG B 83 -58.26 1.01 -15.90
C ARG B 83 -57.76 1.31 -17.31
N LYS B 84 -57.23 2.51 -17.49
CA LYS B 84 -56.66 2.94 -18.77
C LYS B 84 -55.46 3.84 -18.53
N ILE B 85 -54.41 3.65 -19.31
CA ILE B 85 -53.19 4.43 -19.17
C ILE B 85 -52.82 5.08 -20.50
N TYR B 86 -52.73 6.40 -20.53
CA TYR B 86 -52.28 7.09 -21.73
C TYR B 86 -50.78 7.32 -21.65
N ALA B 87 -50.04 6.64 -22.52
CA ALA B 87 -48.59 6.70 -22.50
C ALA B 87 -48.07 7.61 -23.61
N VAL B 88 -47.63 8.80 -23.23
CA VAL B 88 -47.19 9.81 -24.19
C VAL B 88 -45.66 9.76 -24.37
N GLU B 89 -45.23 9.64 -25.62
CA GLU B 89 -43.80 9.63 -25.94
C GLU B 89 -43.56 10.33 -27.27
N ALA B 90 -42.59 11.24 -27.29
CA ALA B 90 -42.35 12.08 -28.45
C ALA B 90 -41.31 11.51 -29.39
N SER B 91 -40.44 10.63 -28.87
CA SER B 91 -39.43 9.99 -29.70
C SER B 91 -40.05 8.78 -30.41
N THR B 92 -39.27 8.16 -31.28
CA THR B 92 -39.75 7.02 -32.06
C THR B 92 -39.92 5.78 -31.17
N MET B 93 -39.44 5.88 -29.93
CA MET B 93 -39.52 4.78 -28.98
C MET B 93 -40.98 4.37 -28.79
N ALA B 94 -41.88 5.33 -29.03
CA ALA B 94 -43.31 5.10 -28.90
C ALA B 94 -43.72 3.87 -29.69
N GLN B 95 -43.02 3.61 -30.80
CA GLN B 95 -43.38 2.49 -31.66
C GLN B 95 -43.06 1.19 -30.96
N HIS B 96 -41.98 1.21 -30.18
CA HIS B 96 -41.49 0.03 -29.49
C HIS B 96 -42.34 -0.23 -28.25
N ALA B 97 -42.78 0.86 -27.64
CA ALA B 97 -43.68 0.76 -26.49
C ALA B 97 -44.97 0.06 -26.93
N GLU B 98 -45.47 0.43 -28.11
CA GLU B 98 -46.68 -0.20 -28.64
C GLU B 98 -46.47 -1.70 -28.87
N VAL B 99 -45.29 -2.06 -29.38
CA VAL B 99 -44.98 -3.47 -29.63
C VAL B 99 -45.04 -4.25 -28.31
N LEU B 100 -44.51 -3.67 -27.24
CA LEU B 100 -44.53 -4.33 -25.94
C LEU B 100 -45.96 -4.43 -25.39
N VAL B 101 -46.76 -3.40 -25.63
CA VAL B 101 -48.14 -3.41 -25.17
C VAL B 101 -48.89 -4.58 -25.79
N LYS B 102 -48.71 -4.77 -27.09
CA LYS B 102 -49.36 -5.87 -27.80
C LYS B 102 -48.85 -7.22 -27.34
N SER B 103 -47.53 -7.35 -27.24
CA SER B 103 -46.92 -8.62 -26.88
C SER B 103 -47.21 -8.97 -25.42
N ASN B 104 -47.56 -7.97 -24.62
CA ASN B 104 -47.92 -8.19 -23.23
C ASN B 104 -49.45 -8.21 -23.04
N ASN B 105 -50.18 -8.18 -24.15
CA ASN B 105 -51.64 -8.28 -24.13
C ASN B 105 -52.30 -7.25 -23.20
N LEU B 106 -51.87 -6.00 -23.30
CA LEU B 106 -52.40 -4.94 -22.46
C LEU B 106 -53.00 -3.80 -23.29
N THR B 107 -53.46 -4.14 -24.49
CA THR B 107 -54.02 -3.14 -25.40
C THR B 107 -55.29 -2.49 -24.84
N ASP B 108 -55.97 -3.19 -23.93
CA ASP B 108 -57.20 -2.68 -23.33
C ASP B 108 -56.92 -1.75 -22.15
N ARG B 109 -55.65 -1.62 -21.77
CA ARG B 109 -55.28 -0.85 -20.58
C ARG B 109 -54.26 0.24 -20.87
N ILE B 110 -53.34 -0.01 -21.80
CA ILE B 110 -52.34 1.00 -22.17
C ILE B 110 -52.54 1.48 -23.61
N VAL B 111 -52.75 2.79 -23.74
CA VAL B 111 -52.88 3.43 -25.04
C VAL B 111 -51.67 4.32 -25.23
N VAL B 112 -50.81 3.97 -26.19
CA VAL B 112 -49.65 4.77 -26.50
C VAL B 112 -50.09 5.93 -27.39
N ILE B 113 -49.78 7.15 -26.95
CA ILE B 113 -50.06 8.33 -27.76
C ILE B 113 -48.74 8.99 -28.15
N PRO B 114 -48.31 8.81 -29.40
CA PRO B 114 -47.07 9.43 -29.89
C PRO B 114 -47.20 10.94 -30.06
N GLY B 115 -46.15 11.65 -29.67
CA GLY B 115 -46.11 13.10 -29.77
C GLY B 115 -45.66 13.74 -28.47
N LYS B 116 -45.46 15.05 -28.52
CA LYS B 116 -45.05 15.80 -27.35
C LYS B 116 -46.28 16.00 -26.47
N VAL B 117 -46.11 15.89 -25.16
CA VAL B 117 -47.25 15.98 -24.24
C VAL B 117 -47.87 17.37 -24.34
N GLU B 118 -47.10 18.34 -24.82
CA GLU B 118 -47.58 19.70 -25.00
C GLU B 118 -48.46 19.85 -26.24
N GLU B 119 -48.51 18.83 -27.09
CA GLU B 119 -49.15 18.96 -28.39
C GLU B 119 -50.26 17.94 -28.64
N VAL B 120 -50.20 16.79 -27.95
CA VAL B 120 -51.20 15.74 -28.16
C VAL B 120 -52.54 16.13 -27.55
N SER B 121 -53.58 15.38 -27.93
CA SER B 121 -54.91 15.55 -27.36
C SER B 121 -55.33 14.28 -26.63
N LEU B 122 -55.71 14.43 -25.37
CA LEU B 122 -56.18 13.30 -24.58
C LEU B 122 -57.70 13.24 -24.57
N PRO B 123 -58.29 12.02 -24.64
CA PRO B 123 -59.75 11.94 -24.66
C PRO B 123 -60.41 12.39 -23.36
N GLU B 124 -59.70 12.24 -22.24
CA GLU B 124 -60.27 12.52 -20.92
C GLU B 124 -59.22 13.00 -19.91
N GLN B 125 -59.70 13.56 -18.81
CA GLN B 125 -58.83 13.96 -17.71
C GLN B 125 -58.40 12.71 -16.93
N VAL B 126 -57.24 12.78 -16.29
CA VAL B 126 -56.66 11.61 -15.62
C VAL B 126 -56.71 11.79 -14.10
N ASP B 127 -56.62 10.67 -13.39
CA ASP B 127 -56.63 10.67 -11.93
C ASP B 127 -55.22 10.90 -11.39
N ILE B 128 -54.22 10.44 -12.12
CA ILE B 128 -52.85 10.52 -11.67
C ILE B 128 -51.87 10.63 -12.83
N ILE B 129 -50.85 11.46 -12.65
CA ILE B 129 -49.80 11.59 -13.65
C ILE B 129 -48.53 10.91 -13.14
N ILE B 130 -48.00 10.00 -13.96
CA ILE B 130 -46.71 9.39 -13.68
C ILE B 130 -45.70 9.82 -14.72
N SER B 131 -44.46 9.97 -14.28
CA SER B 131 -43.38 10.35 -15.15
C SER B 131 -42.04 10.16 -14.46
N GLU B 132 -41.00 10.13 -15.28
CA GLU B 132 -39.63 10.17 -14.78
C GLU B 132 -38.88 11.26 -15.51
N PRO B 133 -39.15 12.53 -15.12
CA PRO B 133 -38.66 13.69 -15.84
C PRO B 133 -37.35 14.26 -15.30
N MET B 134 -36.71 13.55 -14.38
CA MET B 134 -35.51 14.07 -13.75
C MET B 134 -34.29 13.91 -14.64
N GLY B 135 -33.52 14.99 -14.77
CA GLY B 135 -32.24 14.93 -15.43
C GLY B 135 -31.12 15.16 -14.43
N TYR B 136 -29.90 15.33 -14.93
CA TYR B 136 -28.77 15.63 -14.07
C TYR B 136 -29.08 16.90 -13.29
N MET B 137 -28.65 16.92 -12.03
CA MET B 137 -28.96 18.04 -11.14
C MET B 137 -30.46 18.33 -11.18
N LEU B 138 -31.24 17.28 -11.32
CA LEU B 138 -32.71 17.33 -11.37
C LEU B 138 -33.26 18.05 -12.61
N PHE B 139 -32.78 19.25 -12.87
CA PHE B 139 -33.45 20.14 -13.83
C PHE B 139 -32.99 20.00 -15.28
N ASN B 140 -31.87 19.32 -15.52
CA ASN B 140 -31.38 19.20 -16.89
C ASN B 140 -32.42 18.54 -17.80
N GLU B 141 -32.41 18.95 -19.07
CA GLU B 141 -33.34 18.48 -20.10
C GLU B 141 -34.69 19.20 -20.06
N ARG B 142 -34.94 19.93 -18.97
CA ARG B 142 -36.14 20.76 -18.87
C ARG B 142 -37.45 19.99 -19.02
N MET B 143 -37.44 18.70 -18.67
CA MET B 143 -38.65 17.90 -18.83
C MET B 143 -39.62 18.08 -17.67
N LEU B 144 -39.14 18.62 -16.55
CA LEU B 144 -40.03 18.92 -15.43
C LEU B 144 -41.15 19.86 -15.88
N GLU B 145 -40.84 20.74 -16.83
CA GLU B 145 -41.83 21.65 -17.38
C GLU B 145 -42.88 20.93 -18.21
N SER B 146 -42.48 19.86 -18.90
CA SER B 146 -43.44 19.05 -19.64
C SER B 146 -44.33 18.32 -18.64
N TYR B 147 -43.68 17.80 -17.60
CA TYR B 147 -44.36 17.08 -16.53
C TYR B 147 -45.39 17.98 -15.88
N LEU B 148 -45.01 19.22 -15.59
CA LEU B 148 -45.94 20.17 -15.01
C LEU B 148 -46.98 20.62 -16.02
N HIS B 149 -46.57 20.80 -17.27
CA HIS B 149 -47.48 21.20 -18.33
C HIS B 149 -48.62 20.19 -18.46
N ALA B 150 -48.29 18.92 -18.27
CA ALA B 150 -49.30 17.85 -18.37
C ALA B 150 -50.42 17.95 -17.33
N LYS B 151 -50.24 18.82 -16.33
CA LYS B 151 -51.23 18.98 -15.27
C LYS B 151 -52.54 19.56 -15.79
N LYS B 152 -52.53 20.02 -17.04
CA LYS B 152 -53.75 20.48 -17.69
C LYS B 152 -54.73 19.33 -17.92
N TYR B 153 -54.20 18.10 -17.91
CA TYR B 153 -55.03 16.91 -18.07
C TYR B 153 -55.39 16.29 -16.72
N LEU B 154 -54.96 16.91 -15.63
CA LEU B 154 -55.16 16.35 -14.31
C LEU B 154 -56.47 16.83 -13.68
N LYS B 155 -57.24 15.89 -13.16
CA LYS B 155 -58.44 16.22 -12.40
C LYS B 155 -58.02 17.09 -11.23
N PRO B 156 -58.94 17.92 -10.69
CA PRO B 156 -58.57 18.82 -9.59
C PRO B 156 -57.86 18.19 -8.38
N SER B 157 -58.25 16.99 -7.97
CA SER B 157 -57.59 16.33 -6.83
C SER B 157 -56.53 15.35 -7.28
N GLY B 158 -56.12 15.46 -8.53
CA GLY B 158 -55.25 14.47 -9.09
C GLY B 158 -53.93 14.41 -8.36
N ASN B 159 -53.22 13.32 -8.57
CA ASN B 159 -51.97 13.09 -7.87
C ASN B 159 -50.80 13.05 -8.84
N MET B 160 -49.61 13.25 -8.30
CA MET B 160 -48.39 13.31 -9.11
C MET B 160 -47.37 12.31 -8.58
N PHE B 161 -46.87 11.48 -9.49
CA PHE B 161 -45.85 10.50 -9.14
C PHE B 161 -44.64 10.70 -10.06
N PRO B 162 -43.56 11.31 -9.56
CA PRO B 162 -43.35 11.80 -8.17
C PRO B 162 -44.16 13.04 -7.84
N THR B 163 -44.30 13.30 -6.54
CA THR B 163 -45.11 14.39 -6.04
C THR B 163 -44.27 15.63 -5.75
N ILE B 164 -43.11 15.41 -5.15
CA ILE B 164 -42.19 16.48 -4.83
C ILE B 164 -40.76 16.11 -5.19
N GLY B 165 -39.94 17.14 -5.40
CA GLY B 165 -38.53 16.98 -5.68
C GLY B 165 -37.66 17.87 -4.81
N ASP B 166 -36.64 17.29 -4.21
CA ASP B 166 -35.68 18.03 -3.40
C ASP B 166 -34.33 18.10 -4.07
N VAL B 167 -33.83 19.32 -4.28
CA VAL B 167 -32.46 19.51 -4.73
C VAL B 167 -31.60 19.83 -3.52
N HIS B 168 -30.53 19.07 -3.36
CA HIS B 168 -29.58 19.29 -2.28
C HIS B 168 -28.28 19.85 -2.84
N LEU B 169 -27.77 20.88 -2.19
CA LEU B 169 -26.45 21.42 -2.52
C LEU B 169 -25.58 21.57 -1.27
N ALA B 170 -24.30 21.20 -1.39
CA ALA B 170 -23.36 21.32 -0.26
C ALA B 170 -21.93 21.58 -0.73
N PRO B 171 -21.16 22.39 0.00
CA PRO B 171 -19.77 22.64 -0.42
C PRO B 171 -18.87 21.43 -0.26
N PHE B 172 -17.91 21.26 -1.17
CA PHE B 172 -17.02 20.10 -1.10
C PHE B 172 -15.54 20.47 -1.29
N THR B 173 -14.67 19.59 -0.81
CA THR B 173 -13.23 19.71 -1.07
C THR B 173 -12.79 18.48 -1.84
N ASP B 174 -12.12 18.70 -2.96
CA ASP B 174 -11.59 17.62 -3.78
C ASP B 174 -10.47 18.17 -4.65
N GLU B 175 -9.27 18.17 -4.07
CA GLU B 175 -8.11 18.75 -4.72
C GLU B 175 -7.84 17.98 -6.02
N GLN B 176 -8.10 16.68 -5.96
CA GLN B 176 -7.79 15.80 -7.08
C GLN B 176 -8.60 16.23 -8.32
N LEU B 177 -9.89 16.46 -8.14
CA LEU B 177 -10.77 16.89 -9.24
C LEU B 177 -10.35 18.26 -9.80
N TYR B 178 -10.05 19.17 -8.88
CA TYR B 178 -9.70 20.53 -9.24
C TYR B 178 -8.41 20.54 -10.05
N MET B 179 -7.38 19.85 -9.57
CA MET B 179 -6.15 19.80 -10.34
C MET B 179 -6.36 19.03 -11.63
N GLU B 180 -7.22 18.02 -11.62
CA GLU B 180 -7.49 17.30 -12.85
C GLU B 180 -8.01 18.24 -13.93
N GLN B 181 -8.98 19.08 -13.59
CA GLN B 181 -9.49 20.07 -14.56
C GLN B 181 -8.49 21.20 -14.87
N PHE B 182 -7.79 21.65 -13.83
CA PHE B 182 -6.85 22.76 -13.95
C PHE B 182 -5.71 22.36 -14.90
N THR B 183 -5.27 21.11 -14.79
CA THR B 183 -4.25 20.56 -15.67
C THR B 183 -4.72 20.52 -17.12
N LYS B 184 -5.98 20.14 -17.33
CA LYS B 184 -6.53 20.10 -18.68
C LYS B 184 -6.58 21.50 -19.25
N ALA B 185 -6.98 22.47 -18.43
CA ALA B 185 -7.00 23.85 -18.91
C ALA B 185 -5.59 24.39 -19.14
N ASN B 186 -4.63 23.93 -18.35
CA ASN B 186 -3.25 24.43 -18.48
C ASN B 186 -2.52 24.00 -19.78
N PHE B 187 -3.17 23.22 -20.64
CA PHE B 187 -2.60 22.94 -21.95
C PHE B 187 -2.41 24.25 -22.71
N TRP B 188 -3.37 25.15 -22.54
CA TRP B 188 -3.37 26.44 -23.21
C TRP B 188 -2.45 27.45 -22.52
N TYR B 189 -1.69 26.95 -21.56
CA TYR B 189 -0.68 27.74 -20.85
C TYR B 189 0.66 27.65 -21.56
N GLN B 190 0.80 26.66 -22.46
CA GLN B 190 2.06 26.46 -23.13
C GLN B 190 2.46 27.66 -23.99
N PRO B 191 3.70 28.15 -23.82
CA PRO B 191 4.23 29.27 -24.61
C PRO B 191 4.84 28.79 -25.92
N SER B 192 5.05 27.48 -26.06
CA SER B 192 5.69 26.95 -27.24
C SER B 192 5.27 25.53 -27.58
N PHE B 193 3.98 25.36 -27.84
CA PHE B 193 3.45 24.09 -28.35
C PHE B 193 3.77 23.96 -29.84
N HIS B 194 4.75 23.11 -30.15
CA HIS B 194 5.25 22.97 -31.52
C HIS B 194 5.65 24.34 -32.07
N GLY B 195 6.16 25.19 -31.18
CA GLY B 195 6.65 26.51 -31.57
C GLY B 195 5.63 27.64 -31.49
N VAL B 196 4.41 27.33 -31.05
CA VAL B 196 3.33 28.32 -31.02
C VAL B 196 2.97 28.68 -29.59
N ASP B 197 2.85 29.99 -29.32
CA ASP B 197 2.44 30.48 -28.02
C ASP B 197 0.92 30.48 -27.88
N LEU B 198 0.41 29.58 -27.04
CA LEU B 198 -1.03 29.42 -26.85
C LEU B 198 -1.57 30.21 -25.66
N SER B 199 -0.67 30.79 -24.88
CA SER B 199 -1.00 31.27 -23.54
C SER B 199 -2.17 32.26 -23.50
N ALA B 200 -2.35 33.05 -24.55
CA ALA B 200 -3.36 34.10 -24.55
C ALA B 200 -4.76 33.52 -24.46
N LEU B 201 -4.89 32.22 -24.71
CA LEU B 201 -6.18 31.54 -24.66
C LEU B 201 -6.39 30.78 -23.36
N ARG B 202 -5.43 30.83 -22.43
CA ARG B 202 -5.60 30.06 -21.19
C ARG B 202 -6.85 30.46 -20.43
N GLY B 203 -7.12 31.76 -20.36
CA GLY B 203 -8.29 32.26 -19.66
C GLY B 203 -9.55 31.68 -20.26
N ALA B 204 -9.63 31.71 -21.58
CA ALA B 204 -10.79 31.16 -22.29
C ALA B 204 -10.86 29.65 -22.05
N ALA B 205 -9.69 29.01 -21.97
CA ALA B 205 -9.63 27.57 -21.74
C ALA B 205 -10.11 27.21 -20.34
N VAL B 206 -9.62 27.94 -19.35
CA VAL B 206 -10.03 27.72 -17.96
C VAL B 206 -11.54 27.92 -17.87
N ASP B 207 -12.04 29.00 -18.45
CA ASP B 207 -13.48 29.28 -18.42
C ASP B 207 -14.27 28.12 -19.01
N GLU B 208 -13.83 27.62 -20.16
CA GLU B 208 -14.56 26.58 -20.87
C GLU B 208 -14.64 25.29 -20.03
N TYR B 209 -13.50 24.86 -19.49
CA TYR B 209 -13.46 23.63 -18.72
C TYR B 209 -14.25 23.73 -17.42
N PHE B 210 -14.17 24.88 -16.76
CA PHE B 210 -14.82 25.03 -15.47
C PHE B 210 -16.32 25.29 -15.61
N ARG B 211 -16.78 25.59 -16.82
CA ARG B 211 -18.20 25.71 -17.09
C ARG B 211 -18.87 24.32 -17.12
N GLN B 212 -18.08 23.26 -17.19
CA GLN B 212 -18.64 21.91 -17.26
C GLN B 212 -18.90 21.34 -15.87
N PRO B 213 -20.18 21.12 -15.53
CA PRO B 213 -20.45 20.38 -14.29
C PRO B 213 -19.88 18.97 -14.35
N VAL B 214 -19.34 18.48 -13.24
CA VAL B 214 -18.73 17.16 -13.22
C VAL B 214 -19.74 16.15 -12.69
N VAL B 215 -20.10 15.19 -13.54
CA VAL B 215 -21.01 14.12 -13.18
C VAL B 215 -20.24 12.88 -12.79
N ASP B 216 -20.38 12.48 -11.52
CA ASP B 216 -19.80 11.24 -11.05
C ASP B 216 -20.20 11.07 -9.60
N THR B 217 -19.61 10.09 -8.91
CA THR B 217 -19.92 9.90 -7.50
C THR B 217 -18.67 10.21 -6.69
N PHE B 218 -18.82 10.26 -5.37
CA PHE B 218 -17.72 10.62 -4.49
C PHE B 218 -17.99 10.17 -3.06
N ASP B 219 -16.96 10.18 -2.23
CA ASP B 219 -17.11 9.84 -0.82
C ASP B 219 -17.73 11.02 -0.08
N ILE B 220 -18.66 10.75 0.82
CA ILE B 220 -19.41 11.80 1.49
C ILE B 220 -18.56 12.67 2.43
N ARG B 221 -17.34 12.22 2.73
CA ARG B 221 -16.49 12.95 3.67
C ARG B 221 -15.87 14.18 3.01
N ILE B 222 -16.04 14.32 1.70
CA ILE B 222 -15.49 15.47 1.02
C ILE B 222 -16.42 16.65 1.24
N LEU B 223 -17.62 16.36 1.74
CA LEU B 223 -18.60 17.40 2.02
C LEU B 223 -18.21 18.13 3.31
N MET B 224 -18.25 19.46 3.26
CA MET B 224 -17.72 20.28 4.33
C MET B 224 -18.82 20.93 5.15
N ALA B 225 -20.07 20.70 4.78
CA ALA B 225 -21.20 21.28 5.51
C ALA B 225 -22.50 20.54 5.21
N LYS B 226 -23.48 20.71 6.08
CA LYS B 226 -24.81 20.16 5.85
C LYS B 226 -25.40 20.71 4.58
N SER B 227 -26.07 19.84 3.82
CA SER B 227 -26.63 20.27 2.55
C SER B 227 -27.77 21.24 2.79
N VAL B 228 -27.94 22.15 1.83
CA VAL B 228 -29.10 23.02 1.83
C VAL B 228 -30.08 22.43 0.83
N LYS B 229 -31.35 22.44 1.21
CA LYS B 229 -32.41 21.80 0.43
C LYS B 229 -33.33 22.83 -0.22
N TYR B 230 -33.59 22.62 -1.50
CA TYR B 230 -34.57 23.39 -2.27
C TYR B 230 -35.64 22.47 -2.83
N THR B 231 -36.90 22.77 -2.50
CA THR B 231 -37.99 21.85 -2.82
C THR B 231 -38.93 22.38 -3.89
N VAL B 232 -39.25 21.52 -4.85
CA VAL B 232 -40.27 21.79 -5.85
C VAL B 232 -41.45 20.86 -5.61
N ASN B 233 -42.61 21.45 -5.33
CA ASN B 233 -43.85 20.71 -5.18
C ASN B 233 -44.58 20.61 -6.51
N PHE B 234 -44.53 19.43 -7.13
CA PHE B 234 -45.09 19.22 -8.46
C PHE B 234 -46.60 19.40 -8.49
N LEU B 235 -47.24 19.27 -7.33
CA LEU B 235 -48.68 19.47 -7.24
C LEU B 235 -49.05 20.95 -7.37
N GLU B 236 -48.12 21.82 -6.98
CA GLU B 236 -48.38 23.26 -6.91
C GLU B 236 -47.60 24.07 -7.95
N ALA B 237 -46.43 23.59 -8.33
CA ALA B 237 -45.54 24.37 -9.19
C ALA B 237 -46.12 24.53 -10.59
N LYS B 238 -45.81 25.66 -11.22
CA LYS B 238 -46.20 25.92 -12.60
C LYS B 238 -44.95 25.88 -13.50
N GLU B 239 -45.15 25.73 -14.80
CA GLU B 239 -44.02 25.66 -15.74
C GLU B 239 -43.07 26.84 -15.54
N GLY B 240 -43.66 28.03 -15.47
CA GLY B 240 -42.89 29.25 -15.40
C GLY B 240 -41.98 29.31 -14.19
N ASP B 241 -42.30 28.53 -13.17
CA ASP B 241 -41.49 28.52 -11.95
C ASP B 241 -40.10 27.99 -12.25
N LEU B 242 -39.94 27.26 -13.34
CA LEU B 242 -38.67 26.62 -13.62
C LEU B 242 -37.85 27.38 -14.68
N HIS B 243 -38.37 28.50 -15.13
CA HIS B 243 -37.65 29.32 -16.10
C HIS B 243 -36.45 30.01 -15.45
N ARG B 244 -36.63 30.46 -14.22
CA ARG B 244 -35.57 31.11 -13.46
C ARG B 244 -35.63 30.61 -12.00
N ILE B 245 -34.66 29.79 -11.62
CA ILE B 245 -34.66 29.16 -10.30
C ILE B 245 -33.57 29.76 -9.42
N GLU B 246 -33.97 30.50 -8.39
CA GLU B 246 -33.01 31.11 -7.47
C GLU B 246 -32.94 30.36 -6.14
N ILE B 247 -31.77 29.81 -5.85
CA ILE B 247 -31.54 29.04 -4.62
C ILE B 247 -30.51 29.74 -3.72
N PRO B 248 -30.98 30.51 -2.72
CA PRO B 248 -30.05 31.08 -1.75
C PRO B 248 -29.50 30.01 -0.82
N PHE B 249 -28.27 30.17 -0.34
CA PHE B 249 -27.71 29.21 0.62
C PHE B 249 -26.86 29.89 1.69
N LYS B 250 -26.88 29.27 2.87
CA LYS B 250 -26.05 29.68 4.00
C LYS B 250 -25.52 28.43 4.72
N PHE B 251 -24.30 28.04 4.36
CA PHE B 251 -23.67 26.85 4.94
C PHE B 251 -22.89 27.14 6.21
N HIS B 252 -23.07 26.30 7.21
CA HIS B 252 -22.24 26.35 8.41
C HIS B 252 -21.16 25.28 8.31
N MET B 253 -19.94 25.74 8.06
CA MET B 253 -18.82 24.86 7.77
C MET B 253 -18.48 23.96 8.95
N LEU B 254 -18.48 22.65 8.72
CA LEU B 254 -18.18 21.68 9.75
C LEU B 254 -16.69 21.35 9.77
N HIS B 255 -16.02 21.58 8.65
CA HIS B 255 -14.59 21.32 8.54
C HIS B 255 -13.86 22.52 7.96
N SER B 256 -12.59 22.65 8.33
CA SER B 256 -11.73 23.68 7.76
C SER B 256 -11.10 23.13 6.50
N GLY B 257 -10.84 24.01 5.54
CA GLY B 257 -10.21 23.59 4.30
C GLY B 257 -10.59 24.43 3.10
N LEU B 258 -10.21 23.93 1.93
CA LEU B 258 -10.47 24.60 0.68
C LEU B 258 -11.79 24.13 0.09
N VAL B 259 -12.70 25.08 -0.14
CA VAL B 259 -13.95 24.81 -0.82
C VAL B 259 -13.68 24.93 -2.31
N HIS B 260 -13.75 23.80 -3.01
CA HIS B 260 -13.48 23.77 -4.45
C HIS B 260 -14.75 23.95 -5.25
N GLY B 261 -15.89 23.86 -4.60
CA GLY B 261 -17.17 24.08 -5.26
C GLY B 261 -18.34 23.50 -4.52
N LEU B 262 -19.45 23.38 -5.24
CA LEU B 262 -20.69 22.88 -4.64
C LEU B 262 -21.10 21.57 -5.28
N ALA B 263 -21.48 20.62 -4.44
CA ALA B 263 -22.00 19.34 -4.88
C ALA B 263 -23.52 19.38 -4.84
N PHE B 264 -24.10 18.78 -5.87
CA PHE B 264 -25.54 18.73 -6.10
C PHE B 264 -26.04 17.30 -6.25
N TRP B 265 -27.19 17.06 -5.64
CA TRP B 265 -27.94 15.83 -5.88
C TRP B 265 -29.42 16.10 -5.63
N PHE B 266 -30.27 15.10 -5.83
CA PHE B 266 -31.69 15.31 -5.64
C PHE B 266 -32.44 14.07 -5.15
N ASP B 267 -33.56 14.31 -4.47
CA ASP B 267 -34.49 13.26 -4.07
C ASP B 267 -35.83 13.54 -4.72
N VAL B 268 -36.61 12.49 -4.98
CA VAL B 268 -38.01 12.68 -5.33
C VAL B 268 -38.84 11.80 -4.44
N ALA B 269 -40.04 12.28 -4.09
CA ALA B 269 -40.94 11.49 -3.24
C ALA B 269 -42.25 11.17 -3.93
N PHE B 270 -42.63 9.90 -3.84
CA PHE B 270 -43.93 9.45 -4.31
C PHE B 270 -44.83 9.37 -3.09
N ILE B 271 -45.61 10.43 -2.88
CA ILE B 271 -46.49 10.55 -1.74
C ILE B 271 -47.83 9.92 -2.07
N GLY B 272 -47.98 8.64 -1.75
CA GLY B 272 -49.20 7.93 -2.04
C GLY B 272 -50.12 7.79 -0.84
N SER B 273 -51.29 7.21 -1.07
CA SER B 273 -52.31 7.05 -0.05
C SER B 273 -51.91 6.02 1.01
N ILE B 274 -51.15 5.01 0.61
CA ILE B 274 -50.75 3.95 1.52
C ILE B 274 -49.43 4.29 2.19
N MET B 275 -48.47 4.80 1.41
CA MET B 275 -47.18 5.19 1.95
C MET B 275 -46.43 6.15 1.04
N THR B 276 -45.43 6.81 1.61
CA THR B 276 -44.57 7.70 0.85
C THR B 276 -43.28 6.96 0.54
N VAL B 277 -42.97 6.85 -0.75
CA VAL B 277 -41.74 6.16 -1.17
C VAL B 277 -40.75 7.17 -1.72
N TRP B 278 -39.51 7.10 -1.26
CA TRP B 278 -38.48 8.03 -1.69
C TRP B 278 -37.51 7.41 -2.69
N LEU B 279 -37.19 8.16 -3.73
CA LEU B 279 -36.11 7.80 -4.64
C LEU B 279 -35.01 8.84 -4.49
N SER B 280 -33.84 8.40 -4.01
CA SER B 280 -32.75 9.31 -3.68
C SER B 280 -31.51 9.06 -4.53
N THR B 281 -30.87 10.14 -4.95
CA THR B 281 -29.60 10.07 -5.67
C THR B 281 -28.47 10.63 -4.83
N ALA B 282 -28.69 10.71 -3.52
CA ALA B 282 -27.69 11.24 -2.60
C ALA B 282 -26.44 10.35 -2.60
N PRO B 283 -25.27 10.94 -2.30
CA PRO B 283 -24.03 10.16 -2.26
C PRO B 283 -23.97 9.21 -1.07
N THR B 284 -24.89 9.35 -0.12
CA THR B 284 -25.00 8.43 1.00
C THR B 284 -25.84 7.21 0.64
N GLU B 285 -26.50 7.27 -0.52
CA GLU B 285 -27.40 6.22 -0.95
C GLU B 285 -26.76 5.44 -2.09
N PRO B 286 -27.28 4.23 -2.39
CA PRO B 286 -26.78 3.47 -3.54
C PRO B 286 -26.74 4.27 -4.83
N LEU B 287 -25.72 4.04 -5.64
CA LEU B 287 -25.51 4.83 -6.85
C LEU B 287 -26.60 4.61 -7.90
N THR B 288 -27.01 5.70 -8.53
CA THR B 288 -27.95 5.63 -9.66
C THR B 288 -27.26 6.15 -10.90
N HIS B 289 -27.96 6.10 -12.04
N HIS B 289 -27.95 6.06 -12.04
CA HIS B 289 -27.39 6.55 -13.30
CA HIS B 289 -27.42 6.54 -13.30
C HIS B 289 -27.41 8.08 -13.36
C HIS B 289 -27.43 8.07 -13.37
N TRP B 290 -27.98 8.71 -12.34
CA TRP B 290 -27.94 10.15 -12.22
C TRP B 290 -26.65 10.58 -11.53
N TYR B 291 -26.02 9.65 -10.81
CA TYR B 291 -24.79 9.93 -10.07
C TYR B 291 -24.94 11.16 -9.18
N GLN B 292 -23.89 11.98 -9.08
CA GLN B 292 -24.01 13.30 -8.49
C GLN B 292 -23.35 14.32 -9.39
N VAL B 293 -23.68 15.58 -9.18
CA VAL B 293 -23.15 16.64 -10.02
C VAL B 293 -22.40 17.63 -9.16
N ARG B 294 -21.18 17.97 -9.57
CA ARG B 294 -20.41 18.96 -8.83
C ARG B 294 -20.02 20.14 -9.70
N CYS B 295 -20.21 21.34 -9.16
CA CYS B 295 -19.81 22.56 -9.85
C CYS B 295 -18.57 23.14 -9.18
N LEU B 296 -17.49 23.20 -9.95
CA LEU B 296 -16.20 23.70 -9.49
C LEU B 296 -16.09 25.21 -9.53
N PHE B 297 -15.37 25.74 -8.55
CA PHE B 297 -14.93 27.14 -8.57
C PHE B 297 -13.62 27.22 -9.33
N GLN B 298 -13.41 28.32 -10.05
CA GLN B 298 -12.16 28.48 -10.78
C GLN B 298 -11.01 28.55 -9.79
N SER B 299 -11.23 29.26 -8.68
CA SER B 299 -10.26 29.27 -7.59
C SER B 299 -11.01 28.96 -6.29
N PRO B 300 -10.55 27.96 -5.51
CA PRO B 300 -11.24 27.57 -4.28
C PRO B 300 -11.26 28.65 -3.20
N LEU B 301 -12.20 28.54 -2.28
CA LEU B 301 -12.33 29.50 -1.17
C LEU B 301 -11.86 28.85 0.11
N PHE B 302 -10.99 29.52 0.87
CA PHE B 302 -10.56 28.94 2.14
C PHE B 302 -11.56 29.23 3.23
N ALA B 303 -11.93 28.19 3.99
CA ALA B 303 -12.84 28.37 5.10
C ALA B 303 -12.44 27.58 6.34
N LYS B 304 -12.64 28.20 7.49
CA LYS B 304 -12.44 27.54 8.79
C LYS B 304 -13.76 26.98 9.31
N ALA B 305 -13.66 25.97 10.16
CA ALA B 305 -14.84 25.41 10.81
C ALA B 305 -15.51 26.48 11.65
N GLY B 306 -16.82 26.62 11.47
CA GLY B 306 -17.58 27.63 12.20
C GLY B 306 -17.92 28.82 11.33
N ASP B 307 -17.17 28.99 10.25
CA ASP B 307 -17.43 30.04 9.27
C ASP B 307 -18.75 29.76 8.57
N THR B 308 -19.31 30.78 7.91
CA THR B 308 -20.52 30.58 7.15
C THR B 308 -20.20 30.85 5.68
N LEU B 309 -20.61 29.93 4.81
CA LEU B 309 -20.43 30.13 3.37
C LEU B 309 -21.78 30.46 2.78
N SER B 310 -21.97 31.71 2.38
CA SER B 310 -23.29 32.12 1.92
C SER B 310 -23.24 32.59 0.49
N GLY B 311 -24.41 32.57 -0.15
CA GLY B 311 -24.53 33.07 -1.51
C GLY B 311 -25.73 32.56 -2.23
N THR B 312 -25.66 32.59 -3.57
CA THR B 312 -26.80 32.22 -4.40
C THR B 312 -26.42 31.36 -5.59
N CYS B 313 -27.24 30.33 -5.80
CA CYS B 313 -27.18 29.53 -7.01
C CYS B 313 -28.39 29.84 -7.89
N LEU B 314 -28.14 30.49 -9.02
CA LEU B 314 -29.20 30.91 -9.92
C LEU B 314 -29.18 30.09 -11.23
N LEU B 315 -30.30 29.43 -11.51
CA LEU B 315 -30.45 28.62 -12.72
C LEU B 315 -31.37 29.30 -13.72
N ILE B 316 -30.87 29.63 -14.92
CA ILE B 316 -31.69 30.27 -15.94
C ILE B 316 -31.91 29.29 -17.09
N ALA B 317 -33.16 28.92 -17.35
CA ALA B 317 -33.46 27.95 -18.39
C ALA B 317 -33.05 28.50 -19.77
N ASN B 318 -32.48 27.66 -20.62
CA ASN B 318 -32.10 28.10 -21.97
C ASN B 318 -32.86 27.32 -23.02
N LYS B 319 -32.69 27.73 -24.28
CA LYS B 319 -33.45 27.14 -25.37
C LYS B 319 -32.83 25.83 -25.86
N ARG B 320 -31.72 25.43 -25.25
CA ARG B 320 -31.11 24.15 -25.56
C ARG B 320 -31.53 23.10 -24.54
N GLN B 321 -32.71 23.28 -23.95
CA GLN B 321 -33.27 22.33 -23.00
C GLN B 321 -32.37 22.10 -21.80
N SER B 322 -31.75 23.16 -21.31
CA SER B 322 -30.87 23.07 -20.16
C SER B 322 -30.88 24.38 -19.38
N TYR B 323 -29.84 24.60 -18.59
CA TYR B 323 -29.77 25.77 -17.74
C TYR B 323 -28.41 26.44 -17.81
N ASP B 324 -28.44 27.77 -17.76
CA ASP B 324 -27.25 28.54 -17.51
C ASP B 324 -27.16 28.68 -16.00
N ILE B 325 -26.07 28.17 -15.43
CA ILE B 325 -25.89 28.14 -13.99
C ILE B 325 -24.96 29.26 -13.52
N SER B 326 -25.44 30.06 -12.58
CA SER B 326 -24.57 31.04 -11.93
C SER B 326 -24.46 30.71 -10.44
N ILE B 327 -23.23 30.54 -9.96
CA ILE B 327 -23.00 30.30 -8.55
C ILE B 327 -22.16 31.44 -8.00
N VAL B 328 -22.71 32.12 -7.00
CA VAL B 328 -21.98 33.13 -6.25
C VAL B 328 -21.89 32.67 -4.82
N ALA B 329 -20.67 32.60 -4.32
CA ALA B 329 -20.42 32.12 -2.96
C ALA B 329 -19.45 33.03 -2.23
N GLN B 330 -19.61 33.11 -0.91
CA GLN B 330 -18.79 34.00 -0.12
C GLN B 330 -18.54 33.46 1.29
N VAL B 331 -17.28 33.52 1.73
CA VAL B 331 -16.95 33.24 3.12
C VAL B 331 -17.20 34.54 3.86
N ASP B 332 -18.25 34.54 4.66
CA ASP B 332 -18.73 35.77 5.28
C ASP B 332 -17.70 36.40 6.23
N GLN B 333 -16.91 35.58 6.90
CA GLN B 333 -15.98 36.07 7.91
C GLN B 333 -14.79 36.84 7.31
N THR B 334 -14.46 36.55 6.05
CA THR B 334 -13.29 37.13 5.41
C THR B 334 -13.62 37.97 4.18
N GLY B 335 -14.83 37.81 3.65
CA GLY B 335 -15.22 38.51 2.43
C GLY B 335 -14.68 37.85 1.18
N SER B 336 -14.10 36.67 1.34
CA SER B 336 -13.58 35.91 0.21
C SER B 336 -14.75 35.45 -0.66
N LYS B 337 -14.71 35.82 -1.93
CA LYS B 337 -15.83 35.68 -2.83
C LYS B 337 -15.44 34.89 -4.06
N SER B 338 -16.40 34.14 -4.59
CA SER B 338 -16.19 33.43 -5.85
C SER B 338 -17.47 33.52 -6.67
N SER B 339 -17.30 33.66 -7.97
CA SER B 339 -18.42 33.72 -8.88
C SER B 339 -18.10 32.74 -9.98
N ASN B 340 -19.11 32.02 -10.44
CA ASN B 340 -18.88 31.06 -11.49
C ASN B 340 -20.10 30.86 -12.37
N LEU B 341 -19.85 30.62 -13.64
CA LEU B 341 -20.89 30.36 -14.63
C LEU B 341 -20.69 28.98 -15.25
N LEU B 342 -21.74 28.17 -15.25
CA LEU B 342 -21.67 26.81 -15.78
C LEU B 342 -22.77 26.52 -16.81
N ASP B 343 -22.45 25.61 -17.74
CA ASP B 343 -23.36 25.17 -18.80
C ASP B 343 -23.74 23.73 -18.55
N LEU B 344 -24.92 23.54 -17.97
CA LEU B 344 -25.35 22.22 -17.56
C LEU B 344 -25.56 21.23 -18.70
N LYS B 345 -25.86 21.73 -19.89
CA LYS B 345 -26.13 20.86 -21.03
C LYS B 345 -24.88 20.04 -21.40
N ASN B 346 -23.70 20.62 -21.19
CA ASN B 346 -22.46 19.94 -21.59
C ASN B 346 -21.60 19.61 -20.38
N PRO B 347 -22.02 18.61 -19.59
CA PRO B 347 -21.24 18.20 -18.41
C PRO B 347 -20.08 17.29 -18.76
N PHE B 348 -19.15 17.17 -17.83
CA PHE B 348 -18.05 16.22 -17.96
C PHE B 348 -18.37 14.94 -17.20
N PHE B 349 -18.53 13.85 -17.95
CA PHE B 349 -18.78 12.53 -17.38
C PHE B 349 -17.46 11.91 -16.95
N ARG B 350 -17.23 11.87 -15.64
CA ARG B 350 -15.94 11.46 -15.11
C ARG B 350 -15.91 10.00 -14.65
N TYR B 351 -17.09 9.46 -14.35
CA TYR B 351 -17.19 8.09 -13.83
C TYR B 351 -16.59 7.08 -14.81
N SER C 10 19.60 59.12 8.22
CA SER C 10 18.28 58.91 8.81
C SER C 10 18.36 58.09 10.09
N VAL C 11 17.25 58.04 10.81
CA VAL C 11 17.19 57.33 12.08
C VAL C 11 17.39 55.83 11.87
N PHE C 12 16.88 55.30 10.76
CA PHE C 12 16.99 53.87 10.50
C PHE C 12 18.44 53.46 10.26
N SER C 13 19.10 54.14 9.33
CA SER C 13 20.45 53.80 8.93
C SER C 13 21.44 53.92 10.09
N GLU C 14 21.22 54.88 10.98
CA GLU C 14 22.13 55.08 12.11
C GLU C 14 22.06 53.89 13.07
N ARG C 15 20.90 53.26 13.18
CA ARG C 15 20.75 52.15 14.12
C ARG C 15 20.90 50.78 13.44
N THR C 16 21.18 50.77 12.14
CA THR C 16 21.24 49.52 11.39
C THR C 16 22.50 49.40 10.54
N GLU C 17 23.18 48.26 10.69
CA GLU C 17 24.29 47.90 9.82
C GLU C 17 23.77 47.71 8.40
N GLU C 18 24.49 48.23 7.42
CA GLU C 18 24.02 48.19 6.04
C GLU C 18 23.83 46.74 5.57
N SER C 19 24.78 45.89 5.95
CA SER C 19 24.76 44.48 5.58
C SER C 19 23.49 43.81 6.12
N SER C 20 23.08 44.18 7.33
CA SER C 20 21.87 43.63 7.93
C SER C 20 20.63 44.12 7.18
N ALA C 21 20.62 45.41 6.86
CA ALA C 21 19.47 46.02 6.20
C ALA C 21 19.23 45.40 4.82
N VAL C 22 20.32 45.23 4.07
CA VAL C 22 20.21 44.63 2.74
C VAL C 22 19.55 43.25 2.84
N GLN C 23 20.10 42.40 3.70
CA GLN C 23 19.58 41.05 3.91
C GLN C 23 18.11 41.12 4.30
N TYR C 24 17.84 42.02 5.24
CA TYR C 24 16.51 42.14 5.81
C TYR C 24 15.50 42.47 4.73
N PHE C 25 15.75 43.50 3.94
CA PHE C 25 14.77 43.90 2.96
C PHE C 25 14.77 43.00 1.72
N GLN C 26 15.88 42.30 1.47
CA GLN C 26 15.86 41.28 0.43
C GLN C 26 14.91 40.17 0.85
N PHE C 27 14.97 39.79 2.12
CA PHE C 27 14.07 38.75 2.65
C PHE C 27 12.59 39.07 2.40
N TYR C 28 12.17 40.30 2.66
CA TYR C 28 10.76 40.67 2.51
C TYR C 28 10.42 41.04 1.07
N GLY C 29 11.41 40.97 0.19
CA GLY C 29 11.19 41.22 -1.22
C GLY C 29 10.61 40.01 -1.93
N TYR C 30 10.57 38.89 -1.23
CA TYR C 30 10.05 37.65 -1.81
C TYR C 30 8.55 37.53 -1.60
N LEU C 31 7.84 37.24 -2.68
CA LEU C 31 6.41 37.04 -2.61
C LEU C 31 6.08 35.84 -1.71
N SER C 32 6.97 34.86 -1.68
CA SER C 32 6.75 33.67 -0.86
C SER C 32 6.78 34.01 0.63
N GLN C 33 7.61 34.99 0.99
CA GLN C 33 7.77 35.36 2.39
C GLN C 33 6.53 36.13 2.83
N GLN C 34 6.03 36.98 1.94
CA GLN C 34 4.77 37.69 2.17
C GLN C 34 3.65 36.67 2.29
N GLN C 35 3.64 35.73 1.35
CA GLN C 35 2.66 34.65 1.31
C GLN C 35 2.64 33.88 2.61
N ASN C 36 3.82 33.55 3.11
CA ASN C 36 3.94 32.82 4.37
C ASN C 36 3.23 33.57 5.50
N MET C 37 3.44 34.87 5.57
CA MET C 37 2.78 35.69 6.58
C MET C 37 1.29 35.76 6.32
N MET C 38 0.92 35.88 5.04
CA MET C 38 -0.49 36.02 4.67
C MET C 38 -1.27 34.75 4.97
N GLN C 39 -0.61 33.60 4.83
CA GLN C 39 -1.29 32.32 5.07
C GLN C 39 -1.36 31.94 6.55
N ASP C 40 -0.72 32.74 7.40
CA ASP C 40 -0.93 32.61 8.84
C ASP C 40 -2.32 33.15 9.13
N TYR C 41 -3.30 32.25 9.16
CA TYR C 41 -4.69 32.67 9.23
C TYR C 41 -5.04 33.39 10.52
N VAL C 42 -4.47 32.94 11.62
CA VAL C 42 -4.73 33.58 12.90
C VAL C 42 -4.36 35.08 12.79
N ARG C 43 -3.14 35.32 12.35
CA ARG C 43 -2.61 36.67 12.22
C ARG C 43 -3.45 37.54 11.28
N THR C 44 -3.54 37.09 10.03
CA THR C 44 -4.20 37.87 8.97
C THR C 44 -5.69 38.05 9.29
N GLY C 45 -6.32 36.95 9.69
CA GLY C 45 -7.73 36.96 10.02
C GLY C 45 -8.00 37.88 11.19
N THR C 46 -7.16 37.80 12.22
CA THR C 46 -7.34 38.66 13.39
C THR C 46 -7.14 40.12 13.02
N TYR C 47 -6.14 40.42 12.19
CA TYR C 47 -5.97 41.82 11.76
C TYR C 47 -7.24 42.30 11.02
N GLN C 48 -7.70 41.51 10.05
CA GLN C 48 -8.88 41.90 9.31
C GLN C 48 -10.07 42.09 10.25
N ARG C 49 -10.20 41.18 11.21
CA ARG C 49 -11.28 41.28 12.19
C ARG C 49 -11.16 42.54 13.03
N ALA C 50 -9.95 42.83 13.49
CA ALA C 50 -9.72 43.98 14.34
C ALA C 50 -10.02 45.26 13.60
N ILE C 51 -9.72 45.28 12.31
CA ILE C 51 -9.98 46.49 11.53
C ILE C 51 -11.46 46.64 11.18
N LEU C 52 -12.07 45.57 10.69
CA LEU C 52 -13.46 45.67 10.23
C LEU C 52 -14.46 45.86 11.37
N GLN C 53 -14.19 45.23 12.50
CA GLN C 53 -15.06 45.33 13.66
C GLN C 53 -14.93 46.68 14.37
N ASN C 54 -13.89 47.43 14.02
CA ASN C 54 -13.73 48.81 14.50
C ASN C 54 -13.79 49.80 13.34
N HIS C 55 -14.74 49.60 12.44
CA HIS C 55 -14.85 50.38 11.21
C HIS C 55 -14.98 51.88 11.46
N THR C 56 -15.53 52.26 12.62
CA THR C 56 -15.69 53.66 12.95
C THR C 56 -14.34 54.34 13.13
N ASP C 57 -13.32 53.53 13.42
CA ASP C 57 -11.95 54.04 13.56
C ASP C 57 -11.28 54.24 12.19
N PHE C 58 -11.92 53.76 11.12
CA PHE C 58 -11.33 53.84 9.79
C PHE C 58 -12.19 54.58 8.77
N LYS C 59 -13.49 54.60 8.98
CA LYS C 59 -14.41 55.18 8.00
C LYS C 59 -14.08 56.64 7.71
N ASP C 60 -13.77 56.92 6.46
CA ASP C 60 -13.44 58.27 6.00
C ASP C 60 -12.25 58.87 6.76
N LYS C 61 -11.35 58.00 7.22
CA LYS C 61 -10.18 58.42 7.98
C LYS C 61 -8.93 58.41 7.10
N ILE C 62 -7.87 59.05 7.58
CA ILE C 62 -6.57 58.99 6.91
C ILE C 62 -5.75 57.92 7.62
N VAL C 63 -5.25 56.95 6.86
CA VAL C 63 -4.57 55.79 7.45
C VAL C 63 -3.12 55.70 7.01
N LEU C 64 -2.25 55.31 7.93
CA LEU C 64 -0.87 54.98 7.56
C LEU C 64 -0.57 53.50 7.82
N ASP C 65 -0.10 52.80 6.80
CA ASP C 65 0.29 51.40 6.93
C ASP C 65 1.80 51.29 6.94
N VAL C 66 2.39 51.00 8.10
CA VAL C 66 3.85 50.96 8.18
C VAL C 66 4.38 49.59 7.76
N GLY C 67 5.13 49.56 6.66
CA GLY C 67 5.66 48.31 6.14
C GLY C 67 4.57 47.42 5.58
N CYS C 68 3.91 47.90 4.53
CA CYS C 68 2.68 47.28 4.03
C CYS C 68 2.88 45.92 3.38
N GLY C 69 4.11 45.62 2.96
CA GLY C 69 4.37 44.37 2.26
C GLY C 69 3.53 44.28 1.00
N SER C 70 2.70 43.26 0.91
CA SER C 70 1.81 43.08 -0.25
C SER C 70 0.72 44.14 -0.27
N GLY C 71 0.46 44.74 0.90
CA GLY C 71 -0.55 45.79 1.02
C GLY C 71 -1.85 45.31 1.64
N ILE C 72 -1.83 44.08 2.15
CA ILE C 72 -3.03 43.40 2.62
C ILE C 72 -3.78 44.19 3.72
N LEU C 73 -3.03 44.77 4.65
CA LEU C 73 -3.64 45.51 5.75
C LEU C 73 -4.29 46.79 5.24
N SER C 74 -3.68 47.38 4.24
CA SER C 74 -4.22 48.58 3.62
C SER C 74 -5.56 48.26 2.94
N PHE C 75 -5.62 47.09 2.32
CA PHE C 75 -6.86 46.66 1.70
C PHE C 75 -7.90 46.42 2.79
N PHE C 76 -7.48 45.82 3.89
CA PHE C 76 -8.40 45.69 5.02
C PHE C 76 -8.88 47.07 5.48
N ALA C 77 -7.98 48.04 5.55
CA ALA C 77 -8.38 49.40 5.91
C ALA C 77 -9.35 49.99 4.89
N ALA C 78 -9.13 49.69 3.60
CA ALA C 78 -10.04 50.15 2.56
C ALA C 78 -11.41 49.48 2.70
N GLN C 79 -11.40 48.20 3.07
CA GLN C 79 -12.65 47.47 3.32
C GLN C 79 -13.43 48.10 4.46
N ALA C 80 -12.72 48.74 5.38
CA ALA C 80 -13.34 49.36 6.54
C ALA C 80 -13.81 50.78 6.21
N GLY C 81 -13.61 51.21 4.98
CA GLY C 81 -14.16 52.47 4.50
C GLY C 81 -13.21 53.64 4.61
N ALA C 82 -11.92 53.36 4.68
CA ALA C 82 -10.92 54.43 4.79
C ALA C 82 -10.91 55.33 3.57
N ARG C 83 -10.64 56.61 3.82
CA ARG C 83 -10.61 57.63 2.79
C ARG C 83 -9.27 57.66 2.05
N LYS C 84 -8.19 57.67 2.81
CA LYS C 84 -6.85 57.64 2.22
C LYS C 84 -5.91 56.79 3.06
N ILE C 85 -5.18 55.92 2.37
CA ILE C 85 -4.24 55.02 3.03
C ILE C 85 -2.88 55.19 2.39
N TYR C 86 -1.91 55.59 3.20
CA TYR C 86 -0.54 55.67 2.75
C TYR C 86 0.17 54.38 3.13
N ALA C 87 0.52 53.59 2.12
CA ALA C 87 1.13 52.29 2.35
C ALA C 87 2.63 52.39 2.12
N VAL C 88 3.40 52.43 3.20
CA VAL C 88 4.84 52.63 3.11
C VAL C 88 5.56 51.28 3.16
N GLU C 89 6.42 51.04 2.17
CA GLU C 89 7.18 49.80 2.14
C GLU C 89 8.58 50.01 1.57
N ALA C 90 9.59 49.49 2.26
CA ALA C 90 10.98 49.76 1.91
C ALA C 90 11.62 48.72 0.99
N SER C 91 11.09 47.50 0.99
CA SER C 91 11.64 46.46 0.11
C SER C 91 11.03 46.63 -1.28
N THR C 92 11.47 45.80 -2.22
CA THR C 92 10.99 45.88 -3.59
C THR C 92 9.54 45.40 -3.66
N MET C 93 9.05 44.80 -2.57
CA MET C 93 7.67 44.33 -2.53
C MET C 93 6.73 45.49 -2.84
N ALA C 94 7.20 46.70 -2.55
CA ALA C 94 6.41 47.91 -2.79
C ALA C 94 5.88 47.95 -4.22
N GLN C 95 6.67 47.45 -5.17
CA GLN C 95 6.22 47.49 -6.56
C GLN C 95 5.08 46.49 -6.75
N HIS C 96 5.10 45.41 -5.98
CA HIS C 96 4.07 44.39 -6.13
C HIS C 96 2.79 44.87 -5.46
N ALA C 97 2.94 45.63 -4.37
CA ALA C 97 1.81 46.24 -3.71
C ALA C 97 1.10 47.22 -4.64
N GLU C 98 1.88 48.01 -5.36
CA GLU C 98 1.33 48.99 -6.30
C GLU C 98 0.49 48.29 -7.38
N VAL C 99 0.98 47.17 -7.88
CA VAL C 99 0.27 46.40 -8.89
C VAL C 99 -1.09 45.97 -8.34
N LEU C 100 -1.09 45.54 -7.09
CA LEU C 100 -2.31 45.07 -6.46
C LEU C 100 -3.31 46.20 -6.26
N VAL C 101 -2.82 47.39 -5.92
CA VAL C 101 -3.68 48.54 -5.74
C VAL C 101 -4.39 48.86 -7.05
N LYS C 102 -3.63 48.82 -8.15
CA LYS C 102 -4.17 49.07 -9.47
C LYS C 102 -5.18 48.01 -9.88
N SER C 103 -4.82 46.74 -9.70
CA SER C 103 -5.65 45.63 -10.13
C SER C 103 -6.91 45.50 -9.27
N ASN C 104 -6.90 46.10 -8.08
CA ASN C 104 -8.06 46.10 -7.20
C ASN C 104 -8.83 47.43 -7.29
N ASN C 105 -8.45 48.26 -8.26
CA ASN C 105 -9.12 49.53 -8.53
C ASN C 105 -9.21 50.41 -7.30
N LEU C 106 -8.11 50.53 -6.57
CA LEU C 106 -8.07 51.33 -5.35
C LEU C 106 -6.98 52.41 -5.37
N THR C 107 -6.59 52.85 -6.56
CA THR C 107 -5.55 53.86 -6.71
C THR C 107 -5.98 55.20 -6.13
N ASP C 108 -7.29 55.41 -5.99
CA ASP C 108 -7.82 56.67 -5.47
C ASP C 108 -7.81 56.74 -3.94
N ARG C 109 -7.50 55.61 -3.32
CA ARG C 109 -7.62 55.49 -1.86
C ARG C 109 -6.32 55.01 -1.21
N ILE C 110 -5.56 54.18 -1.93
CA ILE C 110 -4.27 53.70 -1.42
C ILE C 110 -3.10 54.25 -2.24
N VAL C 111 -2.20 54.94 -1.55
CA VAL C 111 -0.97 55.45 -2.18
C VAL C 111 0.22 54.68 -1.61
N VAL C 112 0.86 53.89 -2.47
CA VAL C 112 2.04 53.13 -2.06
C VAL C 112 3.25 54.06 -2.11
N ILE C 113 3.95 54.15 -0.98
CA ILE C 113 5.15 54.96 -0.89
C ILE C 113 6.35 54.03 -0.67
N PRO C 114 7.19 53.88 -1.71
CA PRO C 114 8.39 53.05 -1.58
C PRO C 114 9.43 53.74 -0.72
N GLY C 115 10.04 53.00 0.19
CA GLY C 115 11.06 53.56 1.06
C GLY C 115 10.84 53.26 2.52
N LYS C 116 11.82 53.63 3.33
CA LYS C 116 11.74 53.46 4.77
C LYS C 116 10.87 54.55 5.39
N VAL C 117 10.06 54.17 6.38
CA VAL C 117 9.13 55.09 7.00
C VAL C 117 9.91 56.21 7.70
N GLU C 118 11.18 55.95 8.01
CA GLU C 118 12.03 56.95 8.63
C GLU C 118 12.57 57.97 7.62
N GLU C 119 12.35 57.70 6.34
CA GLU C 119 12.98 58.50 5.28
C GLU C 119 11.97 59.09 4.29
N VAL C 120 10.83 58.43 4.13
CA VAL C 120 9.81 58.90 3.19
C VAL C 120 9.13 60.13 3.76
N SER C 121 8.38 60.83 2.92
CA SER C 121 7.54 61.94 3.37
C SER C 121 6.07 61.68 3.04
N LEU C 122 5.21 61.83 4.04
CA LEU C 122 3.77 61.81 3.81
C LEU C 122 3.24 63.22 3.63
N PRO C 123 2.30 63.40 2.68
CA PRO C 123 1.73 64.72 2.41
C PRO C 123 0.92 65.28 3.57
N GLU C 124 0.36 64.41 4.41
CA GLU C 124 -0.50 64.85 5.50
C GLU C 124 -0.42 63.93 6.71
N GLN C 125 -0.90 64.42 7.85
CA GLN C 125 -1.00 63.63 9.08
C GLN C 125 -2.15 62.65 8.97
N VAL C 126 -2.04 61.53 9.67
CA VAL C 126 -3.03 60.46 9.56
C VAL C 126 -3.83 60.34 10.85
N ASP C 127 -5.00 59.71 10.76
CA ASP C 127 -5.85 59.51 11.91
C ASP C 127 -5.46 58.26 12.69
N ILE C 128 -4.96 57.26 11.98
CA ILE C 128 -4.64 55.99 12.61
C ILE C 128 -3.47 55.32 11.89
N ILE C 129 -2.59 54.70 12.66
CA ILE C 129 -1.49 53.94 12.09
C ILE C 129 -1.74 52.45 12.29
N ILE C 130 -1.67 51.70 11.19
CA ILE C 130 -1.73 50.24 11.27
C ILE C 130 -0.38 49.66 10.88
N SER C 131 -0.05 48.55 11.53
CA SER C 131 1.19 47.88 11.19
C SER C 131 1.29 46.48 11.77
N GLU C 132 2.19 45.69 11.20
CA GLU C 132 2.51 44.37 11.74
C GLU C 132 4.02 44.24 11.92
N PRO C 133 4.57 44.91 12.96
CA PRO C 133 6.01 44.98 13.21
C PRO C 133 6.55 43.95 14.20
N MET C 134 5.73 42.98 14.59
CA MET C 134 6.16 42.01 15.60
C MET C 134 7.06 40.93 15.02
N GLY C 135 8.17 40.69 15.70
CA GLY C 135 9.06 39.57 15.37
C GLY C 135 9.06 38.54 16.50
N TYR C 136 9.99 37.59 16.42
CA TYR C 136 10.16 36.62 17.49
C TYR C 136 10.36 37.36 18.81
N MET C 137 9.81 36.82 19.89
CA MET C 137 9.82 37.50 21.18
C MET C 137 9.37 38.96 21.05
N LEU C 138 8.43 39.21 20.14
CA LEU C 138 7.91 40.55 19.89
C LEU C 138 8.96 41.50 19.28
N PHE C 139 10.13 41.58 19.91
CA PHE C 139 11.09 42.66 19.64
C PHE C 139 12.07 42.39 18.50
N ASN C 140 12.18 41.14 18.07
CA ASN C 140 13.12 40.82 17.00
C ASN C 140 12.83 41.64 15.74
N GLU C 141 13.88 41.98 15.01
CA GLU C 141 13.82 42.79 13.78
C GLU C 141 13.76 44.28 14.07
N ARG C 142 13.48 44.65 15.32
CA ARG C 142 13.51 46.06 15.74
C ARG C 142 12.57 46.92 14.91
N MET C 143 11.51 46.33 14.36
CA MET C 143 10.58 47.10 13.53
C MET C 143 9.58 47.88 14.37
N LEU C 144 9.46 47.53 15.64
CA LEU C 144 8.61 48.28 16.54
C LEU C 144 9.05 49.74 16.59
N GLU C 145 10.35 49.97 16.47
CA GLU C 145 10.89 51.31 16.50
C GLU C 145 10.47 52.11 15.26
N SER C 146 10.34 51.43 14.13
CA SER C 146 9.83 52.09 12.91
C SER C 146 8.38 52.47 13.15
N TYR C 147 7.65 51.54 13.75
CA TYR C 147 6.25 51.72 14.07
C TYR C 147 6.10 52.94 14.98
N LEU C 148 6.94 53.03 16.00
CA LEU C 148 6.90 54.17 16.91
C LEU C 148 7.38 55.45 16.24
N HIS C 149 8.42 55.33 15.42
CA HIS C 149 8.94 56.47 14.69
C HIS C 149 7.86 57.08 13.83
N ALA C 150 7.02 56.23 13.26
CA ALA C 150 5.96 56.71 12.37
C ALA C 150 4.96 57.64 13.06
N LYS C 151 4.96 57.71 14.38
CA LYS C 151 4.00 58.57 15.08
C LYS C 151 4.20 60.05 14.80
N LYS C 152 5.31 60.39 14.13
CA LYS C 152 5.52 61.78 13.73
C LYS C 152 4.46 62.20 12.72
N TYR C 153 3.84 61.22 12.08
CA TYR C 153 2.77 61.46 11.11
C TYR C 153 1.38 61.30 11.72
N LEU C 154 1.32 61.02 13.02
CA LEU C 154 0.05 60.79 13.67
C LEU C 154 -0.54 62.07 14.24
N LYS C 155 -1.81 62.34 13.92
CA LYS C 155 -2.52 63.45 14.53
C LYS C 155 -2.59 63.24 16.03
N PRO C 156 -2.67 64.34 16.79
CA PRO C 156 -2.93 64.16 18.22
C PRO C 156 -4.24 63.38 18.34
N SER C 157 -4.40 62.56 19.37
CA SER C 157 -5.61 61.75 19.56
C SER C 157 -5.66 60.63 18.53
N GLY C 158 -4.58 60.45 17.78
CA GLY C 158 -4.53 59.44 16.76
C GLY C 158 -4.47 58.07 17.40
N ASN C 159 -4.78 57.02 16.65
CA ASN C 159 -4.78 55.68 17.23
C ASN C 159 -3.72 54.78 16.58
N MET C 160 -3.39 53.69 17.27
CA MET C 160 -2.39 52.75 16.81
C MET C 160 -2.97 51.33 16.80
N PHE C 161 -2.79 50.63 15.67
CA PHE C 161 -3.26 49.25 15.51
C PHE C 161 -2.10 48.33 15.08
N PRO C 162 -1.58 47.52 16.02
CA PRO C 162 -2.01 47.34 17.41
C PRO C 162 -1.67 48.51 18.33
N THR C 163 -2.33 48.55 19.49
CA THR C 163 -2.20 49.67 20.43
C THR C 163 -1.18 49.38 21.51
N ILE C 164 -1.21 48.14 22.02
CA ILE C 164 -0.26 47.72 23.03
C ILE C 164 0.26 46.33 22.71
N GLY C 165 1.42 46.03 23.27
CA GLY C 165 2.04 44.72 23.13
C GLY C 165 2.49 44.17 24.48
N ASP C 166 2.12 42.93 24.77
CA ASP C 166 2.53 42.26 25.99
C ASP C 166 3.50 41.13 25.66
N VAL C 167 4.72 41.17 26.21
CA VAL C 167 5.59 40.01 26.12
C VAL C 167 5.54 39.26 27.46
N HIS C 168 5.31 37.96 27.37
CA HIS C 168 5.22 37.08 28.52
C HIS C 168 6.47 36.22 28.65
N LEU C 169 6.91 36.09 29.91
CA LEU C 169 8.04 35.25 30.30
C LEU C 169 7.62 34.23 31.35
N ALA C 170 8.07 32.99 31.19
CA ALA C 170 7.79 31.97 32.20
C ALA C 170 8.89 30.92 32.29
N PRO C 171 9.21 30.47 33.51
CA PRO C 171 10.23 29.41 33.64
C PRO C 171 9.71 28.07 33.15
N PHE C 172 10.56 27.26 32.55
CA PHE C 172 10.11 25.97 32.06
C PHE C 172 11.07 24.84 32.43
N THR C 173 10.55 23.61 32.43
CA THR C 173 11.38 22.43 32.59
C THR C 173 11.25 21.61 31.33
N ASP C 174 12.37 21.25 30.75
CA ASP C 174 12.41 20.44 29.54
C ASP C 174 13.75 19.74 29.49
N GLU C 175 13.83 18.59 30.12
CA GLU C 175 15.08 17.88 30.28
C GLU C 175 15.71 17.50 28.91
N GLN C 176 14.86 17.08 27.98
CA GLN C 176 15.32 16.66 26.66
C GLN C 176 15.95 17.82 25.89
N LEU C 177 15.30 18.98 25.92
CA LEU C 177 15.81 20.14 25.21
C LEU C 177 17.18 20.49 25.76
N TYR C 178 17.31 20.44 27.08
CA TYR C 178 18.57 20.80 27.71
C TYR C 178 19.67 19.80 27.32
N MET C 179 19.37 18.51 27.45
CA MET C 179 20.37 17.47 27.17
C MET C 179 20.75 17.41 25.66
N GLU C 180 19.78 17.78 24.83
CA GLU C 180 19.96 17.81 23.38
C GLU C 180 21.19 18.63 22.96
N GLN C 181 21.45 19.72 23.69
CA GLN C 181 22.54 20.62 23.34
C GLN C 181 23.88 19.89 23.47
N PHE C 182 24.01 19.16 24.57
CA PHE C 182 25.23 18.42 24.85
C PHE C 182 25.34 17.23 23.92
N THR C 183 24.20 16.62 23.60
CA THR C 183 24.25 15.54 22.63
C THR C 183 24.80 16.06 21.31
N LYS C 184 24.34 17.22 20.86
CA LYS C 184 24.89 17.77 19.62
C LYS C 184 26.34 18.23 19.73
N ALA C 185 26.69 18.88 20.84
CA ALA C 185 28.06 19.35 21.02
C ALA C 185 29.07 18.22 21.22
N ASN C 186 28.63 17.10 21.79
CA ASN C 186 29.54 15.98 22.04
C ASN C 186 30.06 15.31 20.77
N PHE C 187 29.63 15.80 19.61
CA PHE C 187 30.25 15.35 18.36
C PHE C 187 31.73 15.65 18.40
N TRP C 188 32.08 16.79 18.98
CA TRP C 188 33.47 17.22 19.02
C TRP C 188 34.25 16.54 20.13
N TYR C 189 33.59 15.75 20.96
CA TYR C 189 34.29 15.15 22.08
C TYR C 189 34.73 13.73 21.73
N GLN C 190 35.65 13.64 20.78
CA GLN C 190 36.19 12.36 20.34
C GLN C 190 37.67 12.57 20.00
N PRO C 191 38.52 11.62 20.40
CA PRO C 191 39.97 11.78 20.26
C PRO C 191 40.53 11.49 18.87
N SER C 192 39.76 10.90 17.97
CA SER C 192 40.29 10.56 16.66
C SER C 192 39.24 10.55 15.55
N PHE C 193 38.69 11.72 15.26
CA PHE C 193 37.84 11.91 14.09
C PHE C 193 38.76 11.92 12.87
N HIS C 194 38.81 10.81 12.15
CA HIS C 194 39.73 10.70 11.03
C HIS C 194 41.16 11.06 11.41
N GLY C 195 41.54 10.70 12.63
CA GLY C 195 42.88 10.93 13.12
C GLY C 195 43.07 12.23 13.87
N VAL C 196 41.99 12.99 13.99
CA VAL C 196 42.06 14.30 14.63
C VAL C 196 41.32 14.32 15.96
N ASP C 197 41.97 14.85 16.99
CA ASP C 197 41.34 15.04 18.29
C ASP C 197 40.54 16.34 18.27
N LEU C 198 39.22 16.22 18.32
CA LEU C 198 38.35 17.39 18.23
C LEU C 198 37.97 17.98 19.58
N SER C 199 38.38 17.32 20.67
CA SER C 199 37.81 17.59 22.00
C SER C 199 37.89 19.05 22.44
N ALA C 200 38.93 19.76 22.02
CA ALA C 200 39.18 21.10 22.52
C ALA C 200 38.10 22.10 22.09
N LEU C 201 37.29 21.71 21.12
CA LEU C 201 36.25 22.59 20.63
C LEU C 201 34.90 22.21 21.24
N ARG C 202 34.85 21.21 22.10
CA ARG C 202 33.57 20.79 22.65
C ARG C 202 32.92 21.93 23.44
N GLY C 203 33.72 22.64 24.23
CA GLY C 203 33.24 23.76 25.02
C GLY C 203 32.67 24.88 24.17
N ALA C 204 33.38 25.22 23.10
CA ALA C 204 32.95 26.26 22.19
C ALA C 204 31.64 25.87 21.53
N ALA C 205 31.49 24.58 21.24
CA ALA C 205 30.28 24.07 20.60
C ALA C 205 29.08 24.20 21.55
N VAL C 206 29.27 23.82 22.81
CA VAL C 206 28.22 23.97 23.80
C VAL C 206 27.82 25.43 23.90
N ASP C 207 28.83 26.30 23.98
CA ASP C 207 28.61 27.74 24.09
C ASP C 207 27.75 28.25 22.94
N GLU C 208 28.08 27.80 21.74
CA GLU C 208 27.39 28.24 20.54
C GLU C 208 25.91 27.85 20.57
N TYR C 209 25.66 26.60 20.95
CA TYR C 209 24.29 26.10 20.98
C TYR C 209 23.43 26.84 21.99
N PHE C 210 24.01 27.17 23.14
CA PHE C 210 23.24 27.83 24.19
C PHE C 210 22.99 29.32 23.91
N ARG C 211 23.75 29.90 22.99
CA ARG C 211 23.52 31.30 22.60
C ARG C 211 22.30 31.45 21.70
N GLN C 212 21.81 30.35 21.14
CA GLN C 212 20.67 30.41 20.23
C GLN C 212 19.34 30.27 20.96
N PRO C 213 18.51 31.33 20.92
CA PRO C 213 17.15 31.10 21.41
C PRO C 213 16.45 30.05 20.56
N VAL C 214 15.64 29.20 21.18
CA VAL C 214 14.96 28.11 20.50
C VAL C 214 13.55 28.49 20.10
N VAL C 215 13.31 28.48 18.79
CA VAL C 215 11.99 28.76 18.24
C VAL C 215 11.24 27.48 17.97
N ASP C 216 10.15 27.29 18.70
CA ASP C 216 9.20 26.21 18.39
C ASP C 216 8.10 26.28 19.44
N THR C 217 7.28 25.23 19.48
CA THR C 217 6.19 25.19 20.43
C THR C 217 6.38 24.05 21.44
N PHE C 218 5.51 23.99 22.44
CA PHE C 218 5.65 23.01 23.52
C PHE C 218 4.35 22.82 24.27
N ASP C 219 4.30 21.80 25.10
CA ASP C 219 3.15 21.54 25.96
C ASP C 219 3.18 22.54 27.11
N ILE C 220 2.02 23.12 27.45
CA ILE C 220 1.97 24.16 28.47
C ILE C 220 2.29 23.60 29.86
N ARG C 221 2.33 22.28 29.98
CA ARG C 221 2.60 21.62 31.25
C ARG C 221 4.07 21.65 31.65
N ILE C 222 4.93 22.13 30.76
CA ILE C 222 6.34 22.28 31.10
C ILE C 222 6.56 23.60 31.85
N LEU C 223 5.57 24.48 31.81
CA LEU C 223 5.65 25.76 32.50
C LEU C 223 5.48 25.57 34.00
N MET C 224 6.36 26.19 34.78
CA MET C 224 6.43 25.95 36.21
C MET C 224 5.95 27.12 37.07
N ALA C 225 5.57 28.22 36.43
CA ALA C 225 5.07 29.39 37.16
C ALA C 225 4.25 30.25 36.24
N LYS C 226 3.36 31.05 36.82
CA LYS C 226 2.55 31.99 36.05
C LYS C 226 3.48 32.98 35.37
N SER C 227 3.14 33.34 34.14
CA SER C 227 4.00 34.22 33.36
C SER C 227 4.10 35.61 33.97
N VAL C 228 5.24 36.25 33.74
CA VAL C 228 5.42 37.65 34.07
C VAL C 228 5.27 38.41 32.76
N LYS C 229 4.57 39.54 32.84
CA LYS C 229 4.22 40.31 31.65
C LYS C 229 4.96 41.65 31.58
N TYR C 230 5.50 41.97 30.41
CA TYR C 230 6.08 43.28 30.14
C TYR C 230 5.33 43.94 28.99
N THR C 231 4.81 45.14 29.23
CA THR C 231 3.90 45.80 28.30
C THR C 231 4.52 47.02 27.64
N VAL C 232 4.33 47.13 26.34
CA VAL C 232 4.69 48.32 25.58
C VAL C 232 3.40 48.97 25.08
N ASN C 233 3.18 50.21 25.50
CA ASN C 233 2.06 51.00 25.01
C ASN C 233 2.52 51.83 23.81
N PHE C 234 2.11 51.40 22.61
CA PHE C 234 2.57 52.01 21.37
C PHE C 234 2.11 53.46 21.24
N LEU C 235 1.04 53.81 21.96
CA LEU C 235 0.55 55.18 21.95
C LEU C 235 1.48 56.11 22.73
N GLU C 236 2.20 55.55 23.71
CA GLU C 236 2.99 56.37 24.63
C GLU C 236 4.50 56.21 24.48
N ALA C 237 4.95 55.04 24.04
CA ALA C 237 6.37 54.72 24.01
C ALA C 237 7.13 55.52 22.94
N LYS C 238 8.42 55.74 23.21
CA LYS C 238 9.33 56.33 22.25
C LYS C 238 10.24 55.21 21.72
N GLU C 239 10.75 55.37 20.50
CA GLU C 239 11.60 54.33 19.93
C GLU C 239 12.78 54.04 20.88
N GLY C 240 13.36 55.09 21.44
CA GLY C 240 14.51 54.93 22.32
C GLY C 240 14.19 54.05 23.52
N ASP C 241 12.91 53.93 23.86
CA ASP C 241 12.49 53.09 24.99
C ASP C 241 12.79 51.62 24.71
N LEU C 242 12.99 51.27 23.45
CA LEU C 242 13.19 49.86 23.09
C LEU C 242 14.65 49.49 22.89
N HIS C 243 15.54 50.45 23.08
CA HIS C 243 16.98 50.21 22.96
C HIS C 243 17.49 49.36 24.09
N ARG C 244 16.94 49.58 25.28
CA ARG C 244 17.31 48.85 26.48
C ARG C 244 16.04 48.43 27.20
N ILE C 245 15.71 47.14 27.14
CA ILE C 245 14.49 46.65 27.74
C ILE C 245 14.80 45.79 28.95
N GLU C 246 14.48 46.27 30.15
CA GLU C 246 14.75 45.51 31.35
C GLU C 246 13.46 44.91 31.89
N ILE C 247 13.41 43.58 31.94
CA ILE C 247 12.24 42.86 32.40
C ILE C 247 12.57 42.17 33.71
N PRO C 248 12.24 42.81 34.85
CA PRO C 248 12.41 42.13 36.13
C PRO C 248 11.38 41.03 36.30
N PHE C 249 11.76 39.94 36.97
CA PHE C 249 10.79 38.90 37.24
C PHE C 249 11.02 38.27 38.60
N LYS C 250 9.89 37.85 39.16
CA LYS C 250 9.84 37.12 40.42
C LYS C 250 8.79 36.04 40.28
N PHE C 251 9.23 34.85 39.88
CA PHE C 251 8.31 33.75 39.66
C PHE C 251 8.08 32.98 40.94
N HIS C 252 6.81 32.71 41.23
CA HIS C 252 6.46 31.86 42.35
C HIS C 252 6.16 30.46 41.82
N MET C 253 7.08 29.53 42.10
CA MET C 253 7.04 28.21 41.49
C MET C 253 5.79 27.42 41.88
N LEU C 254 5.06 26.96 40.87
CA LEU C 254 3.85 26.17 41.07
C LEU C 254 4.18 24.69 41.15
N HIS C 255 5.33 24.31 40.60
CA HIS C 255 5.77 22.93 40.62
C HIS C 255 7.21 22.82 41.09
N SER C 256 7.55 21.68 41.68
CA SER C 256 8.93 21.41 42.06
C SER C 256 9.66 20.80 40.88
N GLY C 257 10.95 21.12 40.75
CA GLY C 257 11.73 20.56 39.66
C GLY C 257 12.88 21.43 39.20
N LEU C 258 13.48 21.03 38.07
CA LEU C 258 14.60 21.73 37.49
C LEU C 258 14.15 22.74 36.45
N VAL C 259 14.48 24.01 36.66
CA VAL C 259 14.20 25.07 35.71
C VAL C 259 15.34 25.13 34.71
N HIS C 260 15.04 24.81 33.46
CA HIS C 260 16.03 24.75 32.40
C HIS C 260 16.14 26.06 31.63
N GLY C 261 15.20 26.96 31.84
CA GLY C 261 15.25 28.26 31.19
C GLY C 261 13.93 29.01 31.19
N LEU C 262 13.85 30.04 30.37
CA LEU C 262 12.67 30.89 30.29
C LEU C 262 12.04 30.83 28.90
N ALA C 263 10.71 30.65 28.89
CA ALA C 263 9.91 30.66 27.68
C ALA C 263 9.27 32.02 27.50
N PHE C 264 9.20 32.43 26.24
CA PHE C 264 8.72 33.73 25.80
C PHE C 264 7.60 33.60 24.79
N TRP C 265 6.60 34.45 24.95
CA TRP C 265 5.57 34.63 23.92
C TRP C 265 5.00 36.04 24.01
N PHE C 266 4.10 36.42 23.11
CA PHE C 266 3.56 37.78 23.17
C PHE C 266 2.12 37.92 22.65
N ASP C 267 1.42 38.91 23.18
CA ASP C 267 0.08 39.28 22.71
C ASP C 267 0.13 40.72 22.22
N VAL C 268 -0.74 41.06 21.27
CA VAL C 268 -0.95 42.47 20.94
C VAL C 268 -2.43 42.78 20.98
N ALA C 269 -2.77 44.00 21.36
CA ALA C 269 -4.18 44.39 21.44
C ALA C 269 -4.50 45.55 20.52
N PHE C 270 -5.60 45.38 19.78
CA PHE C 270 -6.16 46.43 18.95
C PHE C 270 -7.30 47.05 19.72
N ILE C 271 -7.00 48.15 20.40
CA ILE C 271 -7.96 48.87 21.23
C ILE C 271 -8.71 49.89 20.39
N GLY C 272 -9.86 49.49 19.84
CA GLY C 272 -10.64 50.37 19.00
C GLY C 272 -11.80 51.01 19.73
N SER C 273 -12.52 51.89 19.05
CA SER C 273 -13.64 52.60 19.66
C SER C 273 -14.80 51.66 19.95
N ILE C 274 -14.95 50.64 19.10
CA ILE C 274 -16.06 49.70 19.25
C ILE C 274 -15.67 48.53 20.14
N MET C 275 -14.48 47.98 19.94
CA MET C 275 -14.04 46.84 20.76
C MET C 275 -12.53 46.66 20.72
N THR C 276 -12.03 45.91 21.71
CA THR C 276 -10.62 45.55 21.75
C THR C 276 -10.44 44.13 21.27
N VAL C 277 -9.62 43.97 20.23
CA VAL C 277 -9.36 42.64 19.67
C VAL C 277 -7.95 42.20 20.00
N TRP C 278 -7.80 40.97 20.46
CA TRP C 278 -6.49 40.46 20.84
C TRP C 278 -5.92 39.49 19.82
N LEU C 279 -4.64 39.63 19.52
CA LEU C 279 -3.88 38.64 18.75
C LEU C 279 -2.82 38.04 19.67
N SER C 280 -2.94 36.74 19.94
CA SER C 280 -2.06 36.07 20.90
C SER C 280 -1.23 34.97 20.24
N THR C 281 0.04 34.88 20.65
CA THR C 281 0.92 33.80 20.22
C THR C 281 1.26 32.88 21.39
N ALA C 282 0.42 32.90 22.42
CA ALA C 282 0.62 32.07 23.61
C ALA C 282 0.55 30.58 23.28
N PRO C 283 1.23 29.74 24.07
CA PRO C 283 1.22 28.29 23.83
C PRO C 283 -0.13 27.65 24.14
N THR C 284 -1.01 28.41 24.78
CA THR C 284 -2.38 27.97 25.03
C THR C 284 -3.27 28.25 23.83
N GLU C 285 -2.75 28.99 22.86
CA GLU C 285 -3.52 29.38 21.70
C GLU C 285 -3.06 28.62 20.47
N PRO C 286 -3.91 28.58 19.42
CA PRO C 286 -3.47 27.97 18.16
C PRO C 286 -2.18 28.57 17.65
N LEU C 287 -1.35 27.72 17.07
CA LEU C 287 -0.01 28.08 16.67
C LEU C 287 0.01 29.14 15.56
N THR C 288 0.94 30.08 15.68
CA THR C 288 1.20 31.07 14.63
C THR C 288 2.61 30.87 14.10
N HIS C 289 3.00 31.67 13.12
CA HIS C 289 4.34 31.54 12.54
C HIS C 289 5.40 32.14 13.45
N TRP C 290 4.97 32.74 14.56
CA TRP C 290 5.90 33.20 15.58
C TRP C 290 6.26 32.10 16.57
N TYR C 291 5.42 31.06 16.65
CA TYR C 291 5.62 29.95 17.58
C TYR C 291 5.84 30.47 19.00
N GLN C 292 6.74 29.84 19.75
CA GLN C 292 7.21 30.42 21.00
C GLN C 292 8.73 30.36 21.04
N VAL C 293 9.33 31.13 21.96
CA VAL C 293 10.78 31.18 22.04
C VAL C 293 11.25 30.76 23.41
N ARG C 294 12.24 29.88 23.48
CA ARG C 294 12.80 29.49 24.77
C ARG C 294 14.29 29.80 24.84
N CYS C 295 14.69 30.42 25.95
CA CYS C 295 16.09 30.68 26.24
C CYS C 295 16.53 29.79 27.39
N LEU C 296 17.52 28.93 27.12
CA LEU C 296 18.01 28.00 28.13
C LEU C 296 18.96 28.66 29.11
N PHE C 297 18.95 28.17 30.35
CA PHE C 297 19.97 28.49 31.33
C PHE C 297 21.15 27.57 31.09
N GLN C 298 22.36 28.09 31.32
CA GLN C 298 23.56 27.30 31.12
C GLN C 298 23.58 26.15 32.11
N SER C 299 23.13 26.41 33.34
CA SER C 299 22.98 25.38 34.35
C SER C 299 21.56 25.44 34.91
N PRO C 300 20.85 24.31 34.91
CA PRO C 300 19.47 24.35 35.40
C PRO C 300 19.40 24.70 36.88
N LEU C 301 18.27 25.28 37.30
CA LEU C 301 18.08 25.64 38.70
C LEU C 301 17.02 24.78 39.37
N PHE C 302 17.35 24.19 40.50
CA PHE C 302 16.36 23.42 41.21
C PHE C 302 15.48 24.31 42.09
N ALA C 303 14.16 24.11 42.02
CA ALA C 303 13.24 24.87 42.84
C ALA C 303 12.14 23.99 43.40
N LYS C 304 11.70 24.32 44.61
CA LYS C 304 10.59 23.64 45.24
C LYS C 304 9.33 24.41 44.90
N ALA C 305 8.17 23.75 44.89
CA ALA C 305 6.93 24.47 44.66
C ALA C 305 6.77 25.44 45.83
N GLY C 306 6.54 26.72 45.51
CA GLY C 306 6.43 27.73 46.55
C GLY C 306 7.67 28.59 46.66
N ASP C 307 8.80 28.10 46.16
CA ASP C 307 10.02 28.90 46.11
C ASP C 307 9.84 30.04 45.13
N THR C 308 10.72 31.04 45.21
CA THR C 308 10.68 32.15 44.29
C THR C 308 11.93 32.15 43.43
N LEU C 309 11.72 32.27 42.12
CA LEU C 309 12.80 32.39 41.15
C LEU C 309 12.84 33.83 40.69
N SER C 310 13.87 34.56 41.11
CA SER C 310 13.91 35.98 40.81
C SER C 310 15.09 36.32 39.93
N GLY C 311 14.96 37.45 39.23
CA GLY C 311 16.04 37.93 38.41
C GLY C 311 15.61 38.89 37.32
N THR C 312 16.45 39.02 36.30
CA THR C 312 16.19 39.99 35.25
C THR C 312 16.49 39.44 33.86
N CYS C 313 15.59 39.78 32.93
CA CYS C 313 15.82 39.58 31.51
C CYS C 313 16.10 40.93 30.85
N LEU C 314 17.33 41.14 30.41
CA LEU C 314 17.73 42.40 29.81
C LEU C 314 17.95 42.24 28.31
N LEU C 315 17.20 43.02 27.53
CA LEU C 315 17.28 43.00 26.08
C LEU C 315 18.00 44.25 25.60
N ILE C 316 19.16 44.06 24.95
CA ILE C 316 19.93 45.20 24.45
C ILE C 316 19.95 45.21 22.94
N ALA C 317 19.39 46.26 22.34
CA ALA C 317 19.31 46.35 20.88
C ALA C 317 20.70 46.48 20.26
N ASN C 318 20.89 45.79 19.13
CA ASN C 318 22.14 45.88 18.38
C ASN C 318 21.84 46.36 16.95
N LYS C 319 22.90 46.66 16.19
CA LYS C 319 22.73 47.22 14.85
C LYS C 319 22.44 46.15 13.80
N ARG C 320 22.31 44.90 14.22
CA ARG C 320 21.91 43.82 13.32
C ARG C 320 20.39 43.61 13.41
N GLN C 321 19.68 44.68 13.75
CA GLN C 321 18.22 44.66 13.84
C GLN C 321 17.68 43.61 14.80
N SER C 322 18.37 43.41 15.91
CA SER C 322 17.90 42.47 16.91
C SER C 322 18.39 42.84 18.30
N TYR C 323 18.44 41.85 19.18
CA TYR C 323 18.80 42.09 20.57
C TYR C 323 19.80 41.09 21.09
N ASP C 324 20.72 41.58 21.92
CA ASP C 324 21.55 40.72 22.75
C ASP C 324 20.76 40.47 24.03
N ILE C 325 20.53 39.19 24.33
CA ILE C 325 19.72 38.80 25.47
C ILE C 325 20.60 38.42 26.64
N SER C 326 20.40 39.10 27.76
CA SER C 326 21.08 38.76 29.00
C SER C 326 20.05 38.27 30.02
N ILE C 327 20.20 37.04 30.48
CA ILE C 327 19.27 36.52 31.49
C ILE C 327 20.00 36.09 32.74
N VAL C 328 19.61 36.70 33.87
CA VAL C 328 20.10 36.30 35.18
C VAL C 328 18.95 35.86 36.08
N ALA C 329 19.07 34.65 36.63
CA ALA C 329 18.06 34.08 37.49
C ALA C 329 18.66 33.42 38.73
N GLN C 330 17.90 33.48 39.82
CA GLN C 330 18.31 32.94 41.11
C GLN C 330 17.14 32.45 41.94
N VAL C 331 17.32 31.27 42.51
CA VAL C 331 16.39 30.70 43.45
C VAL C 331 16.68 31.34 44.81
N ASP C 332 15.76 32.20 45.25
CA ASP C 332 15.99 33.01 46.43
C ASP C 332 16.23 32.15 47.68
N GLN C 333 15.54 31.02 47.78
CA GLN C 333 15.59 30.21 48.98
C GLN C 333 16.94 29.49 49.15
N THR C 334 17.65 29.26 48.05
CA THR C 334 18.90 28.52 48.10
C THR C 334 20.09 29.34 47.63
N GLY C 335 19.82 30.41 46.89
CA GLY C 335 20.88 31.25 46.35
C GLY C 335 21.53 30.64 45.12
N SER C 336 20.96 29.53 44.65
CA SER C 336 21.46 28.86 43.46
C SER C 336 21.21 29.75 42.24
N LYS C 337 22.26 30.06 41.50
CA LYS C 337 22.18 31.09 40.47
C LYS C 337 22.61 30.59 39.10
N SER C 338 21.93 31.08 38.06
CA SER C 338 22.32 30.79 36.68
C SER C 338 22.07 31.98 35.76
N SER C 339 22.94 32.10 34.76
CA SER C 339 22.85 33.17 33.77
C SER C 339 23.06 32.65 32.34
N ASN C 340 22.56 33.39 31.35
CA ASN C 340 22.87 33.05 29.95
C ASN C 340 22.86 34.29 29.06
N LEU C 341 23.69 34.23 28.02
CA LEU C 341 23.78 35.30 27.04
C LEU C 341 23.35 34.71 25.71
N LEU C 342 22.37 35.32 25.08
CA LEU C 342 21.85 34.78 23.83
C LEU C 342 21.82 35.82 22.72
N ASP C 343 21.90 35.33 21.49
N ASP C 343 21.78 35.34 21.50
CA ASP C 343 21.84 36.16 20.28
CA ASP C 343 21.84 36.20 20.34
C ASP C 343 20.50 35.98 19.58
C ASP C 343 20.56 36.03 19.53
N LEU C 344 19.60 36.92 19.76
CA LEU C 344 18.26 36.77 19.21
C LEU C 344 18.23 36.77 17.68
N LYS C 345 19.23 37.37 17.05
CA LYS C 345 19.28 37.46 15.59
C LYS C 345 19.37 36.07 14.96
N ASN C 346 20.05 35.16 15.63
CA ASN C 346 20.27 33.81 15.10
C ASN C 346 19.63 32.74 15.97
N PRO C 347 18.31 32.61 15.90
CA PRO C 347 17.62 31.58 16.70
C PRO C 347 17.75 30.21 16.07
N PHE C 348 17.52 29.15 16.84
CA PHE C 348 17.53 27.81 16.29
C PHE C 348 16.09 27.40 16.04
N PHE C 349 15.73 27.20 14.77
CA PHE C 349 14.37 26.77 14.45
C PHE C 349 14.30 25.26 14.65
N ARG C 350 13.68 24.86 15.75
CA ARG C 350 13.65 23.47 16.21
C ARG C 350 12.35 22.79 15.79
N TYR C 351 11.33 23.60 15.50
CA TYR C 351 10.00 23.08 15.23
C TYR C 351 9.99 22.08 14.07
N THR C 352 9.31 20.95 14.31
CA THR C 352 9.20 19.89 13.32
C THR C 352 7.74 19.47 13.17
N SER D 10 40.83 44.47 -3.17
CA SER D 10 41.20 43.11 -3.49
C SER D 10 40.31 42.50 -4.56
N VAL D 11 40.74 41.37 -5.11
CA VAL D 11 39.98 40.71 -6.17
C VAL D 11 38.66 40.22 -5.61
N PHE D 12 38.67 39.78 -4.35
CA PHE D 12 37.45 39.28 -3.74
C PHE D 12 36.44 40.41 -3.58
N SER D 13 36.88 41.48 -2.94
CA SER D 13 36.02 42.61 -2.62
C SER D 13 35.38 43.25 -3.84
N GLU D 14 36.13 43.35 -4.93
CA GLU D 14 35.61 44.00 -6.13
C GLU D 14 34.49 43.15 -6.75
N ARG D 15 34.58 41.84 -6.63
CA ARG D 15 33.59 40.96 -7.25
C ARG D 15 32.49 40.58 -6.27
N THR D 16 32.58 41.07 -5.03
CA THR D 16 31.64 40.69 -3.99
C THR D 16 31.04 41.89 -3.26
N GLU D 17 29.72 41.92 -3.20
CA GLU D 17 28.98 42.88 -2.40
C GLU D 17 29.28 42.66 -0.92
N GLU D 18 29.46 43.74 -0.18
CA GLU D 18 29.82 43.65 1.24
C GLU D 18 28.72 42.86 1.96
N SER D 19 27.49 43.14 1.55
CA SER D 19 26.30 42.56 2.14
C SER D 19 26.34 41.03 2.05
N SER D 20 26.81 40.53 0.92
CA SER D 20 26.90 39.08 0.69
C SER D 20 28.03 38.44 1.50
N ALA D 21 29.20 39.07 1.49
CA ALA D 21 30.37 38.54 2.17
C ALA D 21 30.15 38.46 3.69
N VAL D 22 29.56 39.52 4.24
CA VAL D 22 29.30 39.54 5.68
C VAL D 22 28.50 38.31 6.08
N GLN D 23 27.35 38.13 5.44
CA GLN D 23 26.48 36.99 5.70
C GLN D 23 27.20 35.66 5.44
N TYR D 24 27.90 35.62 4.32
CA TYR D 24 28.54 34.39 3.87
C TYR D 24 29.52 33.87 4.90
N PHE D 25 30.45 34.72 5.33
CA PHE D 25 31.47 34.25 6.28
C PHE D 25 30.94 34.13 7.70
N GLN D 26 29.85 34.84 7.97
CA GLN D 26 29.16 34.72 9.24
C GLN D 26 28.58 33.31 9.35
N PHE D 27 27.99 32.85 8.24
CA PHE D 27 27.47 31.49 8.15
C PHE D 27 28.52 30.41 8.47
N TYR D 28 29.72 30.57 7.93
CA TYR D 28 30.75 29.54 8.12
C TYR D 28 31.52 29.64 9.44
N GLY D 29 31.18 30.62 10.26
CA GLY D 29 31.80 30.75 11.58
C GLY D 29 31.21 29.82 12.62
N TYR D 30 30.13 29.15 12.28
CA TYR D 30 29.40 28.29 13.21
C TYR D 30 29.93 26.86 13.21
N LEU D 31 30.22 26.35 14.40
CA LEU D 31 30.71 24.99 14.57
C LEU D 31 29.69 23.94 14.11
N SER D 32 28.40 24.25 14.21
CA SER D 32 27.36 23.30 13.80
C SER D 32 27.45 23.02 12.30
N GLN D 33 27.84 24.04 11.54
CA GLN D 33 27.93 23.92 10.09
C GLN D 33 29.16 23.06 9.74
N GLN D 34 30.24 23.30 10.48
CA GLN D 34 31.44 22.48 10.35
C GLN D 34 31.11 21.03 10.67
N GLN D 35 30.39 20.81 11.76
CA GLN D 35 29.97 19.46 12.10
C GLN D 35 29.15 18.87 10.95
N ASN D 36 28.21 19.64 10.42
CA ASN D 36 27.41 19.14 9.31
C ASN D 36 28.28 18.68 8.14
N MET D 37 29.24 19.52 7.75
CA MET D 37 30.11 19.13 6.63
C MET D 37 31.04 17.97 6.97
N MET D 38 31.57 17.96 8.19
CA MET D 38 32.50 16.93 8.61
C MET D 38 31.79 15.57 8.69
N GLN D 39 30.50 15.58 8.96
CA GLN D 39 29.73 14.34 9.07
C GLN D 39 29.30 13.77 7.72
N ASP D 40 29.61 14.48 6.63
CA ASP D 40 29.47 13.90 5.30
C ASP D 40 30.61 12.89 5.10
N TYR D 41 30.37 11.62 5.43
CA TYR D 41 31.46 10.64 5.45
C TYR D 41 32.04 10.38 4.07
N VAL D 42 31.21 10.37 3.03
CA VAL D 42 31.68 10.17 1.67
C VAL D 42 32.76 11.21 1.37
N ARG D 43 32.41 12.46 1.64
CA ARG D 43 33.30 13.59 1.41
C ARG D 43 34.60 13.47 2.19
N THR D 44 34.48 13.41 3.51
CA THR D 44 35.63 13.45 4.40
C THR D 44 36.53 12.24 4.13
N GLY D 45 35.89 11.08 4.01
CA GLY D 45 36.60 9.85 3.74
C GLY D 45 37.32 9.89 2.40
N THR D 46 36.63 10.37 1.36
CA THR D 46 37.25 10.42 0.04
C THR D 46 38.41 11.41 0.02
N TYR D 47 38.25 12.57 0.67
CA TYR D 47 39.36 13.52 0.76
C TYR D 47 40.56 12.89 1.45
N GLN D 48 40.32 12.30 2.62
CA GLN D 48 41.42 11.68 3.36
C GLN D 48 42.05 10.59 2.50
N ARG D 49 41.21 9.85 1.80
CA ARG D 49 41.67 8.76 0.95
C ARG D 49 42.58 9.31 -0.16
N ALA D 50 42.12 10.39 -0.79
CA ALA D 50 42.86 11.02 -1.88
C ALA D 50 44.18 11.58 -1.41
N ILE D 51 44.21 12.15 -0.21
CA ILE D 51 45.47 12.69 0.30
C ILE D 51 46.44 11.63 0.80
N LEU D 52 45.96 10.66 1.57
CA LEU D 52 46.85 9.67 2.17
C LEU D 52 47.42 8.71 1.13
N GLN D 53 46.62 8.32 0.15
CA GLN D 53 47.06 7.38 -0.89
C GLN D 53 47.95 8.06 -1.92
N ASN D 54 48.01 9.38 -1.88
CA ASN D 54 48.95 10.14 -2.70
C ASN D 54 49.93 10.85 -1.77
N HIS D 55 50.39 10.15 -0.75
CA HIS D 55 51.22 10.77 0.28
C HIS D 55 52.52 11.35 -0.26
N THR D 56 53.03 10.77 -1.35
CA THR D 56 54.27 11.26 -1.94
C THR D 56 54.10 12.68 -2.51
N ASP D 57 52.85 13.04 -2.79
CA ASP D 57 52.54 14.38 -3.27
C ASP D 57 52.55 15.40 -2.13
N PHE D 58 52.66 14.91 -0.90
CA PHE D 58 52.63 15.78 0.27
C PHE D 58 53.89 15.67 1.13
N LYS D 59 54.56 14.52 1.07
CA LYS D 59 55.68 14.22 1.96
C LYS D 59 56.80 15.27 1.81
N ASP D 60 57.06 15.99 2.90
CA ASP D 60 58.05 17.06 2.97
C ASP D 60 57.81 18.14 1.91
N LYS D 61 56.55 18.33 1.52
CA LYS D 61 56.18 19.34 0.56
C LYS D 61 55.50 20.53 1.27
N ILE D 62 55.35 21.65 0.56
CA ILE D 62 54.61 22.80 1.05
C ILE D 62 53.16 22.81 0.51
N VAL D 63 52.23 22.93 1.45
CA VAL D 63 50.81 22.81 1.16
C VAL D 63 50.07 24.10 1.48
N LEU D 64 49.10 24.43 0.64
CA LEU D 64 48.14 25.50 0.94
C LEU D 64 46.73 24.93 1.04
N ASP D 65 46.05 25.20 2.14
CA ASP D 65 44.67 24.76 2.32
C ASP D 65 43.73 25.97 2.18
N VAL D 66 43.01 26.04 1.06
CA VAL D 66 42.15 27.20 0.82
C VAL D 66 40.76 26.98 1.42
N GLY D 67 40.40 27.83 2.37
CA GLY D 67 39.14 27.73 3.08
C GLY D 67 39.13 26.52 3.99
N CYS D 68 40.08 26.50 4.91
CA CYS D 68 40.37 25.31 5.70
C CYS D 68 39.29 25.00 6.72
N GLY D 69 38.49 26.00 7.08
CA GLY D 69 37.48 25.82 8.10
C GLY D 69 38.09 25.35 9.41
N SER D 70 37.63 24.21 9.89
CA SER D 70 38.15 23.63 11.14
C SER D 70 39.59 23.15 10.96
N GLY D 71 40.00 22.93 9.71
CA GLY D 71 41.37 22.52 9.41
C GLY D 71 41.58 21.06 9.06
N ILE D 72 40.50 20.33 8.81
CA ILE D 72 40.57 18.88 8.64
C ILE D 72 41.50 18.45 7.50
N LEU D 73 41.45 19.15 6.37
CA LEU D 73 42.25 18.78 5.22
C LEU D 73 43.72 19.04 5.52
N SER D 74 43.99 20.07 6.30
CA SER D 74 45.35 20.38 6.72
C SER D 74 45.89 19.25 7.61
N PHE D 75 45.04 18.70 8.47
CA PHE D 75 45.43 17.57 9.29
C PHE D 75 45.69 16.36 8.40
N PHE D 76 44.83 16.15 7.39
CA PHE D 76 45.11 15.09 6.42
C PHE D 76 46.44 15.28 5.72
N ALA D 77 46.74 16.51 5.32
CA ALA D 77 48.03 16.83 4.69
C ALA D 77 49.17 16.61 5.66
N ALA D 78 48.95 16.92 6.93
CA ALA D 78 49.96 16.70 7.96
C ALA D 78 50.20 15.20 8.15
N GLN D 79 49.12 14.43 8.08
CA GLN D 79 49.21 12.98 8.19
C GLN D 79 50.00 12.38 7.03
N ALA D 80 49.98 13.05 5.89
CA ALA D 80 50.66 12.57 4.68
C ALA D 80 52.14 12.98 4.67
N GLY D 81 52.57 13.65 5.74
CA GLY D 81 53.98 13.95 5.93
C GLY D 81 54.40 15.31 5.41
N ALA D 82 53.47 16.23 5.24
CA ALA D 82 53.79 17.56 4.77
C ALA D 82 54.69 18.27 5.78
N ARG D 83 55.60 19.08 5.28
CA ARG D 83 56.52 19.84 6.12
C ARG D 83 55.88 21.11 6.66
N LYS D 84 55.18 21.83 5.78
CA LYS D 84 54.50 23.04 6.19
C LYS D 84 53.15 23.18 5.47
N ILE D 85 52.12 23.51 6.25
CA ILE D 85 50.78 23.68 5.70
C ILE D 85 50.21 25.03 6.10
N TYR D 86 49.90 25.87 5.13
CA TYR D 86 49.27 27.15 5.42
C TYR D 86 47.75 27.01 5.27
N ALA D 87 47.04 27.15 6.39
CA ALA D 87 45.60 26.96 6.42
C ALA D 87 44.88 28.31 6.43
N VAL D 88 44.33 28.68 5.29
CA VAL D 88 43.68 29.98 5.14
C VAL D 88 42.17 29.88 5.30
N GLU D 89 41.61 30.71 6.18
CA GLU D 89 40.17 30.77 6.41
C GLU D 89 39.76 32.21 6.76
N ALA D 90 38.71 32.70 6.11
CA ALA D 90 38.30 34.09 6.27
C ALA D 90 37.26 34.25 7.38
N SER D 91 36.57 33.17 7.71
CA SER D 91 35.57 33.23 8.77
C SER D 91 36.26 33.13 10.12
N THR D 92 35.48 33.27 11.18
CA THR D 92 36.03 33.20 12.52
C THR D 92 36.42 31.76 12.90
N MET D 93 36.03 30.81 12.05
CA MET D 93 36.34 29.41 12.30
C MET D 93 37.85 29.27 12.40
N ALA D 94 38.58 30.18 11.76
CA ALA D 94 40.03 30.17 11.79
C ALA D 94 40.55 30.08 13.21
N GLN D 95 39.85 30.71 14.16
CA GLN D 95 40.30 30.71 15.54
C GLN D 95 40.13 29.32 16.14
N HIS D 96 39.14 28.59 15.66
CA HIS D 96 38.85 27.25 16.16
C HIS D 96 39.87 26.28 15.57
N ALA D 97 40.28 26.55 14.34
CA ALA D 97 41.33 25.78 13.69
C ALA D 97 42.64 25.90 14.46
N GLU D 98 42.95 27.11 14.91
CA GLU D 98 44.18 27.33 15.68
C GLU D 98 44.16 26.48 16.95
N VAL D 99 42.99 26.42 17.59
CA VAL D 99 42.84 25.66 18.82
C VAL D 99 43.12 24.17 18.59
N LEU D 100 42.59 23.63 17.49
CA LEU D 100 42.79 22.21 17.19
C LEU D 100 44.23 21.90 16.86
N VAL D 101 44.90 22.82 16.16
CA VAL D 101 46.30 22.63 15.81
C VAL D 101 47.15 22.52 17.07
N LYS D 102 46.90 23.40 18.03
CA LYS D 102 47.63 23.39 19.29
C LYS D 102 47.37 22.10 20.07
N SER D 103 46.10 21.73 20.19
CA SER D 103 45.71 20.56 20.98
C SER D 103 46.11 19.25 20.31
N ASN D 104 46.37 19.29 19.01
CA ASN D 104 46.84 18.10 18.28
C ASN D 104 48.35 18.14 18.09
N ASN D 105 49.01 19.09 18.75
CA ASN D 105 50.46 19.19 18.75
C ASN D 105 51.05 19.23 17.34
N LEU D 106 50.46 20.08 16.50
CA LEU D 106 50.92 20.23 15.12
C LEU D 106 51.27 21.68 14.83
N THR D 107 51.64 22.41 15.88
CA THR D 107 51.97 23.83 15.77
C THR D 107 53.19 24.06 14.89
N ASP D 108 54.04 23.04 14.76
CA ASP D 108 55.26 23.17 13.98
C ASP D 108 55.03 22.93 12.49
N ARG D 109 53.83 22.49 12.13
CA ARG D 109 53.55 22.07 10.76
C ARG D 109 52.32 22.75 10.12
N ILE D 110 51.31 23.07 10.92
CA ILE D 110 50.12 23.73 10.38
C ILE D 110 50.10 25.17 10.88
N VAL D 111 50.13 26.11 9.92
CA VAL D 111 50.06 27.52 10.23
C VAL D 111 48.75 28.09 9.74
N VAL D 112 47.88 28.49 10.65
CA VAL D 112 46.61 29.09 10.29
C VAL D 112 46.85 30.54 9.90
N ILE D 113 46.40 30.90 8.70
CA ILE D 113 46.51 32.26 8.23
C ILE D 113 45.08 32.79 8.08
N PRO D 114 44.62 33.61 9.02
CA PRO D 114 43.26 34.16 8.94
C PRO D 114 43.08 35.21 7.85
N GLY D 115 41.96 35.13 7.14
CA GLY D 115 41.65 36.10 6.09
C GLY D 115 41.23 35.46 4.78
N LYS D 116 40.82 36.28 3.84
CA LYS D 116 40.45 35.80 2.51
C LYS D 116 41.73 35.51 1.74
N VAL D 117 41.74 34.43 0.96
CA VAL D 117 42.96 34.01 0.26
C VAL D 117 43.40 35.07 -0.74
N GLU D 118 42.46 35.92 -1.17
CA GLU D 118 42.78 37.00 -2.09
C GLU D 118 43.45 38.17 -1.39
N GLU D 119 43.48 38.15 -0.06
CA GLU D 119 43.91 39.30 0.71
C GLU D 119 45.07 39.02 1.66
N VAL D 120 45.21 37.76 2.07
CA VAL D 120 46.27 37.41 3.00
C VAL D 120 47.62 37.48 2.29
N SER D 121 48.68 37.43 3.08
CA SER D 121 50.02 37.35 2.55
C SER D 121 50.56 35.99 2.97
N LEU D 122 50.98 35.19 2.00
CA LEU D 122 51.54 33.88 2.29
C LEU D 122 53.06 33.98 2.36
N PRO D 123 53.68 33.30 3.34
CA PRO D 123 55.13 33.42 3.52
C PRO D 123 55.99 32.83 2.39
N GLU D 124 55.51 31.79 1.72
CA GLU D 124 56.29 31.15 0.65
C GLU D 124 55.38 30.51 -0.40
N GLN D 125 55.96 30.18 -1.55
CA GLN D 125 55.24 29.46 -2.59
C GLN D 125 55.04 28.01 -2.15
N VAL D 126 53.96 27.39 -2.61
CA VAL D 126 53.61 26.04 -2.17
C VAL D 126 53.74 25.01 -3.29
N ASP D 127 53.88 23.75 -2.91
CA ASP D 127 53.97 22.65 -3.86
C ASP D 127 52.58 22.19 -4.27
N ILE D 128 51.64 22.27 -3.34
CA ILE D 128 50.30 21.78 -3.67
C ILE D 128 49.19 22.54 -2.96
N ILE D 129 48.10 22.77 -3.69
CA ILE D 129 46.93 23.43 -3.11
C ILE D 129 45.82 22.43 -2.89
N ILE D 130 45.33 22.36 -1.65
CA ILE D 130 44.16 21.54 -1.36
C ILE D 130 43.02 22.47 -0.98
N SER D 131 41.82 22.04 -1.34
CA SER D 131 40.65 22.84 -0.99
C SER D 131 39.37 22.07 -1.17
N GLU D 132 38.31 22.61 -0.58
CA GLU D 132 36.98 22.08 -0.79
C GLU D 132 36.12 23.25 -1.28
N PRO D 133 36.31 23.66 -2.55
CA PRO D 133 35.65 24.87 -3.03
C PRO D 133 34.33 24.64 -3.74
N MET D 134 33.84 23.42 -3.70
CA MET D 134 32.62 23.07 -4.43
C MET D 134 31.39 23.52 -3.65
N GLY D 135 30.47 24.19 -4.35
CA GLY D 135 29.18 24.49 -3.78
C GLY D 135 28.14 23.69 -4.50
N TYR D 136 26.87 23.97 -4.24
CA TYR D 136 25.80 23.32 -4.97
C TYR D 136 26.00 23.55 -6.46
N MET D 137 25.69 22.53 -7.27
CA MET D 137 25.92 22.60 -8.70
C MET D 137 27.35 23.04 -9.00
N LEU D 138 28.26 22.66 -8.13
CA LEU D 138 29.68 22.98 -8.22
C LEU D 138 30.00 24.48 -8.06
N PHE D 139 29.33 25.32 -8.82
CA PHE D 139 29.77 26.71 -8.97
C PHE D 139 29.24 27.69 -7.91
N ASN D 140 28.22 27.29 -7.16
CA ASN D 140 27.65 28.18 -6.16
C ASN D 140 28.73 28.60 -5.16
N GLU D 141 28.59 29.83 -4.66
CA GLU D 141 29.52 30.46 -3.71
C GLU D 141 30.75 31.09 -4.39
N ARG D 142 30.97 30.75 -5.66
CA ARG D 142 32.04 31.38 -6.43
C ARG D 142 33.40 31.17 -5.76
N MET D 143 33.54 30.09 -5.00
CA MET D 143 34.80 29.85 -4.31
C MET D 143 35.83 29.20 -5.23
N LEU D 144 35.38 28.64 -6.34
CA LEU D 144 36.32 28.06 -7.30
C LEU D 144 37.31 29.12 -7.79
N GLU D 145 36.84 30.36 -7.88
CA GLU D 145 37.67 31.47 -8.31
C GLU D 145 38.74 31.80 -7.29
N SER D 146 38.42 31.63 -6.01
CA SER D 146 39.41 31.82 -4.95
C SER D 146 40.45 30.71 -5.07
N TYR D 147 39.95 29.51 -5.33
CA TYR D 147 40.79 28.34 -5.50
C TYR D 147 41.76 28.58 -6.65
N LEU D 148 41.24 29.11 -7.75
CA LEU D 148 42.07 29.41 -8.92
C LEU D 148 42.98 30.60 -8.63
N HIS D 149 42.45 31.57 -7.91
CA HIS D 149 43.20 32.77 -7.54
C HIS D 149 44.43 32.36 -6.74
N ALA D 150 44.26 31.35 -5.89
CA ALA D 150 45.35 30.90 -5.03
C ALA D 150 46.56 30.34 -5.79
N LYS D 151 46.42 30.07 -7.09
CA LYS D 151 47.56 29.52 -7.84
C LYS D 151 48.71 30.51 -7.96
N LYS D 152 48.49 31.75 -7.56
CA LYS D 152 49.57 32.72 -7.54
C LYS D 152 50.63 32.31 -6.53
N TYR D 153 50.24 31.44 -5.60
CA TYR D 153 51.18 30.91 -4.61
C TYR D 153 51.71 29.54 -4.99
N LEU D 154 51.30 29.03 -6.15
CA LEU D 154 51.68 27.69 -6.59
C LEU D 154 52.96 27.69 -7.42
N LYS D 155 53.88 26.80 -7.06
CA LYS D 155 55.09 26.57 -7.84
C LYS D 155 54.77 26.15 -9.27
N PRO D 156 55.72 26.34 -10.20
CA PRO D 156 55.51 26.04 -11.63
C PRO D 156 54.94 24.66 -11.97
N SER D 157 55.34 23.61 -11.28
CA SER D 157 54.85 22.27 -11.58
C SER D 157 54.01 21.72 -10.43
N GLY D 158 53.50 22.63 -9.61
CA GLY D 158 52.71 22.28 -8.45
C GLY D 158 51.39 21.63 -8.82
N ASN D 159 50.76 21.00 -7.84
CA ASN D 159 49.50 20.27 -8.07
C ASN D 159 48.32 20.86 -7.29
N MET D 160 47.12 20.48 -7.73
CA MET D 160 45.89 20.92 -7.08
C MET D 160 44.94 19.76 -6.75
N PHE D 161 44.44 19.78 -5.52
CA PHE D 161 43.54 18.77 -5.00
C PHE D 161 42.23 19.43 -4.50
N PRO D 162 41.13 19.28 -5.27
CA PRO D 162 40.97 18.51 -6.51
C PRO D 162 41.64 19.11 -7.74
N THR D 163 41.84 18.29 -8.76
CA THR D 163 42.54 18.70 -9.97
C THR D 163 41.57 19.12 -11.07
N ILE D 164 40.48 18.39 -11.22
CA ILE D 164 39.46 18.72 -12.21
C ILE D 164 38.06 18.59 -11.61
N GLY D 165 37.12 19.28 -12.26
CA GLY D 165 35.72 19.20 -11.90
C GLY D 165 34.84 18.96 -13.12
N ASP D 166 33.96 17.97 -13.01
CA ASP D 166 33.01 17.65 -14.07
C ASP D 166 31.62 18.02 -13.59
N VAL D 167 30.95 18.88 -14.35
CA VAL D 167 29.55 19.17 -14.11
C VAL D 167 28.74 18.36 -15.10
N HIS D 168 27.77 17.61 -14.58
CA HIS D 168 26.87 16.84 -15.39
C HIS D 168 25.48 17.43 -15.38
N LEU D 169 24.89 17.50 -16.57
CA LEU D 169 23.48 17.89 -16.68
C LEU D 169 22.67 16.91 -17.53
N ALA D 170 21.45 16.63 -17.11
CA ALA D 170 20.57 15.72 -17.86
C ALA D 170 19.10 16.10 -17.74
N PRO D 171 18.31 15.91 -18.81
CA PRO D 171 16.89 16.26 -18.69
C PRO D 171 16.16 15.30 -17.77
N PHE D 172 15.19 15.78 -17.02
CA PHE D 172 14.46 14.88 -16.11
C PHE D 172 12.95 15.07 -16.21
N THR D 173 12.21 14.06 -15.77
CA THR D 173 10.77 14.17 -15.65
C THR D 173 10.37 13.94 -14.19
N ASP D 174 9.62 14.89 -13.64
CA ASP D 174 9.14 14.77 -12.26
C ASP D 174 7.90 15.65 -12.07
N GLU D 175 6.74 15.11 -12.40
CA GLU D 175 5.49 15.86 -12.32
C GLU D 175 5.20 16.36 -10.91
N GLN D 176 5.53 15.53 -9.93
CA GLN D 176 5.25 15.82 -8.53
C GLN D 176 5.98 17.10 -8.09
N LEU D 177 7.27 17.19 -8.41
CA LEU D 177 8.08 18.36 -8.05
C LEU D 177 7.52 19.63 -8.73
N TYR D 178 7.17 19.47 -10.00
CA TYR D 178 6.69 20.56 -10.80
C TYR D 178 5.39 21.10 -10.24
N MET D 179 4.45 20.19 -9.99
CA MET D 179 3.16 20.60 -9.46
C MET D 179 3.37 21.15 -8.06
N GLU D 180 4.32 20.58 -7.33
CA GLU D 180 4.59 21.06 -5.98
C GLU D 180 4.98 22.53 -5.99
N GLN D 181 5.89 22.93 -6.89
CA GLN D 181 6.23 24.37 -6.98
C GLN D 181 5.09 25.23 -7.57
N PHE D 182 4.41 24.67 -8.56
CA PHE D 182 3.35 25.39 -9.24
C PHE D 182 2.22 25.70 -8.26
N THR D 183 1.96 24.76 -7.35
CA THR D 183 0.96 24.93 -6.31
C THR D 183 1.30 26.11 -5.42
N LYS D 184 2.57 26.23 -5.06
CA LYS D 184 3.02 27.33 -4.20
C LYS D 184 2.84 28.63 -4.93
N ALA D 185 3.17 28.64 -6.21
CA ALA D 185 2.97 29.89 -6.96
C ALA D 185 1.48 30.21 -7.14
N ASN D 186 0.64 29.18 -7.22
CA ASN D 186 -0.79 29.39 -7.45
C ASN D 186 -1.57 30.06 -6.31
N PHE D 187 -0.90 30.35 -5.19
CA PHE D 187 -1.51 31.16 -4.13
C PHE D 187 -1.83 32.55 -4.67
N TRP D 188 -0.93 33.06 -5.51
CA TRP D 188 -1.04 34.41 -6.07
C TRP D 188 -2.02 34.45 -7.26
N TYR D 189 -2.77 33.35 -7.41
CA TYR D 189 -3.81 33.20 -8.42
C TYR D 189 -5.16 33.67 -7.91
N GLN D 190 -5.34 33.62 -6.59
CA GLN D 190 -6.62 33.92 -5.98
C GLN D 190 -7.20 35.28 -6.34
N PRO D 191 -8.49 35.31 -6.74
CA PRO D 191 -9.17 36.57 -7.08
C PRO D 191 -9.74 37.26 -5.85
N SER D 192 -9.78 36.55 -4.73
CA SER D 192 -10.38 37.11 -3.51
C SER D 192 -9.80 36.53 -2.22
N PHE D 193 -8.51 36.73 -2.00
CA PHE D 193 -7.89 36.36 -0.72
C PHE D 193 -8.29 37.37 0.35
N HIS D 194 -9.19 36.96 1.22
CA HIS D 194 -9.78 37.86 2.21
C HIS D 194 -10.38 39.08 1.51
N GLY D 195 -10.92 38.86 0.32
CA GLY D 195 -11.56 39.93 -0.42
C GLY D 195 -10.62 40.67 -1.35
N VAL D 196 -9.37 40.22 -1.42
CA VAL D 196 -8.36 40.90 -2.22
C VAL D 196 -7.99 40.07 -3.45
N ASP D 197 -7.95 40.73 -4.60
CA ASP D 197 -7.56 40.09 -5.85
C ASP D 197 -6.05 40.07 -6.04
N LEU D 198 -5.45 38.89 -5.95
CA LEU D 198 -4.01 38.76 -6.06
C LEU D 198 -3.53 38.37 -7.46
N SER D 199 -4.47 38.04 -8.35
CA SER D 199 -4.14 37.35 -9.59
C SER D 199 -3.08 38.08 -10.42
N ALA D 200 -3.06 39.41 -10.34
CA ALA D 200 -2.18 40.20 -11.19
C ALA D 200 -0.71 39.95 -10.87
N LEU D 201 -0.44 39.34 -9.72
CA LEU D 201 0.93 39.03 -9.32
C LEU D 201 1.29 37.59 -9.58
N ARG D 202 0.37 36.81 -10.10
CA ARG D 202 0.66 35.40 -10.28
C ARG D 202 1.85 35.16 -11.20
N GLY D 203 1.97 35.97 -12.26
CA GLY D 203 3.09 35.84 -13.16
C GLY D 203 4.42 36.04 -12.45
N ALA D 204 4.51 37.08 -11.63
CA ALA D 204 5.71 37.34 -10.85
C ALA D 204 5.97 36.23 -9.85
N ALA D 205 4.89 35.66 -9.32
CA ALA D 205 5.00 34.59 -8.33
C ALA D 205 5.57 33.31 -8.94
N VAL D 206 5.03 32.91 -10.10
CA VAL D 206 5.53 31.73 -10.78
C VAL D 206 7.01 31.95 -11.08
N ASP D 207 7.33 33.13 -11.59
CA ASP D 207 8.71 33.46 -11.90
C ASP D 207 9.57 33.25 -10.67
N GLU D 208 9.13 33.75 -9.52
CA GLU D 208 9.96 33.66 -8.31
C GLU D 208 10.26 32.24 -7.88
N TYR D 209 9.23 31.40 -7.83
CA TYR D 209 9.38 30.03 -7.37
C TYR D 209 10.24 29.18 -8.30
N PHE D 210 10.06 29.36 -9.61
CA PHE D 210 10.77 28.53 -10.58
C PHE D 210 12.21 28.96 -10.77
N ARG D 211 12.56 30.14 -10.28
CA ARG D 211 13.94 30.59 -10.33
C ARG D 211 14.78 29.88 -9.28
N GLN D 212 14.13 29.19 -8.34
CA GLN D 212 14.84 28.50 -7.27
C GLN D 212 15.25 27.10 -7.74
N PRO D 213 16.58 26.87 -7.86
CA PRO D 213 17.00 25.49 -8.10
C PRO D 213 16.63 24.59 -6.93
N VAL D 214 16.24 23.37 -7.22
CA VAL D 214 15.81 22.45 -6.18
C VAL D 214 16.99 21.58 -5.77
N VAL D 215 17.38 21.72 -4.51
CA VAL D 215 18.45 20.92 -3.94
C VAL D 215 17.83 19.75 -3.21
N ASP D 216 18.10 18.56 -3.72
CA ASP D 216 17.66 17.34 -3.05
C ASP D 216 18.18 16.17 -3.87
N THR D 217 17.74 14.96 -3.55
CA THR D 217 18.16 13.79 -4.31
C THR D 217 16.96 13.20 -5.02
N PHE D 218 17.18 12.25 -5.91
CA PHE D 218 16.10 11.67 -6.68
C PHE D 218 16.50 10.32 -7.25
N ASP D 219 15.50 9.57 -7.71
CA ASP D 219 15.74 8.28 -8.35
C ASP D 219 16.26 8.52 -9.77
N ILE D 220 17.27 7.75 -10.17
CA ILE D 220 17.94 7.96 -11.46
C ILE D 220 17.04 7.63 -12.64
N ARG D 221 15.92 6.97 -12.38
CA ARG D 221 15.00 6.57 -13.42
C ARG D 221 14.14 7.73 -13.93
N ILE D 222 14.25 8.89 -13.28
CA ILE D 222 13.54 10.07 -13.75
C ILE D 222 14.34 10.73 -14.88
N LEU D 223 15.60 10.32 -15.03
CA LEU D 223 16.47 10.88 -16.06
C LEU D 223 16.11 10.32 -17.44
N MET D 224 16.03 11.20 -18.42
CA MET D 224 15.51 10.83 -19.74
C MET D 224 16.59 10.76 -20.82
N ALA D 225 17.83 11.06 -20.47
CA ALA D 225 18.93 10.98 -21.43
C ALA D 225 20.28 10.91 -20.74
N LYS D 226 21.28 10.40 -21.46
CA LYS D 226 22.64 10.37 -20.95
C LYS D 226 23.08 11.79 -20.67
N SER D 227 23.78 11.99 -19.55
CA SER D 227 24.19 13.32 -19.14
C SER D 227 25.20 13.94 -20.10
N VAL D 228 25.19 15.26 -20.15
CA VAL D 228 26.22 16.00 -20.86
C VAL D 228 27.21 16.50 -19.83
N LYS D 229 28.50 16.45 -20.18
CA LYS D 229 29.59 16.75 -19.27
C LYS D 229 30.26 18.08 -19.62
N TYR D 230 30.48 18.92 -18.62
CA TYR D 230 31.27 20.12 -18.78
C TYR D 230 32.44 20.09 -17.79
N THR D 231 33.66 20.18 -18.28
CA THR D 231 34.84 19.97 -17.45
C THR D 231 35.62 21.26 -17.21
N VAL D 232 35.99 21.49 -15.95
CA VAL D 232 36.89 22.58 -15.59
C VAL D 232 38.20 21.97 -15.07
N ASN D 233 39.30 22.28 -15.75
CA ASN D 233 40.63 21.86 -15.32
C ASN D 233 41.25 22.91 -14.42
N PHE D 234 41.28 22.64 -13.11
CA PHE D 234 41.73 23.60 -12.12
C PHE D 234 43.21 23.93 -12.26
N LEU D 235 43.97 23.03 -12.87
CA LEU D 235 45.39 23.28 -13.11
C LEU D 235 45.58 24.33 -14.20
N GLU D 236 44.61 24.43 -15.10
CA GLU D 236 44.77 25.25 -16.29
C GLU D 236 43.90 26.50 -16.27
N ALA D 237 42.76 26.42 -15.60
CA ALA D 237 41.75 27.48 -15.65
C ALA D 237 42.23 28.78 -15.00
N LYS D 238 41.69 29.90 -15.49
CA LYS D 238 41.95 31.23 -14.93
C LYS D 238 40.69 31.69 -14.18
N GLU D 239 40.83 32.64 -13.26
CA GLU D 239 39.66 33.13 -12.52
C GLU D 239 38.57 33.60 -13.48
N GLY D 240 39.00 34.39 -14.45
CA GLY D 240 38.08 35.01 -15.39
C GLY D 240 37.29 34.02 -16.18
N ASP D 241 37.78 32.78 -16.27
CA ASP D 241 37.08 31.75 -17.01
C ASP D 241 35.74 31.43 -16.37
N LEU D 242 35.57 31.77 -15.09
CA LEU D 242 34.35 31.40 -14.38
C LEU D 242 33.33 32.54 -14.27
N HIS D 243 33.64 33.68 -14.88
CA HIS D 243 32.71 34.80 -14.88
C HIS D 243 31.51 34.49 -15.77
N ARG D 244 31.78 33.81 -16.89
N ARG D 244 31.79 33.82 -16.89
CA ARG D 244 30.74 33.40 -17.84
CA ARG D 244 30.75 33.40 -17.84
C ARG D 244 30.94 31.96 -18.29
C ARG D 244 30.97 31.95 -18.24
N ILE D 245 30.06 31.08 -17.83
CA ILE D 245 30.17 29.65 -18.14
C ILE D 245 29.05 29.25 -19.10
N GLU D 246 29.42 28.97 -20.35
CA GLU D 246 28.43 28.59 -21.35
C GLU D 246 28.50 27.08 -21.63
N ILE D 247 27.42 26.36 -21.31
CA ILE D 247 27.37 24.92 -21.50
C ILE D 247 26.29 24.56 -22.54
N PRO D 248 26.70 24.40 -23.80
CA PRO D 248 25.77 23.91 -24.83
C PRO D 248 25.46 22.44 -24.62
N PHE D 249 24.26 22.00 -24.99
CA PHE D 249 23.91 20.58 -24.85
C PHE D 249 23.08 20.03 -26.00
N LYS D 250 23.25 18.73 -26.26
CA LYS D 250 22.46 18.02 -27.25
C LYS D 250 22.11 16.65 -26.71
N PHE D 251 20.92 16.53 -26.12
CA PHE D 251 20.49 15.25 -25.55
C PHE D 251 19.77 14.40 -26.57
N HIS D 252 20.13 13.12 -26.63
CA HIS D 252 19.36 12.17 -27.42
C HIS D 252 18.41 11.45 -26.46
N MET D 253 17.14 11.81 -26.55
CA MET D 253 16.12 11.36 -25.60
C MET D 253 15.95 9.86 -25.62
N LEU D 254 16.11 9.23 -24.46
CA LEU D 254 15.99 7.78 -24.35
C LEU D 254 14.57 7.35 -24.00
N HIS D 255 13.80 8.27 -23.43
CA HIS D 255 12.40 8.00 -23.09
C HIS D 255 11.49 9.11 -23.57
N SER D 256 10.25 8.77 -23.86
CA SER D 256 9.24 9.76 -24.21
C SER D 256 8.61 10.29 -22.94
N GLY D 257 8.22 11.56 -22.97
CA GLY D 257 7.57 12.16 -21.83
C GLY D 257 7.80 13.65 -21.72
N LEU D 258 7.39 14.20 -20.58
CA LEU D 258 7.52 15.61 -20.30
C LEU D 258 8.85 15.89 -19.63
N VAL D 259 9.64 16.76 -20.26
CA VAL D 259 10.88 17.24 -19.69
C VAL D 259 10.53 18.44 -18.84
N HIS D 260 10.70 18.29 -17.53
CA HIS D 260 10.36 19.32 -16.56
C HIS D 260 11.53 20.21 -16.23
N GLY D 261 12.72 19.79 -16.65
CA GLY D 261 13.91 20.60 -16.44
C GLY D 261 15.18 19.81 -16.55
N LEU D 262 16.26 20.41 -16.05
CA LEU D 262 17.58 19.78 -16.14
C LEU D 262 18.10 19.49 -14.74
N ALA D 263 18.63 18.28 -14.57
CA ALA D 263 19.26 17.86 -13.33
C ALA D 263 20.76 18.05 -13.46
N PHE D 264 21.36 18.51 -12.37
CA PHE D 264 22.77 18.82 -12.29
C PHE D 264 23.42 18.08 -11.15
N TRP D 265 24.64 17.59 -11.40
CA TRP D 265 25.49 17.07 -10.33
C TRP D 265 26.94 17.22 -10.77
N PHE D 266 27.90 16.85 -9.92
CA PHE D 266 29.29 17.01 -10.30
C PHE D 266 30.26 16.00 -9.70
N ASP D 267 31.36 15.77 -10.41
CA ASP D 267 32.45 14.94 -9.90
C ASP D 267 33.70 15.80 -9.79
N VAL D 268 34.57 15.50 -8.85
CA VAL D 268 35.89 16.10 -8.86
C VAL D 268 36.93 15.01 -8.75
N ALA D 269 38.06 15.22 -9.41
CA ALA D 269 39.12 14.20 -9.39
C ALA D 269 40.41 14.75 -8.78
N PHE D 270 40.98 13.94 -7.89
CA PHE D 270 42.28 14.22 -7.32
C PHE D 270 43.30 13.39 -8.09
N ILE D 271 43.94 14.05 -9.06
CA ILE D 271 44.94 13.41 -9.92
C ILE D 271 46.31 13.52 -9.27
N GLY D 272 46.65 12.52 -8.48
CA GLY D 272 47.93 12.47 -7.79
C GLY D 272 48.92 11.57 -8.50
N SER D 273 50.13 11.51 -7.97
CA SER D 273 51.20 10.72 -8.57
C SER D 273 50.97 9.21 -8.44
N ILE D 274 50.35 8.76 -7.36
CA ILE D 274 50.16 7.34 -7.11
C ILE D 274 48.87 6.85 -7.73
N MET D 275 47.79 7.61 -7.57
CA MET D 275 46.50 7.24 -8.14
C MET D 275 45.55 8.44 -8.23
N THR D 276 44.54 8.28 -9.07
CA THR D 276 43.52 9.30 -9.22
C THR D 276 42.30 8.89 -8.41
N VAL D 277 41.89 9.76 -7.49
CA VAL D 277 40.74 9.46 -6.65
C VAL D 277 39.57 10.35 -7.04
N TRP D 278 38.40 9.75 -7.20
CA TRP D 278 37.22 10.50 -7.60
C TRP D 278 36.26 10.73 -6.44
N LEU D 279 35.78 11.96 -6.33
CA LEU D 279 34.68 12.28 -5.43
C LEU D 279 33.48 12.66 -6.28
N SER D 280 32.42 11.87 -6.16
CA SER D 280 31.24 12.03 -7.01
C SER D 280 30.00 12.40 -6.20
N THR D 281 29.21 13.31 -6.75
CA THR D 281 27.93 13.67 -6.14
C THR D 281 26.78 13.21 -7.04
N ALA D 282 27.08 12.27 -7.94
CA ALA D 282 26.07 11.77 -8.87
C ALA D 282 24.95 11.04 -8.14
N PRO D 283 23.74 11.04 -8.73
CA PRO D 283 22.60 10.36 -8.12
C PRO D 283 22.72 8.83 -8.17
N THR D 284 23.69 8.33 -8.93
CA THR D 284 23.97 6.89 -8.95
C THR D 284 24.90 6.53 -7.79
N GLU D 285 25.46 7.54 -7.13
CA GLU D 285 26.43 7.31 -6.06
C GLU D 285 25.80 7.59 -4.71
N PRO D 286 26.42 7.07 -3.63
CA PRO D 286 25.93 7.39 -2.28
C PRO D 286 25.82 8.90 -2.05
N LEU D 287 24.79 9.28 -1.30
CA LEU D 287 24.43 10.68 -1.12
C LEU D 287 25.50 11.49 -0.38
N THR D 288 25.73 12.71 -0.85
CA THR D 288 26.61 13.65 -0.16
C THR D 288 25.79 14.85 0.28
N HIS D 289 26.43 15.79 0.97
CA HIS D 289 25.74 16.97 1.45
C HIS D 289 25.56 18.01 0.33
N TRP D 290 26.09 17.71 -0.85
CA TRP D 290 25.84 18.51 -2.04
C TRP D 290 24.55 18.06 -2.71
N TYR D 291 24.14 16.83 -2.42
CA TYR D 291 22.94 16.23 -3.00
C TYR D 291 22.95 16.33 -4.52
N GLN D 292 21.81 16.62 -5.14
CA GLN D 292 21.79 17.01 -6.53
C GLN D 292 20.92 18.25 -6.69
N VAL D 293 21.08 18.90 -7.84
CA VAL D 293 20.35 20.14 -8.09
C VAL D 293 19.50 20.02 -9.34
N ARG D 294 18.26 20.45 -9.27
CA ARG D 294 17.41 20.46 -10.46
C ARG D 294 16.86 21.86 -10.77
N CYS D 295 16.95 22.23 -12.05
CA CYS D 295 16.38 23.49 -12.51
C CYS D 295 15.14 23.17 -13.35
N LEU D 296 14.00 23.63 -12.85
CA LEU D 296 12.70 23.40 -13.46
C LEU D 296 12.42 24.35 -14.60
N PHE D 297 11.70 23.86 -15.62
CA PHE D 297 11.14 24.73 -16.63
C PHE D 297 9.77 25.24 -16.19
N GLN D 298 9.45 26.49 -16.50
CA GLN D 298 8.14 27.03 -16.16
C GLN D 298 7.09 26.26 -16.92
N SER D 299 7.40 25.95 -18.16
CA SER D 299 6.52 25.10 -18.95
C SER D 299 7.34 23.93 -19.46
N PRO D 300 6.95 22.70 -19.11
CA PRO D 300 7.70 21.52 -19.53
C PRO D 300 7.68 21.32 -21.02
N LEU D 301 8.68 20.62 -21.54
CA LEU D 301 8.71 20.35 -22.99
C LEU D 301 8.39 18.90 -23.22
N PHE D 302 7.43 18.61 -24.09
CA PHE D 302 7.14 17.22 -24.40
C PHE D 302 8.11 16.74 -25.45
N ALA D 303 8.72 15.59 -25.18
CA ALA D 303 9.64 15.01 -26.14
C ALA D 303 9.43 13.50 -26.25
N LYS D 304 9.56 13.00 -27.47
CA LYS D 304 9.51 11.58 -27.74
C LYS D 304 10.90 10.99 -27.73
N ALA D 305 10.98 9.69 -27.44
CA ALA D 305 12.25 8.98 -27.48
C ALA D 305 12.81 9.07 -28.89
N GLY D 306 14.08 9.42 -29.00
CA GLY D 306 14.71 9.58 -30.31
C GLY D 306 14.89 11.03 -30.71
N ASP D 307 14.11 11.90 -30.07
CA ASP D 307 14.22 13.34 -30.29
C ASP D 307 15.55 13.85 -29.76
N THR D 308 15.92 15.06 -30.18
CA THR D 308 17.12 15.70 -29.68
C THR D 308 16.66 16.92 -28.90
N LEU D 309 17.21 17.08 -27.69
CA LEU D 309 16.90 18.24 -26.87
C LEU D 309 18.12 19.15 -26.90
N SER D 310 17.99 20.32 -27.52
CA SER D 310 19.13 21.21 -27.75
C SER D 310 18.97 22.50 -26.99
N GLY D 311 20.10 23.14 -26.73
CA GLY D 311 20.09 24.44 -26.09
C GLY D 311 21.36 24.77 -25.35
N THR D 312 21.24 25.75 -24.47
CA THR D 312 22.37 26.28 -23.71
C THR D 312 22.02 26.53 -22.25
N CYS D 313 22.97 26.13 -21.39
CA CYS D 313 22.96 26.49 -19.99
C CYS D 313 24.06 27.53 -19.74
N LEU D 314 23.64 28.76 -19.49
CA LEU D 314 24.57 29.87 -19.31
C LEU D 314 24.60 30.33 -17.85
N LEU D 315 25.79 30.28 -17.25
CA LEU D 315 25.99 30.74 -15.87
C LEU D 315 26.74 32.06 -15.85
N ILE D 316 26.09 33.08 -15.30
CA ILE D 316 26.70 34.40 -15.17
C ILE D 316 26.96 34.75 -13.72
N ALA D 317 28.22 34.95 -13.37
CA ALA D 317 28.56 35.26 -11.98
C ALA D 317 27.97 36.61 -11.59
N ASN D 318 27.46 36.69 -10.36
CA ASN D 318 26.94 37.94 -9.84
C ASN D 318 27.71 38.34 -8.59
N LYS D 319 27.41 39.52 -8.08
CA LYS D 319 28.17 40.09 -6.98
C LYS D 319 27.72 39.52 -5.63
N ARG D 320 26.73 38.64 -5.66
CA ARG D 320 26.25 37.96 -4.45
C ARG D 320 26.85 36.57 -4.29
N GLN D 321 28.07 36.39 -4.80
CA GLN D 321 28.80 35.13 -4.67
C GLN D 321 28.07 33.93 -5.26
N SER D 322 27.36 34.12 -6.36
CA SER D 322 26.68 33.03 -7.02
C SER D 322 26.52 33.30 -8.52
N TYR D 323 25.56 32.64 -9.14
CA TYR D 323 25.35 32.75 -10.59
C TYR D 323 23.90 32.97 -10.97
N ASP D 324 23.71 33.79 -12.00
CA ASP D 324 22.44 33.87 -12.69
C ASP D 324 22.43 32.80 -13.77
N ILE D 325 21.48 31.90 -13.67
CA ILE D 325 21.40 30.76 -14.57
C ILE D 325 20.35 31.00 -15.64
N SER D 326 20.76 30.93 -16.90
CA SER D 326 19.78 30.97 -17.97
C SER D 326 19.81 29.64 -18.68
N ILE D 327 18.66 28.99 -18.79
CA ILE D 327 18.57 27.73 -19.51
C ILE D 327 17.62 27.95 -20.66
N VAL D 328 18.12 27.71 -21.86
CA VAL D 328 17.27 27.69 -23.05
C VAL D 328 17.38 26.29 -23.63
N ALA D 329 16.21 25.68 -23.82
CA ALA D 329 16.13 24.30 -24.30
C ALA D 329 15.11 24.21 -25.44
N GLN D 330 15.32 23.23 -26.32
CA GLN D 330 14.50 23.11 -27.51
C GLN D 330 14.34 21.67 -27.93
N VAL D 331 13.11 21.25 -28.21
CA VAL D 331 12.88 19.95 -28.84
C VAL D 331 13.04 20.18 -30.34
N ASP D 332 14.14 19.68 -30.92
CA ASP D 332 14.47 20.00 -32.30
C ASP D 332 13.40 19.54 -33.30
N GLN D 333 12.78 18.40 -33.03
CA GLN D 333 11.82 17.82 -33.97
C GLN D 333 10.50 18.58 -34.03
N THR D 334 10.16 19.32 -32.97
CA THR D 334 8.88 20.03 -32.93
C THR D 334 9.06 21.54 -32.81
N GLY D 335 10.26 21.98 -32.42
CA GLY D 335 10.51 23.40 -32.25
C GLY D 335 10.03 23.94 -30.92
N SER D 336 9.59 23.05 -30.04
CA SER D 336 9.15 23.45 -28.71
C SER D 336 10.35 23.95 -27.94
N LYS D 337 10.24 25.18 -27.45
CA LYS D 337 11.37 25.91 -26.89
C LYS D 337 10.97 26.32 -25.49
N SER D 338 11.94 26.36 -24.58
CA SER D 338 11.70 26.85 -23.25
C SER D 338 12.88 27.68 -22.80
N SER D 339 12.58 28.74 -22.05
CA SER D 339 13.62 29.61 -21.55
C SER D 339 13.37 29.74 -20.07
N ASN D 340 14.45 29.82 -19.29
CA ASN D 340 14.30 29.98 -17.86
C ASN D 340 15.45 30.71 -17.22
N LEU D 341 15.15 31.50 -16.20
CA LEU D 341 16.16 32.23 -15.44
C LEU D 341 16.10 31.77 -14.00
N LEU D 342 17.23 31.38 -13.43
CA LEU D 342 17.24 30.91 -12.05
C LEU D 342 18.31 31.64 -11.23
N ASP D 343 18.06 31.78 -9.94
CA ASP D 343 18.98 32.44 -9.03
C ASP D 343 19.63 31.39 -8.12
N LEU D 344 20.85 30.99 -8.46
CA LEU D 344 21.52 29.90 -7.77
C LEU D 344 21.78 30.22 -6.30
N LYS D 345 21.82 31.51 -5.98
CA LYS D 345 22.08 31.97 -4.63
C LYS D 345 21.04 31.46 -3.63
N ASN D 346 19.80 31.39 -4.09
CA ASN D 346 18.67 31.03 -3.23
C ASN D 346 17.95 29.77 -3.69
N PRO D 347 18.57 28.60 -3.46
CA PRO D 347 17.91 27.36 -3.86
C PRO D 347 16.83 26.95 -2.88
N PHE D 348 15.95 26.06 -3.31
CA PHE D 348 14.96 25.48 -2.42
C PHE D 348 15.47 24.15 -1.89
N PHE D 349 15.73 24.12 -0.59
CA PHE D 349 16.18 22.91 0.08
C PHE D 349 14.98 22.02 0.37
N ARG D 350 14.83 20.98 -0.43
CA ARG D 350 13.65 20.14 -0.39
C ARG D 350 13.91 18.88 0.42
N TYR D 351 15.18 18.51 0.55
CA TYR D 351 15.56 17.28 1.22
C TYR D 351 15.08 17.30 2.67
N SER E 10 37.92 -33.42 37.79
CA SER E 10 38.24 -33.67 36.39
C SER E 10 38.97 -32.49 35.78
N VAL E 11 39.50 -32.69 34.57
CA VAL E 11 40.25 -31.65 33.89
C VAL E 11 39.33 -30.48 33.57
N PHE E 12 38.06 -30.76 33.28
CA PHE E 12 37.11 -29.70 32.96
C PHE E 12 36.84 -28.80 34.16
N SER E 13 36.44 -29.41 35.28
CA SER E 13 36.06 -28.66 36.48
C SER E 13 37.23 -27.82 37.02
N GLU E 14 38.45 -28.34 36.90
CA GLU E 14 39.63 -27.63 37.38
C GLU E 14 39.88 -26.34 36.60
N ARG E 15 39.55 -26.35 35.31
CA ARG E 15 39.80 -25.19 34.48
C ARG E 15 38.56 -24.32 34.27
N THR E 16 37.45 -24.70 34.89
CA THR E 16 36.18 -24.01 34.66
C THR E 16 35.47 -23.61 35.95
N GLU E 17 35.10 -22.34 36.02
CA GLU E 17 34.26 -21.84 37.11
C GLU E 17 32.88 -22.49 36.97
N GLU E 18 32.31 -22.95 38.07
CA GLU E 18 31.02 -23.64 37.97
C GLU E 18 29.94 -22.72 37.44
N SER E 19 29.96 -21.46 37.87
CA SER E 19 28.96 -20.52 37.42
C SER E 19 28.95 -20.41 35.90
N SER E 20 30.15 -20.43 35.33
CA SER E 20 30.30 -20.33 33.88
C SER E 20 29.79 -21.60 33.21
N ALA E 21 30.15 -22.74 33.79
CA ALA E 21 29.80 -24.02 33.20
C ALA E 21 28.28 -24.21 33.16
N VAL E 22 27.62 -23.83 34.27
CA VAL E 22 26.18 -23.94 34.35
C VAL E 22 25.55 -23.14 33.21
N GLN E 23 25.94 -21.86 33.09
CA GLN E 23 25.40 -21.02 32.02
C GLN E 23 25.65 -21.68 30.68
N TYR E 24 26.87 -22.18 30.53
CA TYR E 24 27.29 -22.75 29.27
C TYR E 24 26.40 -23.92 28.86
N PHE E 25 26.23 -24.88 29.76
CA PHE E 25 25.46 -26.08 29.37
C PHE E 25 23.96 -25.82 29.41
N GLN E 26 23.51 -24.82 30.15
CA GLN E 26 22.12 -24.42 30.04
C GLN E 26 21.85 -23.85 28.65
N PHE E 27 22.79 -23.03 28.15
CA PHE E 27 22.68 -22.44 26.82
C PHE E 27 22.48 -23.50 25.74
N TYR E 28 23.28 -24.56 25.77
CA TYR E 28 23.20 -25.60 24.75
C TYR E 28 22.12 -26.63 25.04
N GLY E 29 21.43 -26.47 26.16
CA GLY E 29 20.32 -27.33 26.50
C GLY E 29 19.06 -26.94 25.75
N TYR E 30 19.13 -25.80 25.06
CA TYR E 30 17.99 -25.29 24.31
C TYR E 30 17.98 -25.83 22.88
N LEU E 31 16.84 -26.36 22.47
CA LEU E 31 16.68 -26.86 21.12
C LEU E 31 16.85 -25.75 20.10
N SER E 32 16.47 -24.53 20.47
CA SER E 32 16.57 -23.39 19.57
C SER E 32 18.02 -23.04 19.22
N GLN E 33 18.92 -23.26 20.18
CA GLN E 33 20.32 -22.93 19.99
C GLN E 33 20.94 -23.97 19.04
N GLN E 34 20.56 -25.22 19.27
CA GLN E 34 20.97 -26.31 18.40
C GLN E 34 20.45 -26.02 17.01
N GLN E 35 19.18 -25.63 16.93
CA GLN E 35 18.55 -25.28 15.69
C GLN E 35 19.34 -24.17 14.99
N ASN E 36 19.72 -23.15 15.77
CA ASN E 36 20.52 -22.07 15.23
C ASN E 36 21.79 -22.59 14.60
N MET E 37 22.49 -23.50 15.29
CA MET E 37 23.69 -24.08 14.68
C MET E 37 23.36 -24.95 13.47
N MET E 38 22.27 -25.71 13.54
CA MET E 38 21.92 -26.64 12.48
C MET E 38 21.49 -25.89 11.21
N GLN E 39 20.86 -24.73 11.37
CA GLN E 39 20.36 -23.97 10.23
C GLN E 39 21.45 -23.15 9.54
N ASP E 40 22.64 -23.14 10.13
CA ASP E 40 23.83 -22.59 9.47
C ASP E 40 24.22 -23.55 8.36
N TYR E 41 23.74 -23.28 7.15
CA TYR E 41 23.88 -24.25 6.06
C TYR E 41 25.33 -24.49 5.67
N VAL E 42 26.15 -23.43 5.68
CA VAL E 42 27.56 -23.58 5.36
C VAL E 42 28.19 -24.59 6.31
N ARG E 43 28.00 -24.37 7.60
CA ARG E 43 28.57 -25.21 8.64
C ARG E 43 28.09 -26.66 8.50
N THR E 44 26.79 -26.84 8.61
CA THR E 44 26.19 -28.17 8.64
C THR E 44 26.45 -28.90 7.33
N GLY E 45 26.21 -28.20 6.23
CA GLY E 45 26.39 -28.78 4.92
C GLY E 45 27.84 -29.17 4.69
N THR E 46 28.77 -28.30 5.07
CA THR E 46 30.18 -28.61 4.88
C THR E 46 30.58 -29.79 5.74
N TYR E 47 30.08 -29.86 6.97
CA TYR E 47 30.37 -31.03 7.80
C TYR E 47 29.87 -32.33 7.13
N GLN E 48 28.60 -32.32 6.71
CA GLN E 48 28.03 -33.50 6.05
C GLN E 48 28.85 -33.88 4.82
N ARG E 49 29.22 -32.87 4.04
CA ARG E 49 30.03 -33.08 2.85
C ARG E 49 31.41 -33.64 3.20
N ALA E 50 32.03 -33.11 4.24
CA ALA E 50 33.35 -33.57 4.65
C ALA E 50 33.29 -35.02 5.09
N ILE E 51 32.20 -35.40 5.75
CA ILE E 51 32.08 -36.78 6.22
C ILE E 51 31.71 -37.75 5.09
N LEU E 52 30.72 -37.42 4.28
CA LEU E 52 30.27 -38.33 3.22
C LEU E 52 31.30 -38.52 2.12
N GLN E 53 32.01 -37.45 1.79
CA GLN E 53 33.01 -37.51 0.73
C GLN E 53 34.29 -38.21 1.20
N ASN E 54 34.42 -38.43 2.51
CA ASN E 54 35.52 -39.23 3.06
C ASN E 54 34.98 -40.49 3.73
N HIS E 55 34.04 -41.15 3.04
CA HIS E 55 33.34 -42.30 3.60
C HIS E 55 34.28 -43.44 4.01
N THR E 56 35.44 -43.55 3.37
CA THR E 56 36.40 -44.59 3.71
C THR E 56 36.98 -44.38 5.10
N ASP E 57 36.93 -43.14 5.58
CA ASP E 57 37.39 -42.81 6.93
C ASP E 57 36.35 -43.17 7.99
N PHE E 58 35.14 -43.50 7.56
CA PHE E 58 34.06 -43.80 8.49
C PHE E 58 33.46 -45.19 8.32
N LYS E 59 33.55 -45.75 7.11
CA LYS E 59 32.89 -47.02 6.83
C LYS E 59 33.40 -48.13 7.75
N ASP E 60 32.48 -48.70 8.51
CA ASP E 60 32.79 -49.79 9.46
C ASP E 60 33.83 -49.37 10.50
N LYS E 61 33.89 -48.09 10.81
CA LYS E 61 34.83 -47.53 11.78
C LYS E 61 34.18 -47.25 13.13
N ILE E 62 35.01 -47.04 14.16
CA ILE E 62 34.51 -46.60 15.46
C ILE E 62 34.69 -45.09 15.57
N VAL E 63 33.60 -44.39 15.87
CA VAL E 63 33.61 -42.94 15.86
C VAL E 63 33.29 -42.34 17.22
N LEU E 64 33.99 -41.26 17.55
CA LEU E 64 33.61 -40.47 18.74
C LEU E 64 33.16 -39.08 18.33
N ASP E 65 31.96 -38.71 18.76
CA ASP E 65 31.41 -37.38 18.51
C ASP E 65 31.47 -36.55 19.79
N VAL E 66 32.39 -35.59 19.84
CA VAL E 66 32.56 -34.82 21.07
C VAL E 66 31.58 -33.64 21.08
N GLY E 67 30.66 -33.65 22.04
CA GLY E 67 29.66 -32.61 22.12
C GLY E 67 28.64 -32.73 21.00
N CYS E 68 27.91 -33.83 20.99
CA CYS E 68 27.08 -34.18 19.83
C CYS E 68 25.88 -33.26 19.66
N GLY E 69 25.49 -32.56 20.72
CA GLY E 69 24.32 -31.71 20.65
C GLY E 69 23.09 -32.53 20.27
N SER E 70 22.46 -32.16 19.16
CA SER E 70 21.30 -32.88 18.67
C SER E 70 21.68 -34.27 18.17
N GLY E 71 22.96 -34.43 17.84
CA GLY E 71 23.49 -35.70 17.36
C GLY E 71 23.68 -35.71 15.86
N ILE E 72 23.53 -34.54 15.24
CA ILE E 72 23.51 -34.41 13.78
C ILE E 72 24.79 -34.94 13.11
N LEU E 73 25.94 -34.65 13.70
CA LEU E 73 27.21 -35.07 13.11
C LEU E 73 27.34 -36.58 13.21
N SER E 74 26.81 -37.15 14.29
CA SER E 74 26.80 -38.59 14.48
C SER E 74 25.93 -39.27 13.42
N PHE E 75 24.81 -38.64 13.09
CA PHE E 75 23.95 -39.18 12.04
C PHE E 75 24.69 -39.08 10.72
N PHE E 76 25.39 -37.98 10.48
CA PHE E 76 26.22 -37.90 9.29
C PHE E 76 27.27 -39.01 9.26
N ALA E 77 27.91 -39.28 10.39
CA ALA E 77 28.87 -40.37 10.43
C ALA E 77 28.19 -41.71 10.15
N ALA E 78 26.96 -41.87 10.64
CA ALA E 78 26.18 -43.08 10.37
C ALA E 78 25.82 -43.18 8.89
N GLN E 79 25.51 -42.05 8.25
CA GLN E 79 25.22 -42.03 6.83
C GLN E 79 26.44 -42.48 6.02
N ALA E 80 27.63 -42.26 6.59
CA ALA E 80 28.87 -42.61 5.91
C ALA E 80 29.27 -44.06 6.19
N GLY E 81 28.46 -44.77 6.97
CA GLY E 81 28.65 -46.19 7.18
C GLY E 81 29.44 -46.62 8.41
N ALA E 82 29.50 -45.77 9.42
CA ALA E 82 30.24 -46.10 10.65
C ALA E 82 29.60 -47.28 11.36
N ARG E 83 30.42 -48.10 12.02
CA ARG E 83 29.91 -49.29 12.71
C ARG E 83 29.36 -48.87 14.06
N LYS E 84 30.15 -48.08 14.78
CA LYS E 84 29.76 -47.58 16.10
C LYS E 84 30.16 -46.14 16.31
N ILE E 85 29.22 -45.36 16.81
CA ILE E 85 29.43 -43.94 17.06
C ILE E 85 29.06 -43.65 18.51
N TYR E 86 30.04 -43.18 19.28
CA TYR E 86 29.79 -42.75 20.66
C TYR E 86 29.57 -41.24 20.68
N ALA E 87 28.34 -40.84 20.97
CA ALA E 87 27.97 -39.43 20.95
C ALA E 87 27.89 -38.84 22.34
N VAL E 88 28.90 -38.06 22.71
CA VAL E 88 29.01 -37.51 24.06
C VAL E 88 28.44 -36.10 24.15
N GLU E 89 27.57 -35.87 25.12
CA GLU E 89 27.01 -34.52 25.33
C GLU E 89 26.79 -34.23 26.81
N ALA E 90 27.25 -33.06 27.25
CA ALA E 90 27.22 -32.73 28.67
C ALA E 90 25.96 -31.97 29.09
N SER E 91 25.31 -31.29 28.15
CA SER E 91 24.08 -30.57 28.46
C SER E 91 22.91 -31.54 28.46
N THR E 92 21.73 -31.03 28.79
CA THR E 92 20.53 -31.85 28.81
C THR E 92 20.09 -32.19 27.40
N MET E 93 20.74 -31.63 26.39
CA MET E 93 20.40 -31.94 25.01
C MET E 93 20.59 -33.44 24.72
N ALA E 94 21.45 -34.09 25.50
CA ALA E 94 21.75 -35.51 25.33
C ALA E 94 20.49 -36.38 25.30
N GLN E 95 19.48 -35.98 26.06
CA GLN E 95 18.23 -36.73 26.13
C GLN E 95 17.49 -36.57 24.81
N HIS E 96 17.66 -35.43 24.16
CA HIS E 96 16.99 -35.17 22.90
C HIS E 96 17.72 -35.90 21.78
N ALA E 97 19.03 -35.99 21.92
CA ALA E 97 19.85 -36.77 20.99
C ALA E 97 19.43 -38.23 21.06
N GLU E 98 19.22 -38.72 22.27
CA GLU E 98 18.81 -40.11 22.49
C GLU E 98 17.45 -40.37 21.82
N VAL E 99 16.53 -39.42 21.95
CA VAL E 99 15.21 -39.55 21.35
C VAL E 99 15.34 -39.64 19.84
N LEU E 100 16.21 -38.80 19.27
CA LEU E 100 16.40 -38.81 17.82
C LEU E 100 17.04 -40.10 17.34
N VAL E 101 17.96 -40.63 18.13
CA VAL E 101 18.62 -41.88 17.77
C VAL E 101 17.57 -43.00 17.69
N LYS E 102 16.67 -43.04 18.66
CA LYS E 102 15.62 -44.05 18.67
C LYS E 102 14.64 -43.89 17.51
N SER E 103 14.18 -42.67 17.30
CA SER E 103 13.16 -42.41 16.28
C SER E 103 13.73 -42.58 14.88
N ASN E 104 15.05 -42.53 14.76
CA ASN E 104 15.72 -42.77 13.48
C ASN E 104 16.24 -44.20 13.37
N ASN E 105 15.86 -45.04 14.34
CA ASN E 105 16.19 -46.46 14.33
C ASN E 105 17.69 -46.73 14.17
N LEU E 106 18.49 -45.99 14.93
CA LEU E 106 19.94 -46.15 14.88
C LEU E 106 20.51 -46.43 16.27
N THR E 107 19.69 -46.99 17.14
CA THR E 107 20.09 -47.26 18.52
C THR E 107 21.20 -48.31 18.56
N ASP E 108 21.31 -49.11 17.50
CA ASP E 108 22.32 -50.16 17.42
C ASP E 108 23.68 -49.65 16.92
N ARG E 109 23.73 -48.38 16.51
CA ARG E 109 24.94 -47.83 15.89
C ARG E 109 25.42 -46.56 16.59
N ILE E 110 24.48 -45.77 17.12
CA ILE E 110 24.82 -44.55 17.85
C ILE E 110 24.47 -44.71 19.32
N VAL E 111 25.48 -44.55 20.17
CA VAL E 111 25.28 -44.59 21.62
C VAL E 111 25.52 -43.21 22.21
N VAL E 112 24.45 -42.59 22.71
CA VAL E 112 24.56 -41.28 23.34
C VAL E 112 25.05 -41.45 24.77
N ILE E 113 26.13 -40.75 25.09
CA ILE E 113 26.70 -40.77 26.43
C ILE E 113 26.56 -39.37 27.07
N PRO E 114 25.66 -39.26 28.06
CA PRO E 114 25.50 -37.98 28.76
C PRO E 114 26.67 -37.70 29.68
N GLY E 115 27.16 -36.47 29.66
CA GLY E 115 28.26 -36.09 30.52
C GLY E 115 29.36 -35.39 29.77
N LYS E 116 30.33 -34.86 30.52
CA LYS E 116 31.49 -34.22 29.94
C LYS E 116 32.48 -35.25 29.43
N VAL E 117 33.08 -34.96 28.28
CA VAL E 117 34.00 -35.92 27.66
C VAL E 117 35.21 -36.13 28.56
N GLU E 118 35.47 -35.16 29.43
CA GLU E 118 36.58 -35.26 30.39
C GLU E 118 36.24 -36.18 31.56
N GLU E 119 34.98 -36.59 31.66
CA GLU E 119 34.51 -37.30 32.84
C GLU E 119 33.88 -38.65 32.50
N VAL E 120 33.34 -38.79 31.30
CA VAL E 120 32.73 -40.04 30.89
C VAL E 120 33.81 -41.08 30.60
N SER E 121 33.38 -42.34 30.48
CA SER E 121 34.25 -43.42 30.05
C SER E 121 33.72 -44.06 28.78
N LEU E 122 34.57 -44.19 27.77
CA LEU E 122 34.21 -44.95 26.58
C LEU E 122 34.66 -46.39 26.70
N PRO E 123 33.82 -47.33 26.24
CA PRO E 123 34.13 -48.76 26.35
C PRO E 123 35.33 -49.19 25.50
N GLU E 124 35.60 -48.46 24.41
CA GLU E 124 36.70 -48.82 23.51
C GLU E 124 37.29 -47.60 22.84
N GLN E 125 38.48 -47.76 22.26
CA GLN E 125 39.14 -46.69 21.51
C GLN E 125 38.46 -46.53 20.15
N VAL E 126 38.53 -45.33 19.60
CA VAL E 126 37.84 -45.01 18.35
C VAL E 126 38.83 -44.77 17.22
N ASP E 127 38.36 -44.88 15.99
CA ASP E 127 39.20 -44.67 14.81
C ASP E 127 39.28 -43.19 14.44
N ILE E 128 38.21 -42.45 14.69
CA ILE E 128 38.17 -41.05 14.28
C ILE E 128 37.31 -40.26 15.26
N ILE E 129 37.77 -39.05 15.55
CA ILE E 129 37.00 -38.14 16.41
C ILE E 129 36.41 -37.04 15.55
N ILE E 130 35.10 -36.85 15.65
CA ILE E 130 34.46 -35.71 15.00
C ILE E 130 33.92 -34.75 16.05
N SER E 131 33.96 -33.47 15.70
CA SER E 131 33.47 -32.45 16.59
C SER E 131 33.31 -31.11 15.91
N GLU E 132 32.51 -30.26 16.55
CA GLU E 132 32.37 -28.86 16.16
C GLU E 132 32.63 -28.01 17.39
N PRO E 133 33.92 -27.87 17.77
CA PRO E 133 34.28 -27.18 19.02
C PRO E 133 34.65 -25.71 18.83
N MET E 134 34.44 -25.17 17.63
CA MET E 134 34.86 -23.81 17.33
C MET E 134 33.91 -22.75 17.88
N GLY E 135 34.49 -21.73 18.51
CA GLY E 135 33.74 -20.55 18.94
C GLY E 135 34.20 -19.32 18.17
N TYR E 136 33.76 -18.14 18.60
CA TYR E 136 34.22 -16.89 17.99
C TYR E 136 35.75 -16.81 17.98
N MET E 137 36.29 -16.32 16.86
CA MET E 137 37.74 -16.30 16.60
C MET E 137 38.36 -17.65 17.00
N LEU E 138 37.61 -18.70 16.68
CA LEU E 138 38.00 -20.10 16.93
C LEU E 138 38.03 -20.54 18.40
N PHE E 139 38.74 -19.78 19.24
CA PHE E 139 39.10 -20.27 20.57
C PHE E 139 38.06 -20.04 21.68
N ASN E 140 37.08 -19.18 21.43
CA ASN E 140 36.09 -18.89 22.46
C ASN E 140 35.36 -20.17 22.89
N GLU E 141 34.98 -20.21 24.16
CA GLU E 141 34.31 -21.36 24.79
C GLU E 141 35.29 -22.45 25.25
N ARG E 142 36.53 -22.38 24.79
CA ARG E 142 37.58 -23.31 25.24
C ARG E 142 37.21 -24.78 25.00
N MET E 143 36.38 -25.04 24.00
CA MET E 143 35.97 -26.42 23.73
C MET E 143 37.01 -27.17 22.90
N LEU E 144 37.92 -26.45 22.28
CA LEU E 144 39.03 -27.06 21.55
C LEU E 144 39.81 -27.98 22.50
N GLU E 145 39.89 -27.56 23.76
CA GLU E 145 40.59 -28.35 24.77
C GLU E 145 39.86 -29.65 25.08
N SER E 146 38.54 -29.63 25.03
CA SER E 146 37.77 -30.86 25.21
C SER E 146 38.07 -31.80 24.03
N TYR E 147 38.09 -31.20 22.85
CA TYR E 147 38.34 -31.91 21.61
C TYR E 147 39.70 -32.58 21.66
N LEU E 148 40.71 -31.84 22.12
CA LEU E 148 42.06 -32.38 22.24
C LEU E 148 42.14 -33.39 23.36
N HIS E 149 41.46 -33.11 24.46
CA HIS E 149 41.43 -34.01 25.59
C HIS E 149 40.88 -35.36 25.17
N ALA E 150 39.90 -35.35 24.28
CA ALA E 150 39.29 -36.59 23.82
C ALA E 150 40.24 -37.52 23.08
N LYS E 151 41.42 -37.04 22.69
CA LYS E 151 42.35 -37.90 21.94
C LYS E 151 42.88 -39.06 22.78
N LYS E 152 42.58 -39.06 24.08
CA LYS E 152 42.95 -40.18 24.93
C LYS E 152 42.18 -41.43 24.50
N TYR E 153 41.07 -41.22 23.78
CA TYR E 153 40.26 -42.34 23.27
C TYR E 153 40.58 -42.66 21.82
N LEU E 154 41.56 -41.96 21.24
CA LEU E 154 41.88 -42.14 19.84
C LEU E 154 42.96 -43.20 19.64
N LYS E 155 42.73 -44.12 18.72
CA LYS E 155 43.77 -45.07 18.34
C LYS E 155 44.97 -44.31 17.76
N PRO E 156 46.18 -44.86 17.91
CA PRO E 156 47.39 -44.24 17.35
C PRO E 156 47.31 -43.97 15.83
N SER E 157 46.37 -44.61 15.13
CA SER E 157 46.20 -44.38 13.70
C SER E 157 45.02 -43.46 13.44
N GLY E 158 44.49 -42.86 14.51
CA GLY E 158 43.28 -42.09 14.41
C GLY E 158 43.33 -40.77 13.68
N ASN E 159 42.15 -40.32 13.27
CA ASN E 159 42.02 -39.05 12.56
C ASN E 159 41.12 -38.12 13.36
N MET E 160 41.20 -36.84 13.01
CA MET E 160 40.44 -35.79 13.67
C MET E 160 39.67 -35.01 12.61
N PHE E 161 38.38 -34.83 12.82
CA PHE E 161 37.53 -34.06 11.91
C PHE E 161 36.81 -32.95 12.69
N PRO E 162 37.27 -31.69 12.56
CA PRO E 162 38.35 -31.19 11.70
C PRO E 162 39.75 -31.59 12.17
N THR E 163 40.72 -31.47 11.26
CA THR E 163 42.09 -31.91 11.51
C THR E 163 42.96 -30.73 11.94
N ILE E 164 42.77 -29.60 11.27
CA ILE E 164 43.52 -28.40 11.59
C ILE E 164 42.60 -27.20 11.63
N GLY E 165 43.03 -26.18 12.36
CA GLY E 165 42.33 -24.92 12.43
C GLY E 165 43.25 -23.75 12.21
N ASP E 166 42.86 -22.84 11.32
CA ASP E 166 43.62 -21.64 11.05
C ASP E 166 42.89 -20.40 11.54
N VAL E 167 43.54 -19.62 12.40
CA VAL E 167 43.03 -18.31 12.78
C VAL E 167 43.77 -17.26 11.96
N HIS E 168 43.01 -16.37 11.33
CA HIS E 168 43.60 -15.29 10.55
C HIS E 168 43.44 -13.96 11.27
N LEU E 169 44.50 -13.15 11.22
CA LEU E 169 44.49 -11.82 11.78
C LEU E 169 44.84 -10.81 10.72
N ALA E 170 44.11 -9.71 10.66
CA ALA E 170 44.46 -8.66 9.71
C ALA E 170 44.06 -7.28 10.21
N PRO E 171 44.92 -6.27 9.97
CA PRO E 171 44.57 -4.91 10.42
C PRO E 171 43.44 -4.29 9.58
N PHE E 172 42.59 -3.48 10.20
CA PHE E 172 41.50 -2.88 9.44
C PHE E 172 41.31 -1.38 9.74
N THR E 173 40.66 -0.69 8.81
CA THR E 173 40.24 0.68 9.02
C THR E 173 38.72 0.73 8.93
N ASP E 174 38.10 1.34 9.93
CA ASP E 174 36.65 1.50 9.98
C ASP E 174 36.33 2.68 10.88
N GLU E 175 36.31 3.87 10.29
CA GLU E 175 36.17 5.10 11.06
C GLU E 175 34.85 5.12 11.84
N GLN E 176 33.79 4.64 11.21
CA GLN E 176 32.46 4.64 11.83
C GLN E 176 32.44 3.75 13.08
N LEU E 177 33.02 2.55 12.95
CA LEU E 177 33.06 1.62 14.07
C LEU E 177 33.81 2.24 15.24
N TYR E 178 34.93 2.88 14.94
CA TYR E 178 35.75 3.47 15.99
C TYR E 178 35.00 4.62 16.67
N MET E 179 34.43 5.50 15.86
N MET E 179 34.41 5.48 15.86
CA MET E 179 33.71 6.67 16.34
CA MET E 179 33.73 6.68 16.37
C MET E 179 32.45 6.32 17.14
C MET E 179 32.47 6.31 17.17
N GLU E 180 31.83 5.21 16.76
CA GLU E 180 30.64 4.71 17.42
C GLU E 180 30.83 4.53 18.93
N GLN E 181 32.02 4.11 19.33
CA GLN E 181 32.29 3.80 20.73
C GLN E 181 32.17 5.07 21.55
N PHE E 182 32.74 6.14 21.04
CA PHE E 182 32.70 7.44 21.70
C PHE E 182 31.31 8.03 21.61
N THR E 183 30.64 7.80 20.48
CA THR E 183 29.27 8.28 20.40
C THR E 183 28.44 7.64 21.51
N LYS E 184 28.61 6.33 21.74
CA LYS E 184 27.87 5.70 22.83
C LYS E 184 28.34 6.11 24.22
N ALA E 185 29.66 6.23 24.40
CA ALA E 185 30.19 6.61 25.71
C ALA E 185 29.87 8.06 26.09
N ASN E 186 29.74 8.93 25.10
CA ASN E 186 29.50 10.35 25.37
C ASN E 186 28.13 10.65 25.98
N PHE E 187 27.30 9.63 26.16
CA PHE E 187 26.08 9.78 26.93
C PHE E 187 26.41 10.27 28.32
N TRP E 188 27.51 9.78 28.87
CA TRP E 188 27.89 10.12 30.22
C TRP E 188 28.58 11.47 30.29
N TYR E 189 28.83 12.08 29.14
CA TYR E 189 29.55 13.35 29.15
C TYR E 189 28.58 14.52 29.10
N GLN E 190 27.74 14.63 30.13
CA GLN E 190 26.77 15.70 30.24
C GLN E 190 26.75 16.15 31.70
N PRO E 191 26.74 17.47 31.93
CA PRO E 191 26.86 18.01 33.28
C PRO E 191 25.58 17.99 34.10
N SER E 192 24.44 17.70 33.49
CA SER E 192 23.18 17.74 34.22
C SER E 192 22.13 16.79 33.66
N PHE E 193 22.41 15.50 33.74
CA PHE E 193 21.39 14.49 33.44
C PHE E 193 20.41 14.48 34.60
N HIS E 194 19.27 15.12 34.43
CA HIS E 194 18.28 15.25 35.51
C HIS E 194 18.93 15.85 36.75
N GLY E 195 19.87 16.76 36.54
CA GLY E 195 20.54 17.45 37.62
C GLY E 195 21.82 16.78 38.11
N VAL E 196 22.20 15.67 37.48
CA VAL E 196 23.38 14.93 37.90
C VAL E 196 24.48 15.04 36.85
N ASP E 197 25.69 15.35 37.31
CA ASP E 197 26.85 15.40 36.42
C ASP E 197 27.43 14.00 36.24
N LEU E 198 27.30 13.46 35.02
CA LEU E 198 27.75 12.10 34.74
C LEU E 198 29.16 12.01 34.17
N SER E 199 29.76 13.16 33.87
CA SER E 199 30.95 13.18 33.02
C SER E 199 32.08 12.30 33.58
N ALA E 200 32.14 12.15 34.90
CA ALA E 200 33.26 11.47 35.54
C ALA E 200 33.34 10.00 35.16
N LEU E 201 32.27 9.46 34.61
CA LEU E 201 32.24 8.05 34.22
C LEU E 201 32.46 7.86 32.73
N ARG E 202 32.64 8.95 31.99
CA ARG E 202 32.77 8.82 30.54
C ARG E 202 33.96 7.95 30.17
N GLY E 203 35.07 8.14 30.89
CA GLY E 203 36.27 7.35 30.66
C GLY E 203 36.04 5.86 30.87
N ALA E 204 35.36 5.53 31.96
CA ALA E 204 35.03 4.15 32.28
C ALA E 204 34.11 3.56 31.22
N ALA E 205 33.23 4.39 30.66
CA ALA E 205 32.31 3.94 29.63
C ALA E 205 33.08 3.57 28.36
N VAL E 206 34.00 4.45 27.96
CA VAL E 206 34.85 4.19 26.81
C VAL E 206 35.63 2.90 27.01
N ASP E 207 36.25 2.78 28.18
CA ASP E 207 37.06 1.62 28.49
C ASP E 207 36.25 0.35 28.31
N GLU E 208 35.02 0.38 28.82
CA GLU E 208 34.12 -0.77 28.77
C GLU E 208 33.81 -1.17 27.32
N TYR E 209 33.52 -0.18 26.48
CA TYR E 209 33.17 -0.48 25.10
C TYR E 209 34.34 -1.10 24.35
N PHE E 210 35.55 -0.60 24.60
CA PHE E 210 36.72 -1.08 23.87
C PHE E 210 37.20 -2.46 24.34
N ARG E 211 36.74 -2.89 25.51
CA ARG E 211 37.08 -4.23 25.99
C ARG E 211 36.28 -5.31 25.27
N GLN E 212 35.21 -4.91 24.59
CA GLN E 212 34.35 -5.88 23.90
C GLN E 212 34.79 -6.12 22.46
N PRO E 213 35.22 -7.35 22.14
CA PRO E 213 35.41 -7.64 20.72
C PRO E 213 34.09 -7.50 19.97
N VAL E 214 34.14 -6.97 18.75
CA VAL E 214 32.95 -6.74 17.96
C VAL E 214 32.66 -7.88 16.99
N VAL E 215 31.50 -8.51 17.17
CA VAL E 215 31.07 -9.60 16.30
C VAL E 215 30.15 -9.10 15.21
N ASP E 216 30.61 -9.20 13.98
CA ASP E 216 29.76 -8.96 12.81
C ASP E 216 30.62 -9.15 11.57
N THR E 217 30.09 -8.75 10.43
CA THR E 217 30.79 -8.90 9.17
C THR E 217 31.13 -7.53 8.59
N PHE E 218 31.90 -7.52 7.51
CA PHE E 218 32.36 -6.28 6.91
C PHE E 218 32.83 -6.46 5.48
N ASP E 219 33.01 -5.34 4.80
CA ASP E 219 33.55 -5.33 3.44
C ASP E 219 35.04 -5.59 3.53
N ILE E 220 35.56 -6.48 2.67
CA ILE E 220 36.97 -6.87 2.77
C ILE E 220 37.90 -5.72 2.39
N ARG E 221 37.33 -4.66 1.84
CA ARG E 221 38.09 -3.50 1.40
C ARG E 221 38.56 -2.65 2.58
N ILE E 222 38.09 -2.97 3.78
CA ILE E 222 38.56 -2.28 4.98
C ILE E 222 39.87 -2.92 5.46
N LEU E 223 40.21 -4.09 4.93
CA LEU E 223 41.43 -4.79 5.32
C LEU E 223 42.63 -4.12 4.67
N MET E 224 43.67 -3.87 5.47
CA MET E 224 44.79 -3.06 5.02
C MET E 224 46.08 -3.86 4.79
N ALA E 225 46.04 -5.16 5.05
CA ALA E 225 47.20 -6.01 4.85
C ALA E 225 46.79 -7.47 4.70
N LYS E 226 47.65 -8.26 4.08
CA LYS E 226 47.40 -9.68 3.95
C LYS E 226 47.37 -10.27 5.36
N SER E 227 46.46 -11.20 5.59
CA SER E 227 46.28 -11.77 6.92
C SER E 227 47.49 -12.58 7.38
N VAL E 228 47.69 -12.62 8.68
CA VAL E 228 48.66 -13.51 9.29
C VAL E 228 47.90 -14.69 9.87
N LYS E 229 48.44 -15.88 9.68
CA LYS E 229 47.76 -17.11 10.07
C LYS E 229 48.43 -17.82 11.24
N TYR E 230 47.61 -18.26 12.18
CA TYR E 230 48.06 -19.11 13.29
C TYR E 230 47.32 -20.44 13.25
N THR E 231 48.08 -21.53 13.18
CA THR E 231 47.51 -22.85 12.94
C THR E 231 47.60 -23.79 14.13
N VAL E 232 46.49 -24.48 14.40
CA VAL E 232 46.46 -25.54 15.39
C VAL E 232 46.26 -26.86 14.67
N ASN E 233 47.23 -27.76 14.83
CA ASN E 233 47.13 -29.12 14.32
C ASN E 233 46.53 -30.00 15.42
N PHE E 234 45.26 -30.33 15.27
CA PHE E 234 44.53 -31.06 16.30
C PHE E 234 45.07 -32.47 16.50
N LEU E 235 45.77 -32.99 15.51
CA LEU E 235 46.38 -34.31 15.62
C LEU E 235 47.58 -34.27 16.57
N GLU E 236 48.23 -33.12 16.65
CA GLU E 236 49.50 -32.99 17.37
C GLU E 236 49.42 -32.16 18.65
N ALA E 237 48.50 -31.19 18.68
CA ALA E 237 48.44 -30.24 19.79
C ALA E 237 48.00 -30.89 21.11
N LYS E 238 48.47 -30.31 22.20
CA LYS E 238 48.07 -30.68 23.56
C LYS E 238 47.12 -29.63 24.14
N GLU E 239 46.35 -30.02 25.14
CA GLU E 239 45.41 -29.11 25.79
C GLU E 239 46.13 -27.87 26.26
N GLY E 240 47.25 -28.08 26.94
CA GLY E 240 48.00 -27.00 27.54
C GLY E 240 48.50 -26.00 26.53
N ASP E 241 48.59 -26.43 25.27
CA ASP E 241 49.04 -25.56 24.20
C ASP E 241 48.05 -24.42 24.00
N LEU E 242 46.82 -24.59 24.48
CA LEU E 242 45.80 -23.57 24.25
C LEU E 242 45.57 -22.68 25.47
N HIS E 243 46.32 -22.92 26.53
CA HIS E 243 46.21 -22.09 27.73
C HIS E 243 46.80 -20.71 27.49
N ARG E 244 47.88 -20.69 26.71
CA ARG E 244 48.58 -19.46 26.36
C ARG E 244 48.89 -19.47 24.87
N ILE E 245 48.19 -18.63 24.11
CA ILE E 245 48.36 -18.60 22.66
C ILE E 245 49.00 -17.29 22.22
N GLU E 246 50.24 -17.35 21.76
CA GLU E 246 50.93 -16.15 21.30
C GLU E 246 50.97 -16.09 19.79
N ILE E 247 50.36 -15.05 19.23
CA ILE E 247 50.31 -14.88 17.78
C ILE E 247 51.09 -13.61 17.41
N PRO E 248 52.37 -13.77 17.07
CA PRO E 248 53.16 -12.63 16.57
C PRO E 248 52.75 -12.23 15.17
N PHE E 249 52.84 -10.95 14.84
CA PHE E 249 52.52 -10.51 13.49
C PHE E 249 53.40 -9.36 13.00
N LYS E 250 53.62 -9.36 11.69
CA LYS E 250 54.29 -8.28 11.02
C LYS E 250 53.53 -8.04 9.74
N PHE E 251 52.60 -7.08 9.77
CA PHE E 251 51.80 -6.80 8.59
C PHE E 251 52.52 -5.79 7.72
N HIS E 252 52.59 -6.09 6.43
CA HIS E 252 53.12 -5.14 5.48
C HIS E 252 51.94 -4.45 4.80
N MET E 253 51.74 -3.19 5.18
CA MET E 253 50.55 -2.43 4.82
C MET E 253 50.41 -2.25 3.31
N LEU E 254 49.27 -2.66 2.78
CA LEU E 254 48.98 -2.54 1.36
C LEU E 254 48.30 -1.22 1.06
N HIS E 255 47.70 -0.63 2.09
CA HIS E 255 47.02 0.65 1.95
C HIS E 255 47.49 1.60 3.04
N SER E 256 47.43 2.89 2.74
CA SER E 256 47.74 3.92 3.72
C SER E 256 46.48 4.28 4.48
N GLY E 257 46.62 4.65 5.75
CA GLY E 257 45.46 5.03 6.54
C GLY E 257 45.58 4.76 8.03
N LEU E 258 44.44 4.91 8.70
CA LEU E 258 44.33 4.71 10.14
C LEU E 258 43.93 3.28 10.48
N VAL E 259 44.78 2.61 11.23
CA VAL E 259 44.50 1.27 11.72
C VAL E 259 43.72 1.37 13.02
N HIS E 260 42.47 0.92 12.97
CA HIS E 260 41.57 1.00 14.11
C HIS E 260 41.57 -0.29 14.93
N GLY E 261 42.17 -1.34 14.39
CA GLY E 261 42.28 -2.60 15.11
C GLY E 261 42.57 -3.79 14.23
N LEU E 262 42.38 -4.98 14.79
CA LEU E 262 42.64 -6.23 14.09
C LEU E 262 41.35 -7.03 13.90
N ALA E 263 41.16 -7.54 12.69
CA ALA E 263 40.05 -8.42 12.36
C ALA E 263 40.50 -9.88 12.42
N PHE E 264 39.59 -10.72 12.92
CA PHE E 264 39.78 -12.14 13.15
C PHE E 264 38.70 -12.97 12.46
N TRP E 265 39.15 -14.08 11.88
CA TRP E 265 38.27 -15.12 11.38
C TRP E 265 39.02 -16.46 11.40
N PHE E 266 38.37 -17.56 11.05
CA PHE E 266 39.04 -18.85 11.08
C PHE E 266 38.54 -19.85 10.05
N ASP E 267 39.43 -20.76 9.67
CA ASP E 267 39.10 -21.88 8.80
C ASP E 267 39.39 -23.19 9.53
N VAL E 268 38.66 -24.25 9.20
CA VAL E 268 39.06 -25.59 9.65
C VAL E 268 39.13 -26.50 8.45
N ALA E 269 40.05 -27.46 8.51
CA ALA E 269 40.19 -28.40 7.40
C ALA E 269 39.96 -29.84 7.87
N PHE E 270 39.13 -30.55 7.10
CA PHE E 270 38.90 -31.97 7.29
C PHE E 270 39.78 -32.71 6.30
N ILE E 271 40.93 -33.15 6.78
CA ILE E 271 41.92 -33.84 5.97
C ILE E 271 41.63 -35.34 5.98
N GLY E 272 40.86 -35.80 5.00
CA GLY E 272 40.50 -37.20 4.91
C GLY E 272 41.35 -37.97 3.92
N SER E 273 41.12 -39.28 3.84
CA SER E 273 41.91 -40.14 2.96
C SER E 273 41.59 -39.86 1.49
N ILE E 274 40.34 -39.48 1.21
CA ILE E 274 39.93 -39.25 -0.16
C ILE E 274 40.19 -37.81 -0.56
N MET E 275 39.84 -36.86 0.31
CA MET E 275 40.07 -35.46 -0.01
C MET E 275 40.00 -34.59 1.24
N THR E 276 40.53 -33.38 1.12
CA THR E 276 40.48 -32.40 2.20
C THR E 276 39.37 -31.38 1.96
N VAL E 277 38.47 -31.25 2.93
CA VAL E 277 37.37 -30.29 2.80
C VAL E 277 37.56 -29.12 3.78
N TRP E 278 37.37 -27.91 3.29
CA TRP E 278 37.56 -26.72 4.11
C TRP E 278 36.24 -26.07 4.53
N LEU E 279 36.18 -25.68 5.81
CA LEU E 279 35.09 -24.83 6.30
C LEU E 279 35.68 -23.48 6.70
N SER E 280 35.26 -22.43 6.01
CA SER E 280 35.83 -21.10 6.19
C SER E 280 34.79 -20.09 6.70
N THR E 281 35.22 -19.25 7.64
CA THR E 281 34.38 -18.16 8.12
C THR E 281 34.96 -16.81 7.68
N ALA E 282 35.80 -16.85 6.66
CA ALA E 282 36.44 -15.64 6.14
C ALA E 282 35.42 -14.66 5.59
N PRO E 283 35.73 -13.36 5.61
CA PRO E 283 34.82 -12.33 5.10
C PRO E 283 34.67 -12.35 3.58
N THR E 284 35.53 -13.13 2.92
CA THR E 284 35.43 -13.34 1.48
C THR E 284 34.46 -14.48 1.16
N GLU E 285 34.04 -15.19 2.20
CA GLU E 285 33.16 -16.33 2.05
C GLU E 285 31.75 -16.02 2.55
N PRO E 286 30.75 -16.82 2.13
CA PRO E 286 29.39 -16.66 2.65
C PRO E 286 29.35 -16.64 4.17
N LEU E 287 28.49 -15.80 4.72
CA LEU E 287 28.45 -15.57 6.15
C LEU E 287 27.96 -16.81 6.92
N THR E 288 28.59 -17.07 8.06
CA THR E 288 28.17 -18.13 8.97
C THR E 288 27.74 -17.51 10.29
N HIS E 289 27.30 -18.33 11.25
CA HIS E 289 26.82 -17.79 12.51
C HIS E 289 27.99 -17.35 13.40
N TRP E 290 29.22 -17.58 12.93
CA TRP E 290 30.40 -17.08 13.62
C TRP E 290 30.73 -15.65 13.18
N TYR E 291 30.23 -15.25 12.01
CA TYR E 291 30.52 -13.94 11.46
C TYR E 291 32.03 -13.70 11.44
N GLN E 292 32.46 -12.48 11.74
CA GLN E 292 33.87 -12.22 12.01
C GLN E 292 33.98 -11.40 13.29
N VAL E 293 35.18 -11.33 13.84
CA VAL E 293 35.41 -10.60 15.09
C VAL E 293 36.45 -9.51 14.89
N ARG E 294 36.17 -8.32 15.38
CA ARG E 294 37.16 -7.24 15.31
C ARG E 294 37.51 -6.75 16.71
N CYS E 295 38.81 -6.61 16.96
CA CYS E 295 39.30 -6.03 18.20
C CYS E 295 39.88 -4.67 17.88
N LEU E 296 39.26 -3.64 18.47
CA LEU E 296 39.67 -2.26 18.25
C LEU E 296 40.90 -1.91 19.06
N PHE E 297 41.72 -1.03 18.49
CA PHE E 297 42.79 -0.41 19.24
C PHE E 297 42.25 0.81 19.98
N GLN E 298 42.79 1.05 21.16
CA GLN E 298 42.38 2.17 22.00
C GLN E 298 42.70 3.47 21.28
N SER E 299 43.86 3.49 20.64
CA SER E 299 44.27 4.62 19.84
C SER E 299 44.63 4.11 18.45
N PRO E 300 44.02 4.71 17.40
CA PRO E 300 44.34 4.22 16.06
C PRO E 300 45.80 4.46 15.71
N LEU E 301 46.35 3.62 14.83
CA LEU E 301 47.74 3.82 14.39
C LEU E 301 47.77 4.23 12.93
N PHE E 302 48.45 5.33 12.63
CA PHE E 302 48.56 5.72 11.24
C PHE E 302 49.69 4.98 10.55
N ALA E 303 49.43 4.45 9.36
CA ALA E 303 50.48 3.77 8.60
C ALA E 303 50.42 4.13 7.12
N LYS E 304 51.60 4.19 6.51
CA LYS E 304 51.71 4.47 5.09
C LYS E 304 51.75 3.14 4.35
N ALA E 305 51.34 3.11 3.09
CA ALA E 305 51.46 1.89 2.32
C ALA E 305 52.94 1.55 2.22
N GLY E 306 53.30 0.32 2.57
CA GLY E 306 54.69 -0.09 2.55
C GLY E 306 55.29 -0.15 3.94
N ASP E 307 54.69 0.58 4.88
CA ASP E 307 55.11 0.50 6.27
C ASP E 307 54.83 -0.88 6.84
N THR E 308 55.45 -1.17 7.97
CA THR E 308 55.22 -2.43 8.66
C THR E 308 54.56 -2.21 10.01
N LEU E 309 53.50 -2.96 10.26
CA LEU E 309 52.81 -2.96 11.53
C LEU E 309 53.13 -4.25 12.25
N SER E 310 53.93 -4.18 13.30
CA SER E 310 54.36 -5.40 13.97
C SER E 310 53.83 -5.42 15.38
N GLY E 311 53.76 -6.63 15.94
CA GLY E 311 53.36 -6.77 17.32
C GLY E 311 52.89 -8.15 17.68
N THR E 312 52.13 -8.22 18.77
CA THR E 312 51.68 -9.51 19.30
C THR E 312 50.24 -9.52 19.77
N CYS E 313 49.56 -10.59 19.41
CA CYS E 313 48.26 -10.91 19.96
C CYS E 313 48.39 -12.11 20.90
N LEU E 314 48.23 -11.85 22.20
CA LEU E 314 48.38 -12.86 23.23
C LEU E 314 47.02 -13.24 23.82
N LEU E 315 46.67 -14.51 23.71
CA LEU E 315 45.40 -15.00 24.24
C LEU E 315 45.68 -15.82 25.49
N ILE E 316 45.13 -15.38 26.62
CA ILE E 316 45.32 -16.10 27.88
C ILE E 316 44.00 -16.68 28.35
N ALA E 317 43.93 -18.00 28.45
CA ALA E 317 42.70 -18.67 28.84
C ALA E 317 42.32 -18.34 30.28
N ASN E 318 41.02 -18.15 30.53
CA ASN E 318 40.51 -17.91 31.87
C ASN E 318 39.50 -19.01 32.23
N LYS E 319 39.04 -19.02 33.48
CA LYS E 319 38.14 -20.08 33.93
C LYS E 319 36.69 -19.81 33.55
N ARG E 320 36.44 -18.71 32.84
CA ARG E 320 35.09 -18.42 32.35
C ARG E 320 34.94 -18.97 30.93
N GLN E 321 35.69 -20.04 30.64
CA GLN E 321 35.64 -20.70 29.34
C GLN E 321 35.94 -19.78 28.18
N SER E 322 36.87 -18.84 28.39
CA SER E 322 37.23 -17.93 27.32
C SER E 322 38.66 -17.45 27.48
N TYR E 323 38.96 -16.31 26.85
CA TYR E 323 40.32 -15.79 26.85
C TYR E 323 40.37 -14.30 27.15
N ASP E 324 41.42 -13.90 27.84
CA ASP E 324 41.79 -12.51 27.96
C ASP E 324 42.68 -12.19 26.76
N ILE E 325 42.26 -11.22 25.96
CA ILE E 325 42.98 -10.88 24.74
C ILE E 325 43.87 -9.67 24.98
N SER E 326 45.16 -9.84 24.73
CA SER E 326 46.10 -8.72 24.79
C SER E 326 46.66 -8.47 23.41
N ILE E 327 46.48 -7.27 22.87
CA ILE E 327 47.03 -6.93 21.57
C ILE E 327 47.94 -5.73 21.66
N VAL E 328 49.21 -5.89 21.28
CA VAL E 328 50.12 -4.75 21.17
C VAL E 328 50.63 -4.65 19.74
N ALA E 329 50.50 -3.47 19.17
CA ALA E 329 50.88 -3.21 17.79
C ALA E 329 51.72 -1.96 17.67
N GLN E 330 52.59 -1.93 16.67
CA GLN E 330 53.51 -0.82 16.53
C GLN E 330 53.80 -0.62 15.04
N VAL E 331 53.75 0.63 14.59
CA VAL E 331 54.22 0.98 13.26
C VAL E 331 55.72 1.15 13.35
N ASP E 332 56.48 0.23 12.76
CA ASP E 332 57.93 0.20 12.94
C ASP E 332 58.60 1.48 12.43
N GLN E 333 58.07 2.06 11.36
CA GLN E 333 58.70 3.21 10.73
C GLN E 333 58.59 4.48 11.57
N THR E 334 57.59 4.55 12.43
CA THR E 334 57.35 5.77 13.21
C THR E 334 57.48 5.52 14.72
N GLY E 335 57.38 4.26 15.12
CA GLY E 335 57.44 3.91 16.53
C GLY E 335 56.13 4.16 17.26
N SER E 336 55.10 4.54 16.51
CA SER E 336 53.78 4.79 17.07
C SER E 336 53.17 3.48 17.57
N LYS E 337 52.75 3.47 18.84
CA LYS E 337 52.35 2.24 19.52
C LYS E 337 50.93 2.27 20.05
N SER E 338 50.27 1.12 20.01
CA SER E 338 48.93 0.99 20.59
C SER E 338 48.71 -0.37 21.22
N SER E 339 47.85 -0.39 22.23
CA SER E 339 47.51 -1.61 22.94
C SER E 339 45.99 -1.77 23.03
N ASN E 340 45.56 -2.74 23.84
CA ASN E 340 44.17 -2.95 24.19
C ASN E 340 44.07 -4.30 24.89
N LEU E 341 43.17 -4.37 25.87
CA LEU E 341 42.88 -5.60 26.57
C LEU E 341 41.42 -5.86 26.35
N LEU E 342 41.09 -7.04 25.88
CA LEU E 342 39.71 -7.36 25.57
C LEU E 342 39.28 -8.63 26.27
N ASP E 343 37.98 -8.69 26.57
CA ASP E 343 37.38 -9.83 27.23
C ASP E 343 36.55 -10.61 26.22
N LEU E 344 37.11 -11.69 25.71
CA LEU E 344 36.46 -12.47 24.65
C LEU E 344 35.14 -13.07 25.12
N LYS E 345 35.00 -13.26 26.43
CA LYS E 345 33.77 -13.86 26.97
C LYS E 345 32.53 -13.01 26.68
N ASN E 346 32.69 -11.69 26.68
CA ASN E 346 31.56 -10.78 26.49
C ASN E 346 31.71 -9.93 25.24
N PRO E 347 31.50 -10.54 24.06
CA PRO E 347 31.62 -9.74 22.85
C PRO E 347 30.39 -8.88 22.63
N PHE E 348 30.52 -7.84 21.81
CA PHE E 348 29.38 -7.02 21.46
C PHE E 348 28.86 -7.48 20.11
N PHE E 349 27.63 -8.01 20.07
CA PHE E 349 27.04 -8.45 18.82
C PHE E 349 26.44 -7.24 18.10
N ARG E 350 27.12 -6.80 17.04
CA ARG E 350 26.78 -5.57 16.34
C ARG E 350 25.95 -5.85 15.07
N TYR E 351 26.02 -7.07 14.58
CA TYR E 351 25.41 -7.45 13.32
C TYR E 351 23.91 -7.16 13.28
N THR E 352 23.45 -6.57 12.19
CA THR E 352 22.05 -6.20 12.02
C THR E 352 21.50 -6.73 10.71
N ARG F 9 23.52 -17.80 57.27
CA ARG F 9 23.25 -17.79 55.83
C ARG F 9 22.29 -16.64 55.52
N SER F 10 22.50 -15.94 54.41
CA SER F 10 21.58 -14.85 54.07
C SER F 10 20.36 -15.42 53.37
N VAL F 11 19.28 -14.65 53.35
CA VAL F 11 18.05 -15.12 52.74
C VAL F 11 18.28 -15.17 51.22
N PHE F 12 19.09 -14.23 50.73
CA PHE F 12 19.34 -14.13 49.30
C PHE F 12 20.02 -15.40 48.81
N SER F 13 21.14 -15.74 49.42
CA SER F 13 21.90 -16.91 49.01
C SER F 13 21.04 -18.17 49.19
N GLU F 14 20.21 -18.18 50.22
CA GLU F 14 19.34 -19.33 50.48
C GLU F 14 18.30 -19.47 49.38
N ARG F 15 17.81 -18.36 48.84
CA ARG F 15 16.79 -18.47 47.79
C ARG F 15 17.35 -18.38 46.37
N THR F 16 18.67 -18.27 46.23
CA THR F 16 19.28 -18.05 44.93
C THR F 16 20.42 -19.02 44.61
N GLU F 17 20.36 -19.63 43.44
CA GLU F 17 21.46 -20.44 42.93
C GLU F 17 22.67 -19.53 42.68
N GLU F 18 23.87 -19.97 43.03
CA GLU F 18 25.06 -19.15 42.90
C GLU F 18 25.35 -18.71 41.45
N SER F 19 25.20 -19.63 40.51
CA SER F 19 25.47 -19.34 39.11
C SER F 19 24.59 -18.19 38.61
N SER F 20 23.34 -18.21 39.06
CA SER F 20 22.36 -17.21 38.65
C SER F 20 22.74 -15.86 39.22
N ALA F 21 23.14 -15.83 40.49
CA ALA F 21 23.50 -14.56 41.13
C ALA F 21 24.74 -13.96 40.48
N VAL F 22 25.73 -14.82 40.22
CA VAL F 22 26.94 -14.36 39.58
C VAL F 22 26.57 -13.72 38.25
N GLN F 23 25.87 -14.47 37.41
CA GLN F 23 25.46 -13.95 36.10
C GLN F 23 24.67 -12.65 36.27
N TYR F 24 23.76 -12.67 37.24
CA TYR F 24 22.83 -11.56 37.45
C TYR F 24 23.54 -10.26 37.76
N PHE F 25 24.41 -10.29 38.77
CA PHE F 25 25.07 -9.06 39.19
C PHE F 25 26.22 -8.70 38.26
N GLN F 26 26.73 -9.69 37.53
CA GLN F 26 27.70 -9.39 36.51
C GLN F 26 27.02 -8.59 35.38
N PHE F 27 25.80 -8.98 35.00
CA PHE F 27 25.03 -8.19 34.02
C PHE F 27 24.88 -6.72 34.38
N TYR F 28 24.55 -6.43 35.63
CA TYR F 28 24.30 -5.06 36.06
C TYR F 28 25.56 -4.26 36.37
N GLY F 29 26.72 -4.88 36.19
CA GLY F 29 27.97 -4.18 36.39
C GLY F 29 28.37 -3.33 35.18
N TYR F 30 27.63 -3.47 34.09
CA TYR F 30 27.96 -2.77 32.85
C TYR F 30 27.31 -1.40 32.76
N LEU F 31 28.13 -0.39 32.46
CA LEU F 31 27.64 0.97 32.30
C LEU F 31 26.65 1.12 31.15
N SER F 32 26.79 0.27 30.13
CA SER F 32 25.90 0.34 28.97
C SER F 32 24.46 0.05 29.39
N GLN F 33 24.32 -0.84 30.37
CA GLN F 33 23.02 -1.25 30.86
C GLN F 33 22.42 -0.11 31.69
N GLN F 34 23.26 0.54 32.49
CA GLN F 34 22.84 1.70 33.24
C GLN F 34 22.36 2.76 32.27
N GLN F 35 23.14 3.01 31.22
CA GLN F 35 22.72 3.97 30.22
C GLN F 35 21.38 3.59 29.64
N ASN F 36 21.22 2.30 29.30
CA ASN F 36 19.94 1.86 28.75
C ASN F 36 18.79 2.18 29.69
N MET F 37 18.95 1.86 30.98
N MET F 37 18.95 1.86 30.98
CA MET F 37 17.88 2.14 31.95
CA MET F 37 17.90 2.12 31.97
C MET F 37 17.66 3.63 32.21
C MET F 37 17.67 3.62 32.19
N MET F 38 18.75 4.38 32.27
CA MET F 38 18.69 5.81 32.53
C MET F 38 18.03 6.54 31.36
N GLN F 39 18.18 6.00 30.15
CA GLN F 39 17.62 6.62 28.96
C GLN F 39 16.12 6.32 28.80
N ASP F 40 15.56 5.51 29.68
CA ASP F 40 14.12 5.37 29.75
C ASP F 40 13.56 6.66 30.37
N TYR F 41 13.20 7.63 29.54
CA TYR F 41 12.85 8.94 30.06
C TYR F 41 11.56 8.91 30.90
N VAL F 42 10.60 8.10 30.49
CA VAL F 42 9.35 7.96 31.23
C VAL F 42 9.68 7.56 32.67
N ARG F 43 10.48 6.51 32.78
CA ARG F 43 10.91 5.98 34.06
C ARG F 43 11.64 7.02 34.91
N THR F 44 12.72 7.54 34.37
CA THR F 44 13.61 8.43 35.10
C THR F 44 12.86 9.70 35.50
N GLY F 45 12.13 10.25 34.54
CA GLY F 45 11.37 11.46 34.77
C GLY F 45 10.28 11.26 35.80
N THR F 46 9.55 10.15 35.71
CA THR F 46 8.48 9.91 36.66
C THR F 46 9.06 9.69 38.05
N TYR F 47 10.17 8.97 38.16
CA TYR F 47 10.79 8.82 39.47
C TYR F 47 11.19 10.17 40.05
N GLN F 48 11.89 10.98 39.26
CA GLN F 48 12.32 12.28 39.76
C GLN F 48 11.11 13.11 40.15
N ARG F 49 10.05 13.04 39.36
CA ARG F 49 8.82 13.77 39.66
C ARG F 49 8.22 13.28 40.96
N ALA F 50 8.17 11.97 41.14
CA ALA F 50 7.60 11.38 42.36
C ALA F 50 8.40 11.81 43.58
N ILE F 51 9.72 11.90 43.45
CA ILE F 51 10.54 12.31 44.58
C ILE F 51 10.53 13.81 44.86
N LEU F 52 10.72 14.62 43.84
CA LEU F 52 10.84 16.06 44.03
C LEU F 52 9.52 16.69 44.46
N GLN F 53 8.43 16.21 43.89
CA GLN F 53 7.13 16.77 44.22
C GLN F 53 6.64 16.28 45.58
N ASN F 54 7.33 15.30 46.14
CA ASN F 54 7.07 14.86 47.51
C ASN F 54 8.30 15.13 48.36
N HIS F 55 8.90 16.31 48.18
CA HIS F 55 10.16 16.64 48.85
C HIS F 55 10.05 16.60 50.37
N THR F 56 8.85 16.85 50.90
CA THR F 56 8.65 16.83 52.36
C THR F 56 8.85 15.43 52.92
N ASP F 57 8.70 14.43 52.05
CA ASP F 57 8.92 13.03 52.43
C ASP F 57 10.40 12.70 52.49
N PHE F 58 11.22 13.62 52.01
CA PHE F 58 12.66 13.39 51.97
C PHE F 58 13.43 14.45 52.75
N LYS F 59 12.83 15.62 52.93
CA LYS F 59 13.53 16.74 53.57
C LYS F 59 14.04 16.37 54.96
N ASP F 60 15.35 16.43 55.14
CA ASP F 60 16.01 16.10 56.41
C ASP F 60 15.67 14.68 56.88
N LYS F 61 15.43 13.80 55.93
CA LYS F 61 15.10 12.41 56.21
C LYS F 61 16.27 11.46 55.97
N ILE F 62 16.14 10.25 56.48
CA ILE F 62 17.04 9.13 56.16
C ILE F 62 16.49 8.26 55.11
N VAL F 63 17.29 8.05 54.06
CA VAL F 63 16.82 7.32 52.91
C VAL F 63 17.64 6.05 52.68
N LEU F 64 16.95 5.00 52.26
CA LEU F 64 17.65 3.81 51.75
C LEU F 64 17.31 3.59 50.29
N ASP F 65 18.34 3.49 49.45
CA ASP F 65 18.16 3.21 48.02
C ASP F 65 18.54 1.76 47.73
N VAL F 66 17.53 0.92 47.48
CA VAL F 66 17.83 -0.51 47.25
C VAL F 66 18.12 -0.78 45.77
N GLY F 67 19.34 -1.25 45.50
CA GLY F 67 19.79 -1.51 44.15
C GLY F 67 19.99 -0.22 43.40
N CYS F 68 20.87 0.63 43.93
CA CYS F 68 20.98 2.02 43.49
C CYS F 68 21.62 2.16 42.12
N GLY F 69 22.35 1.14 41.70
CA GLY F 69 23.05 1.17 40.44
C GLY F 69 24.02 2.34 40.36
N SER F 70 23.84 3.20 39.36
CA SER F 70 24.67 4.39 39.20
C SER F 70 24.38 5.40 40.31
N GLY F 71 23.23 5.26 40.97
CA GLY F 71 22.88 6.10 42.10
C GLY F 71 21.86 7.20 41.84
N ILE F 72 21.23 7.16 40.68
CA ILE F 72 20.38 8.24 40.22
C ILE F 72 19.25 8.61 41.22
N LEU F 73 18.63 7.59 41.80
CA LEU F 73 17.53 7.85 42.73
C LEU F 73 18.05 8.49 44.02
N SER F 74 19.26 8.10 44.42
CA SER F 74 19.88 8.71 45.59
C SER F 74 20.16 10.19 45.31
N PHE F 75 20.55 10.50 44.09
CA PHE F 75 20.76 11.90 43.71
C PHE F 75 19.42 12.65 43.73
N PHE F 76 18.37 12.01 43.22
CA PHE F 76 17.05 12.62 43.35
C PHE F 76 16.66 12.85 44.81
N ALA F 77 16.92 11.88 45.68
CA ALA F 77 16.63 12.07 47.10
C ALA F 77 17.47 13.20 47.69
N ALA F 78 18.71 13.32 47.24
CA ALA F 78 19.54 14.43 47.70
C ALA F 78 18.98 15.76 47.22
N GLN F 79 18.46 15.79 46.00
CA GLN F 79 17.84 16.99 45.47
C GLN F 79 16.62 17.41 46.29
N ALA F 80 15.95 16.42 46.89
CA ALA F 80 14.73 16.69 47.66
C ALA F 80 15.05 17.06 49.10
N GLY F 81 16.33 17.13 49.45
CA GLY F 81 16.75 17.61 50.75
C GLY F 81 17.00 16.54 51.80
N ALA F 82 17.27 15.32 51.36
CA ALA F 82 17.53 14.22 52.29
C ALA F 82 18.78 14.52 53.13
N ARG F 83 18.77 14.07 54.37
CA ARG F 83 19.88 14.26 55.28
C ARG F 83 21.01 13.27 55.02
N LYS F 84 20.62 12.01 54.94
CA LYS F 84 21.54 10.91 54.69
C LYS F 84 20.88 9.87 53.80
N ILE F 85 21.62 9.40 52.80
CA ILE F 85 21.10 8.40 51.88
C ILE F 85 22.06 7.22 51.81
N TYR F 86 21.58 6.04 52.17
CA TYR F 86 22.41 4.84 52.03
C TYR F 86 22.09 4.15 50.71
N ALA F 87 23.06 4.14 49.82
CA ALA F 87 22.87 3.60 48.48
C ALA F 87 23.48 2.21 48.38
N VAL F 88 22.61 1.20 48.38
CA VAL F 88 23.06 -0.19 48.35
C VAL F 88 23.01 -0.79 46.95
N GLU F 89 24.15 -1.33 46.52
CA GLU F 89 24.24 -2.01 45.23
C GLU F 89 25.23 -3.18 45.34
N ALA F 90 24.82 -4.33 44.84
CA ALA F 90 25.60 -5.55 44.99
C ALA F 90 26.55 -5.76 43.82
N SER F 91 26.25 -5.12 42.69
CA SER F 91 27.12 -5.23 41.52
C SER F 91 28.29 -4.28 41.68
N THR F 92 29.23 -4.34 40.75
CA THR F 92 30.41 -3.50 40.81
C THR F 92 30.06 -2.06 40.45
N MET F 93 28.84 -1.85 39.98
CA MET F 93 28.36 -0.53 39.62
C MET F 93 28.48 0.39 40.83
N ALA F 94 28.44 -0.21 42.01
CA ALA F 94 28.55 0.51 43.26
C ALA F 94 29.78 1.40 43.27
N GLN F 95 30.86 0.94 42.64
CA GLN F 95 32.08 1.73 42.62
C GLN F 95 31.93 2.95 41.71
N HIS F 96 31.09 2.84 40.69
CA HIS F 96 30.86 3.95 39.76
C HIS F 96 29.96 4.98 40.43
N ALA F 97 29.07 4.48 41.28
CA ALA F 97 28.20 5.35 42.06
C ALA F 97 29.03 6.23 43.00
N GLU F 98 30.05 5.65 43.62
CA GLU F 98 30.93 6.40 44.50
C GLU F 98 31.62 7.53 43.75
N VAL F 99 32.04 7.23 42.52
CA VAL F 99 32.73 8.21 41.68
C VAL F 99 31.80 9.40 41.43
N LEU F 100 30.55 9.12 41.14
CA LEU F 100 29.57 10.17 40.87
C LEU F 100 29.27 10.98 42.13
N VAL F 101 29.19 10.31 43.27
CA VAL F 101 28.91 10.99 44.52
C VAL F 101 30.02 11.99 44.80
N LYS F 102 31.27 11.58 44.60
CA LYS F 102 32.41 12.44 44.84
C LYS F 102 32.43 13.61 43.84
N SER F 103 32.27 13.30 42.56
CA SER F 103 32.37 14.30 41.51
C SER F 103 31.18 15.26 41.54
N ASN F 104 30.09 14.85 42.18
CA ASN F 104 28.91 15.71 42.35
C ASN F 104 28.91 16.36 43.74
N ASN F 105 29.99 16.18 44.48
CA ASN F 105 30.17 16.83 45.79
C ASN F 105 29.04 16.55 46.77
N LEU F 106 28.64 15.29 46.88
CA LEU F 106 27.56 14.88 47.77
C LEU F 106 28.04 13.81 48.75
N THR F 107 29.34 13.80 49.03
CA THR F 107 29.93 12.80 49.92
C THR F 107 29.41 12.89 51.34
N ASP F 108 28.90 14.05 51.72
CA ASP F 108 28.40 14.28 53.06
C ASP F 108 26.96 13.79 53.23
N ARG F 109 26.35 13.38 52.12
CA ARG F 109 24.92 13.04 52.13
C ARG F 109 24.61 11.66 51.54
N ILE F 110 25.37 11.23 50.54
CA ILE F 110 25.13 9.92 49.93
C ILE F 110 26.27 8.97 50.29
N VAL F 111 25.92 7.88 50.98
CA VAL F 111 26.89 6.87 51.37
C VAL F 111 26.60 5.57 50.62
N VAL F 112 27.49 5.19 49.73
CA VAL F 112 27.36 3.95 49.00
C VAL F 112 27.79 2.80 49.90
N ILE F 113 26.89 1.82 50.06
CA ILE F 113 27.20 0.62 50.80
C ILE F 113 27.10 -0.57 49.85
N PRO F 114 28.24 -1.09 49.38
CA PRO F 114 28.29 -2.23 48.45
C PRO F 114 27.90 -3.58 49.06
N GLY F 115 27.13 -4.35 48.30
CA GLY F 115 26.69 -5.67 48.74
C GLY F 115 25.20 -5.85 48.54
N LYS F 116 24.71 -7.05 48.80
CA LYS F 116 23.28 -7.29 48.74
C LYS F 116 22.61 -6.70 49.98
N VAL F 117 21.41 -6.15 49.77
CA VAL F 117 20.70 -5.49 50.85
C VAL F 117 20.37 -6.49 51.96
N GLU F 118 20.37 -7.78 51.61
CA GLU F 118 20.11 -8.84 52.58
C GLU F 118 21.33 -9.16 53.45
N GLU F 119 22.48 -8.61 53.09
CA GLU F 119 23.74 -9.00 53.72
C GLU F 119 24.50 -7.82 54.31
N VAL F 120 24.24 -6.62 53.80
CA VAL F 120 24.95 -5.44 54.28
C VAL F 120 24.47 -5.10 55.68
N SER F 121 25.21 -4.20 56.33
CA SER F 121 24.82 -3.67 57.62
C SER F 121 24.60 -2.17 57.45
N LEU F 122 23.42 -1.71 57.82
CA LEU F 122 23.12 -0.29 57.76
C LEU F 122 23.37 0.35 59.13
N PRO F 123 23.96 1.55 59.16
CA PRO F 123 24.26 2.21 60.44
C PRO F 123 23.04 2.63 61.26
N GLU F 124 21.93 2.91 60.61
CA GLU F 124 20.73 3.38 61.30
C GLU F 124 19.46 3.00 60.54
N GLN F 125 18.32 3.09 61.23
CA GLN F 125 17.02 2.88 60.60
C GLN F 125 16.68 4.09 59.72
N VAL F 126 15.88 3.86 58.68
CA VAL F 126 15.59 4.91 57.69
C VAL F 126 14.13 5.37 57.74
N ASP F 127 13.88 6.56 57.21
CA ASP F 127 12.53 7.10 57.13
C ASP F 127 11.80 6.59 55.90
N ILE F 128 12.55 6.36 54.82
CA ILE F 128 11.91 5.96 53.58
C ILE F 128 12.84 5.10 52.72
N ILE F 129 12.25 4.08 52.09
CA ILE F 129 13.02 3.25 51.18
C ILE F 129 12.61 3.59 49.76
N ILE F 130 13.59 3.89 48.91
CA ILE F 130 13.33 4.06 47.49
C ILE F 130 14.02 2.95 46.73
N SER F 131 13.39 2.53 45.64
CA SER F 131 14.01 1.49 44.83
C SER F 131 13.37 1.38 43.47
N GLU F 132 14.07 0.71 42.57
CA GLU F 132 13.54 0.39 41.27
C GLU F 132 13.63 -1.13 41.09
N PRO F 133 12.76 -1.88 41.81
CA PRO F 133 12.89 -3.33 41.86
C PRO F 133 12.03 -4.07 40.84
N MET F 134 11.41 -3.35 39.92
CA MET F 134 10.52 -3.97 38.96
C MET F 134 11.28 -4.63 37.82
N GLY F 135 10.91 -5.87 37.53
CA GLY F 135 11.43 -6.56 36.37
C GLY F 135 10.27 -6.74 35.39
N TYR F 136 10.49 -7.52 34.34
CA TYR F 136 9.42 -7.78 33.38
C TYR F 136 8.20 -8.37 34.09
N MET F 137 7.02 -7.91 33.68
CA MET F 137 5.74 -8.27 34.32
C MET F 137 5.90 -8.18 35.84
N LEU F 138 6.65 -7.16 36.24
CA LEU F 138 6.89 -6.80 37.64
C LEU F 138 7.76 -7.78 38.44
N PHE F 139 7.44 -9.06 38.42
CA PHE F 139 8.03 -9.99 39.40
C PHE F 139 9.38 -10.58 38.97
N ASN F 140 9.75 -10.44 37.70
CA ASN F 140 11.01 -11.00 37.24
C ASN F 140 12.17 -10.44 38.03
N GLU F 141 13.19 -11.29 38.21
CA GLU F 141 14.41 -10.98 38.96
C GLU F 141 14.24 -11.12 40.47
N ARG F 142 12.99 -11.25 40.93
CA ARG F 142 12.72 -11.51 42.35
C ARG F 142 13.30 -10.42 43.24
N MET F 143 13.44 -9.21 42.70
CA MET F 143 14.03 -8.12 43.47
C MET F 143 13.00 -7.46 44.39
N LEU F 144 11.71 -7.68 44.13
CA LEU F 144 10.68 -7.15 45.02
C LEU F 144 10.88 -7.69 46.43
N GLU F 145 11.36 -8.92 46.52
CA GLU F 145 11.60 -9.57 47.81
C GLU F 145 12.73 -8.90 48.56
N SER F 146 13.74 -8.41 47.84
CA SER F 146 14.84 -7.67 48.45
C SER F 146 14.29 -6.35 49.00
N TYR F 147 13.44 -5.73 48.17
CA TYR F 147 12.81 -4.46 48.50
C TYR F 147 12.01 -4.64 49.78
N LEU F 148 11.27 -5.73 49.86
CA LEU F 148 10.48 -6.01 51.05
C LEU F 148 11.38 -6.38 52.23
N HIS F 149 12.43 -7.13 51.93
CA HIS F 149 13.39 -7.53 52.95
C HIS F 149 13.99 -6.29 53.61
N ALA F 150 14.22 -5.26 52.80
CA ALA F 150 14.84 -4.03 53.29
C ALA F 150 14.01 -3.30 54.36
N LYS F 151 12.76 -3.68 54.54
CA LYS F 151 11.92 -3.02 55.54
C LYS F 151 12.40 -3.26 56.96
N LYS F 152 13.36 -4.17 57.13
CA LYS F 152 13.97 -4.37 58.44
C LYS F 152 14.73 -3.12 58.87
N TYR F 153 15.09 -2.27 57.91
CA TYR F 153 15.77 -1.02 58.22
C TYR F 153 14.80 0.16 58.26
N LEU F 154 13.52 -0.10 58.05
CA LEU F 154 12.53 0.97 57.99
C LEU F 154 11.90 1.27 59.34
N LYS F 155 11.85 2.55 59.69
CA LYS F 155 11.14 3.00 60.89
C LYS F 155 9.65 2.67 60.82
N PRO F 156 8.99 2.56 61.98
CA PRO F 156 7.56 2.25 61.99
C PRO F 156 6.69 3.21 61.17
N SER F 157 7.01 4.50 61.21
CA SER F 157 6.27 5.50 60.43
C SER F 157 6.80 5.60 59.01
N GLY F 158 7.62 4.64 58.61
CA GLY F 158 8.30 4.71 57.33
C GLY F 158 7.46 4.56 56.08
N ASN F 159 8.01 5.03 54.97
CA ASN F 159 7.33 4.97 53.68
C ASN F 159 8.15 4.17 52.65
N MET F 160 7.46 3.75 51.59
CA MET F 160 8.07 2.99 50.52
C MET F 160 7.78 3.66 49.18
N PHE F 161 8.83 3.87 48.40
CA PHE F 161 8.74 4.47 47.08
C PHE F 161 9.39 3.54 46.03
N PRO F 162 8.56 2.83 45.25
CA PRO F 162 7.09 2.88 45.18
C PRO F 162 6.37 2.26 46.37
N THR F 163 5.10 2.59 46.53
CA THR F 163 4.31 2.16 47.66
C THR F 163 3.49 0.92 47.32
N ILE F 164 2.92 0.90 46.12
CA ILE F 164 2.16 -0.25 45.66
C ILE F 164 2.49 -0.59 44.22
N GLY F 165 2.20 -1.84 43.86
CA GLY F 165 2.35 -2.31 42.50
C GLY F 165 1.11 -3.04 42.02
N ASP F 166 0.63 -2.66 40.84
CA ASP F 166 -0.51 -3.31 40.21
C ASP F 166 -0.04 -4.08 38.99
N VAL F 167 -0.31 -5.37 38.97
CA VAL F 167 -0.10 -6.18 37.79
C VAL F 167 -1.42 -6.35 37.06
N HIS F 168 -1.42 -6.02 35.78
CA HIS F 168 -2.60 -6.18 34.95
C HIS F 168 -2.42 -7.32 33.97
N LEU F 169 -3.44 -8.16 33.85
CA LEU F 169 -3.46 -9.17 32.80
C LEU F 169 -4.77 -9.12 32.01
N ALA F 170 -4.66 -9.30 30.70
CA ALA F 170 -5.83 -9.31 29.82
C ALA F 170 -5.65 -10.25 28.63
N PRO F 171 -6.72 -10.92 28.19
CA PRO F 171 -6.55 -11.81 27.03
C PRO F 171 -6.31 -11.03 25.74
N PHE F 172 -5.49 -11.57 24.85
CA PHE F 172 -5.22 -10.86 23.59
C PHE F 172 -5.31 -11.77 22.37
N THR F 173 -5.51 -11.16 21.21
CA THR F 173 -5.45 -11.89 19.94
C THR F 173 -4.33 -11.32 19.06
N ASP F 174 -3.44 -12.19 18.60
CA ASP F 174 -2.34 -11.81 17.72
C ASP F 174 -1.85 -13.03 16.94
N GLU F 175 -2.51 -13.30 15.82
CA GLU F 175 -2.18 -14.49 15.06
C GLU F 175 -0.76 -14.49 14.52
N GLN F 176 -0.28 -13.33 14.11
CA GLN F 176 1.06 -13.25 13.54
C GLN F 176 2.11 -13.71 14.56
N LEU F 177 1.98 -13.25 15.80
CA LEU F 177 2.92 -13.61 16.86
C LEU F 177 2.91 -15.12 17.07
N TYR F 178 1.70 -15.68 17.11
CA TYR F 178 1.51 -17.09 17.36
C TYR F 178 2.16 -17.91 16.26
N MET F 179 1.88 -17.53 15.02
CA MET F 179 2.42 -18.24 13.88
C MET F 179 3.93 -18.04 13.84
N GLU F 180 4.38 -16.85 14.26
CA GLU F 180 5.81 -16.57 14.28
C GLU F 180 6.53 -17.57 15.19
N GLN F 181 6.01 -17.78 16.39
CA GLN F 181 6.65 -18.78 17.29
C GLN F 181 6.46 -20.24 16.80
N PHE F 182 5.27 -20.51 16.30
CA PHE F 182 4.93 -21.87 15.86
C PHE F 182 5.84 -22.27 14.70
N THR F 183 6.13 -21.31 13.82
CA THR F 183 7.03 -21.54 12.70
C THR F 183 8.43 -21.90 13.18
N LYS F 184 8.91 -21.22 14.21
CA LYS F 184 10.23 -21.51 14.75
C LYS F 184 10.23 -22.91 15.31
N ALA F 185 9.16 -23.27 16.01
CA ALA F 185 9.13 -24.62 16.55
C ALA F 185 8.99 -25.69 15.46
N ASN F 186 8.31 -25.39 14.36
CA ASN F 186 8.12 -26.42 13.33
C ASN F 186 9.38 -26.85 12.56
N PHE F 187 10.53 -26.25 12.87
CA PHE F 187 11.80 -26.74 12.33
C PHE F 187 11.98 -28.20 12.76
N TRP F 188 11.55 -28.49 13.98
CA TRP F 188 11.68 -29.81 14.57
C TRP F 188 10.59 -30.78 14.08
N TYR F 189 9.82 -30.34 13.08
CA TYR F 189 8.79 -31.14 12.43
C TYR F 189 9.35 -31.91 11.24
N GLN F 190 10.48 -31.44 10.71
CA GLN F 190 11.06 -32.05 9.52
C GLN F 190 11.34 -33.54 9.64
N PRO F 191 10.90 -34.33 8.64
CA PRO F 191 11.14 -35.77 8.65
C PRO F 191 12.50 -36.12 8.04
N SER F 192 13.13 -35.16 7.37
CA SER F 192 14.39 -35.42 6.69
C SER F 192 15.29 -34.19 6.57
N PHE F 193 15.70 -33.64 7.72
CA PHE F 193 16.67 -32.55 7.75
C PHE F 193 18.07 -33.11 7.47
N HIS F 194 18.57 -32.86 6.26
CA HIS F 194 19.84 -33.44 5.82
C HIS F 194 19.79 -34.96 5.97
N GLY F 195 18.61 -35.54 5.77
CA GLY F 195 18.46 -36.98 5.83
C GLY F 195 18.10 -37.50 7.22
N VAL F 196 17.91 -36.59 8.17
CA VAL F 196 17.63 -36.97 9.55
C VAL F 196 16.20 -36.61 9.93
N ASP F 197 15.50 -37.55 10.56
CA ASP F 197 14.13 -37.33 11.02
C ASP F 197 14.11 -36.65 12.38
N LEU F 198 13.69 -35.38 12.41
CA LEU F 198 13.66 -34.60 13.65
C LEU F 198 12.30 -34.62 14.34
N SER F 199 11.29 -35.17 13.68
CA SER F 199 9.91 -34.95 14.09
C SER F 199 9.64 -35.34 15.55
N ALA F 200 10.38 -36.32 16.06
CA ALA F 200 10.12 -36.84 17.40
C ALA F 200 10.38 -35.80 18.48
N LEU F 201 11.09 -34.73 18.14
CA LEU F 201 11.38 -33.67 19.10
C LEU F 201 10.46 -32.47 18.94
N ARG F 202 9.54 -32.53 17.99
CA ARG F 202 8.68 -31.38 17.76
C ARG F 202 7.90 -30.92 18.98
N GLY F 203 7.35 -31.87 19.72
CA GLY F 203 6.58 -31.54 20.89
C GLY F 203 7.42 -30.80 21.91
N ALA F 204 8.62 -31.30 22.15
CA ALA F 204 9.54 -30.66 23.08
C ALA F 204 9.93 -29.28 22.56
N ALA F 205 10.01 -29.15 21.23
CA ALA F 205 10.37 -27.89 20.62
C ALA F 205 9.28 -26.84 20.83
N VAL F 206 8.03 -27.21 20.58
CA VAL F 206 6.92 -26.31 20.78
C VAL F 206 6.89 -25.88 22.25
N ASP F 207 7.05 -26.84 23.15
CA ASP F 207 7.05 -26.55 24.57
C ASP F 207 8.11 -25.49 24.89
N GLU F 208 9.31 -25.65 24.34
CA GLU F 208 10.40 -24.73 24.64
C GLU F 208 10.11 -23.30 24.18
N TYR F 209 9.67 -23.16 22.94
CA TYR F 209 9.41 -21.83 22.39
C TYR F 209 8.25 -21.13 23.10
N PHE F 210 7.20 -21.88 23.40
CA PHE F 210 6.02 -21.30 24.02
C PHE F 210 6.26 -21.08 25.51
N ARG F 211 7.35 -21.64 26.03
CA ARG F 211 7.73 -21.41 27.42
C ARG F 211 8.26 -19.99 27.59
N GLN F 212 8.60 -19.34 26.49
CA GLN F 212 9.17 -18.01 26.53
C GLN F 212 8.12 -16.92 26.51
N PRO F 213 7.99 -16.16 27.61
CA PRO F 213 7.13 -14.98 27.52
C PRO F 213 7.68 -14.00 26.49
N VAL F 214 6.78 -13.36 25.77
CA VAL F 214 7.17 -12.44 24.71
C VAL F 214 7.20 -11.01 25.25
N VAL F 215 8.39 -10.42 25.24
CA VAL F 215 8.56 -9.04 25.66
C VAL F 215 8.58 -8.13 24.45
N ASP F 216 7.59 -7.26 24.38
CA ASP F 216 7.54 -6.24 23.32
C ASP F 216 6.31 -5.39 23.57
N THR F 217 5.99 -4.53 22.61
CA THR F 217 4.80 -3.71 22.75
C THR F 217 3.80 -4.12 21.68
N PHE F 218 2.58 -3.60 21.77
CA PHE F 218 1.54 -3.98 20.84
C PHE F 218 0.42 -2.94 20.83
N ASP F 219 -0.43 -3.03 19.82
CA ASP F 219 -1.59 -2.15 19.71
C ASP F 219 -2.65 -2.62 20.70
N ILE F 220 -3.27 -1.67 21.40
CA ILE F 220 -4.24 -2.02 22.45
C ILE F 220 -5.51 -2.65 21.89
N ARG F 221 -5.68 -2.61 20.57
CA ARG F 221 -6.89 -3.13 19.96
C ARG F 221 -6.87 -4.66 19.92
N ILE F 222 -5.72 -5.26 20.24
CA ILE F 222 -5.61 -6.70 20.27
C ILE F 222 -6.18 -7.25 21.57
N LEU F 223 -6.41 -6.38 22.55
CA LEU F 223 -6.96 -6.80 23.83
C LEU F 223 -8.46 -7.07 23.70
N MET F 224 -8.89 -8.20 24.26
CA MET F 224 -10.26 -8.68 24.05
C MET F 224 -11.14 -8.52 25.28
N ALA F 225 -10.59 -8.01 26.37
CA ALA F 225 -11.37 -7.80 27.59
C ALA F 225 -10.69 -6.78 28.50
N LYS F 226 -11.48 -6.19 29.39
CA LYS F 226 -10.94 -5.27 30.38
C LYS F 226 -10.00 -6.07 31.28
N SER F 227 -8.87 -5.46 31.64
CA SER F 227 -7.84 -6.18 32.41
C SER F 227 -8.29 -6.54 33.81
N VAL F 228 -7.70 -7.61 34.33
CA VAL F 228 -7.84 -7.97 35.73
C VAL F 228 -6.58 -7.49 36.44
N LYS F 229 -6.76 -6.94 37.64
CA LYS F 229 -5.70 -6.31 38.41
C LYS F 229 -5.32 -7.15 39.63
N TYR F 230 -4.02 -7.33 39.84
CA TYR F 230 -3.52 -7.92 41.07
C TYR F 230 -2.57 -6.95 41.76
N THR F 231 -2.86 -6.62 43.00
CA THR F 231 -2.14 -5.55 43.69
C THR F 231 -1.24 -6.08 44.81
N VAL F 232 -0.01 -5.58 44.86
CA VAL F 232 0.89 -5.84 45.96
C VAL F 232 1.16 -4.52 46.70
N ASN F 233 0.81 -4.49 47.99
CA ASN F 233 1.08 -3.33 48.83
C ASN F 233 2.43 -3.49 49.53
N PHE F 234 3.42 -2.75 49.06
CA PHE F 234 4.80 -2.88 49.53
C PHE F 234 4.97 -2.44 50.99
N LEU F 235 4.05 -1.61 51.48
CA LEU F 235 4.09 -1.20 52.88
C LEU F 235 3.68 -2.35 53.79
N GLU F 236 2.87 -3.26 53.26
CA GLU F 236 2.27 -4.29 54.09
C GLU F 236 2.83 -5.69 53.81
N ALA F 237 3.22 -5.94 52.56
CA ALA F 237 3.63 -7.28 52.17
C ALA F 237 4.99 -7.65 52.78
N LYS F 238 5.15 -8.93 53.10
CA LYS F 238 6.45 -9.44 53.54
C LYS F 238 6.98 -10.38 52.45
N GLU F 239 8.27 -10.69 52.50
CA GLU F 239 8.93 -11.48 51.45
C GLU F 239 8.19 -12.75 51.03
N GLY F 240 7.76 -13.53 52.03
CA GLY F 240 7.16 -14.82 51.76
C GLY F 240 5.90 -14.74 50.91
N ASP F 241 5.30 -13.56 50.88
CA ASP F 241 4.08 -13.35 50.10
C ASP F 241 4.37 -13.53 48.61
N LEU F 242 5.63 -13.39 48.21
CA LEU F 242 5.95 -13.43 46.78
C LEU F 242 6.53 -14.78 46.34
N HIS F 243 6.62 -15.73 47.26
CA HIS F 243 7.13 -17.04 46.88
C HIS F 243 6.11 -17.76 46.01
N ARG F 244 4.83 -17.60 46.32
CA ARG F 244 3.79 -18.24 45.52
C ARG F 244 2.66 -17.24 45.29
N ILE F 245 2.54 -16.76 44.06
CA ILE F 245 1.58 -15.72 43.71
C ILE F 245 0.45 -16.30 42.87
N GLU F 246 -0.75 -16.37 43.43
CA GLU F 246 -1.90 -16.91 42.71
C GLU F 246 -2.86 -15.81 42.28
N ILE F 247 -3.02 -15.66 40.96
CA ILE F 247 -3.89 -14.63 40.40
C ILE F 247 -5.06 -15.26 39.64
N PRO F 248 -6.22 -15.41 40.30
CA PRO F 248 -7.43 -15.86 39.60
C PRO F 248 -7.99 -14.77 38.70
N PHE F 249 -8.60 -15.16 37.58
CA PHE F 249 -9.22 -14.20 36.69
C PHE F 249 -10.50 -14.72 36.05
N LYS F 250 -11.41 -13.77 35.81
CA LYS F 250 -12.64 -13.99 35.06
C LYS F 250 -12.91 -12.81 34.14
N PHE F 251 -12.54 -12.98 32.88
CA PHE F 251 -12.69 -11.94 31.87
C PHE F 251 -14.06 -12.01 31.20
N HIS F 252 -14.70 -10.87 31.04
CA HIS F 252 -15.92 -10.79 30.24
C HIS F 252 -15.53 -10.33 28.84
N MET F 253 -15.55 -11.27 27.90
CA MET F 253 -15.04 -11.05 26.55
C MET F 253 -15.83 -9.97 25.81
N LEU F 254 -15.13 -8.94 25.36
CA LEU F 254 -15.74 -7.84 24.63
C LEU F 254 -15.75 -8.06 23.12
N HIS F 255 -14.84 -8.90 22.64
CA HIS F 255 -14.76 -9.22 21.22
C HIS F 255 -14.70 -10.72 20.99
N SER F 256 -15.17 -11.15 19.83
CA SER F 256 -15.07 -12.54 19.43
C SER F 256 -13.75 -12.78 18.75
N GLY F 257 -13.22 -13.99 18.90
CA GLY F 257 -11.99 -14.34 18.25
C GLY F 257 -11.18 -15.39 18.98
N LEU F 258 -9.95 -15.57 18.49
CA LEU F 258 -9.05 -16.54 19.06
C LEU F 258 -8.22 -15.85 20.13
N VAL F 259 -8.31 -16.38 21.35
CA VAL F 259 -7.49 -15.92 22.45
C VAL F 259 -6.19 -16.69 22.37
N HIS F 260 -5.12 -15.95 22.08
CA HIS F 260 -3.79 -16.52 21.87
C HIS F 260 -2.97 -16.51 23.16
N GLY F 261 -3.44 -15.78 24.15
CA GLY F 261 -2.77 -15.75 25.43
C GLY F 261 -3.14 -14.56 26.28
N LEU F 262 -2.33 -14.34 27.32
CA LEU F 262 -2.59 -13.25 28.25
C LEU F 262 -1.47 -12.23 28.16
N ALA F 263 -1.86 -10.97 28.11
CA ALA F 263 -0.93 -9.85 28.11
C ALA F 263 -0.83 -9.33 29.51
N PHE F 264 0.40 -8.96 29.88
CA PHE F 264 0.75 -8.51 31.22
C PHE F 264 1.42 -7.17 31.14
N TRP F 265 1.07 -6.30 32.08
CA TRP F 265 1.80 -5.06 32.31
C TRP F 265 1.63 -4.64 33.76
N PHE F 266 2.28 -3.57 34.19
CA PHE F 266 2.16 -3.17 35.58
C PHE F 266 2.26 -1.66 35.80
N ASP F 267 1.61 -1.22 36.87
CA ASP F 267 1.71 0.16 37.34
C ASP F 267 2.31 0.13 38.73
N VAL F 268 3.05 1.18 39.10
CA VAL F 268 3.41 1.36 40.51
C VAL F 268 3.04 2.76 40.93
N ALA F 269 2.67 2.90 42.20
CA ALA F 269 2.30 4.22 42.70
C ALA F 269 3.21 4.66 43.83
N PHE F 270 3.69 5.90 43.73
CA PHE F 270 4.46 6.53 44.77
C PHE F 270 3.49 7.40 45.57
N ILE F 271 3.02 6.84 46.68
CA ILE F 271 2.06 7.49 47.56
C ILE F 271 2.77 8.37 48.57
N GLY F 272 2.94 9.64 48.22
CA GLY F 272 3.60 10.59 49.09
C GLY F 272 2.64 11.47 49.84
N SER F 273 3.19 12.31 50.71
CA SER F 273 2.38 13.19 51.54
C SER F 273 1.72 14.31 50.73
N ILE F 274 2.39 14.75 49.66
CA ILE F 274 1.89 15.86 48.87
C ILE F 274 0.99 15.36 47.74
N MET F 275 1.42 14.30 47.06
CA MET F 275 0.64 13.73 45.98
C MET F 275 1.08 12.30 45.68
N THR F 276 0.22 11.59 44.97
CA THR F 276 0.49 10.23 44.54
C THR F 276 0.92 10.27 43.08
N VAL F 277 2.11 9.77 42.78
CA VAL F 277 2.59 9.77 41.39
C VAL F 277 2.60 8.36 40.85
N TRP F 278 2.06 8.16 39.66
CA TRP F 278 1.97 6.83 39.06
C TRP F 278 2.99 6.64 37.95
N LEU F 279 3.64 5.47 37.96
CA LEU F 279 4.47 5.04 36.85
C LEU F 279 3.79 3.84 36.22
N SER F 280 3.39 3.99 34.96
CA SER F 280 2.62 2.97 34.27
C SER F 280 3.41 2.39 33.10
N THR F 281 3.31 1.08 32.93
CA THR F 281 3.91 0.40 31.77
C THR F 281 2.79 -0.13 30.88
N ALA F 282 1.60 0.41 31.05
CA ALA F 282 0.44 -0.02 30.28
C ALA F 282 0.62 0.31 28.80
N PRO F 283 0.01 -0.48 27.91
CA PRO F 283 0.11 -0.26 26.46
C PRO F 283 -0.67 0.95 25.96
N THR F 284 -1.50 1.53 26.83
CA THR F 284 -2.18 2.79 26.50
C THR F 284 -1.28 3.97 26.84
N GLU F 285 -0.16 3.68 27.51
CA GLU F 285 0.75 4.72 27.94
C GLU F 285 2.05 4.70 27.13
N PRO F 286 2.81 5.80 27.19
CA PRO F 286 4.12 5.86 26.51
C PRO F 286 5.01 4.67 26.87
N LEU F 287 5.77 4.18 25.88
CA LEU F 287 6.57 2.98 26.06
C LEU F 287 7.68 3.19 27.08
N THR F 288 7.87 2.18 27.93
CA THR F 288 9.00 2.16 28.85
C THR F 288 9.89 1.00 28.45
N HIS F 289 11.02 0.85 29.13
CA HIS F 289 11.95 -0.21 28.81
C HIS F 289 11.49 -1.54 29.42
N TRP F 290 10.36 -1.51 30.13
CA TRP F 290 9.71 -2.73 30.60
C TRP F 290 8.80 -3.31 29.50
N TYR F 291 8.41 -2.45 28.56
CA TYR F 291 7.50 -2.83 27.47
C TYR F 291 6.24 -3.51 28.02
N GLN F 292 5.75 -4.53 27.33
CA GLN F 292 4.73 -5.39 27.91
C GLN F 292 5.15 -6.84 27.68
N VAL F 293 4.50 -7.74 28.43
CA VAL F 293 4.83 -9.16 28.35
C VAL F 293 3.60 -9.96 27.97
N ARG F 294 3.74 -10.86 27.00
CA ARG F 294 2.63 -11.72 26.62
C ARG F 294 2.98 -13.19 26.77
N CYS F 295 2.08 -13.94 27.39
CA CYS F 295 2.25 -15.37 27.51
C CYS F 295 1.27 -16.03 26.56
N LEU F 296 1.85 -16.75 25.59
CA LEU F 296 1.10 -17.42 24.55
C LEU F 296 0.54 -18.75 25.02
N PHE F 297 -0.64 -19.09 24.52
CA PHE F 297 -1.17 -20.42 24.67
C PHE F 297 -0.62 -21.27 23.53
N GLN F 298 -0.31 -22.54 23.79
CA GLN F 298 0.20 -23.41 22.75
C GLN F 298 -0.88 -23.59 21.71
N SER F 299 -2.11 -23.75 22.16
CA SER F 299 -3.22 -23.80 21.23
C SER F 299 -4.24 -22.75 21.71
N PRO F 300 -4.60 -21.79 20.84
CA PRO F 300 -5.51 -20.71 21.23
C PRO F 300 -6.90 -21.18 21.56
N LEU F 301 -7.62 -20.38 22.35
CA LEU F 301 -8.98 -20.72 22.73
C LEU F 301 -9.96 -19.81 22.02
N PHE F 302 -10.95 -20.37 21.35
CA PHE F 302 -11.93 -19.53 20.67
C PHE F 302 -13.02 -19.06 21.63
N ALA F 303 -13.29 -17.76 21.61
CA ALA F 303 -14.38 -17.22 22.43
C ALA F 303 -15.18 -16.16 21.69
N LYS F 304 -16.49 -16.14 21.93
CA LYS F 304 -17.35 -15.08 21.44
C LYS F 304 -17.56 -13.98 22.46
N ALA F 305 -17.90 -12.80 21.95
CA ALA F 305 -18.19 -11.65 22.80
C ALA F 305 -19.33 -12.00 23.73
N GLY F 306 -19.14 -11.73 25.02
CA GLY F 306 -20.13 -12.04 26.03
C GLY F 306 -19.77 -13.27 26.85
N ASP F 307 -18.89 -14.11 26.31
CA ASP F 307 -18.40 -15.28 27.03
C ASP F 307 -17.55 -14.87 28.21
N THR F 308 -17.31 -15.80 29.14
CA THR F 308 -16.43 -15.51 30.26
C THR F 308 -15.20 -16.39 30.14
N LEU F 309 -14.03 -15.79 30.25
CA LEU F 309 -12.78 -16.54 30.24
C LEU F 309 -12.22 -16.57 31.66
N SER F 310 -12.28 -17.73 32.29
CA SER F 310 -11.87 -17.82 33.69
C SER F 310 -10.68 -18.73 33.84
N GLY F 311 -9.97 -18.54 34.94
CA GLY F 311 -8.85 -19.42 35.25
C GLY F 311 -7.87 -18.82 36.24
N THR F 312 -6.67 -19.36 36.21
CA THR F 312 -5.63 -18.97 37.18
C THR F 312 -4.26 -18.79 36.55
N CYS F 313 -3.60 -17.71 36.98
CA CYS F 313 -2.20 -17.48 36.71
C CYS F 313 -1.40 -17.67 38.00
N LEU F 314 -0.61 -18.74 38.06
CA LEU F 314 0.15 -19.08 39.25
C LEU F 314 1.65 -18.87 39.02
N LEU F 315 2.25 -18.05 39.88
CA LEU F 315 3.68 -17.75 39.82
C LEU F 315 4.43 -18.44 40.97
N ILE F 316 5.35 -19.32 40.62
CA ILE F 316 6.15 -20.03 41.62
C ILE F 316 7.61 -19.56 41.54
N ALA F 317 8.10 -18.95 42.61
CA ALA F 317 9.47 -18.44 42.60
C ALA F 317 10.48 -19.60 42.53
N ASN F 318 11.53 -19.41 41.74
CA ASN F 318 12.60 -20.40 41.63
C ASN F 318 13.95 -19.80 42.03
N LYS F 319 14.95 -20.67 42.06
CA LYS F 319 16.27 -20.29 42.56
C LYS F 319 17.09 -19.58 41.48
N ARG F 320 16.51 -19.42 40.29
CA ARG F 320 17.14 -18.65 39.22
C ARG F 320 16.63 -17.22 39.19
N GLN F 321 16.20 -16.72 40.35
CA GLN F 321 15.75 -15.34 40.50
C GLN F 321 14.59 -14.98 39.58
N SER F 322 13.69 -15.92 39.37
CA SER F 322 12.53 -15.65 38.54
C SER F 322 11.37 -16.54 38.97
N TYR F 323 10.42 -16.74 38.07
CA TYR F 323 9.21 -17.49 38.40
C TYR F 323 8.88 -18.53 37.35
N ASP F 324 8.38 -19.66 37.81
CA ASP F 324 7.76 -20.64 36.96
C ASP F 324 6.30 -20.23 36.85
N ILE F 325 5.86 -19.94 35.63
CA ILE F 325 4.52 -19.45 35.38
C ILE F 325 3.62 -20.57 34.89
N SER F 326 2.51 -20.79 35.59
CA SER F 326 1.50 -21.71 35.06
C SER F 326 0.24 -20.91 34.79
N ILE F 327 -0.24 -20.99 33.56
CA ILE F 327 -1.47 -20.32 33.19
C ILE F 327 -2.47 -21.37 32.77
N VAL F 328 -3.59 -21.38 33.46
CA VAL F 328 -4.73 -22.22 33.08
C VAL F 328 -5.90 -21.31 32.79
N ALA F 329 -6.46 -21.48 31.60
CA ALA F 329 -7.57 -20.64 31.14
C ALA F 329 -8.70 -21.49 30.59
N GLN F 330 -9.92 -20.97 30.72
CA GLN F 330 -11.10 -21.72 30.33
C GLN F 330 -12.21 -20.82 29.80
N VAL F 331 -12.78 -21.20 28.66
CA VAL F 331 -13.99 -20.59 28.16
C VAL F 331 -15.15 -21.30 28.84
N ASP F 332 -15.81 -20.61 29.77
CA ASP F 332 -16.81 -21.23 30.61
C ASP F 332 -17.97 -21.81 29.81
N GLN F 333 -18.34 -21.13 28.73
CA GLN F 333 -19.51 -21.53 27.95
C GLN F 333 -19.32 -22.82 27.14
N THR F 334 -18.08 -23.16 26.82
CA THR F 334 -17.80 -24.35 26.00
C THR F 334 -16.95 -25.38 26.71
N GLY F 335 -16.28 -24.98 27.77
CA GLY F 335 -15.40 -25.89 28.48
C GLY F 335 -14.06 -26.03 27.79
N SER F 336 -13.82 -25.20 26.78
CA SER F 336 -12.55 -25.21 26.08
C SER F 336 -11.49 -24.70 27.04
N LYS F 337 -10.46 -25.53 27.26
CA LYS F 337 -9.51 -25.31 28.32
C LYS F 337 -8.10 -25.28 27.74
N SER F 338 -7.23 -24.47 28.33
CA SER F 338 -5.83 -24.47 27.93
C SER F 338 -4.94 -24.32 29.15
N SER F 339 -3.80 -25.00 29.12
CA SER F 339 -2.84 -24.90 30.20
C SER F 339 -1.50 -24.61 29.58
N ASN F 340 -0.68 -23.86 30.30
CA ASN F 340 0.63 -23.52 29.79
C ASN F 340 1.62 -23.29 30.91
N LEU F 341 2.87 -23.66 30.64
CA LEU F 341 3.96 -23.45 31.58
C LEU F 341 5.02 -22.57 30.93
N LEU F 342 5.39 -21.48 31.59
CA LEU F 342 6.35 -20.55 31.00
C LEU F 342 7.50 -20.26 31.97
N ASP F 343 8.67 -19.99 31.40
CA ASP F 343 9.87 -19.70 32.16
C ASP F 343 10.21 -18.21 32.04
N LEU F 344 9.83 -17.44 33.06
CA LEU F 344 9.96 -15.98 33.02
C LEU F 344 11.41 -15.52 32.96
N LYS F 345 12.32 -16.37 33.44
CA LYS F 345 13.74 -16.05 33.46
C LYS F 345 14.29 -15.79 32.07
N ASN F 346 13.80 -16.53 31.09
CA ASN F 346 14.32 -16.46 29.73
C ASN F 346 13.25 -16.07 28.71
N PRO F 347 12.87 -14.78 28.70
CA PRO F 347 11.86 -14.32 27.74
C PRO F 347 12.44 -14.09 26.35
N PHE F 348 11.54 -14.03 25.36
CA PHE F 348 11.93 -13.69 23.99
C PHE F 348 11.71 -12.21 23.76
N PHE F 349 12.82 -11.51 23.54
CA PHE F 349 12.83 -10.08 23.28
C PHE F 349 12.53 -9.84 21.81
N ARG F 350 11.31 -9.39 21.51
CA ARG F 350 10.84 -9.29 20.14
C ARG F 350 10.93 -7.87 19.59
N TYR F 351 10.98 -6.88 20.48
CA TYR F 351 11.00 -5.48 20.08
C TYR F 351 12.19 -5.16 19.17
N SER G 10 -32.10 -54.27 4.28
CA SER G 10 -32.40 -53.34 5.37
C SER G 10 -33.25 -52.18 4.87
N VAL G 11 -33.77 -51.39 5.80
CA VAL G 11 -34.62 -50.27 5.47
C VAL G 11 -33.86 -49.18 4.71
N PHE G 12 -32.59 -48.98 5.04
CA PHE G 12 -31.80 -47.94 4.39
C PHE G 12 -31.59 -48.26 2.92
N SER G 13 -31.07 -49.46 2.65
CA SER G 13 -30.75 -49.86 1.27
C SER G 13 -32.00 -49.90 0.38
N GLU G 14 -33.14 -50.27 0.94
CA GLU G 14 -34.37 -50.35 0.15
C GLU G 14 -34.81 -48.97 -0.33
N ARG G 15 -34.52 -47.93 0.47
CA ARG G 15 -34.93 -46.58 0.11
C ARG G 15 -33.81 -45.76 -0.52
N THR G 16 -32.63 -46.37 -0.72
CA THR G 16 -31.48 -45.62 -1.23
C THR G 16 -30.78 -46.31 -2.40
N GLU G 17 -30.59 -45.57 -3.48
CA GLU G 17 -29.76 -46.03 -4.59
C GLU G 17 -28.32 -46.15 -4.10
N GLU G 18 -27.65 -47.22 -4.50
CA GLU G 18 -26.32 -47.52 -3.97
C GLU G 18 -25.28 -46.44 -4.32
N SER G 19 -25.35 -45.92 -5.55
CA SER G 19 -24.40 -44.88 -5.97
C SER G 19 -24.48 -43.67 -5.07
N SER G 20 -25.72 -43.34 -4.70
CA SER G 20 -25.96 -42.19 -3.84
C SER G 20 -25.37 -42.46 -2.46
N ALA G 21 -25.56 -43.67 -1.96
CA ALA G 21 -25.05 -44.01 -0.64
C ALA G 21 -23.52 -43.97 -0.62
N VAL G 22 -22.90 -44.52 -1.67
CA VAL G 22 -21.45 -44.52 -1.76
C VAL G 22 -20.97 -43.07 -1.69
N GLN G 23 -21.51 -42.24 -2.59
CA GLN G 23 -21.12 -40.83 -2.63
C GLN G 23 -21.35 -40.18 -1.27
N TYR G 24 -22.50 -40.48 -0.69
CA TYR G 24 -22.95 -39.88 0.56
C TYR G 24 -21.98 -40.17 1.69
N PHE G 25 -21.65 -41.44 1.91
CA PHE G 25 -20.79 -41.77 3.02
C PHE G 25 -19.33 -41.47 2.70
N GLN G 26 -18.98 -41.39 1.41
CA GLN G 26 -17.65 -40.88 1.09
C GLN G 26 -17.54 -39.43 1.50
N PHE G 27 -18.58 -38.65 1.24
CA PHE G 27 -18.59 -37.23 1.65
C PHE G 27 -18.29 -37.05 3.13
N TYR G 28 -18.96 -37.83 3.99
CA TYR G 28 -18.80 -37.71 5.44
C TYR G 28 -17.59 -38.49 5.98
N GLY G 29 -16.86 -39.15 5.09
CA GLY G 29 -15.65 -39.85 5.48
C GLY G 29 -14.47 -38.91 5.61
N TYR G 30 -14.67 -37.68 5.18
CA TYR G 30 -13.63 -36.65 5.19
C TYR G 30 -13.59 -35.89 6.50
N LEU G 31 -12.41 -35.80 7.10
CA LEU G 31 -12.25 -35.03 8.33
C LEU G 31 -12.57 -33.58 8.06
N SER G 32 -12.32 -33.13 6.84
CA SER G 32 -12.57 -31.74 6.48
C SER G 32 -14.06 -31.42 6.52
N GLN G 33 -14.88 -32.39 6.12
CA GLN G 33 -16.31 -32.19 6.05
C GLN G 33 -16.87 -32.18 7.47
N GLN G 34 -16.35 -33.06 8.31
CA GLN G 34 -16.70 -33.09 9.74
C GLN G 34 -16.29 -31.77 10.39
N GLN G 35 -15.06 -31.37 10.10
CA GLN G 35 -14.50 -30.14 10.61
C GLN G 35 -15.39 -28.97 10.23
N ASN G 36 -15.81 -28.94 8.97
CA ASN G 36 -16.67 -27.87 8.50
C ASN G 36 -17.94 -27.76 9.35
N MET G 37 -18.56 -28.90 9.67
CA MET G 37 -19.74 -28.89 10.53
C MET G 37 -19.38 -28.47 11.95
N MET G 38 -18.23 -28.94 12.44
CA MET G 38 -17.80 -28.65 13.80
C MET G 38 -17.47 -27.17 14.03
N GLN G 39 -16.97 -26.51 12.97
CA GLN G 39 -16.57 -25.11 13.08
C GLN G 39 -17.76 -24.15 12.97
N ASP G 40 -18.95 -24.71 12.71
CA ASP G 40 -20.19 -23.95 12.81
C ASP G 40 -20.51 -23.74 14.28
N TYR G 41 -20.08 -22.61 14.84
CA TYR G 41 -20.16 -22.42 16.28
C TYR G 41 -21.61 -22.37 16.77
N VAL G 42 -22.50 -21.76 16.00
CA VAL G 42 -23.90 -21.70 16.40
C VAL G 42 -24.40 -23.11 16.64
N ARG G 43 -24.19 -23.94 15.63
CA ARG G 43 -24.63 -25.32 15.62
C ARG G 43 -24.07 -26.13 16.80
N THR G 44 -22.75 -26.22 16.82
CA THR G 44 -22.04 -27.05 17.77
C THR G 44 -22.26 -26.54 19.18
N GLY G 45 -22.14 -25.22 19.34
CA GLY G 45 -22.34 -24.58 20.63
C GLY G 45 -23.74 -24.81 21.14
N THR G 46 -24.73 -24.67 20.25
CA THR G 46 -26.10 -24.88 20.68
C THR G 46 -26.35 -26.32 21.09
N TYR G 47 -25.81 -27.28 20.34
CA TYR G 47 -25.97 -28.67 20.75
C TYR G 47 -25.35 -28.87 22.14
N GLN G 48 -24.12 -28.40 22.31
CA GLN G 48 -23.45 -28.55 23.60
C GLN G 48 -24.26 -27.90 24.73
N ARG G 49 -24.80 -26.72 24.44
CA ARG G 49 -25.57 -25.97 25.43
C ARG G 49 -26.81 -26.75 25.82
N ALA G 50 -27.51 -27.27 24.81
CA ALA G 50 -28.75 -28.00 25.03
C ALA G 50 -28.48 -29.26 25.83
N ILE G 51 -27.36 -29.92 25.58
CA ILE G 51 -27.07 -31.13 26.32
C ILE G 51 -26.63 -30.83 27.76
N LEU G 52 -25.71 -29.87 27.93
CA LEU G 52 -25.18 -29.58 29.25
C LEU G 52 -26.20 -28.92 30.18
N GLN G 53 -27.03 -28.03 29.65
CA GLN G 53 -28.03 -27.34 30.45
C GLN G 53 -29.21 -28.23 30.81
N ASN G 54 -29.30 -29.39 30.15
CA ASN G 54 -30.30 -30.41 30.49
C ASN G 54 -29.58 -31.64 31.02
N HIS G 55 -28.62 -31.40 31.90
CA HIS G 55 -27.75 -32.44 32.44
C HIS G 55 -28.51 -33.57 33.13
N THR G 56 -29.68 -33.26 33.69
CA THR G 56 -30.48 -34.27 34.36
C THR G 56 -31.02 -35.30 33.36
N ASP G 57 -31.09 -34.91 32.09
CA ASP G 57 -31.53 -35.83 31.04
C ASP G 57 -30.44 -36.78 30.56
N PHE G 58 -29.20 -36.58 31.03
CA PHE G 58 -28.09 -37.41 30.59
C PHE G 58 -27.41 -38.10 31.77
N LYS G 59 -27.55 -37.54 32.97
CA LYS G 59 -26.86 -38.08 34.13
C LYS G 59 -27.23 -39.54 34.39
N ASP G 60 -26.22 -40.39 34.36
CA ASP G 60 -26.39 -41.83 34.58
C ASP G 60 -27.39 -42.44 33.60
N LYS G 61 -27.47 -41.86 32.40
CA LYS G 61 -28.38 -42.33 31.37
C LYS G 61 -27.68 -43.16 30.29
N ILE G 62 -28.47 -43.89 29.53
CA ILE G 62 -27.99 -44.58 28.34
C ILE G 62 -28.34 -43.71 27.14
N VAL G 63 -27.34 -43.37 26.33
CA VAL G 63 -27.55 -42.44 25.22
C VAL G 63 -27.27 -43.12 23.89
N LEU G 64 -28.05 -42.78 22.87
CA LEU G 64 -27.73 -43.22 21.51
C LEU G 64 -27.43 -42.02 20.61
N ASP G 65 -26.25 -42.02 20.00
CA ASP G 65 -25.85 -40.96 19.07
C ASP G 65 -25.96 -41.44 17.62
N VAL G 66 -26.96 -40.96 16.91
CA VAL G 66 -27.18 -41.44 15.54
C VAL G 66 -26.32 -40.67 14.55
N GLY G 67 -25.39 -41.35 13.90
CA GLY G 67 -24.47 -40.72 12.97
C GLY G 67 -23.48 -39.84 13.69
N CYS G 68 -22.67 -40.44 14.55
CA CYS G 68 -21.86 -39.68 15.50
C CYS G 68 -20.76 -38.87 14.81
N GLY G 69 -20.40 -39.25 13.59
CA GLY G 69 -19.32 -38.57 12.90
C GLY G 69 -18.04 -38.67 13.71
N SER G 70 -17.49 -37.52 14.08
CA SER G 70 -16.28 -37.48 14.90
C SER G 70 -16.56 -37.95 16.32
N GLY G 71 -17.83 -37.90 16.73
CA GLY G 71 -18.24 -38.34 18.05
C GLY G 71 -18.49 -37.18 19.00
N ILE G 72 -18.50 -35.97 18.44
CA ILE G 72 -18.52 -34.74 19.22
C ILE G 72 -19.75 -34.69 20.17
N LEU G 73 -20.91 -35.10 19.67
CA LEU G 73 -22.13 -35.05 20.46
C LEU G 73 -22.08 -36.08 21.60
N SER G 74 -21.44 -37.21 21.33
CA SER G 74 -21.28 -38.23 22.36
C SER G 74 -20.37 -37.71 23.48
N PHE G 75 -19.35 -36.94 23.11
CA PHE G 75 -18.48 -36.35 24.10
C PHE G 75 -19.27 -35.32 24.90
N PHE G 76 -20.12 -34.56 24.21
CA PHE G 76 -21.03 -33.67 24.95
C PHE G 76 -21.90 -34.48 25.91
N ALA G 77 -22.40 -35.63 25.46
CA ALA G 77 -23.19 -36.49 26.33
C ALA G 77 -22.36 -36.97 27.52
N ALA G 78 -21.08 -37.24 27.28
CA ALA G 78 -20.17 -37.64 28.35
C ALA G 78 -19.93 -36.49 29.33
N GLN G 79 -19.83 -35.28 28.82
CA GLN G 79 -19.65 -34.11 29.67
C GLN G 79 -20.85 -33.91 30.57
N ALA G 80 -22.02 -34.36 30.12
CA ALA G 80 -23.25 -34.21 30.89
C ALA G 80 -23.47 -35.38 31.86
N GLY G 81 -22.55 -36.34 31.87
CA GLY G 81 -22.58 -37.41 32.85
C GLY G 81 -23.28 -38.69 32.43
N ALA G 82 -23.37 -38.94 31.12
CA ALA G 82 -24.01 -40.16 30.63
C ALA G 82 -23.25 -41.39 31.11
N ARG G 83 -23.99 -42.47 31.38
CA ARG G 83 -23.39 -43.69 31.91
C ARG G 83 -22.79 -44.49 30.75
N LYS G 84 -23.57 -44.69 29.71
CA LYS G 84 -23.08 -45.33 28.48
C LYS G 84 -23.69 -44.71 27.22
N ILE G 85 -22.83 -44.48 26.24
CA ILE G 85 -23.18 -43.84 24.99
C ILE G 85 -22.80 -44.72 23.81
N TYR G 86 -23.80 -45.10 23.01
CA TYR G 86 -23.56 -45.83 21.78
C TYR G 86 -23.50 -44.88 20.60
N ALA G 87 -22.32 -44.77 19.99
CA ALA G 87 -22.09 -43.86 18.88
C ALA G 87 -22.09 -44.63 17.57
N VAL G 88 -23.18 -44.53 16.81
CA VAL G 88 -23.32 -45.29 15.57
C VAL G 88 -22.90 -44.45 14.38
N GLU G 89 -22.01 -44.99 13.56
CA GLU G 89 -21.56 -44.25 12.37
C GLU G 89 -21.29 -45.20 11.19
N ALA G 90 -21.84 -44.85 10.03
CA ALA G 90 -21.80 -45.74 8.87
C ALA G 90 -20.62 -45.47 7.94
N SER G 91 -20.08 -44.25 7.98
CA SER G 91 -18.92 -43.90 7.15
C SER G 91 -17.63 -44.34 7.82
N THR G 92 -16.50 -44.12 7.14
CA THR G 92 -15.21 -44.54 7.66
C THR G 92 -14.79 -43.68 8.86
N MET G 93 -15.53 -42.59 9.07
CA MET G 93 -15.26 -41.66 10.15
C MET G 93 -15.32 -42.43 11.47
N ALA G 94 -16.05 -43.54 11.46
CA ALA G 94 -16.22 -44.37 12.63
C ALA G 94 -14.86 -44.74 13.23
N GLN G 95 -13.84 -44.93 12.39
CA GLN G 95 -12.55 -45.32 12.95
C GLN G 95 -11.91 -44.12 13.64
N HIS G 96 -12.21 -42.91 13.16
CA HIS G 96 -11.61 -41.71 13.70
C HIS G 96 -12.27 -41.35 15.02
N ALA G 97 -13.58 -41.61 15.11
CA ALA G 97 -14.30 -41.43 16.36
C ALA G 97 -13.72 -42.39 17.39
N GLU G 98 -13.41 -43.61 16.94
CA GLU G 98 -12.85 -44.63 17.82
C GLU G 98 -11.54 -44.12 18.41
N VAL G 99 -10.72 -43.48 17.58
CA VAL G 99 -9.45 -42.94 18.02
C VAL G 99 -9.64 -41.88 19.10
N LEU G 100 -10.63 -41.00 18.90
CA LEU G 100 -10.86 -39.93 19.86
C LEU G 100 -11.36 -40.45 21.20
N VAL G 101 -12.19 -41.48 21.17
CA VAL G 101 -12.73 -42.06 22.40
C VAL G 101 -11.60 -42.57 23.28
N LYS G 102 -10.67 -43.26 22.64
CA LYS G 102 -9.50 -43.81 23.33
C LYS G 102 -8.60 -42.69 23.86
N SER G 103 -8.32 -41.71 23.01
CA SER G 103 -7.41 -40.63 23.36
C SER G 103 -8.01 -39.70 24.42
N ASN G 104 -9.34 -39.73 24.56
CA ASN G 104 -10.02 -38.94 25.60
C ASN G 104 -10.39 -39.78 26.81
N ASN G 105 -9.87 -41.01 26.85
CA ASN G 105 -10.06 -41.91 27.99
C ASN G 105 -11.53 -42.16 28.34
N LEU G 106 -12.37 -42.39 27.33
CA LEU G 106 -13.79 -42.60 27.57
C LEU G 106 -14.30 -43.92 26.98
N THR G 107 -13.40 -44.89 26.86
CA THR G 107 -13.74 -46.19 26.27
C THR G 107 -14.76 -46.99 27.09
N ASP G 108 -14.85 -46.71 28.39
CA ASP G 108 -15.77 -47.44 29.25
C ASP G 108 -17.18 -46.84 29.20
N ARG G 109 -17.31 -45.72 28.50
CA ARG G 109 -18.56 -44.96 28.50
C ARG G 109 -19.07 -44.77 27.07
N ILE G 110 -18.15 -44.64 26.11
CA ILE G 110 -18.51 -44.47 24.71
C ILE G 110 -18.13 -45.70 23.88
N VAL G 111 -19.13 -46.29 23.22
CA VAL G 111 -18.90 -47.42 22.33
C VAL G 111 -19.19 -47.02 20.88
N VAL G 112 -18.15 -46.98 20.04
CA VAL G 112 -18.32 -46.67 18.62
C VAL G 112 -18.76 -47.92 17.87
N ILE G 113 -19.89 -47.81 17.15
CA ILE G 113 -20.42 -48.90 16.36
C ILE G 113 -20.42 -48.53 14.87
N PRO G 114 -19.51 -49.14 14.08
CA PRO G 114 -19.53 -48.87 12.64
C PRO G 114 -20.72 -49.52 11.95
N GLY G 115 -21.37 -48.79 11.06
CA GLY G 115 -22.51 -49.31 10.31
C GLY G 115 -23.70 -48.39 10.36
N LYS G 116 -24.72 -48.70 9.57
CA LYS G 116 -25.97 -47.94 9.57
C LYS G 116 -26.84 -48.30 10.77
N VAL G 117 -27.51 -47.29 11.32
CA VAL G 117 -28.34 -47.48 12.50
C VAL G 117 -29.48 -48.44 12.16
N GLU G 118 -29.80 -48.55 10.87
CA GLU G 118 -30.84 -49.46 10.42
C GLU G 118 -30.33 -50.91 10.36
N GLU G 119 -29.02 -51.11 10.52
CA GLU G 119 -28.43 -52.43 10.28
C GLU G 119 -27.65 -53.00 11.47
N VAL G 120 -27.07 -52.12 12.29
CA VAL G 120 -26.28 -52.58 13.43
C VAL G 120 -27.18 -53.14 14.51
N SER G 121 -26.57 -53.79 15.50
CA SER G 121 -27.30 -54.29 16.65
C SER G 121 -26.86 -53.57 17.91
N LEU G 122 -27.81 -52.98 18.61
CA LEU G 122 -27.53 -52.39 19.92
C LEU G 122 -27.92 -53.40 21.00
N PRO G 123 -27.06 -53.53 22.02
CA PRO G 123 -27.33 -54.50 23.09
C PRO G 123 -28.51 -54.15 23.99
N GLU G 124 -28.82 -52.85 24.13
CA GLU G 124 -29.87 -52.43 25.05
C GLU G 124 -30.63 -51.20 24.60
N GLN G 125 -31.80 -50.99 25.19
CA GLN G 125 -32.60 -49.81 24.92
C GLN G 125 -32.01 -48.59 25.63
N VAL G 126 -32.23 -47.41 25.05
CA VAL G 126 -31.62 -46.18 25.55
C VAL G 126 -32.66 -45.25 26.14
N ASP G 127 -32.21 -44.33 26.98
CA ASP G 127 -33.09 -43.33 27.61
C ASP G 127 -33.30 -42.14 26.69
N ILE G 128 -32.29 -41.81 25.89
CA ILE G 128 -32.35 -40.63 25.03
C ILE G 128 -31.52 -40.82 23.76
N ILE G 129 -32.07 -40.35 22.66
CA ILE G 129 -31.36 -40.37 21.38
C ILE G 129 -30.91 -38.97 21.03
N ILE G 130 -29.63 -38.79 20.74
CA ILE G 130 -29.12 -37.53 20.24
C ILE G 130 -28.68 -37.68 18.80
N SER G 131 -28.87 -36.63 18.02
CA SER G 131 -28.40 -36.66 16.63
C SER G 131 -28.40 -35.30 15.94
N GLU G 132 -27.66 -35.22 14.83
CA GLU G 132 -27.68 -34.06 13.96
C GLU G 132 -27.95 -34.49 12.51
N PRO G 133 -29.20 -34.85 12.20
CA PRO G 133 -29.62 -35.39 10.91
C PRO G 133 -30.21 -34.36 9.94
N MET G 134 -30.10 -33.07 10.27
CA MET G 134 -30.71 -32.02 9.45
C MET G 134 -29.88 -31.68 8.22
N GLY G 135 -30.56 -31.60 7.08
CA GLY G 135 -29.96 -31.13 5.84
C GLY G 135 -30.57 -29.82 5.39
N TYR G 136 -30.28 -29.41 4.15
CA TYR G 136 -30.90 -28.23 3.57
C TYR G 136 -32.41 -28.38 3.65
N MET G 137 -33.11 -27.27 3.89
CA MET G 137 -34.56 -27.31 4.06
C MET G 137 -34.95 -28.37 5.08
N LEU G 138 -34.11 -28.56 6.09
CA LEU G 138 -34.35 -29.57 7.14
C LEU G 138 -34.26 -31.01 6.62
N PHE G 139 -34.98 -31.32 5.55
CA PHE G 139 -35.21 -32.72 5.17
C PHE G 139 -34.19 -33.35 4.20
N ASN G 140 -33.37 -32.53 3.55
CA ASN G 140 -32.41 -33.05 2.58
C ASN G 140 -31.48 -34.08 3.22
N GLU G 141 -31.04 -35.04 2.41
CA GLU G 141 -30.17 -36.15 2.84
C GLU G 141 -30.99 -37.27 3.48
N ARG G 142 -32.24 -36.99 3.83
CA ARG G 142 -33.16 -38.00 4.34
C ARG G 142 -32.65 -38.74 5.58
N MET G 143 -31.80 -38.09 6.37
CA MET G 143 -31.26 -38.75 7.56
C MET G 143 -32.23 -38.69 8.73
N LEU G 144 -33.21 -37.80 8.67
CA LEU G 144 -34.24 -37.73 9.71
C LEU G 144 -34.95 -39.09 9.87
N GLU G 145 -35.07 -39.80 8.76
CA GLU G 145 -35.70 -41.10 8.75
C GLU G 145 -34.85 -42.11 9.52
N SER G 146 -33.54 -41.96 9.48
CA SER G 146 -32.63 -42.80 10.26
C SER G 146 -32.84 -42.48 11.74
N TYR G 147 -32.94 -41.20 12.02
CA TYR G 147 -33.13 -40.69 13.36
C TYR G 147 -34.40 -41.27 13.95
N LEU G 148 -35.47 -41.23 13.18
CA LEU G 148 -36.75 -41.78 13.63
C LEU G 148 -36.70 -43.31 13.68
N HIS G 149 -36.02 -43.91 12.70
CA HIS G 149 -35.87 -45.36 12.67
C HIS G 149 -35.20 -45.81 13.95
N ALA G 150 -34.28 -45.02 14.46
CA ALA G 150 -33.57 -45.39 15.69
C ALA G 150 -34.47 -45.50 16.94
N LYS G 151 -35.70 -45.00 16.90
CA LYS G 151 -36.56 -45.07 18.09
C LYS G 151 -36.94 -46.50 18.48
N LYS G 152 -36.63 -47.48 17.63
CA LYS G 152 -36.88 -48.88 17.97
C LYS G 152 -35.99 -49.28 19.14
N TYR G 153 -34.92 -48.51 19.36
CA TYR G 153 -34.01 -48.72 20.48
C TYR G 153 -34.34 -47.80 21.65
N LEU G 154 -35.39 -46.99 21.50
CA LEU G 154 -35.74 -46.03 22.54
C LEU G 154 -36.73 -46.60 23.55
N LYS G 155 -36.40 -46.43 24.83
CA LYS G 155 -37.31 -46.80 25.90
C LYS G 155 -38.61 -46.01 25.79
N PRO G 156 -39.72 -46.60 26.25
CA PRO G 156 -40.97 -45.83 26.33
C PRO G 156 -40.73 -44.59 27.18
N SER G 157 -41.30 -43.46 26.82
CA SER G 157 -41.11 -42.21 27.56
C SER G 157 -39.66 -41.72 27.44
N GLY G 158 -38.91 -42.31 26.51
CA GLY G 158 -37.55 -41.92 26.22
C GLY G 158 -37.58 -40.59 25.49
N ASN G 159 -36.45 -39.90 25.39
CA ASN G 159 -36.44 -38.59 24.74
C ASN G 159 -35.58 -38.52 23.47
N MET G 160 -35.85 -37.48 22.68
CA MET G 160 -35.16 -37.23 21.43
C MET G 160 -34.56 -35.83 21.43
N PHE G 161 -33.27 -35.75 21.10
CA PHE G 161 -32.53 -34.49 21.02
C PHE G 161 -31.88 -34.36 19.63
N PRO G 162 -32.46 -33.50 18.76
CA PRO G 162 -33.62 -32.62 19.00
C PRO G 162 -34.98 -33.31 19.11
N THR G 163 -35.95 -32.60 19.67
CA THR G 163 -37.27 -33.16 19.94
C THR G 163 -38.24 -32.84 18.81
N ILE G 164 -38.20 -31.60 18.33
CA ILE G 164 -39.05 -31.20 17.21
C ILE G 164 -38.25 -30.40 16.19
N GLY G 165 -38.77 -30.40 14.97
CA GLY G 165 -38.21 -29.62 13.88
C GLY G 165 -39.26 -28.81 13.15
N ASP G 166 -38.99 -27.52 12.96
CA ASP G 166 -39.87 -26.62 12.23
C ASP G 166 -39.26 -26.19 10.91
N VAL G 167 -39.94 -26.45 9.80
CA VAL G 167 -39.51 -25.87 8.53
C VAL G 167 -40.43 -24.69 8.24
N HIS G 168 -39.81 -23.57 7.90
CA HIS G 168 -40.52 -22.33 7.59
C HIS G 168 -40.55 -22.04 6.11
N LEU G 169 -41.70 -21.55 5.65
CA LEU G 169 -41.85 -21.13 4.26
C LEU G 169 -42.32 -19.69 4.18
N ALA G 170 -41.72 -18.91 3.29
CA ALA G 170 -42.19 -17.52 3.11
C ALA G 170 -42.03 -17.00 1.68
N PRO G 171 -42.98 -16.19 1.19
CA PRO G 171 -42.82 -15.65 -0.16
C PRO G 171 -41.72 -14.61 -0.22
N PHE G 172 -41.00 -14.53 -1.33
CA PHE G 172 -39.95 -13.52 -1.44
C PHE G 172 -40.00 -12.80 -2.77
N THR G 173 -39.44 -11.59 -2.78
CA THR G 173 -39.26 -10.85 -4.02
C THR G 173 -37.77 -10.62 -4.19
N ASP G 174 -37.27 -10.99 -5.37
CA ASP G 174 -35.87 -10.81 -5.70
C ASP G 174 -35.76 -10.75 -7.21
N GLU G 175 -35.94 -9.55 -7.74
CA GLU G 175 -35.96 -9.34 -9.18
C GLU G 175 -34.63 -9.76 -9.80
N GLN G 176 -33.56 -9.46 -9.09
CA GLN G 176 -32.21 -9.74 -9.55
C GLN G 176 -32.04 -11.25 -9.75
N LEU G 177 -32.42 -12.00 -8.73
CA LEU G 177 -32.27 -13.45 -8.75
C LEU G 177 -33.08 -14.07 -9.86
N TYR G 178 -34.32 -13.60 -10.04
CA TYR G 178 -35.19 -14.16 -11.06
C TYR G 178 -34.59 -13.86 -12.42
N MET G 179 -34.18 -12.62 -12.63
CA MET G 179 -33.60 -12.23 -13.92
C MET G 179 -32.27 -12.94 -14.24
N GLU G 180 -31.53 -13.22 -13.20
CA GLU G 180 -30.26 -13.92 -13.33
C GLU G 180 -30.34 -15.23 -14.13
N GLN G 181 -31.45 -15.94 -13.98
CA GLN G 181 -31.60 -17.25 -14.62
C GLN G 181 -31.59 -17.09 -16.14
N PHE G 182 -32.34 -16.10 -16.60
CA PHE G 182 -32.44 -15.82 -18.02
C PHE G 182 -31.15 -15.22 -18.54
N THR G 183 -30.49 -14.38 -17.73
CA THR G 183 -29.20 -13.87 -18.17
C THR G 183 -28.22 -15.03 -18.38
N LYS G 184 -28.22 -16.01 -17.48
CA LYS G 184 -27.34 -17.16 -17.68
C LYS G 184 -27.77 -18.03 -18.86
N ALA G 185 -29.07 -18.25 -19.03
CA ALA G 185 -29.55 -19.07 -20.16
C ALA G 185 -29.37 -18.40 -21.52
N ASN G 186 -29.42 -17.06 -21.54
CA ASN G 186 -29.31 -16.33 -22.80
C ASN G 186 -27.92 -16.42 -23.44
N PHE G 187 -27.00 -17.10 -22.77
CA PHE G 187 -25.74 -17.43 -23.41
C PHE G 187 -26.02 -18.22 -24.67
N TRP G 188 -27.03 -19.07 -24.60
CA TRP G 188 -27.37 -19.94 -25.71
C TRP G 188 -28.21 -19.23 -26.76
N TYR G 189 -28.62 -17.99 -26.50
CA TYR G 189 -29.48 -17.31 -27.46
C TYR G 189 -28.66 -16.40 -28.38
N GLN G 190 -27.82 -17.02 -29.20
CA GLN G 190 -26.99 -16.29 -30.14
C GLN G 190 -26.83 -17.16 -31.39
N PRO G 191 -26.95 -16.54 -32.57
CA PRO G 191 -26.99 -17.27 -33.84
C PRO G 191 -25.65 -17.76 -34.38
N SER G 192 -24.55 -17.30 -33.81
CA SER G 192 -23.24 -17.67 -34.34
C SER G 192 -22.17 -17.70 -33.26
N PHE G 193 -22.32 -18.62 -32.32
CA PHE G 193 -21.27 -18.88 -31.34
C PHE G 193 -20.18 -19.67 -32.06
N HIS G 194 -19.10 -18.98 -32.45
CA HIS G 194 -18.05 -19.60 -33.23
C HIS G 194 -18.63 -20.27 -34.48
N GLY G 195 -19.66 -19.64 -35.05
CA GLY G 195 -20.30 -20.12 -36.26
C GLY G 195 -21.48 -21.04 -36.04
N VAL G 196 -21.80 -21.28 -34.78
CA VAL G 196 -22.88 -22.21 -34.43
C VAL G 196 -24.07 -21.47 -33.83
N ASP G 197 -25.26 -21.83 -34.29
CA ASP G 197 -26.50 -21.29 -33.73
C ASP G 197 -26.89 -22.12 -32.51
N LEU G 198 -26.79 -21.53 -31.33
CA LEU G 198 -27.08 -22.24 -30.08
C LEU G 198 -28.53 -22.08 -29.61
N SER G 199 -29.29 -21.26 -30.32
CA SER G 199 -30.58 -20.77 -29.82
C SER G 199 -31.53 -21.87 -29.38
N ALA G 200 -31.48 -23.00 -30.07
CA ALA G 200 -32.45 -24.08 -29.88
C ALA G 200 -32.38 -24.70 -28.49
N LEU G 201 -31.28 -24.44 -27.77
CA LEU G 201 -31.11 -25.00 -26.44
C LEU G 201 -31.44 -23.99 -25.35
N ARG G 202 -31.83 -22.77 -25.73
CA ARG G 202 -32.06 -21.75 -24.71
C ARG G 202 -33.15 -22.17 -23.74
N GLY G 203 -34.23 -22.75 -24.25
CA GLY G 203 -35.33 -23.19 -23.43
C GLY G 203 -34.93 -24.25 -22.41
N ALA G 204 -34.15 -25.22 -22.87
CA ALA G 204 -33.68 -26.29 -22.00
C ALA G 204 -32.78 -25.73 -20.91
N ALA G 205 -32.02 -24.70 -21.25
CA ALA G 205 -31.12 -24.08 -20.28
C ALA G 205 -31.92 -23.40 -19.18
N VAL G 206 -32.95 -22.65 -19.56
CA VAL G 206 -33.82 -22.00 -18.59
C VAL G 206 -34.41 -23.05 -17.66
N ASP G 207 -34.93 -24.12 -18.25
CA ASP G 207 -35.55 -25.20 -17.49
C ASP G 207 -34.59 -25.75 -16.45
N GLU G 208 -33.35 -25.99 -16.87
CA GLU G 208 -32.34 -26.57 -16.00
C GLU G 208 -32.11 -25.70 -14.76
N TYR G 209 -32.01 -24.39 -14.98
CA TYR G 209 -31.73 -23.47 -13.89
C TYR G 209 -32.87 -23.42 -12.87
N PHE G 210 -34.12 -23.44 -13.34
CA PHE G 210 -35.27 -23.30 -12.44
C PHE G 210 -35.55 -24.56 -11.63
N ARG G 211 -34.98 -25.68 -12.07
CA ARG G 211 -35.10 -26.93 -11.34
C ARG G 211 -34.21 -26.97 -10.10
N GLN G 212 -33.23 -26.08 -10.04
CA GLN G 212 -32.28 -26.02 -8.92
C GLN G 212 -32.71 -25.08 -7.80
N PRO G 213 -32.98 -25.61 -6.60
CA PRO G 213 -33.15 -24.71 -5.45
C PRO G 213 -31.88 -23.92 -5.18
N VAL G 214 -32.00 -22.66 -4.80
CA VAL G 214 -30.84 -21.81 -4.58
C VAL G 214 -30.45 -21.79 -3.12
N VAL G 215 -29.24 -22.22 -2.83
CA VAL G 215 -28.71 -22.16 -1.47
C VAL G 215 -27.88 -20.91 -1.29
N ASP G 216 -28.36 -20.01 -0.44
CA ASP G 216 -27.55 -18.87 -0.02
C ASP G 216 -28.41 -18.08 0.95
N THR G 217 -27.92 -16.92 1.36
CA THR G 217 -28.65 -16.11 2.32
C THR G 217 -29.13 -14.85 1.64
N PHE G 218 -29.93 -14.08 2.36
CA PHE G 218 -30.55 -12.89 1.80
C PHE G 218 -30.98 -11.94 2.89
N ASP G 219 -31.31 -10.73 2.48
CA ASP G 219 -31.84 -9.72 3.39
C ASP G 219 -33.29 -10.05 3.70
N ILE G 220 -33.68 -9.95 4.98
CA ILE G 220 -35.02 -10.33 5.41
C ILE G 220 -36.09 -9.39 4.84
N ARG G 221 -35.65 -8.30 4.24
CA ARG G 221 -36.57 -7.33 3.67
C ARG G 221 -37.17 -7.81 2.33
N ILE G 222 -36.65 -8.90 1.79
CA ILE G 222 -37.22 -9.46 0.56
C ILE G 222 -38.43 -10.32 0.92
N LEU G 223 -38.59 -10.64 2.19
CA LEU G 223 -39.70 -11.46 2.65
C LEU G 223 -40.98 -10.64 2.69
N MET G 224 -42.04 -11.19 2.13
CA MET G 224 -43.29 -10.45 1.94
C MET G 224 -44.43 -10.92 2.82
N ALA G 225 -44.17 -11.92 3.67
CA ALA G 225 -45.20 -12.40 4.57
C ALA G 225 -44.58 -13.15 5.74
N LYS G 226 -45.33 -13.25 6.84
CA LYS G 226 -44.89 -14.07 7.96
C LYS G 226 -44.79 -15.50 7.44
N SER G 227 -43.76 -16.21 7.89
CA SER G 227 -43.54 -17.57 7.42
C SER G 227 -44.63 -18.52 7.91
N VAL G 228 -44.86 -19.58 7.15
CA VAL G 228 -45.71 -20.67 7.56
C VAL G 228 -44.83 -21.78 8.09
N LYS G 229 -45.29 -22.43 9.15
CA LYS G 229 -44.53 -23.46 9.87
C LYS G 229 -45.05 -24.85 9.60
N TYR G 230 -44.15 -25.77 9.32
CA TYR G 230 -44.52 -27.18 9.28
C TYR G 230 -43.66 -27.87 10.33
N THR G 231 -44.33 -28.53 11.28
CA THR G 231 -43.66 -29.07 12.45
C THR G 231 -43.62 -30.58 12.42
N VAL G 232 -42.44 -31.13 12.70
CA VAL G 232 -42.27 -32.56 12.89
C VAL G 232 -41.87 -32.81 14.33
N ASN G 233 -42.71 -33.56 15.04
CA ASN G 233 -42.38 -33.97 16.41
C ASN G 233 -41.69 -35.32 16.39
N PHE G 234 -40.38 -35.30 16.61
CA PHE G 234 -39.56 -36.50 16.47
C PHE G 234 -39.90 -37.58 17.50
N LEU G 235 -40.53 -37.20 18.61
CA LEU G 235 -40.94 -38.18 19.62
C LEU G 235 -42.10 -39.03 19.14
N GLU G 236 -42.94 -38.49 18.26
CA GLU G 236 -44.17 -39.17 17.84
C GLU G 236 -44.12 -39.65 16.40
N ALA G 237 -43.35 -38.94 15.57
CA ALA G 237 -43.34 -39.20 14.15
C ALA G 237 -42.76 -40.56 13.80
N LYS G 238 -43.22 -41.10 12.67
CA LYS G 238 -42.67 -42.32 12.10
C LYS G 238 -41.84 -41.92 10.89
N GLU G 239 -40.84 -42.74 10.52
CA GLU G 239 -40.02 -42.40 9.36
C GLU G 239 -40.92 -42.23 8.14
N GLY G 240 -41.94 -43.08 8.02
CA GLY G 240 -42.82 -43.05 6.87
C GLY G 240 -43.51 -41.71 6.71
N ASP G 241 -43.58 -40.93 7.80
CA ASP G 241 -44.19 -39.61 7.77
C ASP G 241 -43.39 -38.65 6.90
N LEU G 242 -42.13 -38.98 6.62
CA LEU G 242 -41.26 -38.08 5.87
C LEU G 242 -41.10 -38.48 4.40
N HIS G 243 -41.78 -39.55 3.99
CA HIS G 243 -41.74 -40.01 2.61
C HIS G 243 -42.50 -39.05 1.70
N ARG G 244 -43.58 -38.51 2.22
CA ARG G 244 -44.40 -37.54 1.51
C ARG G 244 -44.77 -36.41 2.45
N ILE G 245 -44.17 -35.24 2.25
CA ILE G 245 -44.42 -34.12 3.14
C ILE G 245 -45.22 -33.06 2.42
N GLU G 246 -46.49 -32.91 2.82
CA GLU G 246 -47.36 -31.91 2.20
C GLU G 246 -47.46 -30.72 3.13
N ILE G 247 -46.98 -29.58 2.66
CA ILE G 247 -46.98 -28.36 3.44
C ILE G 247 -47.94 -27.37 2.78
N PRO G 248 -49.19 -27.32 3.26
CA PRO G 248 -50.10 -26.31 2.74
C PRO G 248 -49.69 -24.94 3.26
N PHE G 249 -49.89 -23.90 2.46
CA PHE G 249 -49.61 -22.56 2.95
C PHE G 249 -50.65 -21.58 2.44
N LYS G 250 -50.92 -20.58 3.28
CA LYS G 250 -51.75 -19.46 2.90
C LYS G 250 -51.15 -18.22 3.56
N PHE G 251 -50.37 -17.47 2.80
CA PHE G 251 -49.67 -16.31 3.31
C PHE G 251 -50.54 -15.05 3.28
N HIS G 252 -50.48 -14.29 4.37
CA HIS G 252 -51.13 -12.98 4.41
C HIS G 252 -50.09 -11.96 4.02
N MET G 253 -50.20 -11.44 2.80
CA MET G 253 -49.17 -10.59 2.24
C MET G 253 -49.04 -9.30 3.02
N LEU G 254 -47.81 -9.04 3.48
CA LEU G 254 -47.50 -7.86 4.26
C LEU G 254 -47.05 -6.71 3.38
N HIS G 255 -46.57 -7.03 2.17
CA HIS G 255 -46.12 -6.01 1.24
C HIS G 255 -46.74 -6.25 -0.14
N SER G 256 -46.91 -5.19 -0.91
CA SER G 256 -47.38 -5.31 -2.28
C SER G 256 -46.18 -5.55 -3.19
N GLY G 257 -46.35 -6.33 -4.24
CA GLY G 257 -45.27 -6.58 -5.17
C GLY G 257 -45.28 -7.92 -5.88
N LEU G 258 -44.18 -8.19 -6.56
CA LEU G 258 -44.02 -9.41 -7.35
C LEU G 258 -43.36 -10.50 -6.48
N VAL G 259 -44.06 -11.61 -6.30
CA VAL G 259 -43.52 -12.77 -5.59
C VAL G 259 -42.81 -13.67 -6.60
N HIS G 260 -41.50 -13.80 -6.43
CA HIS G 260 -40.68 -14.58 -7.34
C HIS G 260 -40.51 -16.03 -6.89
N GLY G 261 -40.90 -16.33 -5.65
CA GLY G 261 -40.83 -17.69 -5.15
C GLY G 261 -40.90 -17.82 -3.64
N LEU G 262 -40.52 -19.00 -3.15
CA LEU G 262 -40.59 -19.29 -1.73
C LEU G 262 -39.22 -19.52 -1.11
N ALA G 263 -39.02 -18.90 0.06
CA ALA G 263 -37.83 -19.05 0.87
C ALA G 263 -38.08 -20.06 1.98
N PHE G 264 -37.04 -20.85 2.24
CA PHE G 264 -37.06 -21.94 3.22
C PHE G 264 -35.92 -21.83 4.22
N TRP G 265 -36.24 -22.12 5.48
CA TRP G 265 -35.25 -22.30 6.54
C TRP G 265 -35.86 -23.23 7.60
N PHE G 266 -35.09 -23.59 8.63
CA PHE G 266 -35.64 -24.48 9.65
C PHE G 266 -35.07 -24.25 11.05
N ASP G 267 -35.88 -24.59 12.06
CA ASP G 267 -35.47 -24.57 13.47
C ASP G 267 -35.58 -25.96 14.07
N VAL G 268 -34.76 -26.25 15.08
CA VAL G 268 -34.98 -27.43 15.90
C VAL G 268 -35.00 -27.05 17.37
N ALA G 269 -35.80 -27.79 18.14
CA ALA G 269 -35.87 -27.53 19.58
C ALA G 269 -35.45 -28.75 20.39
N PHE G 270 -34.59 -28.52 21.38
CA PHE G 270 -34.21 -29.53 22.35
C PHE G 270 -35.02 -29.32 23.62
N ILE G 271 -36.12 -30.05 23.74
CA ILE G 271 -37.01 -29.94 24.88
C ILE G 271 -36.58 -30.90 25.97
N GLY G 272 -35.75 -30.41 26.88
CA GLY G 272 -35.26 -31.22 27.98
C GLY G 272 -36.04 -30.95 29.25
N SER G 273 -35.73 -31.68 30.31
CA SER G 273 -36.46 -31.54 31.57
C SER G 273 -36.21 -30.18 32.23
N ILE G 274 -35.01 -29.63 32.03
CA ILE G 274 -34.66 -28.36 32.66
C ILE G 274 -35.06 -27.17 31.77
N MET G 275 -34.80 -27.27 30.47
CA MET G 275 -35.18 -26.17 29.58
C MET G 275 -35.26 -26.60 28.12
N THR G 276 -35.90 -25.76 27.32
CA THR G 276 -35.99 -25.96 25.88
C THR G 276 -34.97 -25.06 25.19
N VAL G 277 -34.06 -25.66 24.43
CA VAL G 277 -33.05 -24.88 23.71
C VAL G 277 -33.34 -24.90 22.22
N TRP G 278 -33.29 -23.72 21.59
CA TRP G 278 -33.57 -23.63 20.16
C TRP G 278 -32.32 -23.43 19.31
N LEU G 279 -32.25 -24.17 18.20
CA LEU G 279 -31.26 -23.93 17.16
C LEU G 279 -31.97 -23.48 15.89
N SER G 280 -31.67 -22.26 15.45
CA SER G 280 -32.36 -21.65 14.31
C SER G 280 -31.43 -21.36 13.14
N THR G 281 -31.92 -21.61 11.93
CA THR G 281 -31.21 -21.27 10.70
C THR G 281 -31.93 -20.14 9.97
N ALA G 282 -32.74 -19.39 10.72
CA ALA G 282 -33.51 -18.29 10.15
C ALA G 282 -32.61 -17.19 9.61
N PRO G 283 -33.09 -16.44 8.59
CA PRO G 283 -32.31 -15.34 8.03
C PRO G 283 -32.21 -14.14 8.98
N THR G 284 -33.00 -14.17 10.05
CA THR G 284 -32.92 -13.16 11.11
C THR G 284 -31.83 -13.52 12.12
N GLU G 285 -31.31 -14.75 12.00
CA GLU G 285 -30.30 -15.26 12.91
C GLU G 285 -28.93 -15.31 12.24
N PRO G 286 -27.87 -15.41 13.05
CA PRO G 286 -26.53 -15.57 12.47
C PRO G 286 -26.46 -16.72 11.48
N LEU G 287 -25.69 -16.53 10.42
CA LEU G 287 -25.62 -17.51 9.34
C LEU G 287 -24.99 -18.82 9.82
N THR G 288 -25.58 -19.93 9.37
CA THR G 288 -25.03 -21.26 9.63
C THR G 288 -24.62 -21.89 8.31
N HIS G 289 -24.09 -23.10 8.36
CA HIS G 289 -23.63 -23.77 7.15
C HIS G 289 -24.80 -24.36 6.36
N TRP G 290 -26.01 -24.25 6.91
CA TRP G 290 -27.22 -24.64 6.18
C TRP G 290 -27.74 -23.48 5.33
N TYR G 291 -27.33 -22.26 5.68
CA TYR G 291 -27.79 -21.06 4.99
C TYR G 291 -29.32 -21.03 4.95
N GLN G 292 -29.86 -20.57 3.83
CA GLN G 292 -31.28 -20.71 3.52
C GLN G 292 -31.44 -21.19 2.08
N VAL G 293 -32.64 -21.69 1.78
CA VAL G 293 -32.93 -22.24 0.46
C VAL G 293 -34.10 -21.52 -0.18
N ARG G 294 -33.95 -21.14 -1.44
CA ARG G 294 -35.05 -20.50 -2.16
C ARG G 294 -35.43 -21.27 -3.42
N CYS G 295 -36.74 -21.49 -3.58
CA CYS G 295 -37.31 -22.11 -4.76
C CYS G 295 -38.09 -21.08 -5.56
N LEU G 296 -37.68 -20.86 -6.80
CA LEU G 296 -38.32 -19.87 -7.66
C LEU G 296 -39.62 -20.38 -8.29
N PHE G 297 -40.55 -19.45 -8.49
CA PHE G 297 -41.72 -19.69 -9.34
C PHE G 297 -41.29 -19.48 -10.78
N GLN G 298 -41.86 -20.25 -11.70
CA GLN G 298 -41.53 -20.07 -13.11
C GLN G 298 -41.98 -18.69 -13.59
N SER G 299 -43.14 -18.24 -13.10
CA SER G 299 -43.62 -16.89 -13.38
C SER G 299 -43.96 -16.17 -12.08
N PRO G 300 -43.42 -14.95 -11.89
CA PRO G 300 -43.73 -14.27 -10.63
C PRO G 300 -45.22 -13.96 -10.50
N LEU G 301 -45.70 -13.88 -9.26
CA LEU G 301 -47.10 -13.57 -9.01
C LEU G 301 -47.25 -12.18 -8.38
N PHE G 302 -48.10 -11.33 -8.94
CA PHE G 302 -48.33 -10.04 -8.31
C PHE G 302 -49.33 -10.19 -7.18
N ALA G 303 -48.98 -9.64 -6.03
CA ALA G 303 -49.89 -9.67 -4.89
C ALA G 303 -49.88 -8.32 -4.19
N LYS G 304 -51.05 -7.91 -3.72
CA LYS G 304 -51.18 -6.68 -2.96
C LYS G 304 -51.07 -7.00 -1.48
N ALA G 305 -50.66 -6.02 -0.68
CA ALA G 305 -50.63 -6.21 0.76
C ALA G 305 -52.06 -6.47 1.21
N GLY G 306 -52.26 -7.55 1.95
CA GLY G 306 -53.58 -7.93 2.40
C GLY G 306 -54.17 -9.08 1.61
N ASP G 307 -53.67 -9.30 0.39
CA ASP G 307 -54.07 -10.46 -0.40
C ASP G 307 -53.57 -11.72 0.29
N THR G 308 -54.10 -12.87 -0.10
CA THR G 308 -53.62 -14.12 0.47
C THR G 308 -52.97 -14.92 -0.65
N LEU G 309 -51.77 -15.42 -0.38
CA LEU G 309 -51.07 -16.26 -1.34
C LEU G 309 -51.16 -17.71 -0.87
N SER G 310 -51.93 -18.51 -1.59
CA SER G 310 -52.21 -19.86 -1.14
C SER G 310 -51.66 -20.93 -2.05
N GLY G 311 -51.47 -22.11 -1.47
CA GLY G 311 -51.04 -23.25 -2.26
C GLY G 311 -50.39 -24.33 -1.45
N THR G 312 -49.59 -25.14 -2.14
CA THR G 312 -48.96 -26.28 -1.49
C THR G 312 -47.52 -26.46 -1.93
N CYS G 313 -46.69 -26.77 -0.95
CA CYS G 313 -45.34 -27.26 -1.19
C CYS G 313 -45.34 -28.76 -0.85
N LEU G 314 -45.20 -29.59 -1.87
CA LEU G 314 -45.21 -31.03 -1.71
C LEU G 314 -43.81 -31.56 -1.89
N LEU G 315 -43.29 -32.21 -0.86
CA LEU G 315 -41.95 -32.79 -0.91
C LEU G 315 -42.09 -34.29 -1.04
N ILE G 316 -41.57 -34.82 -2.14
CA ILE G 316 -41.65 -36.25 -2.39
C ILE G 316 -40.26 -36.86 -2.34
N ALA G 317 -40.08 -37.76 -1.37
CA ALA G 317 -38.79 -38.40 -1.17
C ALA G 317 -38.42 -39.31 -2.34
N ASN G 318 -37.15 -39.29 -2.70
CA ASN G 318 -36.62 -40.16 -3.74
C ASN G 318 -35.47 -41.00 -3.21
N LYS G 319 -35.00 -41.95 -4.01
CA LYS G 319 -33.97 -42.89 -3.58
C LYS G 319 -32.56 -42.32 -3.68
N ARG G 320 -32.48 -41.04 -4.06
N ARG G 320 -32.46 -41.04 -4.05
CA ARG G 320 -31.22 -40.32 -4.12
CA ARG G 320 -31.17 -40.36 -4.10
C ARG G 320 -31.01 -39.54 -2.83
C ARG G 320 -30.96 -39.58 -2.81
N GLN G 321 -31.60 -40.05 -1.75
CA GLN G 321 -31.48 -39.44 -0.42
C GLN G 321 -31.88 -37.98 -0.44
N SER G 322 -32.89 -37.66 -1.23
CA SER G 322 -33.33 -36.27 -1.30
C SER G 322 -34.81 -36.19 -1.66
N TYR G 323 -35.23 -35.02 -2.12
CA TYR G 323 -36.64 -34.78 -2.39
C TYR G 323 -36.86 -34.07 -3.71
N ASP G 324 -37.93 -34.47 -4.39
CA ASP G 324 -38.48 -33.70 -5.48
C ASP G 324 -39.47 -32.71 -4.90
N ILE G 325 -39.23 -31.42 -5.18
CA ILE G 325 -40.03 -30.34 -4.62
C ILE G 325 -41.06 -29.91 -5.64
N SER G 326 -42.33 -29.98 -5.25
CA SER G 326 -43.41 -29.48 -6.10
C SER G 326 -44.06 -28.30 -5.41
N ILE G 327 -44.04 -27.14 -6.05
CA ILE G 327 -44.68 -25.96 -5.47
C ILE G 327 -45.75 -25.41 -6.38
N VAL G 328 -46.96 -25.33 -5.86
CA VAL G 328 -48.03 -24.64 -6.56
C VAL G 328 -48.56 -23.52 -5.68
N ALA G 329 -48.59 -22.31 -6.25
CA ALA G 329 -49.03 -21.11 -5.54
C ALA G 329 -49.97 -20.25 -6.37
N GLN G 330 -50.87 -19.55 -5.68
CA GLN G 330 -51.84 -18.68 -6.34
C GLN G 330 -52.31 -17.53 -5.46
N VAL G 331 -52.46 -16.38 -6.09
CA VAL G 331 -53.07 -15.19 -5.49
C VAL G 331 -54.58 -15.32 -5.52
N ASP G 332 -55.18 -15.53 -4.35
CA ASP G 332 -56.60 -15.83 -4.25
C ASP G 332 -57.49 -14.71 -4.79
N GLN G 333 -57.09 -13.46 -4.56
CA GLN G 333 -57.92 -12.32 -4.94
C GLN G 333 -57.96 -12.09 -6.46
N THR G 334 -56.94 -12.57 -7.17
CA THR G 334 -56.85 -12.34 -8.61
C THR G 334 -56.89 -13.63 -9.42
N GLY G 335 -56.60 -14.76 -8.76
CA GLY G 335 -56.57 -16.05 -9.44
C GLY G 335 -55.30 -16.31 -10.23
N SER G 336 -54.33 -15.41 -10.13
CA SER G 336 -53.05 -15.57 -10.81
C SER G 336 -52.27 -16.74 -10.20
N LYS G 337 -51.89 -17.71 -11.01
CA LYS G 337 -51.33 -18.95 -10.50
C LYS G 337 -49.95 -19.26 -11.11
N SER G 338 -49.05 -19.80 -10.29
CA SER G 338 -47.74 -20.23 -10.77
C SER G 338 -47.25 -21.47 -10.03
N SER G 339 -46.48 -22.31 -10.72
CA SER G 339 -45.92 -23.54 -10.16
C SER G 339 -44.46 -23.78 -10.51
N ASN G 340 -43.79 -24.62 -9.74
CA ASN G 340 -42.43 -25.06 -10.10
C ASN G 340 -42.12 -26.45 -9.55
N LEU G 341 -41.30 -27.19 -10.28
CA LEU G 341 -40.82 -28.49 -9.86
C LEU G 341 -39.29 -28.43 -9.75
N LEU G 342 -38.76 -28.77 -8.59
CA LEU G 342 -37.33 -28.65 -8.33
C LEU G 342 -36.68 -29.93 -7.82
N ASP G 343 -35.39 -30.07 -8.12
CA ASP G 343 -34.61 -31.22 -7.70
C ASP G 343 -33.67 -30.83 -6.56
N LEU G 344 -34.08 -31.15 -5.33
CA LEU G 344 -33.36 -30.73 -4.13
C LEU G 344 -31.97 -31.38 -4.04
N LYS G 345 -31.80 -32.53 -4.68
CA LYS G 345 -30.53 -33.23 -4.64
C LYS G 345 -29.44 -32.39 -5.29
N ASN G 346 -29.81 -31.59 -6.30
CA ASN G 346 -28.83 -30.80 -7.03
C ASN G 346 -29.11 -29.29 -6.90
N PRO G 347 -28.80 -28.72 -5.72
CA PRO G 347 -29.03 -27.28 -5.53
C PRO G 347 -27.91 -26.44 -6.15
N PHE G 348 -28.18 -25.16 -6.38
CA PHE G 348 -27.17 -24.24 -6.89
C PHE G 348 -26.59 -23.43 -5.72
N PHE G 349 -25.30 -23.61 -5.44
CA PHE G 349 -24.68 -22.84 -4.37
C PHE G 349 -24.33 -21.46 -4.89
N ARG G 350 -25.13 -20.48 -4.49
CA ARG G 350 -25.04 -19.12 -5.02
C ARG G 350 -24.28 -18.21 -4.06
N TYR G 351 -24.17 -18.65 -2.80
CA TYR G 351 -23.57 -17.81 -1.77
C TYR G 351 -22.17 -17.31 -2.11
N THR G 352 -21.99 -16.02 -1.90
CA THR G 352 -20.74 -15.32 -2.20
C THR G 352 -20.28 -14.48 -1.01
N SER H 10 -17.43 -54.16 -20.99
CA SER H 10 -16.63 -53.33 -21.89
C SER H 10 -15.39 -52.81 -21.20
N VAL H 11 -14.47 -52.25 -21.97
CA VAL H 11 -13.21 -51.77 -21.43
C VAL H 11 -13.46 -50.63 -20.46
N PHE H 12 -14.47 -49.81 -20.74
CA PHE H 12 -14.80 -48.70 -19.86
C PHE H 12 -15.33 -49.21 -18.53
N SER H 13 -16.36 -50.04 -18.62
CA SER H 13 -17.04 -50.56 -17.44
C SER H 13 -16.07 -51.36 -16.57
N GLU H 14 -15.15 -52.06 -17.21
CA GLU H 14 -14.22 -52.91 -16.48
C GLU H 14 -13.28 -52.10 -15.60
N ARG H 15 -12.91 -50.91 -16.06
CA ARG H 15 -11.96 -50.05 -15.34
C ARG H 15 -12.64 -48.98 -14.51
N THR H 16 -13.97 -48.96 -14.49
CA THR H 16 -14.70 -47.88 -13.84
C THR H 16 -15.76 -48.38 -12.87
N GLU H 17 -15.73 -47.86 -11.64
CA GLU H 17 -16.78 -48.09 -10.66
C GLU H 17 -18.07 -47.41 -11.13
N GLU H 18 -19.20 -48.12 -10.99
CA GLU H 18 -20.48 -47.61 -11.46
C GLU H 18 -20.85 -46.30 -10.75
N SER H 19 -20.57 -46.20 -9.46
CA SER H 19 -20.90 -45.00 -8.71
C SER H 19 -20.19 -43.78 -9.33
N SER H 20 -18.93 -44.00 -9.70
CA SER H 20 -18.11 -42.95 -10.28
C SER H 20 -18.63 -42.57 -11.65
N ALA H 21 -18.97 -43.57 -12.46
CA ALA H 21 -19.44 -43.33 -13.82
C ALA H 21 -20.78 -42.58 -13.82
N VAL H 22 -21.69 -43.01 -12.96
CA VAL H 22 -22.98 -42.34 -12.83
C VAL H 22 -22.74 -40.88 -12.48
N GLN H 23 -22.01 -40.66 -11.38
CA GLN H 23 -21.72 -39.30 -10.96
C GLN H 23 -21.05 -38.53 -12.11
N TYR H 24 -20.13 -39.19 -12.80
CA TYR H 24 -19.36 -38.58 -13.87
C TYR H 24 -20.21 -38.08 -15.04
N PHE H 25 -21.04 -38.96 -15.59
CA PHE H 25 -21.81 -38.60 -16.77
C PHE H 25 -23.02 -37.74 -16.45
N GLN H 26 -23.47 -37.78 -15.19
CA GLN H 26 -24.50 -36.84 -14.75
C GLN H 26 -23.99 -35.40 -14.82
N PHE H 27 -22.77 -35.22 -14.35
CA PHE H 27 -22.11 -33.91 -14.35
C PHE H 27 -22.09 -33.28 -15.73
N TYR H 28 -21.72 -34.06 -16.74
CA TYR H 28 -21.59 -33.53 -18.09
C TYR H 28 -22.92 -33.48 -18.82
N GLY H 29 -23.99 -33.91 -18.15
CA GLY H 29 -25.33 -33.81 -18.71
C GLY H 29 -25.95 -32.43 -18.54
N TYR H 30 -25.28 -31.57 -17.77
CA TYR H 30 -25.77 -30.24 -17.47
C TYR H 30 -25.30 -29.22 -18.51
N LEU H 31 -26.26 -28.45 -19.03
CA LEU H 31 -25.95 -27.42 -20.02
C LEU H 31 -25.04 -26.33 -19.47
N SER H 32 -25.13 -26.07 -18.18
CA SER H 32 -24.32 -25.03 -17.55
C SER H 32 -22.83 -25.39 -17.62
N GLN H 33 -22.53 -26.68 -17.54
CA GLN H 33 -21.15 -27.15 -17.59
C GLN H 33 -20.63 -27.04 -19.02
N GLN H 34 -21.48 -27.37 -19.98
CA GLN H 34 -21.13 -27.19 -21.39
C GLN H 34 -20.87 -25.70 -21.63
N GLN H 35 -21.75 -24.85 -21.13
CA GLN H 35 -21.56 -23.42 -21.25
C GLN H 35 -20.22 -23.01 -20.66
N ASN H 36 -19.94 -23.52 -19.46
CA ASN H 36 -18.68 -23.22 -18.80
C ASN H 36 -17.49 -23.60 -19.68
N MET H 37 -17.53 -24.79 -20.26
CA MET H 37 -16.43 -25.23 -21.11
C MET H 37 -16.35 -24.40 -22.40
N MET H 38 -17.51 -24.08 -22.96
CA MET H 38 -17.59 -23.32 -24.19
C MET H 38 -17.12 -21.88 -24.00
N GLN H 39 -17.29 -21.35 -22.79
CA GLN H 39 -16.91 -19.97 -22.50
C GLN H 39 -15.41 -19.82 -22.20
N ASP H 40 -14.69 -20.93 -22.16
CA ASP H 40 -13.23 -20.87 -22.14
C ASP H 40 -12.77 -20.46 -23.54
N TYR H 41 -12.58 -19.16 -23.77
CA TYR H 41 -12.33 -18.69 -25.12
C TYR H 41 -11.01 -19.20 -25.68
N VAL H 42 -10.00 -19.26 -24.82
CA VAL H 42 -8.70 -19.78 -25.24
C VAL H 42 -8.91 -21.18 -25.79
N ARG H 43 -9.61 -21.99 -25.02
CA ARG H 43 -9.89 -23.37 -25.35
C ARG H 43 -10.62 -23.51 -26.71
N THR H 44 -11.81 -22.92 -26.78
CA THR H 44 -12.67 -23.06 -27.93
C THR H 44 -12.03 -22.41 -29.16
N GLY H 45 -11.47 -21.23 -28.98
CA GLY H 45 -10.81 -20.51 -30.05
C GLY H 45 -9.61 -21.25 -30.60
N THR H 46 -8.77 -21.79 -29.72
CA THR H 46 -7.59 -22.51 -30.16
C THR H 46 -8.02 -23.77 -30.90
N TYR H 47 -9.03 -24.47 -30.38
CA TYR H 47 -9.54 -25.63 -31.10
C TYR H 47 -10.07 -25.28 -32.49
N GLN H 48 -10.91 -24.25 -32.58
CA GLN H 48 -11.47 -23.85 -33.86
C GLN H 48 -10.33 -23.48 -34.82
N ARG H 49 -9.32 -22.81 -34.29
CA ARG H 49 -8.15 -22.45 -35.09
C ARG H 49 -7.39 -23.68 -35.58
N ALA H 50 -7.17 -24.65 -34.70
CA ALA H 50 -6.44 -25.86 -35.09
C ALA H 50 -7.20 -26.61 -36.16
N ILE H 51 -8.53 -26.62 -36.07
CA ILE H 51 -9.33 -27.34 -37.06
C ILE H 51 -9.47 -26.57 -38.38
N LEU H 52 -9.80 -25.29 -38.31
CA LEU H 52 -10.07 -24.52 -39.53
C LEU H 52 -8.80 -24.23 -40.34
N GLN H 53 -7.70 -23.96 -39.67
CA GLN H 53 -6.44 -23.66 -40.37
C GLN H 53 -5.81 -24.92 -40.94
N ASN H 54 -6.30 -26.08 -40.52
CA ASN H 54 -5.89 -27.35 -41.10
C ASN H 54 -7.09 -27.99 -41.79
N HIS H 55 -7.83 -27.17 -42.53
CA HIS H 55 -9.07 -27.60 -43.18
C HIS H 55 -8.83 -28.76 -44.14
N THR H 56 -7.62 -28.82 -44.69
CA THR H 56 -7.28 -29.89 -45.64
C THR H 56 -7.24 -31.24 -44.95
N ASP H 57 -7.07 -31.23 -43.63
CA ASP H 57 -7.09 -32.46 -42.85
C ASP H 57 -8.52 -32.93 -42.59
N PHE H 58 -9.50 -32.12 -42.97
CA PHE H 58 -10.89 -32.43 -42.74
C PHE H 58 -11.71 -32.50 -44.03
N LYS H 59 -11.23 -31.87 -45.11
CA LYS H 59 -12.00 -31.79 -46.35
C LYS H 59 -12.40 -33.17 -46.89
N ASP H 60 -13.70 -33.41 -46.94
CA ASP H 60 -14.26 -34.66 -47.44
C ASP H 60 -13.68 -35.88 -46.72
N LYS H 61 -13.33 -35.69 -45.45
CA LYS H 61 -12.79 -36.76 -44.62
C LYS H 61 -13.86 -37.31 -43.68
N ILE H 62 -13.57 -38.48 -43.11
CA ILE H 62 -14.41 -39.04 -42.07
C ILE H 62 -13.81 -38.74 -40.70
N VAL H 63 -14.66 -38.17 -39.87
CA VAL H 63 -14.27 -37.65 -38.58
C VAL H 63 -14.96 -38.39 -37.45
N LEU H 64 -14.21 -38.64 -36.39
CA LEU H 64 -14.79 -39.13 -35.14
C LEU H 64 -14.58 -38.11 -34.03
N ASP H 65 -15.65 -37.68 -33.39
CA ASP H 65 -15.56 -36.75 -32.26
C ASP H 65 -15.80 -37.52 -30.96
N VAL H 66 -14.73 -37.75 -30.19
CA VAL H 66 -14.87 -38.53 -28.97
C VAL H 66 -15.28 -37.62 -27.81
N GLY H 67 -16.46 -37.87 -27.24
CA GLY H 67 -16.97 -37.05 -26.17
C GLY H 67 -17.34 -35.66 -26.66
N CYS H 68 -18.28 -35.62 -27.60
CA CYS H 68 -18.57 -34.39 -28.34
C CYS H 68 -19.30 -33.34 -27.50
N GLY H 69 -19.94 -33.77 -26.42
CA GLY H 69 -20.72 -32.86 -25.60
C GLY H 69 -21.83 -32.18 -26.41
N SER H 70 -21.80 -30.86 -26.46
CA SER H 70 -22.78 -30.11 -27.23
C SER H 70 -22.57 -30.29 -28.73
N GLY H 71 -21.38 -30.73 -29.12
CA GLY H 71 -21.08 -30.99 -30.51
C GLY H 71 -20.24 -29.92 -31.19
N ILE H 72 -19.69 -29.01 -30.40
CA ILE H 72 -19.01 -27.84 -30.93
C ILE H 72 -17.85 -28.20 -31.87
N LEU H 73 -17.08 -29.23 -31.50
CA LEU H 73 -15.93 -29.63 -32.31
C LEU H 73 -16.39 -30.24 -33.62
N SER H 74 -17.53 -30.94 -33.59
CA SER H 74 -18.10 -31.51 -34.80
C SER H 74 -18.53 -30.39 -35.74
N PHE H 75 -19.05 -29.31 -35.18
CA PHE H 75 -19.42 -28.15 -35.98
C PHE H 75 -18.17 -27.52 -36.58
N PHE H 76 -17.10 -27.43 -35.78
CA PHE H 76 -15.83 -26.95 -36.34
C PHE H 76 -15.36 -27.84 -37.48
N ALA H 77 -15.48 -29.16 -37.30
CA ALA H 77 -15.12 -30.11 -38.35
C ALA H 77 -16.01 -29.93 -39.58
N ALA H 78 -17.28 -29.62 -39.34
CA ALA H 78 -18.23 -29.37 -40.43
C ALA H 78 -17.87 -28.09 -41.17
N GLN H 79 -17.43 -27.07 -40.43
CA GLN H 79 -17.02 -25.80 -41.02
C GLN H 79 -15.80 -25.99 -41.92
N ALA H 80 -14.97 -26.98 -41.59
CA ALA H 80 -13.74 -27.24 -42.32
C ALA H 80 -13.96 -28.17 -43.51
N GLY H 81 -15.21 -28.58 -43.74
CA GLY H 81 -15.58 -29.32 -44.93
C GLY H 81 -15.60 -30.83 -44.83
N ALA H 82 -15.71 -31.36 -43.61
CA ALA H 82 -15.77 -32.81 -43.42
C ALA H 82 -17.03 -33.35 -44.09
N ARG H 83 -16.93 -34.57 -44.62
CA ARG H 83 -18.06 -35.18 -45.32
C ARG H 83 -19.05 -35.79 -44.33
N LYS H 84 -18.54 -36.56 -43.39
CA LYS H 84 -19.36 -37.15 -42.33
C LYS H 84 -18.60 -37.15 -41.00
N ILE H 85 -19.31 -36.77 -39.95
CA ILE H 85 -18.71 -36.70 -38.61
C ILE H 85 -19.52 -37.54 -37.63
N TYR H 86 -18.87 -38.53 -37.04
CA TYR H 86 -19.52 -39.33 -36.01
C TYR H 86 -19.19 -38.74 -34.65
N ALA H 87 -20.21 -38.19 -34.00
CA ALA H 87 -20.06 -37.51 -32.73
C ALA H 87 -20.55 -38.38 -31.58
N VAL H 88 -19.61 -38.95 -30.82
CA VAL H 88 -19.96 -39.88 -29.75
C VAL H 88 -20.00 -39.18 -28.40
N GLU H 89 -21.10 -39.37 -27.68
CA GLU H 89 -21.26 -38.79 -26.34
C GLU H 89 -22.08 -39.73 -25.45
N ALA H 90 -21.58 -39.98 -24.25
CA ALA H 90 -22.18 -40.97 -23.35
C ALA H 90 -23.19 -40.35 -22.39
N SER H 91 -23.07 -39.05 -22.13
CA SER H 91 -24.02 -38.37 -21.25
C SER H 91 -25.27 -38.00 -22.04
N THR H 92 -26.26 -37.46 -21.35
CA THR H 92 -27.52 -37.10 -21.98
C THR H 92 -27.36 -35.87 -22.88
N MET H 93 -26.20 -35.23 -22.80
CA MET H 93 -25.93 -34.04 -23.60
C MET H 93 -26.06 -34.39 -25.08
N ALA H 94 -25.86 -35.66 -25.40
CA ALA H 94 -25.96 -36.15 -26.77
C ALA H 94 -27.29 -35.73 -27.38
N GLN H 95 -28.33 -35.64 -26.56
CA GLN H 95 -29.65 -35.31 -27.06
C GLN H 95 -29.67 -33.85 -27.49
N HIS H 96 -28.91 -33.03 -26.79
CA HIS H 96 -28.86 -31.60 -27.04
C HIS H 96 -28.00 -31.32 -28.26
N ALA H 97 -26.98 -32.15 -28.43
CA ALA H 97 -26.12 -32.06 -29.59
C ALA H 97 -26.94 -32.32 -30.85
N GLU H 98 -27.81 -33.33 -30.78
CA GLU H 98 -28.67 -33.66 -31.90
C GLU H 98 -29.61 -32.50 -32.23
N VAL H 99 -30.13 -31.83 -31.21
CA VAL H 99 -31.01 -30.69 -31.41
C VAL H 99 -30.28 -29.59 -32.18
N LEU H 100 -29.03 -29.35 -31.81
CA LEU H 100 -28.22 -28.31 -32.46
C LEU H 100 -27.90 -28.66 -33.91
N VAL H 101 -27.65 -29.94 -34.17
CA VAL H 101 -27.36 -30.39 -35.52
C VAL H 101 -28.54 -30.11 -36.43
N LYS H 102 -29.74 -30.39 -35.94
CA LYS H 102 -30.96 -30.17 -36.72
C LYS H 102 -31.19 -28.68 -36.97
N SER H 103 -31.06 -27.88 -35.91
CA SER H 103 -31.32 -26.45 -36.00
C SER H 103 -30.26 -25.72 -36.80
N ASN H 104 -29.09 -26.34 -36.95
CA ASN H 104 -28.01 -25.77 -37.75
C ASN H 104 -27.97 -26.42 -39.15
N ASN H 105 -28.97 -27.24 -39.43
CA ASN H 105 -29.15 -27.86 -40.74
C ASN H 105 -27.91 -28.63 -41.20
N LEU H 106 -27.35 -29.44 -40.31
CA LEU H 106 -26.14 -30.21 -40.62
C LEU H 106 -26.35 -31.71 -40.43
N THR H 107 -27.60 -32.15 -40.58
CA THR H 107 -27.95 -33.56 -40.39
C THR H 107 -27.25 -34.47 -41.40
N ASP H 108 -26.84 -33.90 -42.52
CA ASP H 108 -26.18 -34.67 -43.56
C ASP H 108 -24.69 -34.81 -43.25
N ARG H 109 -24.24 -34.16 -42.18
CA ARG H 109 -22.80 -34.09 -41.87
C ARG H 109 -22.43 -34.60 -40.50
N ILE H 110 -23.28 -34.31 -39.53
CA ILE H 110 -23.01 -34.71 -38.16
C ILE H 110 -23.99 -35.78 -37.74
N VAL H 111 -23.44 -36.94 -37.39
CA VAL H 111 -24.21 -38.05 -36.89
C VAL H 111 -23.87 -38.24 -35.42
N VAL H 112 -24.83 -37.95 -34.56
CA VAL H 112 -24.65 -38.13 -33.13
C VAL H 112 -24.86 -39.59 -32.78
N ILE H 113 -23.87 -40.18 -32.12
CA ILE H 113 -23.94 -41.58 -31.69
C ILE H 113 -23.95 -41.59 -30.17
N PRO H 114 -25.13 -41.84 -29.57
CA PRO H 114 -25.21 -41.90 -28.10
C PRO H 114 -24.56 -43.16 -27.52
N GLY H 115 -23.79 -42.99 -26.45
CA GLY H 115 -23.11 -44.10 -25.79
C GLY H 115 -21.64 -43.85 -25.53
N LYS H 116 -21.00 -44.77 -24.81
CA LYS H 116 -19.57 -44.65 -24.55
C LYS H 116 -18.81 -45.09 -25.78
N VAL H 117 -17.70 -44.42 -26.06
CA VAL H 117 -16.93 -44.69 -27.27
C VAL H 117 -16.40 -46.12 -27.28
N GLU H 118 -16.29 -46.73 -26.10
CA GLU H 118 -15.84 -48.11 -25.98
C GLU H 118 -16.93 -49.14 -26.30
N GLU H 119 -18.17 -48.68 -26.46
CA GLU H 119 -19.31 -49.59 -26.56
C GLU H 119 -20.13 -49.43 -27.84
N VAL H 120 -20.11 -48.26 -28.45
CA VAL H 120 -20.89 -48.01 -29.65
C VAL H 120 -20.30 -48.75 -30.85
N SER H 121 -21.07 -48.82 -31.94
CA SER H 121 -20.59 -49.37 -33.20
C SER H 121 -20.60 -48.28 -34.26
N LEU H 122 -19.45 -48.10 -34.91
CA LEU H 122 -19.34 -47.12 -35.98
C LEU H 122 -19.48 -47.81 -37.34
N PRO H 123 -20.19 -47.17 -38.28
CA PRO H 123 -20.39 -47.82 -39.58
C PRO H 123 -19.11 -47.99 -40.39
N GLU H 124 -18.14 -47.11 -40.18
CA GLU H 124 -16.91 -47.12 -40.97
C GLU H 124 -15.70 -46.61 -40.20
N GLN H 125 -14.52 -46.88 -40.74
CA GLN H 125 -13.27 -46.35 -40.19
C GLN H 125 -13.18 -44.87 -40.54
N VAL H 126 -12.50 -44.10 -39.69
CA VAL H 126 -12.44 -42.65 -39.88
C VAL H 126 -11.05 -42.20 -40.30
N ASP H 127 -10.99 -41.02 -40.90
CA ASP H 127 -9.73 -40.44 -41.35
C ASP H 127 -9.07 -39.71 -40.20
N ILE H 128 -9.88 -39.11 -39.33
CA ILE H 128 -9.31 -38.34 -38.23
C ILE H 128 -10.18 -38.37 -36.98
N ILE H 129 -9.51 -38.45 -35.83
CA ILE H 129 -10.21 -38.41 -34.55
C ILE H 129 -9.98 -37.06 -33.90
N ILE H 130 -11.06 -36.40 -33.53
CA ILE H 130 -10.98 -35.17 -32.75
C ILE H 130 -11.58 -35.43 -31.39
N SER H 131 -10.99 -34.79 -30.40
CA SER H 131 -11.51 -34.92 -29.04
C SER H 131 -10.96 -33.87 -28.13
N GLU H 132 -11.62 -33.70 -27.00
CA GLU H 132 -11.09 -32.84 -25.98
C GLU H 132 -11.10 -33.59 -24.65
N PRO H 133 -10.15 -34.53 -24.48
CA PRO H 133 -10.13 -35.44 -23.35
C PRO H 133 -9.25 -35.00 -22.19
N MET H 134 -8.75 -33.78 -22.21
CA MET H 134 -7.82 -33.32 -21.17
C MET H 134 -8.56 -32.93 -19.90
N GLY H 135 -8.08 -33.45 -18.78
CA GLY H 135 -8.58 -33.03 -17.48
C GLY H 135 -7.51 -32.28 -16.71
N TYR H 136 -7.77 -32.02 -15.44
CA TYR H 136 -6.77 -31.39 -14.59
C TYR H 136 -5.51 -32.23 -14.61
N MET H 137 -4.35 -31.58 -14.62
CA MET H 137 -3.09 -32.28 -14.73
C MET H 137 -3.10 -33.27 -15.90
N LEU H 138 -3.82 -32.89 -16.95
CA LEU H 138 -3.97 -33.67 -18.19
C LEU H 138 -4.71 -35.00 -17.99
N PHE H 139 -4.27 -35.81 -17.04
CA PHE H 139 -4.70 -37.21 -16.96
C PHE H 139 -6.00 -37.44 -16.19
N ASN H 140 -6.45 -36.45 -15.43
CA ASN H 140 -7.66 -36.61 -14.63
C ASN H 140 -8.85 -36.98 -15.51
N GLU H 141 -9.76 -37.77 -14.94
CA GLU H 141 -10.98 -38.26 -15.60
C GLU H 141 -10.71 -39.49 -16.48
N ARG H 142 -9.43 -39.77 -16.76
CA ARG H 142 -9.05 -40.97 -17.48
C ARG H 142 -9.68 -41.06 -18.88
N MET H 143 -10.02 -39.91 -19.46
CA MET H 143 -10.67 -39.94 -20.76
C MET H 143 -9.65 -40.08 -21.89
N LEU H 144 -8.38 -39.82 -21.60
CA LEU H 144 -7.34 -40.03 -22.60
C LEU H 144 -7.35 -41.48 -23.08
N GLU H 145 -7.70 -42.38 -22.17
CA GLU H 145 -7.79 -43.79 -22.49
C GLU H 145 -8.94 -44.08 -23.45
N SER H 146 -10.03 -43.31 -23.33
CA SER H 146 -11.13 -43.43 -24.27
C SER H 146 -10.67 -42.92 -25.64
N TYR H 147 -9.96 -41.80 -25.59
CA TYR H 147 -9.44 -41.17 -26.79
C TYR H 147 -8.53 -42.15 -27.52
N LEU H 148 -7.66 -42.82 -26.77
CA LEU H 148 -6.75 -43.79 -27.35
C LEU H 148 -7.49 -45.05 -27.78
N HIS H 149 -8.49 -45.46 -26.98
CA HIS H 149 -9.30 -46.62 -27.31
C HIS H 149 -9.96 -46.44 -28.66
N ALA H 150 -10.38 -45.20 -28.94
CA ALA H 150 -11.07 -44.92 -30.20
C ALA H 150 -10.21 -45.16 -31.45
N LYS H 151 -8.90 -45.36 -31.29
CA LYS H 151 -8.05 -45.56 -32.47
C LYS H 151 -8.36 -46.86 -33.20
N LYS H 152 -9.20 -47.70 -32.61
CA LYS H 152 -9.65 -48.91 -33.28
C LYS H 152 -10.50 -48.56 -34.50
N TYR H 153 -11.02 -47.33 -34.52
CA TYR H 153 -11.82 -46.83 -35.64
C TYR H 153 -10.98 -45.98 -36.59
N LEU H 154 -9.69 -45.86 -36.30
CA LEU H 154 -8.82 -45.01 -37.09
C LEU H 154 -8.16 -45.77 -38.22
N LYS H 155 -8.21 -45.19 -39.42
CA LYS H 155 -7.50 -45.74 -40.57
C LYS H 155 -6.01 -45.82 -40.23
N PRO H 156 -5.27 -46.69 -40.92
CA PRO H 156 -3.85 -46.91 -40.62
C PRO H 156 -2.95 -45.65 -40.57
N SER H 157 -3.19 -44.68 -41.42
CA SER H 157 -2.35 -43.48 -41.43
C SER H 157 -3.14 -42.27 -40.95
N GLY H 158 -4.28 -42.54 -40.30
CA GLY H 158 -5.18 -41.47 -39.87
C GLY H 158 -4.55 -40.58 -38.82
N ASN H 159 -5.18 -39.42 -38.60
CA ASN H 159 -4.63 -38.42 -37.69
C ASN H 159 -5.49 -38.17 -36.45
N MET H 160 -4.86 -37.57 -35.44
CA MET H 160 -5.53 -37.26 -34.19
C MET H 160 -5.35 -35.80 -33.74
N PHE H 161 -6.47 -35.20 -33.35
CA PHE H 161 -6.51 -33.81 -32.90
C PHE H 161 -7.12 -33.75 -31.48
N PRO H 162 -6.25 -33.52 -30.47
CA PRO H 162 -4.80 -33.25 -30.53
C PRO H 162 -3.93 -34.47 -30.83
N THR H 163 -2.69 -34.22 -31.24
CA THR H 163 -1.77 -35.28 -31.65
C THR H 163 -0.84 -35.71 -30.52
N ILE H 164 -0.33 -34.73 -29.77
CA ILE H 164 0.54 -35.04 -28.63
C ILE H 164 0.12 -34.23 -27.42
N GLY H 165 0.52 -34.72 -26.26
CA GLY H 165 0.32 -34.03 -25.00
C GLY H 165 1.59 -33.97 -24.18
N ASP H 166 1.93 -32.78 -23.72
CA ASP H 166 3.10 -32.58 -22.87
C ASP H 166 2.67 -32.21 -21.46
N VAL H 167 3.09 -33.00 -20.48
CA VAL H 167 2.88 -32.63 -19.09
C VAL H 167 4.18 -32.04 -18.55
N HIS H 168 4.06 -30.86 -17.96
CA HIS H 168 5.19 -30.18 -17.34
C HIS H 168 5.06 -30.19 -15.83
N LEU H 169 6.19 -30.48 -15.18
CA LEU H 169 6.29 -30.39 -13.73
C LEU H 169 7.51 -29.55 -13.33
N ALA H 170 7.33 -28.70 -12.32
CA ALA H 170 8.44 -27.89 -11.81
C ALA H 170 8.30 -27.61 -10.31
N PRO H 171 9.42 -27.59 -9.56
CA PRO H 171 9.30 -27.29 -8.13
C PRO H 171 8.94 -25.83 -7.86
N PHE H 172 8.16 -25.58 -6.83
CA PHE H 172 7.76 -24.20 -6.51
C PHE H 172 7.92 -23.84 -5.04
N THR H 173 7.98 -22.55 -4.74
CA THR H 173 7.94 -22.08 -3.35
C THR H 173 6.72 -21.19 -3.12
N ASP H 174 5.92 -21.54 -2.11
CA ASP H 174 4.75 -20.75 -1.76
C ASP H 174 4.33 -21.04 -0.31
N GLU H 175 4.96 -20.37 0.64
CA GLU H 175 4.70 -20.62 2.06
C GLU H 175 3.24 -20.26 2.36
N GLN H 176 2.71 -19.27 1.65
CA GLN H 176 1.34 -18.83 1.87
C GLN H 176 0.35 -19.99 1.66
N LEU H 177 0.48 -20.69 0.54
CA LEU H 177 -0.40 -21.81 0.23
C LEU H 177 -0.22 -22.92 1.28
N TYR H 178 1.05 -23.15 1.61
CA TYR H 178 1.42 -24.20 2.55
C TYR H 178 0.81 -23.93 3.92
N MET H 179 0.97 -22.70 4.42
CA MET H 179 0.41 -22.35 5.70
C MET H 179 -1.10 -22.36 5.63
N GLU H 180 -1.65 -21.99 4.48
CA GLU H 180 -3.10 -22.01 4.34
C GLU H 180 -3.65 -23.42 4.58
N GLN H 181 -3.03 -24.42 3.95
CA GLN H 181 -3.46 -25.82 4.17
C GLN H 181 -3.09 -26.37 5.56
N PHE H 182 -1.91 -26.00 6.03
CA PHE H 182 -1.43 -26.47 7.32
C PHE H 182 -2.34 -25.95 8.43
N THR H 183 -2.78 -24.71 8.28
CA THR H 183 -3.71 -24.10 9.23
C THR H 183 -5.02 -24.88 9.29
N LYS H 184 -5.52 -25.31 8.13
CA LYS H 184 -6.76 -26.07 8.08
C LYS H 184 -6.58 -27.41 8.76
N ALA H 185 -5.43 -28.05 8.51
CA ALA H 185 -5.18 -29.34 9.15
C ALA H 185 -4.97 -29.18 10.65
N ASN H 186 -4.42 -28.05 11.05
CA ASN H 186 -4.10 -27.81 12.46
C ASN H 186 -5.33 -27.59 13.36
N PHE H 187 -6.52 -27.60 12.77
CA PHE H 187 -7.77 -27.59 13.54
C PHE H 187 -7.79 -28.81 14.45
N TRP H 188 -7.28 -29.92 13.93
CA TRP H 188 -7.27 -31.20 14.62
C TRP H 188 -6.15 -31.30 15.67
N TYR H 189 -5.53 -30.17 15.97
CA TYR H 189 -4.51 -30.08 17.01
C TYR H 189 -5.11 -29.70 18.33
N GLN H 190 -6.28 -29.08 18.28
CA GLN H 190 -6.88 -28.59 19.50
C GLN H 190 -6.98 -29.70 20.54
N PRO H 191 -6.43 -29.46 21.73
CA PRO H 191 -6.49 -30.42 22.83
C PRO H 191 -7.80 -30.27 23.60
N SER H 192 -8.53 -29.19 23.31
CA SER H 192 -9.77 -28.91 24.03
C SER H 192 -10.77 -28.12 23.18
N PHE H 193 -11.18 -28.71 22.05
CA PHE H 193 -12.26 -28.17 21.24
C PHE H 193 -13.61 -28.47 21.89
N HIS H 194 -14.19 -27.45 22.52
CA HIS H 194 -15.41 -27.62 23.31
C HIS H 194 -15.20 -28.72 24.36
N GLY H 195 -13.97 -28.81 24.86
CA GLY H 195 -13.63 -29.77 25.89
C GLY H 195 -13.11 -31.10 25.38
N VAL H 196 -12.98 -31.23 24.06
CA VAL H 196 -12.55 -32.49 23.44
C VAL H 196 -11.16 -32.38 22.84
N ASP H 197 -10.33 -33.38 23.14
CA ASP H 197 -8.98 -33.47 22.58
C ASP H 197 -9.02 -34.11 21.20
N LEU H 198 -8.74 -33.31 20.16
CA LEU H 198 -8.79 -33.81 18.80
C LEU H 198 -7.40 -34.23 18.30
N SER H 199 -6.37 -33.93 19.10
CA SER H 199 -4.98 -33.97 18.62
C SER H 199 -4.60 -35.33 18.00
N ALA H 200 -5.22 -36.39 18.48
CA ALA H 200 -4.84 -37.73 18.05
C ALA H 200 -5.12 -37.92 16.57
N LEU H 201 -5.93 -37.04 16.00
CA LEU H 201 -6.30 -37.12 14.59
C LEU H 201 -5.50 -36.14 13.73
N ARG H 202 -4.60 -35.36 14.31
CA ARG H 202 -3.92 -34.35 13.50
C ARG H 202 -3.13 -34.96 12.36
N GLY H 203 -2.47 -36.10 12.61
CA GLY H 203 -1.71 -36.76 11.57
C GLY H 203 -2.62 -37.17 10.41
N ALA H 204 -3.76 -37.77 10.74
CA ALA H 204 -4.73 -38.18 9.73
C ALA H 204 -5.28 -36.97 8.99
N ALA H 205 -5.42 -35.86 9.71
CA ALA H 205 -5.94 -34.62 9.14
C ALA H 205 -4.95 -34.01 8.13
N VAL H 206 -3.68 -33.95 8.53
CA VAL H 206 -2.63 -33.45 7.66
C VAL H 206 -2.58 -34.29 6.38
N ASP H 207 -2.63 -35.60 6.54
CA ASP H 207 -2.61 -36.50 5.39
C ASP H 207 -3.73 -36.14 4.43
N GLU H 208 -4.94 -35.99 4.97
CA GLU H 208 -6.11 -35.76 4.13
C GLU H 208 -6.00 -34.47 3.32
N TYR H 209 -5.64 -33.37 3.97
CA TYR H 209 -5.56 -32.09 3.29
C TYR H 209 -4.46 -32.06 2.25
N PHE H 210 -3.32 -32.66 2.56
CA PHE H 210 -2.18 -32.63 1.66
C PHE H 210 -2.33 -33.63 0.50
N ARG H 211 -3.31 -34.54 0.61
CA ARG H 211 -3.62 -35.43 -0.50
C ARG H 211 -4.34 -34.68 -1.61
N GLN H 212 -4.84 -33.49 -1.31
CA GLN H 212 -5.59 -32.71 -2.30
C GLN H 212 -4.68 -31.85 -3.16
N PRO H 213 -4.60 -32.15 -4.46
CA PRO H 213 -3.91 -31.22 -5.37
C PRO H 213 -4.62 -29.88 -5.40
N VAL H 214 -3.85 -28.80 -5.49
CA VAL H 214 -4.45 -27.47 -5.49
C VAL H 214 -4.60 -26.98 -6.93
N VAL H 215 -5.85 -26.75 -7.33
CA VAL H 215 -6.14 -26.23 -8.66
C VAL H 215 -6.33 -24.73 -8.60
N ASP H 216 -5.43 -24.01 -9.25
CA ASP H 216 -5.55 -22.56 -9.38
C ASP H 216 -4.37 -22.06 -10.21
N THR H 217 -4.19 -20.75 -10.28
CA THR H 217 -3.07 -20.19 -11.03
C THR H 217 -2.10 -19.52 -10.08
N PHE H 218 -0.94 -19.12 -10.60
CA PHE H 218 0.09 -18.52 -9.77
C PHE H 218 1.08 -17.73 -10.63
N ASP H 219 1.87 -16.89 -9.96
CA ASP H 219 2.92 -16.14 -10.65
C ASP H 219 4.07 -17.11 -10.91
N ILE H 220 4.64 -17.03 -12.11
CA ILE H 220 5.68 -17.98 -12.51
C ILE H 220 6.98 -17.81 -11.73
N ARG H 221 7.08 -16.74 -10.94
CA ARG H 221 8.31 -16.48 -10.20
C ARG H 221 8.43 -17.41 -9.00
N ILE H 222 7.39 -18.18 -8.72
CA ILE H 222 7.44 -19.12 -7.62
C ILE H 222 8.17 -20.38 -8.04
N LEU H 223 8.38 -20.53 -9.34
CA LEU H 223 9.06 -21.71 -9.87
C LEU H 223 10.56 -21.61 -9.61
N MET H 224 11.14 -22.70 -9.11
CA MET H 224 12.52 -22.68 -8.64
C MET H 224 13.45 -23.42 -9.60
N ALA H 225 12.89 -23.98 -10.67
CA ALA H 225 13.69 -24.68 -11.66
C ALA H 225 12.94 -24.77 -12.98
N LYS H 226 13.68 -24.94 -14.06
CA LYS H 226 13.08 -25.13 -15.37
C LYS H 226 12.26 -26.41 -15.35
N SER H 227 11.09 -26.38 -15.97
CA SER H 227 10.17 -27.52 -15.92
C SER H 227 10.72 -28.75 -16.62
N VAL H 228 10.32 -29.91 -16.14
CA VAL H 228 10.59 -31.18 -16.79
C VAL H 228 9.35 -31.60 -17.55
N LYS H 229 9.55 -32.10 -18.76
CA LYS H 229 8.47 -32.44 -19.68
C LYS H 229 8.34 -33.95 -19.91
N TYR H 230 7.10 -34.42 -19.82
CA TYR H 230 6.74 -35.80 -20.14
C TYR H 230 5.72 -35.82 -21.28
N THR H 231 6.04 -36.52 -22.36
CA THR H 231 5.23 -36.46 -23.58
C THR H 231 4.46 -37.74 -23.84
N VAL H 232 3.18 -37.60 -24.17
CA VAL H 232 2.34 -38.70 -24.64
C VAL H 232 2.01 -38.44 -26.11
N ASN H 233 2.45 -39.37 -26.96
CA ASN H 233 2.12 -39.32 -28.38
C ASN H 233 0.84 -40.11 -28.64
N PHE H 234 -0.27 -39.41 -28.84
CA PHE H 234 -1.57 -40.05 -28.97
C PHE H 234 -1.64 -40.92 -30.22
N LEU H 235 -0.80 -40.64 -31.20
CA LEU H 235 -0.74 -41.46 -32.40
C LEU H 235 -0.10 -42.81 -32.10
N GLU H 236 0.77 -42.84 -31.09
CA GLU H 236 1.59 -44.01 -30.79
C GLU H 236 1.18 -44.72 -29.50
N ALA H 237 0.65 -43.97 -28.53
CA ALA H 237 0.41 -44.53 -27.21
C ALA H 237 -0.70 -45.58 -27.24
N LYS H 238 -0.60 -46.55 -26.33
CA LYS H 238 -1.65 -47.55 -26.16
C LYS H 238 -2.43 -47.23 -24.89
N GLU H 239 -3.65 -47.74 -24.80
CA GLU H 239 -4.50 -47.49 -23.66
C GLU H 239 -3.77 -47.83 -22.36
N GLY H 240 -3.18 -49.02 -22.35
CA GLY H 240 -2.53 -49.54 -21.16
C GLY H 240 -1.38 -48.68 -20.68
N ASP H 241 -0.85 -47.85 -21.57
CA ASP H 241 0.26 -46.98 -21.22
C ASP H 241 -0.13 -45.96 -20.16
N LEU H 242 -1.42 -45.72 -19.98
CA LEU H 242 -1.83 -44.69 -19.03
C LEU H 242 -2.30 -45.27 -17.69
N HIS H 243 -2.21 -46.58 -17.54
CA HIS H 243 -2.59 -47.22 -16.29
C HIS H 243 -1.58 -46.91 -15.18
N ARG H 244 -0.30 -46.88 -15.54
CA ARG H 244 0.77 -46.57 -14.60
C ARG H 244 1.78 -45.65 -15.28
N ILE H 245 1.78 -44.37 -14.87
CA ILE H 245 2.62 -43.36 -15.51
C ILE H 245 3.77 -42.95 -14.60
N GLU H 246 4.99 -43.30 -15.00
CA GLU H 246 6.17 -42.95 -14.23
C GLU H 246 6.94 -41.79 -14.84
N ILE H 247 7.02 -40.68 -14.09
CA ILE H 247 7.74 -39.50 -14.55
C ILE H 247 8.93 -39.24 -13.64
N PRO H 248 10.12 -39.72 -14.05
CA PRO H 248 11.33 -39.38 -13.29
C PRO H 248 11.69 -37.91 -13.48
N PHE H 249 12.27 -37.28 -12.48
CA PHE H 249 12.70 -35.90 -12.64
C PHE H 249 14.02 -35.63 -11.93
N LYS H 250 14.75 -34.70 -12.54
CA LYS H 250 16.00 -34.16 -12.04
C LYS H 250 16.04 -32.66 -12.30
N PHE H 251 15.63 -31.88 -11.30
CA PHE H 251 15.61 -30.43 -11.42
C PHE H 251 16.95 -29.85 -10.99
N HIS H 252 17.50 -28.94 -11.77
CA HIS H 252 18.66 -28.15 -11.36
C HIS H 252 18.17 -26.80 -10.86
N MET H 253 18.23 -26.65 -9.54
CA MET H 253 17.64 -25.51 -8.85
C MET H 253 18.24 -24.18 -9.25
N LEU H 254 17.37 -23.26 -9.68
CA LEU H 254 17.80 -21.93 -10.10
C LEU H 254 17.79 -20.92 -8.95
N HIS H 255 17.00 -21.20 -7.92
CA HIS H 255 16.92 -20.30 -6.77
C HIS H 255 17.04 -21.10 -5.47
N SER H 256 17.53 -20.44 -4.43
CA SER H 256 17.59 -21.05 -3.10
C SER H 256 16.27 -20.83 -2.40
N GLY H 257 15.89 -21.78 -1.55
CA GLY H 257 14.65 -21.64 -0.80
C GLY H 257 13.98 -22.95 -0.43
N LEU H 258 12.75 -22.82 0.06
CA LEU H 258 11.95 -23.95 0.49
C LEU H 258 11.10 -24.45 -0.67
N VAL H 259 11.29 -25.71 -1.03
CA VAL H 259 10.46 -26.35 -2.03
C VAL H 259 9.25 -26.92 -1.31
N HIS H 260 8.09 -26.35 -1.60
CA HIS H 260 6.84 -26.76 -0.97
C HIS H 260 6.12 -27.81 -1.79
N GLY H 261 6.57 -28.01 -3.02
CA GLY H 261 5.98 -29.04 -3.85
C GLY H 261 6.24 -28.86 -5.33
N LEU H 262 5.45 -29.58 -6.11
CA LEU H 262 5.61 -29.58 -7.56
C LEU H 262 4.38 -28.99 -8.23
N ALA H 263 4.62 -28.09 -9.18
CA ALA H 263 3.56 -27.52 -9.99
C ALA H 263 3.49 -28.27 -11.31
N PHE H 264 2.26 -28.48 -11.76
CA PHE H 264 1.93 -29.21 -12.97
C PHE H 264 1.07 -28.40 -13.90
N TRP H 265 1.38 -28.53 -15.20
CA TRP H 265 0.50 -28.03 -16.26
C TRP H 265 0.74 -28.84 -17.52
N PHE H 266 -0.01 -28.57 -18.58
CA PHE H 266 0.16 -29.34 -19.81
C PHE H 266 -0.12 -28.56 -21.07
N ASP H 267 0.51 -29.00 -22.17
CA ASP H 267 0.23 -28.45 -23.49
C ASP H 267 -0.29 -29.59 -24.37
N VAL H 268 -1.13 -29.28 -25.34
CA VAL H 268 -1.47 -30.25 -26.36
C VAL H 268 -1.20 -29.64 -27.71
N ALA H 269 -0.78 -30.48 -28.65
CA ALA H 269 -0.48 -29.99 -29.99
C ALA H 269 -1.36 -30.63 -31.06
N PHE H 270 -1.90 -29.79 -31.92
CA PHE H 270 -2.63 -30.23 -33.09
C PHE H 270 -1.67 -30.11 -34.27
N ILE H 271 -1.04 -31.23 -34.60
CA ILE H 271 -0.06 -31.30 -35.68
C ILE H 271 -0.77 -31.59 -36.99
N GLY H 272 -1.15 -30.54 -37.69
CA GLY H 272 -1.86 -30.69 -38.95
C GLY H 272 -0.98 -30.54 -40.18
N SER H 273 -1.58 -30.76 -41.34
CA SER H 273 -0.86 -30.73 -42.61
C SER H 273 -0.40 -29.32 -42.98
N ILE H 274 -1.18 -28.31 -42.59
CA ILE H 274 -0.90 -26.92 -42.93
C ILE H 274 -0.04 -26.26 -41.86
N MET H 275 -0.35 -26.52 -40.59
CA MET H 275 0.41 -25.93 -39.49
C MET H 275 0.23 -26.70 -38.19
N THR H 276 1.14 -26.45 -37.26
CA THR H 276 1.03 -27.04 -35.93
C THR H 276 0.45 -25.98 -35.00
N VAL H 277 -0.68 -26.29 -34.38
CA VAL H 277 -1.31 -25.35 -33.46
C VAL H 277 -1.18 -25.86 -32.04
N TRP H 278 -0.74 -24.99 -31.12
CA TRP H 278 -0.56 -25.38 -29.73
C TRP H 278 -1.66 -24.82 -28.82
N LEU H 279 -2.16 -25.67 -27.93
CA LEU H 279 -3.03 -25.23 -26.85
C LEU H 279 -2.30 -25.45 -25.53
N SER H 280 -2.00 -24.35 -24.83
CA SER H 280 -1.19 -24.40 -23.62
C SER H 280 -1.96 -23.96 -22.37
N THR H 281 -1.74 -24.67 -21.27
CA THR H 281 -2.31 -24.27 -19.98
C THR H 281 -1.20 -23.83 -19.01
N ALA H 282 -0.04 -23.50 -19.56
CA ALA H 282 1.11 -23.09 -18.75
C ALA H 282 0.81 -21.77 -18.04
N PRO H 283 1.46 -21.55 -16.89
CA PRO H 283 1.24 -20.31 -16.14
C PRO H 283 1.84 -19.07 -16.81
N THR H 284 2.64 -19.29 -17.85
CA THR H 284 3.18 -18.20 -18.66
C THR H 284 2.20 -17.76 -19.74
N GLU H 285 1.15 -18.54 -19.94
CA GLU H 285 0.17 -18.29 -20.98
C GLU H 285 -1.14 -17.80 -20.39
N PRO H 286 -2.02 -17.21 -21.23
CA PRO H 286 -3.34 -16.81 -20.76
C PRO H 286 -4.10 -17.97 -20.08
N LEU H 287 -4.86 -17.63 -19.05
CA LEU H 287 -5.55 -18.61 -18.22
C LEU H 287 -6.64 -19.41 -18.96
N THR H 288 -6.69 -20.71 -18.71
CA THR H 288 -7.76 -21.56 -19.20
C THR H 288 -8.53 -22.13 -18.01
N HIS H 289 -9.57 -22.91 -18.29
CA HIS H 289 -10.38 -23.49 -17.22
C HIS H 289 -9.69 -24.70 -16.57
N TRP H 290 -8.53 -25.07 -17.11
CA TRP H 290 -7.71 -26.11 -16.49
C TRP H 290 -6.81 -25.51 -15.42
N TYR H 291 -6.59 -24.20 -15.50
CA TYR H 291 -5.72 -23.50 -14.56
C TYR H 291 -4.37 -24.20 -14.47
N GLN H 292 -3.80 -24.28 -13.27
CA GLN H 292 -2.66 -25.14 -13.03
C GLN H 292 -2.90 -25.97 -11.78
N VAL H 293 -2.12 -27.04 -11.62
CA VAL H 293 -2.32 -27.93 -10.49
C VAL H 293 -1.03 -28.03 -9.70
N ARG H 294 -1.11 -27.87 -8.39
CA ARG H 294 0.08 -27.99 -7.55
C ARG H 294 -0.05 -29.07 -6.49
N CYS H 295 0.99 -29.90 -6.36
CA CYS H 295 1.01 -30.92 -5.32
C CYS H 295 1.99 -30.52 -4.24
N LEU H 296 1.44 -30.31 -3.03
CA LEU H 296 2.21 -29.89 -1.86
C LEU H 296 2.91 -31.05 -1.17
N PHE H 297 4.10 -30.77 -0.63
CA PHE H 297 4.78 -31.67 0.28
C PHE H 297 4.29 -31.40 1.70
N GLN H 298 4.19 -32.44 2.54
CA GLN H 298 3.77 -32.23 3.92
C GLN H 298 4.80 -31.38 4.62
N SER H 299 6.07 -31.66 4.33
CA SER H 299 7.17 -30.84 4.80
C SER H 299 8.05 -30.43 3.63
N PRO H 300 8.29 -29.11 3.46
CA PRO H 300 9.09 -28.59 2.36
C PRO H 300 10.55 -29.03 2.43
N LEU H 301 11.23 -29.01 1.29
CA LEU H 301 12.64 -29.37 1.25
C LEU H 301 13.47 -28.11 1.03
N PHE H 302 14.49 -27.88 1.86
CA PHE H 302 15.32 -26.71 1.63
C PHE H 302 16.35 -27.04 0.57
N ALA H 303 16.47 -26.15 -0.42
CA ALA H 303 17.46 -26.36 -1.47
C ALA H 303 18.18 -25.06 -1.79
N LYS H 304 19.47 -25.18 -2.06
CA LYS H 304 20.28 -24.04 -2.49
C LYS H 304 20.36 -24.01 -4.01
N ALA H 305 20.59 -22.82 -4.56
CA ALA H 305 20.76 -22.69 -6.00
C ALA H 305 21.97 -23.51 -6.44
N GLY H 306 21.79 -24.33 -7.46
CA GLY H 306 22.85 -25.20 -7.94
C GLY H 306 22.66 -26.64 -7.51
N ASP H 307 21.85 -26.84 -6.48
CA ASP H 307 21.48 -28.18 -6.03
C ASP H 307 20.64 -28.89 -7.08
N THR H 308 20.53 -30.20 -6.97
CA THR H 308 19.67 -30.95 -7.88
C THR H 308 18.57 -31.59 -7.04
N LEU H 309 17.32 -31.45 -7.48
CA LEU H 309 16.19 -32.06 -6.81
C LEU H 309 15.72 -33.23 -7.67
N SER H 310 15.94 -34.45 -7.17
CA SER H 310 15.66 -35.63 -7.96
C SER H 310 14.56 -36.48 -7.35
N GLY H 311 13.94 -37.28 -8.21
CA GLY H 311 12.96 -38.24 -7.74
C GLY H 311 12.00 -38.69 -8.81
N THR H 312 10.85 -39.18 -8.37
CA THR H 312 9.86 -39.73 -9.28
C THR H 312 8.44 -39.33 -8.93
N CYS H 313 7.68 -38.99 -9.97
CA CYS H 313 6.25 -38.79 -9.86
C CYS H 313 5.53 -39.96 -10.52
N LEU H 314 4.87 -40.75 -9.70
CA LEU H 314 4.20 -41.97 -10.13
C LEU H 314 2.68 -41.81 -10.11
N LEU H 315 2.04 -41.95 -11.25
CA LEU H 315 0.59 -41.85 -11.35
C LEU H 315 -0.03 -43.22 -11.57
N ILE H 316 -0.86 -43.67 -10.64
CA ILE H 316 -1.54 -44.96 -10.77
C ILE H 316 -3.04 -44.77 -10.96
N ALA H 317 -3.54 -45.21 -12.11
CA ALA H 317 -4.95 -45.04 -12.41
C ALA H 317 -5.82 -45.86 -11.47
N ASN H 318 -6.93 -45.29 -11.04
CA ASN H 318 -7.88 -46.00 -10.19
C ASN H 318 -9.24 -46.09 -10.89
N LYS H 319 -10.16 -46.85 -10.31
CA LYS H 319 -11.46 -47.06 -10.92
C LYS H 319 -12.47 -45.95 -10.62
N ARG H 320 -12.02 -44.91 -9.92
CA ARG H 320 -12.84 -43.73 -9.72
C ARG H 320 -12.50 -42.70 -10.80
N GLN H 321 -12.05 -43.20 -11.95
CA GLN H 321 -11.73 -42.37 -13.11
C GLN H 321 -10.71 -41.29 -12.81
N SER H 322 -9.71 -41.62 -12.00
CA SER H 322 -8.67 -40.66 -11.68
C SER H 322 -7.37 -41.38 -11.39
N TYR H 323 -6.47 -40.69 -10.67
CA TYR H 323 -5.15 -41.22 -10.40
C TYR H 323 -4.75 -41.07 -8.95
N ASP H 324 -4.05 -42.09 -8.45
CA ASP H 324 -3.34 -41.99 -7.19
C ASP H 324 -1.96 -41.45 -7.54
N ILE H 325 -1.62 -40.30 -6.97
CA ILE H 325 -0.38 -39.62 -7.29
C ILE H 325 0.65 -39.88 -6.20
N SER H 326 1.80 -40.44 -6.57
CA SER H 326 2.88 -40.62 -5.62
C SER H 326 4.05 -39.75 -6.04
N ILE H 327 4.51 -38.88 -5.15
CA ILE H 327 5.65 -38.04 -5.45
C ILE H 327 6.73 -38.33 -4.43
N VAL H 328 7.90 -38.75 -4.93
CA VAL H 328 9.08 -38.90 -4.09
C VAL H 328 10.12 -37.94 -4.63
N ALA H 329 10.62 -37.09 -3.74
CA ALA H 329 11.58 -36.04 -4.12
C ALA H 329 12.75 -36.02 -3.15
N GLN H 330 13.90 -35.61 -3.67
CA GLN H 330 15.14 -35.62 -2.90
C GLN H 330 16.10 -34.51 -3.28
N VAL H 331 16.63 -33.81 -2.29
CA VAL H 331 17.75 -32.90 -2.51
C VAL H 331 19.01 -33.74 -2.49
N ASP H 332 19.63 -33.93 -3.64
CA ASP H 332 20.74 -34.87 -3.76
C ASP H 332 21.93 -34.49 -2.86
N GLN H 333 22.16 -33.19 -2.71
CA GLN H 333 23.33 -32.71 -1.99
C GLN H 333 23.27 -32.93 -0.47
N THR H 334 22.06 -33.04 0.07
CA THR H 334 21.89 -33.17 1.52
C THR H 334 21.24 -34.48 1.93
N GLY H 335 20.60 -35.15 0.99
CA GLY H 335 19.88 -36.37 1.28
C GLY H 335 18.51 -36.08 1.86
N SER H 336 18.11 -34.81 1.86
CA SER H 336 16.79 -34.41 2.35
C SER H 336 15.72 -34.96 1.41
N LYS H 337 14.79 -35.72 1.98
CA LYS H 337 13.86 -36.54 1.21
C LYS H 337 12.43 -36.25 1.62
N SER H 338 11.53 -36.32 0.65
CA SER H 338 10.10 -36.17 0.94
C SER H 338 9.30 -37.14 0.09
N SER H 339 8.24 -37.68 0.67
CA SER H 339 7.37 -38.59 -0.05
C SER H 339 5.96 -38.09 0.16
N ASN H 340 5.12 -38.22 -0.87
CA ASN H 340 3.75 -37.77 -0.74
C ASN H 340 2.80 -38.56 -1.62
N LEU H 341 1.60 -38.79 -1.11
CA LEU H 341 0.56 -39.48 -1.87
C LEU H 341 -0.66 -38.57 -1.99
N LEU H 342 -1.14 -38.37 -3.21
CA LEU H 342 -2.24 -37.46 -3.46
C LEU H 342 -3.40 -38.11 -4.22
N ASP H 343 -4.60 -37.61 -3.96
CA ASP H 343 -5.81 -38.11 -4.61
C ASP H 343 -6.34 -37.09 -5.63
N LEU H 344 -6.03 -37.32 -6.90
CA LEU H 344 -6.37 -36.39 -7.97
C LEU H 344 -7.88 -36.22 -8.13
N LYS H 345 -8.65 -37.21 -7.69
CA LYS H 345 -10.10 -37.21 -7.80
C LYS H 345 -10.74 -36.05 -7.03
N ASN H 346 -10.16 -35.71 -5.87
CA ASN H 346 -10.71 -34.67 -5.00
C ASN H 346 -9.77 -33.50 -4.83
N PRO H 347 -9.65 -32.65 -5.87
CA PRO H 347 -8.76 -31.50 -5.77
C PRO H 347 -9.38 -30.36 -4.98
N PHE H 348 -8.54 -29.45 -4.51
CA PHE H 348 -8.99 -28.24 -3.84
C PHE H 348 -9.00 -27.06 -4.81
N PHE H 349 -10.20 -26.55 -5.09
CA PHE H 349 -10.38 -25.38 -5.94
C PHE H 349 -10.14 -24.08 -5.17
N ARG H 350 -8.97 -23.47 -5.40
CA ARG H 350 -8.56 -22.30 -4.63
C ARG H 350 -8.78 -21.00 -5.41
N SAO I . -6.97 22.85 -38.95
CA SAO I . -7.13 22.50 -37.52
CB SAO I . -8.55 21.99 -37.23
CG SAO I . -8.93 20.77 -38.06
SD SAO I . -10.57 20.27 -37.45
C SAO I . -6.06 21.46 -37.13
O SAO I . -5.49 20.87 -38.07
OXT SAO I . -5.86 21.27 -35.91
C5' SAO I . -11.68 20.74 -38.80
C4' SAO I . -11.95 22.23 -38.71
O4' SAO I . -12.52 22.69 -39.94
C3' SAO I . -12.95 22.58 -37.59
O3' SAO I . -12.45 23.65 -36.79
C2' SAO I . -14.21 23.00 -38.35
O2' SAO I . -14.90 24.04 -37.68
C1' SAO I . -13.64 23.51 -39.67
N9 SAO I . -14.56 23.41 -40.80
C8 SAO I . -15.28 22.31 -41.19
N7 SAO I . -15.98 22.49 -42.29
C5 SAO I . -15.71 23.80 -42.63
C6 SAO I . -16.13 24.59 -43.72
N6 SAO I . -16.96 24.17 -44.68
N1 SAO I . -15.67 25.87 -43.78
C2 SAO I . -14.84 26.30 -42.82
N3 SAO I . -14.36 25.63 -41.76
C4 SAO I . -14.83 24.38 -41.74
HN2 SAO I . -6.34 22.15 -39.31
H3 SAO I . -6.56 23.77 -39.08
HN1 SAO I . -7.84 22.81 -39.47
HA SAO I . -6.93 23.38 -36.91
HB1 SAO I . -9.23 22.80 -37.44
HB2 SAO I . -8.68 21.80 -36.16
HG2 SAO I . -8.98 20.99 -39.13
HG1 SAO I . -8.24 19.94 -37.96
H5'2 SAO I . -12.60 20.16 -38.75
H5'1 SAO I . -11.21 20.46 -39.75
H4' SAO I . -11.01 22.77 -38.63
H3' SAO I . -13.12 21.81 -36.85
HO3' SAO I . -12.10 24.37 -37.38
H2' SAO I . -14.96 22.20 -38.45
HO2' SAO I . -15.09 24.79 -38.30
H1' SAO I . -13.29 24.54 -39.63
H8 SAO I . -15.27 21.37 -40.64
HN61 SAO I . -17.31 23.22 -44.67
HN62 SAO I . -17.25 24.78 -45.44
H2 SAO I . -14.51 27.32 -42.94
C1 EDO J . 2.69 4.71 -45.86
O1 EDO J . 2.83 3.48 -45.22
C2 EDO J . 2.32 4.44 -47.32
O2 EDO J . 3.49 4.17 -48.03
H11 EDO J . 3.52 5.21 -45.82
H12 EDO J . 1.98 5.21 -45.43
HO1 EDO J . 2.95 3.61 -44.38
H21 EDO J . 1.89 5.23 -47.70
H22 EDO J . 1.72 3.68 -47.36
HO2 EDO J . 3.33 4.17 -48.86
C1 LHB K . -42.16 15.75 -24.13
C2 LHB K . -41.03 15.01 -23.75
C3 LHB K . -41.10 13.63 -23.88
N1 LHB K . -42.14 12.93 -24.34
C4 LHB K . -43.15 13.73 -24.67
N2 LHB K . -43.23 15.07 -24.60
N3 LHB K . -39.90 13.15 -23.44
C5 LHB K . -39.16 14.25 -23.08
N4 LHB K . -39.79 15.39 -23.25
C6 LHB K . -39.50 11.75 -23.33
O1 LHB K . -39.26 11.47 -21.97
C7 LHB K . -38.50 10.25 -21.93
C8 LHB K . -37.65 10.24 -23.20
C9 LHB K . -38.20 11.39 -24.05
O2 LHB K . -38.49 10.97 -25.38
O3 LHB K . -37.80 8.98 -23.86
C10 LHB K . -37.69 10.20 -20.65
N5 LHB K . -36.85 11.39 -20.48
C11 LHB K . -36.62 11.72 -19.07
C12 LHB K . -35.39 10.93 -18.44
N6 LHB K . -42.25 17.08 -24.04
C13 LHB K . -35.35 9.52 -18.13
N7 LHB K . -34.25 8.93 -17.64
C14 LHB K . -33.12 9.64 -17.42
N8 LHB K . -33.13 11.01 -17.68
C15 LHB K . -34.25 11.60 -18.19
N9 LHB K . -36.45 8.77 -18.28
C16 LHB K . -31.95 11.83 -17.37
O4 LHB K . -30.77 11.30 -17.92
C17 LHB K . -29.61 11.60 -17.16
O5 LHB K . -32.08 9.12 -17.02
H1 LHB K . -44.05 13.25 -25.08
H2 LHB K . -38.14 14.18 -22.70
H3 LHB K . -40.34 11.15 -23.65
H4 LHB K . -39.27 9.47 -21.92
H5 LHB K . -36.59 10.40 -22.98
H6 LHB K . -37.51 12.22 -24.11
H7 LHB K . -37.87 11.43 -26.01
H8 LHB K . -37.10 8.38 -23.48
H10 LHB K . -38.37 10.18 -19.80
H9 LHB K . -37.14 9.26 -20.59
H11 LHB K . -37.16 12.19 -21.04
H12 LHB K . -37.49 11.56 -18.43
H13 LHB K . -36.45 12.79 -19.00
H14 LHB K . -43.10 17.57 -24.33
H15 LHB K . -41.48 17.64 -23.69
H16 LHB K . -34.19 12.68 -18.39
H18 LHB K . -37.33 9.15 -18.61
H17 LHB K . -36.44 7.78 -18.06
H20 LHB K . -32.16 12.85 -17.69
H19 LHB K . -31.83 11.88 -16.29
H22 LHB K . -28.81 11.58 -17.89
H23 LHB K . -29.40 10.88 -16.37
H21 LHB K . -29.68 12.59 -16.71
C1 EDO L . -28.91 14.06 -23.37
O1 EDO L . -29.31 13.72 -22.07
C2 EDO L . -30.16 14.19 -24.25
O2 EDO L . -29.83 14.97 -25.37
H11 EDO L . -28.43 14.91 -23.36
H12 EDO L . -28.33 13.37 -23.73
HO1 EDO L . -28.64 13.59 -21.59
H21 EDO L . -30.87 14.63 -23.75
H22 EDO L . -30.44 13.31 -24.53
HO2 EDO L . -30.53 15.35 -25.67
C1 EDO M . -34.87 11.43 2.27
O1 EDO M . -35.97 10.72 2.76
C2 EDO M . -33.96 10.50 1.48
O2 EDO M . -34.23 9.17 1.83
H11 EDO M . -34.37 11.81 3.01
H12 EDO M . -35.18 12.15 1.68
HO1 EDO M . -36.49 11.25 3.17
H21 EDO M . -34.11 10.62 0.52
H22 EDO M . -33.03 10.69 1.68
HO2 EDO M . -33.70 8.65 1.42
N SAO N . 2.23 44.51 6.24
CA SAO N . 2.40 43.11 5.76
CB SAO N . 3.85 42.65 5.94
CG SAO N . 4.32 42.69 7.38
SD SAO N . 6.09 42.26 7.34
C SAO N . 1.43 42.19 6.52
O SAO N . 1.22 41.06 6.04
OXT SAO N . 0.92 42.65 7.57
C5' SAO N . 6.90 43.82 7.82
C4' SAO N . 7.08 44.65 6.57
O4' SAO N . 7.55 45.97 6.91
C3' SAO N . 8.12 44.03 5.62
O3' SAO N . 7.61 43.94 4.29
C2' SAO N . 9.31 44.99 5.70
O2' SAO N . 9.98 45.10 4.44
C1' SAO N . 8.63 46.30 6.07
N9 SAO N . 9.49 47.24 6.80
C8 SAO N . 10.27 46.95 7.90
N7 SAO N . 10.89 47.99 8.40
C5 SAO N . 10.49 49.04 7.58
C6 SAO N . 10.79 50.41 7.58
N6 SAO N . 11.61 50.99 8.47
N1 SAO N . 10.21 51.18 6.63
C2 SAO N . 9.41 50.60 5.74
N3 SAO N . 9.06 49.31 5.63
C4 SAO N . 9.64 48.59 6.59
HN2 SAO N . 2.16 44.41 7.25
H3 SAO N . 1.39 44.95 5.89
HN1 SAO N . 3.02 45.10 6.01
HA SAO N . 2.13 43.06 4.70
HB1 SAO N . 4.48 43.30 5.33
HB2 SAO N . 4.00 41.66 5.50
HG2 SAO N . 4.20 43.67 7.83
HG1 SAO N . 3.80 41.98 8.03
H5'2 SAO N . 7.85 43.60 8.31
H5'1 SAO N . 6.29 44.31 8.57
H4' SAO N . 6.11 44.82 6.10
H3' SAO N . 8.38 42.99 5.82
HO3' SAO N . 7.14 44.80 4.07
H2' SAO N . 10.09 44.66 6.38
HO2' SAO N . 9.31 45.01 3.71
H1' SAO N . 8.24 46.84 5.21
H8 SAO N . 10.36 45.95 8.31
HN61 SAO N . 12.06 50.43 9.19
HN62 SAO N . 11.80 51.98 8.44
H2 SAO N . 8.97 51.29 5.01
O1 PG4 O . -17.71 48.34 6.51
C1 PG4 O . -17.98 46.98 6.73
C2 PG4 O . -17.50 46.61 8.13
O2 PG4 O . -18.15 45.44 8.54
C3 PG4 O . -17.89 44.31 7.76
C4 PG4 O . -17.61 43.12 8.69
O3 PG4 O . -17.82 41.94 7.95
C5 PG4 O . -16.69 41.13 7.74
C6 PG4 O . -16.70 40.68 6.29
O4 PG4 O . -15.59 41.22 5.63
C7 PG4 O . -15.92 41.95 4.48
C8 PG4 O . -14.67 42.11 3.62
O5 PG4 O . -15.08 42.46 2.33
HO1 PG4 O . -18.04 48.59 5.65
H11 PG4 O . -19.06 46.81 6.66
H12 PG4 O . -17.47 46.38 5.99
H21 PG4 O . -16.43 46.45 8.11
H22 PG4 O . -17.73 47.41 8.82
H31 PG4 O . -17.02 44.49 7.13
H32 PG4 O . -18.75 44.09 7.14
H41 PG4 O . -16.59 43.16 9.04
H42 PG4 O . -18.29 43.15 9.53
H51 PG4 O . -15.79 41.70 7.95
H52 PG4 O . -16.74 40.26 8.40
H61 PG4 O . -17.61 41.01 5.81
H62 PG4 O . -16.65 39.59 6.25
H71 PG4 O . -16.31 42.93 4.76
H72 PG4 O . -16.68 41.41 3.92
H81 PG4 O . -14.13 41.17 3.59
H82 PG4 O . -14.04 42.89 4.03
HO5 PG4 O . -14.32 42.59 1.78
C1 EDO P . -5.17 37.85 25.29
O1 EDO P . -5.58 36.53 25.08
C2 EDO P . -5.37 38.20 26.76
O2 EDO P . -6.52 39.00 26.88
H11 EDO P . -5.70 38.44 24.74
H12 EDO P . -4.23 37.94 25.06
HO1 EDO P . -5.43 36.30 24.27
H21 EDO P . -4.60 38.68 27.09
H22 EDO P . -5.50 37.39 27.28
HO2 EDO P . -6.58 39.30 27.68
C1 M2M Q . 12.25 34.48 9.74
O1 M2M Q . 11.81 35.63 10.43
C2 M2M Q . 12.80 36.23 11.23
C3 M2M Q . 13.27 37.56 10.59
O2 M2M Q . 13.32 37.43 9.18
C4 M2M Q . 13.85 38.58 8.53
C5 M2M Q . 15.39 38.59 8.70
O3 M2M Q . 16.00 38.28 7.46
C6 M2M Q . 16.95 37.23 7.54
H11 M2M Q . 12.19 34.88 8.84
H12 M2M Q . 13.05 33.96 9.56
H13 M2M Q . 11.83 33.83 10.31
H21 M2M Q . 12.45 36.42 12.11
H22 M2M Q . 13.56 35.63 11.31
H31 M2M Q . 12.65 38.27 10.83
H32 M2M Q . 14.15 37.79 10.93
H41 M2M Q . 13.63 38.53 7.59
H42 M2M Q . 13.48 39.38 8.92
H51 M2M Q . 15.66 37.94 9.36
H52 M2M Q . 15.67 39.48 8.98
H61 M2M Q . 17.62 37.46 8.20
H62 M2M Q . 16.50 36.41 7.80
H63 M2M Q . 17.37 37.11 6.67
C4 DXE R . 6.68 41.24 11.39
O2 DXE R . 6.33 40.35 10.37
C3 DXE R . 6.29 38.99 10.74
C2 DXE R . 7.65 38.33 10.49
O1 DXE R . 8.19 37.86 11.70
C1 DXE R . 8.79 36.61 11.63
H41 DXE R . 5.99 41.25 12.07
H42 DXE R . 7.52 40.96 11.80
H43 DXE R . 6.79 42.13 11.02
H31 DXE R . 5.61 38.54 10.22
H32 DXE R . 6.07 38.92 11.67
H21 DXE R . 7.54 37.58 9.88
H22 DXE R . 8.25 38.98 10.10
H11 DXE R . 8.13 35.93 11.40
H12 DXE R . 9.48 36.62 10.94
H13 DXE R . 9.20 36.39 12.48
C1 LHB S . 37.91 32.97 0.61
C2 LHB S . 36.91 32.04 0.96
C3 LHB S . 37.15 31.25 2.08
N1 LHB S . 38.22 31.28 2.86
C4 LHB S . 39.11 32.19 2.44
N2 LHB S . 39.03 33.01 1.39
N3 LHB S . 36.06 30.43 2.19
C5 LHB S . 35.23 30.76 1.14
N4 LHB S . 35.70 31.72 0.38
C6 LHB S . 35.82 29.43 3.21
O1 LHB S . 35.83 28.15 2.61
C7 LHB S . 34.76 27.33 3.16
C8 LHB S . 34.25 28.12 4.36
C9 LHB S . 34.46 29.55 3.91
O2 LHB S . 34.53 30.47 5.01
O3 LHB S . 34.99 27.82 5.53
C10 LHB S . 33.68 27.14 2.12
N5 LHB S . 33.88 25.91 1.35
C11 LHB S . 32.89 25.70 0.30
C12 LHB S . 31.90 24.61 0.72
N6 LHB S . 37.81 33.82 -0.40
C13 LHB S . 32.32 23.33 1.21
N7 LHB S . 31.44 22.41 1.65
C14 LHB S . 30.12 22.66 1.63
N8 LHB S . 29.67 23.88 1.14
C15 LHB S . 30.57 24.81 0.71
N9 LHB S . 33.61 23.02 1.20
C16 LHB S . 28.23 24.17 1.05
O4 LHB S . 27.61 23.27 0.19
C17 LHB S . 26.53 23.82 -0.53
O5 LHB S . 29.28 21.85 2.04
H1 LHB S . 40.03 32.29 3.01
H2 LHB S . 34.27 30.27 0.97
H3 LHB S . 36.64 29.47 3.91
H4 LHB S . 35.24 26.39 3.42
H5 LHB S . 33.19 27.93 4.55
H6 LHB S . 33.67 29.89 3.24
H7 LHB S . 33.62 30.83 5.19
H8 LHB S . 34.36 27.44 6.19
H10 LHB S . 32.71 27.07 2.61
H9 LHB S . 33.60 28.04 1.50
H11 LHB S . 34.83 25.77 1.05
H12 LHB S . 33.31 25.45 -0.67
H13 LHB S . 32.37 26.64 0.12
H14 LHB S . 36.98 33.83 -1.00
H15 LHB S . 38.56 34.48 -0.63
H16 LHB S . 30.17 25.76 0.33
H18 LHB S . 33.96 22.12 1.53
H17 LHB S . 34.30 23.68 0.85
H20 LHB S . 27.81 24.18 2.05
H19 LHB S . 28.09 25.17 0.65
H22 LHB S . 25.65 23.54 0.06
H23 LHB S . 26.56 24.91 -0.63
H21 LHB S . 26.44 23.39 -1.52
O1 PG4 T . 49.07 40.12 -1.01
C1 PG4 T . 48.10 41.03 -0.57
C2 PG4 T . 46.88 40.94 -1.49
O2 PG4 T . 46.34 42.23 -1.64
C3 PG4 T . 44.95 42.30 -1.44
C4 PG4 T . 44.51 43.76 -1.62
O3 PG4 T . 43.31 44.00 -0.91
C5 PG4 T . 43.47 44.26 0.45
C6 PG4 T . 42.17 44.23 1.22
O4 PG4 T . 42.47 44.25 2.61
C7 PG4 T . 42.92 43.03 3.16
C8 PG4 T . 43.13 43.19 4.67
O5 PG4 T . 44.49 42.93 4.93
HO1 PG4 T . 49.82 40.15 -0.43
H11 PG4 T . 47.81 40.77 0.45
H12 PG4 T . 48.51 42.03 -0.59
H21 PG4 T . 46.15 40.28 -1.06
H22 PG4 T . 47.19 40.56 -2.47
H31 PG4 T . 44.44 41.67 -2.15
H32 PG4 T . 44.72 41.97 -0.43
H41 PG4 T . 45.28 44.42 -1.24
H42 PG4 T . 44.35 43.95 -2.67
H51 PG4 T . 43.93 45.24 0.56
H52 PG4 T . 44.15 43.51 0.87
H61 PG4 T . 41.62 43.32 0.99
H62 PG4 T . 41.56 45.09 0.97
H71 PG4 T . 42.18 42.26 2.98
H72 PG4 T . 43.86 42.76 2.69
H81 PG4 T . 42.88 44.20 4.98
H82 PG4 T . 42.51 42.47 5.19
HO5 PG4 T . 44.65 43.00 5.86
C1 EDO U . 33.46 9.45 -11.67
O1 EDO U . 32.96 8.29 -11.07
C2 EDO U . 33.87 9.12 -13.11
O2 EDO U . 34.97 8.27 -13.06
H11 EDO U . 32.78 10.13 -11.67
H12 EDO U . 34.23 9.76 -11.17
HO1 EDO U . 32.75 8.45 -10.26
H21 EDO U . 34.10 9.95 -13.57
H22 EDO U . 33.14 8.69 -13.56
HO2 EDO U . 35.30 8.20 -13.85
C1 PEG V . 25.93 27.06 1.91
O1 PEG V . 24.82 26.35 1.42
C2 PEG V . 26.03 28.36 1.11
O2 PEG V . 26.51 29.38 1.95
C3 PEG V . 25.54 30.04 2.72
C4 PEG V . 25.83 31.54 2.70
O4 PEG V . 24.72 32.22 3.20
H11 PEG V . 25.79 27.26 2.85
H12 PEG V . 26.73 26.54 1.79
HO1 PEG V . 24.43 25.95 2.07
H21 PEG V . 26.64 28.24 0.37
H22 PEG V . 25.15 28.61 0.77
H31 PEG V . 25.58 29.72 3.63
H32 PEG V . 24.66 29.88 2.35
H41 PEG V . 26.61 31.73 3.26
H42 PEG V . 26.02 31.84 1.79
HO4 PEG V . 24.02 31.98 2.78
NA NA W . 25.84 11.37 -4.74
N SAO X . 27.81 -31.38 17.58
CA SAO X . 26.65 -30.44 17.46
CB SAO X . 26.72 -29.34 18.52
CG SAO X . 28.02 -28.55 18.49
SD SAO X . 27.84 -27.30 19.81
C SAO X . 26.63 -29.84 16.04
O SAO X . 25.60 -29.21 15.69
OXT SAO X . 27.65 -30.01 15.34
C5' SAO X . 29.04 -27.83 21.05
C4' SAO X . 28.38 -28.88 21.93
O4' SAO X . 29.37 -29.56 22.72
C3' SAO X . 27.37 -28.25 22.91
O3' SAO X . 26.09 -28.85 22.76
C2' SAO X . 27.98 -28.50 24.30
O2' SAO X . 26.94 -28.85 25.22
C1' SAO X . 28.92 -29.68 24.05
N9 SAO X . 30.09 -29.68 24.92
C8 SAO X . 30.97 -28.64 25.13
N7 SAO X . 31.96 -28.94 25.93
C5 SAO X . 31.74 -30.26 26.26
C6 SAO X . 32.45 -31.16 27.07
N6 SAO X . 33.58 -30.85 27.73
N1 SAO X . 31.97 -32.42 27.19
C2 SAO X . 30.84 -32.74 26.54
N3 SAO X . 30.08 -31.96 25.76
C4 SAO X . 30.58 -30.73 25.65
HN2 SAO X . 28.41 -31.11 16.81
H3 SAO X . 27.53 -32.34 17.48
HN1 SAO X . 28.32 -31.27 18.44
HA SAO X . 25.72 -31.00 17.57
HB1 SAO X . 26.61 -29.82 19.50
HB2 SAO X . 25.86 -28.68 18.46
HG2 SAO X . 28.89 -29.17 18.70
HG1 SAO X . 28.21 -28.05 17.54
H5'2 SAO X . 29.37 -26.98 21.64
H5'1 SAO X . 29.92 -28.22 20.55
H4' SAO X . 27.94 -29.66 21.31
H3' SAO X . 27.15 -27.20 22.72
HO3' SAO X . 25.69 -28.98 23.66
H2' SAO X . 28.44 -27.62 24.74
HO2' SAO X . 27.35 -29.10 26.10
H1' SAO X . 28.43 -30.65 24.16
H8 SAO X . 30.82 -27.66 24.68
HN61 SAO X . 33.96 -29.91 27.66
HN62 SAO X . 34.06 -31.53 28.29
H2 SAO X . 30.50 -33.76 26.69
C1 EDO Y . 41.91 -23.38 1.53
O1 EDO Y . 43.23 -23.36 1.06
C2 EDO Y . 41.70 -22.17 2.45
O2 EDO Y . 40.33 -21.82 2.39
H11 EDO Y . 41.30 -23.33 0.79
H12 EDO Y . 41.76 -24.20 2.03
HO1 EDO Y . 43.39 -24.09 0.66
H21 EDO Y . 41.93 -22.42 3.36
H22 EDO Y . 42.24 -21.43 2.16
HO2 EDO Y . 40.20 -21.15 2.90
C1 EDO Z . 26.51 -37.92 -0.90
O1 EDO Z . 27.05 -39.21 -1.07
C2 EDO Z . 24.98 -38.03 -0.89
O2 EDO Z . 24.47 -37.33 0.21
H11 EDO Z . 26.81 -37.55 -0.06
H12 EDO Z . 26.80 -37.34 -1.62
HO1 EDO Z . 27.90 -39.16 -1.09
H21 EDO Z . 24.73 -38.97 -0.84
H22 EDO Z . 24.63 -37.64 -1.71
HO2 EDO Z . 23.62 -37.36 0.21
C1 M2M AA . 26.39 -17.44 27.00
O1 M2M AA . 26.75 -18.75 27.36
C2 M2M AA . 27.77 -19.36 26.60
C3 M2M AA . 27.26 -19.70 25.17
O2 M2M AA . 28.37 -19.76 24.29
C4 M2M AA . 28.54 -18.62 23.47
C5 M2M AA . 28.06 -18.93 22.04
O3 M2M AA . 27.86 -17.72 21.32
C6 M2M AA . 26.51 -17.34 21.15
H11 M2M AA . 26.93 -17.39 26.21
H12 M2M AA . 26.53 -16.51 27.27
H13 M2M AA . 25.47 -17.49 27.31
H21 M2M AA . 28.53 -18.76 26.53
H22 M2M AA . 28.06 -20.19 27.04
H31 M2M AA . 26.65 -19.02 24.88
H32 M2M AA . 26.81 -20.56 25.19
H41 M2M AA . 28.04 -17.88 23.83
H42 M2M AA . 29.48 -18.38 23.45
H51 M2M AA . 28.71 -19.47 21.58
H52 M2M AA . 27.22 -19.42 22.07
H61 M2M AA . 26.47 -16.54 20.59
H62 M2M AA . 26.11 -17.16 22.01
H63 M2M AA . 26.03 -18.06 20.71
C1 LHB BA . 20.22 -7.00 45.98
C2 LHB BA . 19.93 -6.67 44.64
C3 LHB BA . 20.52 -5.52 44.14
N1 LHB BA . 21.35 -4.70 44.79
C4 LHB BA . 21.54 -5.11 46.05
N2 LHB BA . 21.04 -6.18 46.66
N3 LHB BA . 20.07 -5.40 42.84
C5 LHB BA . 19.25 -6.48 42.64
N4 LHB BA . 19.12 -7.26 43.69
C6 LHB BA . 20.40 -4.35 41.90
O1 LHB BA . 19.22 -3.66 41.55
C7 LHB BA . 19.24 -3.33 40.15
C8 LHB BA . 20.63 -3.70 39.65
C9 LHB BA . 21.00 -4.86 40.59
O2 LHB BA . 22.40 -5.01 40.67
O3 LHB BA . 21.56 -2.64 39.77
C10 LHB BA . 18.15 -4.10 39.43
N5 LHB BA . 16.87 -3.39 39.46
C11 LHB BA . 15.78 -4.08 38.76
C12 LHB BA . 15.57 -3.51 37.32
N6 LHB BA . 19.74 -8.08 46.60
C13 LHB BA . 15.43 -2.11 37.01
N7 LHB BA . 15.26 -1.67 35.76
C14 LHB BA . 15.22 -2.53 34.72
N8 LHB BA . 15.34 -3.90 34.98
C15 LHB BA . 15.51 -4.33 36.26
N9 LHB BA . 15.44 -1.22 38.00
C16 LHB BA . 15.31 -4.89 33.90
O4 LHB BA . 14.01 -5.28 33.57
C17 LHB BA . 13.55 -4.74 32.35
O5 LHB BA . 15.08 -2.16 33.55
H1 LHB BA . 22.21 -4.51 46.66
H2 LHB BA . 18.73 -6.65 41.70
H3 LHB BA . 21.06 -3.64 42.40
H4 LHB BA . 19.04 -2.25 40.13
H5 LHB BA . 20.60 -4.05 38.62
H6 LHB BA . 20.57 -5.80 40.26
H7 LHB BA . 22.64 -5.50 41.50
H8 LHB BA . 21.30 -2.12 40.57
H10 LHB BA . 18.00 -5.05 39.92
H9 LHB BA . 18.49 -4.36 38.42
H11 LHB BA . 16.95 -2.40 39.25
H12 LHB BA . 14.84 -4.07 39.29
H13 LHB BA . 16.03 -5.13 38.71
H14 LHB BA . 19.11 -8.72 46.11
H15 LHB BA . 19.97 -8.28 47.57
H16 LHB BA . 15.59 -5.41 36.41
H18 LHB BA . 15.35 -0.22 37.83
H17 LHB BA . 15.55 -1.51 38.96
H20 LHB BA . 15.96 -5.73 34.18
H19 LHB BA . 15.77 -4.46 33.01
H22 LHB BA . 14.15 -5.26 31.60
H23 LHB BA . 13.69 -3.67 32.23
H21 LHB BA . 12.49 -4.98 32.18
C1 EDO CA . 20.27 -6.73 61.30
O1 EDO CA . 21.61 -6.66 60.90
C2 EDO CA . 19.53 -5.55 60.66
O2 EDO CA . 18.38 -5.28 61.41
H11 EDO CA . 20.21 -6.66 62.27
H12 EDO CA . 19.88 -7.56 61.00
HO1 EDO CA . 22.03 -7.32 61.25
H21 EDO CA . 20.10 -4.78 60.64
H22 EDO CA . 19.27 -5.78 59.75
HO2 EDO CA . 17.98 -4.61 61.09
O1 PG4 DA . 18.62 -13.95 31.60
C1 PG4 DA . 19.73 -13.12 31.73
C2 PG4 DA . 20.01 -12.91 33.22
O2 PG4 DA . 20.57 -11.65 33.37
C3 PG4 DA . 20.37 -11.06 34.62
C4 PG4 DA . 19.71 -9.71 34.44
O3 PG4 DA . 18.46 -9.89 33.87
C5 PG4 DA . 17.73 -8.70 33.78
C6 PG4 DA . 16.66 -8.88 32.73
O4 PG4 DA . 16.56 -7.68 32.01
C7 PG4 DA . 17.15 -7.77 30.74
C8 PG4 DA . 17.19 -6.37 30.14
O5 PG4 DA . 17.30 -6.50 28.75
HO1 PG4 DA . 18.52 -14.19 30.69
H11 PG4 DA . 19.55 -12.15 31.26
H12 PG4 DA . 20.59 -13.58 31.26
H21 PG4 DA . 19.08 -12.98 33.77
H22 PG4 DA . 20.70 -13.68 33.57
H31 PG4 DA . 19.75 -11.70 35.23
H32 PG4 DA . 21.34 -10.93 35.12
H41 PG4 DA . 20.32 -9.10 33.78
H42 PG4 DA . 19.61 -9.22 35.39
H51 PG4 DA . 17.28 -8.48 34.75
H52 PG4 DA . 18.40 -7.89 33.50
H61 PG4 DA . 16.92 -9.69 32.06
H62 PG4 DA . 15.71 -9.09 33.20
H71 PG4 DA . 18.17 -8.14 30.84
H72 PG4 DA . 16.57 -8.43 30.11
H81 PG4 DA . 18.05 -5.81 30.52
H82 PG4 DA . 16.27 -5.84 30.37
HO5 PG4 DA . 17.35 -5.64 28.35
C1 EDO EA . -2.68 4.21 36.91
O1 EDO EA . -2.66 5.00 35.74
C2 EDO EA . -4.02 4.41 37.61
O2 EDO EA . -4.30 5.78 37.71
H11 EDO EA . -1.96 4.50 37.50
H12 EDO EA . -2.57 3.28 36.67
HO1 EDO EA . -1.93 4.87 35.32
H21 EDO EA . -3.98 4.02 38.50
H22 EDO EA . -4.72 3.97 37.09
HO2 EDO EA . -4.96 5.90 38.23
O1 PG4 FA . 28.80 -9.72 54.30
C1 PG4 FA . 28.54 -10.44 53.14
C2 PG4 FA . 28.67 -11.93 53.44
O2 PG4 FA . 27.65 -12.33 54.32
C3 PG4 FA . 26.55 -12.93 53.70
C4 PG4 FA . 25.73 -13.71 54.72
O3 PG4 FA . 24.97 -12.82 55.50
C5 PG4 FA . 24.14 -13.46 56.42
C6 PG4 FA . 22.94 -12.55 56.72
O4 PG4 FA . 23.43 -11.26 56.97
C7 PG4 FA . 22.53 -10.45 57.68
C8 PG4 FA . 23.03 -9.01 57.59
O5 PG4 FA . 24.20 -8.89 58.34
HO1 PG4 FA . 28.95 -8.81 54.08
H11 PG4 FA . 29.25 -10.16 52.36
H12 PG4 FA . 27.53 -10.23 52.80
H21 PG4 FA . 28.59 -12.50 52.52
H22 PG4 FA . 29.63 -12.13 53.89
H31 PG4 FA . 26.90 -13.62 52.93
H32 PG4 FA . 25.93 -12.17 53.25
H41 PG4 FA . 25.06 -14.39 54.22
H42 PG4 FA . 26.40 -14.27 55.39
H51 PG4 FA . 23.79 -14.39 56.01
H52 PG4 FA . 24.69 -13.65 57.33
H61 PG4 FA . 22.26 -12.53 55.88
H62 PG4 FA . 22.42 -12.92 57.61
H71 PG4 FA . 21.54 -10.52 57.24
H72 PG4 FA . 22.50 -10.76 58.72
H81 PG4 FA . 23.23 -8.75 56.55
H82 PG4 FA . 22.27 -8.33 57.99
HO5 PG4 FA . 24.47 -7.99 58.37
NA NA GA . 4.04 1.82 28.60
N SAO HA . -22.93 -36.21 14.95
CA SAO HA . -21.88 -35.46 14.18
CB SAO HA . -22.07 -35.66 12.66
CG SAO HA . -23.41 -35.17 12.13
SD SAO HA . -23.27 -35.34 10.33
C SAO HA . -21.94 -33.98 14.55
O SAO HA . -22.94 -33.60 15.23
OXT SAO HA . -21.01 -33.25 14.16
C5' SAO HA . -24.30 -36.79 9.96
C4' SAO HA . -23.52 -38.06 10.22
O4' SAO HA . -24.43 -39.18 10.25
C3' SAO HA . -22.46 -38.37 9.15
O3' SAO HA . -21.20 -38.66 9.74
C2' SAO HA . -23.03 -39.60 8.42
O2' SAO HA . -22.01 -40.50 8.02
C1' SAO HA . -23.87 -40.24 9.52
N9 SAO HA . -24.97 -41.08 9.03
C8 SAO HA . -25.90 -40.76 8.08
N7 SAO HA . -26.81 -41.68 7.88
C5 SAO HA . -26.44 -42.69 8.76
C6 SAO HA . -27.01 -43.95 9.05
N6 SAO HA . -28.11 -44.43 8.46
N1 SAO HA . -26.40 -44.71 9.99
C2 SAO HA . -25.30 -44.23 10.59
N3 SAO HA . -24.68 -43.06 10.39
C4 SAO HA . -25.31 -42.33 9.47
HN2 SAO HA . -23.79 -35.74 14.69
H3 SAO HA . -22.79 -36.14 15.95
HN1 SAO HA . -22.99 -37.18 14.70
HA SAO HA . -20.90 -35.83 14.47
HB1 SAO HA . -21.97 -36.72 12.47
HB2 SAO HA . -21.24 -35.21 12.12
HG2 SAO HA . -24.25 -35.76 12.51
HG1 SAO HA . -23.63 -34.14 12.39
H5'2 SAO HA . -24.65 -36.74 8.93
H5'1 SAO HA . -25.21 -36.74 10.56
H4' SAO HA . -23.10 -38.02 11.23
H3' SAO HA . -22.22 -37.55 8.47
HO3' SAO HA . -21.34 -39.29 10.49
H2' SAO HA . -23.56 -39.38 7.50
HO2' SAO HA . -22.22 -41.43 8.32
H1' SAO HA . -23.29 -40.86 10.22
H8 SAO HA . -25.89 -39.81 7.54
HN61 SAO HA . -28.59 -43.87 7.75
HN62 SAO HA . -28.49 -45.34 8.69
H2 SAO HA . -24.86 -44.90 11.33
C1 EDO IA . -37.61 -20.32 17.98
O1 EDO IA . -38.18 -19.97 19.21
C2 EDO IA . -36.60 -19.23 17.59
O2 EDO IA . -37.20 -17.99 17.82
H11 EDO IA . -37.16 -21.17 18.05
H12 EDO IA . -38.29 -20.38 17.30
HO1 EDO IA . -38.70 -20.58 19.47
H21 EDO IA . -35.80 -19.32 18.13
H22 EDO IA . -36.38 -19.31 16.65
HO2 EDO IA . -36.70 -17.37 17.52
C1 EDO JA . -18.19 -27.96 30.27
O1 EDO JA . -17.56 -28.73 29.29
C2 EDO JA . -18.71 -26.68 29.61
O2 EDO JA . -19.81 -26.22 30.36
H11 EDO JA . -18.94 -28.45 30.65
H12 EDO JA . -17.55 -27.73 30.97
HO1 EDO JA . -17.21 -29.42 29.66
H21 EDO JA . -18.99 -26.88 28.71
H22 EDO JA . -18.01 -26.01 29.60
HO2 EDO JA . -20.05 -25.46 30.06
C1 EDO KA . -24.36 -34.54 1.50
O1 EDO KA . -24.72 -33.19 1.36
C2 EDO KA . -23.51 -34.92 0.29
O2 EDO KA . -23.97 -36.13 -0.23
H11 EDO KA . -25.17 -35.09 1.51
H12 EDO KA . -23.85 -34.66 2.31
HO1 EDO KA . -25.15 -32.94 2.06
H21 EDO KA . -23.57 -34.23 -0.39
H22 EDO KA . -22.59 -35.02 0.57
HO2 EDO KA . -23.44 -36.39 -0.85
C1 LHB LA . -16.54 -41.92 -22.97
C2 LHB LA . -16.46 -40.64 -22.41
C3 LHB LA . -17.23 -39.65 -22.98
N1 LHB LA . -18.06 -39.78 -24.03
C4 LHB LA . -18.06 -41.04 -24.48
N2 LHB LA . -17.37 -42.09 -24.03
N3 LHB LA . -16.96 -38.50 -22.27
C5 LHB LA . -16.05 -38.86 -21.31
N4 LHB LA . -15.71 -40.13 -21.35
C6 LHB LA . -17.52 -37.17 -22.50
O1 LHB LA . -16.49 -36.30 -22.92
C7 LHB LA . -16.63 -35.02 -22.27
C8 LHB LA . -18.02 -35.06 -21.62
C9 LHB LA . -18.16 -36.54 -21.27
O2 LHB LA . -19.51 -36.94 -21.12
O3 LHB LA . -19.02 -34.62 -22.53
C10 LHB LA . -15.55 -34.84 -21.23
N5 LHB LA . -14.29 -34.41 -21.84
C11 LHB LA . -13.19 -34.21 -20.88
C12 LHB LA . -13.15 -32.75 -20.40
N6 LHB LA . -15.86 -42.99 -22.52
C13 LHB LA . -13.28 -31.62 -21.30
N7 LHB LA . -13.29 -30.36 -20.86
C14 LHB LA . -13.18 -30.08 -19.53
N8 LHB LA . -13.06 -31.14 -18.64
C15 LHB LA . -13.04 -32.43 -19.10
N9 LHB LA . -13.36 -31.84 -22.61
C16 LHB LA . -12.97 -30.88 -17.20
O4 LHB LA . -11.65 -30.69 -16.77
C17 LHB LA . -11.45 -29.49 -16.04
O5 LHB LA . -13.19 -28.93 -19.10
H1 LHB LA . -18.69 -41.26 -25.33
H2 LHB LA . -15.66 -38.15 -20.60
H3 LHB LA . -18.23 -37.25 -23.33
H4 LHB LA . -16.55 -34.30 -23.08
H5 LHB LA . -18.06 -34.44 -20.72
H6 LHB LA . -17.63 -36.79 -20.35
H7 LHB LA . -19.71 -37.07 -20.15
H8 LHB LA . -19.46 -33.83 -22.11
H10 LHB LA . -15.85 -34.07 -20.53
H9 LHB LA . -15.46 -35.75 -20.62
H11 LHB LA . -14.02 -34.95 -22.65
H12 LHB LA . -12.22 -34.50 -21.25
H13 LHB LA . -13.36 -34.89 -20.04
H14 LHB LA . -15.23 -42.90 -21.73
H15 LHB LA . -15.95 -43.90 -22.96
H16 LHB LA . -12.92 -33.22 -18.35
H18 LHB LA . -13.35 -32.77 -23.01
H17 LHB LA . -13.45 -31.06 -23.27
H20 LHB LA . -13.63 -30.04 -16.95
H19 LHB LA . -13.37 -31.73 -16.66
H22 LHB LA . -10.44 -29.58 -15.66
H23 LHB LA . -11.53 -28.59 -16.64
H21 LHB LA . -12.14 -29.41 -15.21
C1 EDO MA . 4.52 -24.81 -26.54
O1 EDO MA . 5.48 -25.11 -27.52
C2 EDO MA . 3.67 -23.64 -27.05
O2 EDO MA . 3.25 -22.89 -25.95
H11 EDO MA . 4.96 -24.56 -25.72
H12 EDO MA . 3.95 -25.58 -26.39
HO1 EDO MA . 5.92 -25.80 -27.27
H21 EDO MA . 4.21 -23.08 -27.64
H22 EDO MA . 2.90 -23.97 -27.54
HO2 EDO MA . 2.78 -22.23 -26.22
#